data_8FK7
#
_entry.id   8FK7
#
_cell.length_a   1.00
_cell.length_b   1.00
_cell.length_c   1.00
_cell.angle_alpha   90.00
_cell.angle_beta   90.00
_cell.angle_gamma   90.00
#
_symmetry.space_group_name_H-M   'P 1'
#
_entity_poly.entity_id   1
_entity_poly.type   'polypeptide(L)'
_entity_poly.pdbx_seq_one_letter_code
;MPMKTKGLEPIVAAVLLIVVAVIGAVLVYLWFSGYVTRATSQAEQLSAAEQLKIEAVSKTGTTVSVNVRNVGEVPVKIAS
AYVLNATTLTMICGGSLTSPQQIDPGTIQTINVPGTCNLIAGARYIVKVVTARGTEAAATFISP
;
_entity_poly.pdbx_strand_id   A,B,C,D,E,F,G,H,I,J,K,L,M,N,O,P,Q,R,S,T
#
# COMPACT_ATOMS: atom_id res chain seq x y z
N GLU A 9 57.79 -3.28 3.64
CA GLU A 9 57.60 -4.23 2.55
C GLU A 9 56.13 -4.63 2.36
N PRO A 10 55.39 -4.93 3.44
CA PRO A 10 53.94 -5.10 3.28
C PRO A 10 53.23 -3.83 2.85
N ILE A 11 53.86 -2.67 3.02
CA ILE A 11 53.22 -1.40 2.66
C ILE A 11 52.95 -1.35 1.17
N VAL A 12 53.89 -1.83 0.35
CA VAL A 12 53.70 -1.84 -1.09
C VAL A 12 52.49 -2.71 -1.47
N ALA A 13 52.40 -3.89 -0.85
CA ALA A 13 51.27 -4.77 -1.11
C ALA A 13 49.96 -4.13 -0.67
N ALA A 14 49.97 -3.44 0.47
CA ALA A 14 48.76 -2.76 0.93
C ALA A 14 48.33 -1.67 -0.03
N VAL A 15 49.29 -0.89 -0.54
CA VAL A 15 48.97 0.18 -1.49
C VAL A 15 48.40 -0.42 -2.77
N LEU A 16 49.01 -1.51 -3.25
CA LEU A 16 48.50 -2.16 -4.45
C LEU A 16 47.09 -2.71 -4.23
N LEU A 17 46.84 -3.26 -3.04
CA LEU A 17 45.50 -3.76 -2.74
C LEU A 17 44.49 -2.64 -2.71
N ILE A 18 44.87 -1.48 -2.15
CA ILE A 18 43.99 -0.31 -2.16
C ILE A 18 43.69 0.12 -3.59
N VAL A 19 44.73 0.13 -4.45
CA VAL A 19 44.53 0.51 -5.84
C VAL A 19 43.56 -0.46 -6.53
N VAL A 20 43.74 -1.76 -6.29
CA VAL A 20 42.86 -2.76 -6.90
C VAL A 20 41.43 -2.58 -6.42
N ALA A 21 41.26 -2.31 -5.12
CA ALA A 21 39.93 -2.07 -4.59
C ALA A 21 39.28 -0.85 -5.23
N VAL A 22 40.07 0.20 -5.45
CA VAL A 22 39.54 1.39 -6.12
C VAL A 22 39.10 1.07 -7.54
N ILE A 23 39.92 0.29 -8.26
CA ILE A 23 39.55 -0.10 -9.62
C ILE A 23 38.23 -0.88 -9.62
N GLY A 24 38.12 -1.83 -8.70
CA GLY A 24 36.88 -2.61 -8.62
C GLY A 24 35.69 -1.74 -8.26
N ALA A 25 35.88 -0.77 -7.37
CA ALA A 25 34.79 0.15 -7.02
C ALA A 25 34.35 0.96 -8.22
N VAL A 26 35.30 1.41 -9.04
CA VAL A 26 34.93 2.16 -10.24
C VAL A 26 34.14 1.27 -11.20
N LEU A 27 34.58 0.02 -11.38
CA LEU A 27 33.84 -0.89 -12.26
C LEU A 27 32.42 -1.14 -11.75
N VAL A 28 32.29 -1.36 -10.44
CA VAL A 28 30.96 -1.58 -9.85
C VAL A 28 30.09 -0.35 -10.02
N TYR A 29 30.67 0.85 -9.86
CA TYR A 29 29.91 2.07 -10.08
C TYR A 29 29.42 2.16 -11.51
N LEU A 30 30.28 1.84 -12.47
CA LEU A 30 29.88 1.91 -13.88
C LEU A 30 28.71 0.97 -14.16
N TRP A 31 28.86 -0.30 -13.76
CA TRP A 31 27.76 -1.24 -13.99
C TRP A 31 26.51 -0.82 -13.25
N PHE A 32 26.66 -0.31 -12.02
CA PHE A 32 25.50 0.05 -11.22
C PHE A 32 24.73 1.18 -11.88
N SER A 33 25.43 2.20 -12.37
CA SER A 33 24.75 3.27 -13.09
C SER A 33 24.01 2.73 -14.30
N GLY A 34 24.69 1.92 -15.12
CA GLY A 34 24.05 1.38 -16.31
C GLY A 34 22.80 0.58 -15.98
N TYR A 35 22.91 -0.33 -15.00
CA TYR A 35 21.80 -1.21 -14.68
C TYR A 35 20.65 -0.45 -14.02
N VAL A 36 20.94 0.43 -13.06
CA VAL A 36 19.85 1.16 -12.43
C VAL A 36 19.12 1.99 -13.47
N THR A 37 19.87 2.59 -14.41
CA THR A 37 19.23 3.36 -15.46
C THR A 37 18.30 2.49 -16.30
N ARG A 38 18.82 1.37 -16.83
CA ARG A 38 18.02 0.58 -17.75
C ARG A 38 16.81 -0.05 -17.05
N ALA A 39 17.02 -0.63 -15.86
CA ALA A 39 15.91 -1.28 -15.16
C ALA A 39 14.88 -0.27 -14.70
N THR A 40 15.32 0.88 -14.17
CA THR A 40 14.40 1.91 -13.73
C THR A 40 13.56 2.43 -14.90
N SER A 41 14.19 2.67 -16.05
CA SER A 41 13.44 3.17 -17.19
C SER A 41 12.52 2.10 -17.76
N GLN A 42 12.91 0.83 -17.69
CA GLN A 42 12.01 -0.26 -18.07
C GLN A 42 10.77 -0.27 -17.18
N ALA A 43 10.97 -0.10 -15.87
CA ALA A 43 9.84 -0.03 -14.95
C ALA A 43 8.96 1.17 -15.27
N GLU A 44 9.58 2.31 -15.57
CA GLU A 44 8.81 3.51 -15.91
C GLU A 44 7.96 3.29 -17.16
N GLN A 45 8.53 2.63 -18.17
CA GLN A 45 7.81 2.43 -19.42
C GLN A 45 6.70 1.39 -19.28
N LEU A 46 6.95 0.29 -18.58
CA LEU A 46 5.91 -0.70 -18.33
C LEU A 46 4.85 -0.18 -17.37
N SER A 47 5.16 0.88 -16.61
CA SER A 47 4.19 1.46 -15.70
C SER A 47 3.00 2.06 -16.43
N ALA A 48 3.19 2.47 -17.69
CA ALA A 48 2.13 3.14 -18.42
C ALA A 48 0.92 2.22 -18.58
N ALA A 49 -0.27 2.82 -18.60
CA ALA A 49 -1.52 2.10 -18.71
C ALA A 49 -2.21 2.46 -20.02
N GLU A 50 -2.98 1.51 -20.52
CA GLU A 50 -3.65 1.63 -21.80
C GLU A 50 -5.14 1.33 -21.65
N GLN A 51 -5.97 2.16 -22.27
CA GLN A 51 -7.42 2.08 -22.10
C GLN A 51 -8.08 1.98 -23.47
N LEU A 52 -9.02 1.04 -23.61
CA LEU A 52 -9.82 0.91 -24.82
C LEU A 52 -11.29 0.80 -24.47
N LYS A 53 -12.14 1.08 -25.46
CA LYS A 53 -13.58 0.96 -25.31
C LYS A 53 -14.18 0.67 -26.68
N ILE A 54 -15.23 -0.15 -26.68
CA ILE A 54 -15.94 -0.53 -27.90
C ILE A 54 -17.27 0.18 -27.94
N GLU A 55 -17.55 0.85 -29.07
CA GLU A 55 -18.76 1.66 -29.18
C GLU A 55 -19.98 0.78 -29.44
N ALA A 56 -19.97 0.03 -30.52
CA ALA A 56 -21.11 -0.79 -30.88
C ALA A 56 -20.65 -1.95 -31.75
N VAL A 57 -21.52 -2.95 -31.87
CA VAL A 57 -21.24 -4.15 -32.66
C VAL A 57 -22.36 -4.35 -33.66
N SER A 58 -22.05 -5.08 -34.73
CA SER A 58 -23.02 -5.37 -35.77
C SER A 58 -22.78 -6.78 -36.29
N LYS A 59 -23.86 -7.44 -36.69
CA LYS A 59 -23.82 -8.80 -37.21
C LYS A 59 -24.36 -8.82 -38.63
N THR A 60 -23.57 -9.38 -39.56
CA THR A 60 -23.98 -9.53 -40.95
C THR A 60 -23.81 -11.00 -41.32
N GLY A 61 -24.92 -11.70 -41.47
CA GLY A 61 -24.87 -13.13 -41.73
C GLY A 61 -24.31 -13.90 -40.55
N THR A 62 -23.10 -14.42 -40.71
CA THR A 62 -22.39 -15.11 -39.63
C THR A 62 -21.10 -14.40 -39.23
N THR A 63 -20.91 -13.16 -39.66
CA THR A 63 -19.71 -12.38 -39.35
C THR A 63 -20.05 -11.31 -38.33
N VAL A 64 -19.19 -11.17 -37.32
CA VAL A 64 -19.37 -10.18 -36.26
C VAL A 64 -18.35 -9.07 -36.48
N SER A 65 -18.83 -7.83 -36.56
CA SER A 65 -17.98 -6.67 -36.74
C SER A 65 -18.06 -5.79 -35.50
N VAL A 66 -16.90 -5.36 -35.00
CA VAL A 66 -16.80 -4.58 -33.78
C VAL A 66 -16.04 -3.29 -34.08
N ASN A 67 -16.56 -2.17 -33.59
CA ASN A 67 -15.91 -0.88 -33.73
C ASN A 67 -15.19 -0.55 -32.42
N VAL A 68 -13.88 -0.36 -32.50
CA VAL A 68 -13.04 -0.11 -31.33
C VAL A 68 -12.50 1.30 -31.42
N ARG A 69 -12.66 2.06 -30.34
CA ARG A 69 -12.18 3.43 -30.26
C ARG A 69 -11.01 3.50 -29.27
N ASN A 70 -9.94 4.16 -29.67
CA ASN A 70 -8.76 4.34 -28.82
C ASN A 70 -9.00 5.56 -27.96
N VAL A 71 -9.42 5.35 -26.72
CA VAL A 71 -9.60 6.47 -25.79
C VAL A 71 -8.28 6.92 -25.17
N GLY A 72 -7.21 6.15 -25.35
CA GLY A 72 -5.91 6.53 -24.87
C GLY A 72 -5.22 7.49 -25.81
N GLU A 73 -3.97 7.82 -25.46
CA GLU A 73 -3.16 8.75 -26.24
C GLU A 73 -2.07 8.04 -27.03
N VAL A 74 -1.97 6.72 -26.92
CA VAL A 74 -0.91 5.96 -27.57
C VAL A 74 -1.52 5.03 -28.62
N PRO A 75 -0.78 4.68 -29.67
CA PRO A 75 -1.32 3.78 -30.69
C PRO A 75 -1.60 2.39 -30.13
N VAL A 76 -2.61 1.74 -30.70
CA VAL A 76 -3.06 0.42 -30.25
C VAL A 76 -3.04 -0.54 -31.41
N LYS A 77 -2.63 -1.78 -31.16
CA LYS A 77 -2.70 -2.86 -32.13
C LYS A 77 -3.64 -3.94 -31.62
N ILE A 78 -4.61 -4.32 -32.44
CA ILE A 78 -5.56 -5.36 -32.09
C ILE A 78 -5.07 -6.67 -32.68
N ALA A 79 -4.98 -7.71 -31.83
CA ALA A 79 -4.41 -8.97 -32.23
C ALA A 79 -5.40 -10.12 -32.28
N SER A 80 -6.45 -10.10 -31.46
CA SER A 80 -7.40 -11.21 -31.45
C SER A 80 -8.77 -10.72 -31.00
N ALA A 81 -9.80 -11.50 -31.37
CA ALA A 81 -11.17 -11.23 -30.98
C ALA A 81 -11.86 -12.55 -30.69
N TYR A 82 -12.76 -12.54 -29.71
CA TYR A 82 -13.45 -13.75 -29.28
C TYR A 82 -14.94 -13.47 -29.11
N VAL A 83 -15.70 -14.56 -29.01
CA VAL A 83 -17.12 -14.52 -28.67
C VAL A 83 -17.30 -15.51 -27.52
N LEU A 84 -17.38 -15.00 -26.30
CA LEU A 84 -17.36 -15.84 -25.10
C LEU A 84 -18.77 -16.26 -24.71
N ASN A 85 -18.89 -17.48 -24.18
CA ASN A 85 -20.16 -17.98 -23.70
C ASN A 85 -20.46 -17.43 -22.30
N ALA A 86 -21.74 -17.36 -21.97
CA ALA A 86 -22.16 -16.76 -20.72
C ALA A 86 -21.81 -17.64 -19.53
N THR A 87 -21.24 -17.03 -18.50
CA THR A 87 -21.04 -17.59 -17.17
C THR A 87 -20.13 -18.82 -17.14
N THR A 88 -19.54 -19.20 -18.28
CA THR A 88 -18.62 -20.32 -18.33
C THR A 88 -17.24 -19.96 -18.88
N LEU A 89 -17.08 -18.77 -19.46
CA LEU A 89 -15.79 -18.29 -19.97
C LEU A 89 -15.19 -19.28 -20.96
N THR A 90 -16.04 -19.84 -21.84
CA THR A 90 -15.61 -20.77 -22.87
C THR A 90 -15.87 -20.14 -24.23
N MET A 91 -14.84 -20.15 -25.08
CA MET A 91 -14.95 -19.51 -26.39
C MET A 91 -15.75 -20.38 -27.36
N ILE A 92 -16.51 -19.73 -28.22
CA ILE A 92 -17.21 -20.40 -29.31
C ILE A 92 -16.44 -20.25 -30.62
N CYS A 93 -16.04 -19.03 -30.95
CA CYS A 93 -15.22 -18.77 -32.13
C CYS A 93 -14.23 -17.67 -31.80
N GLY A 94 -13.08 -17.72 -32.45
CA GLY A 94 -12.06 -16.71 -32.25
C GLY A 94 -10.69 -17.26 -32.57
N GLY A 95 -9.71 -16.36 -32.55
CA GLY A 95 -8.35 -16.73 -32.86
C GLY A 95 -7.54 -15.50 -33.24
N SER A 96 -6.35 -15.77 -33.75
CA SER A 96 -5.48 -14.69 -34.21
C SER A 96 -6.08 -14.01 -35.43
N LEU A 97 -5.97 -12.68 -35.46
CA LEU A 97 -6.31 -11.95 -36.68
C LEU A 97 -5.26 -12.21 -37.74
N THR A 98 -5.68 -12.16 -39.01
CA THR A 98 -4.76 -12.43 -40.11
C THR A 98 -3.61 -11.43 -40.13
N SER A 99 -3.92 -10.15 -39.88
CA SER A 99 -2.91 -9.12 -39.77
C SER A 99 -3.36 -8.17 -38.66
N PRO A 100 -2.46 -7.83 -37.73
CA PRO A 100 -2.84 -6.89 -36.66
C PRO A 100 -3.27 -5.55 -37.24
N GLN A 101 -4.28 -4.95 -36.62
CA GLN A 101 -4.84 -3.68 -37.07
C GLN A 101 -4.46 -2.60 -36.07
N GLN A 102 -3.93 -1.50 -36.59
CA GLN A 102 -3.45 -0.39 -35.77
C GLN A 102 -4.54 0.67 -35.64
N ILE A 103 -4.77 1.14 -34.42
CA ILE A 103 -5.78 2.14 -34.13
C ILE A 103 -5.08 3.37 -33.58
N ASP A 104 -5.20 4.49 -34.30
CA ASP A 104 -4.59 5.73 -33.89
C ASP A 104 -5.39 6.37 -32.76
N PRO A 105 -4.75 7.14 -31.88
CA PRO A 105 -5.48 7.82 -30.81
C PRO A 105 -6.53 8.76 -31.38
N GLY A 106 -7.68 8.79 -30.71
CA GLY A 106 -8.77 9.65 -31.14
C GLY A 106 -9.48 9.20 -32.40
N THR A 107 -9.25 7.97 -32.86
CA THR A 107 -9.84 7.44 -34.08
C THR A 107 -10.64 6.20 -33.76
N ILE A 108 -11.20 5.59 -34.80
CA ILE A 108 -11.99 4.37 -34.68
C ILE A 108 -11.56 3.41 -35.79
N GLN A 109 -11.81 2.12 -35.57
CA GLN A 109 -11.48 1.09 -36.55
C GLN A 109 -12.51 -0.02 -36.46
N THR A 110 -12.57 -0.83 -37.52
CA THR A 110 -13.49 -1.95 -37.59
C THR A 110 -12.71 -3.26 -37.45
N ILE A 111 -13.18 -4.13 -36.56
CA ILE A 111 -12.53 -5.40 -36.28
C ILE A 111 -13.56 -6.51 -36.50
N ASN A 112 -13.16 -7.53 -37.25
CA ASN A 112 -14.02 -8.68 -37.53
C ASN A 112 -13.49 -9.89 -36.77
N VAL A 113 -14.40 -10.61 -36.12
CA VAL A 113 -14.00 -11.82 -35.39
C VAL A 113 -13.48 -12.85 -36.38
N PRO A 114 -12.29 -13.41 -36.16
CA PRO A 114 -11.74 -14.37 -37.13
C PRO A 114 -12.60 -15.62 -37.22
N GLY A 115 -12.61 -16.23 -38.41
CA GLY A 115 -13.39 -17.43 -38.63
C GLY A 115 -14.87 -17.13 -38.77
N THR A 116 -15.64 -18.23 -38.82
CA THR A 116 -17.09 -18.17 -38.95
C THR A 116 -17.71 -19.04 -37.86
N CYS A 117 -18.60 -18.44 -37.07
CA CYS A 117 -19.27 -19.14 -35.99
C CYS A 117 -20.77 -18.84 -36.05
N ASN A 118 -21.58 -19.89 -35.98
CA ASN A 118 -23.02 -19.70 -35.94
C ASN A 118 -23.46 -19.12 -34.60
N LEU A 119 -24.65 -18.52 -34.59
CA LEU A 119 -25.21 -17.92 -33.39
C LEU A 119 -26.69 -18.26 -33.30
N ILE A 120 -27.23 -18.10 -32.10
CA ILE A 120 -28.65 -18.34 -31.82
C ILE A 120 -29.29 -17.01 -31.43
N ALA A 121 -30.40 -16.69 -32.10
CA ALA A 121 -31.08 -15.43 -31.83
C ALA A 121 -31.60 -15.39 -30.38
N GLY A 122 -31.45 -14.25 -29.74
CA GLY A 122 -31.89 -14.08 -28.37
C GLY A 122 -31.03 -14.74 -27.33
N ALA A 123 -29.85 -15.23 -27.69
CA ALA A 123 -28.94 -15.88 -26.76
C ALA A 123 -27.89 -14.89 -26.27
N ARG A 124 -27.20 -15.27 -25.20
CA ARG A 124 -26.22 -14.41 -24.57
C ARG A 124 -24.85 -14.66 -25.16
N TYR A 125 -24.14 -13.58 -25.51
CA TYR A 125 -22.79 -13.70 -26.03
C TYR A 125 -21.96 -12.51 -25.56
N ILE A 126 -20.69 -12.79 -25.25
CA ILE A 126 -19.74 -11.77 -24.82
C ILE A 126 -18.72 -11.59 -25.93
N VAL A 127 -18.63 -10.38 -26.47
CA VAL A 127 -17.63 -10.06 -27.48
C VAL A 127 -16.42 -9.44 -26.79
N LYS A 128 -15.23 -9.90 -27.17
CA LYS A 128 -14.01 -9.55 -26.47
C LYS A 128 -12.89 -9.27 -27.46
N VAL A 129 -12.13 -8.21 -27.23
CA VAL A 129 -10.97 -7.85 -28.04
C VAL A 129 -9.80 -7.61 -27.11
N VAL A 130 -8.62 -8.08 -27.53
CA VAL A 130 -7.41 -7.97 -26.73
C VAL A 130 -6.35 -7.23 -27.54
N THR A 131 -5.59 -6.38 -26.87
CA THR A 131 -4.55 -5.61 -27.52
C THR A 131 -3.26 -6.42 -27.63
N ALA A 132 -2.30 -5.88 -28.38
CA ALA A 132 -0.99 -6.50 -28.46
C ALA A 132 -0.28 -6.48 -27.11
N ARG A 133 -0.43 -5.38 -26.36
CA ARG A 133 0.17 -5.27 -25.04
C ARG A 133 -0.58 -6.06 -23.97
N GLY A 134 -1.82 -6.47 -24.24
CA GLY A 134 -2.58 -7.29 -23.33
C GLY A 134 -3.80 -6.63 -22.72
N THR A 135 -4.09 -5.38 -23.05
CA THR A 135 -5.27 -4.72 -22.50
C THR A 135 -6.53 -5.41 -23.00
N GLU A 136 -7.52 -5.51 -22.11
CA GLU A 136 -8.76 -6.22 -22.39
C GLU A 136 -9.94 -5.26 -22.32
N ALA A 137 -10.81 -5.33 -23.32
CA ALA A 137 -12.06 -4.59 -23.34
C ALA A 137 -13.13 -5.49 -23.95
N ALA A 138 -14.34 -5.44 -23.40
CA ALA A 138 -15.40 -6.34 -23.84
C ALA A 138 -16.76 -5.74 -23.51
N ALA A 139 -17.80 -6.43 -23.96
CA ALA A 139 -19.20 -6.06 -23.73
C ALA A 139 -20.06 -7.20 -24.23
N THR A 140 -21.37 -7.05 -24.09
CA THR A 140 -22.33 -8.06 -24.51
C THR A 140 -23.33 -7.47 -25.50
N PHE A 141 -24.01 -8.36 -26.22
CA PHE A 141 -25.03 -7.97 -27.17
C PHE A 141 -26.00 -9.14 -27.36
N ILE A 142 -27.18 -8.82 -27.87
CA ILE A 142 -28.19 -9.82 -28.18
C ILE A 142 -28.12 -10.12 -29.67
N SER A 143 -27.83 -11.37 -30.01
CA SER A 143 -27.73 -11.76 -31.41
C SER A 143 -29.11 -11.71 -32.06
N PRO A 144 -29.24 -11.13 -33.27
CA PRO A 144 -30.50 -11.06 -33.99
C PRO A 144 -30.97 -12.43 -34.47
N GLU B 9 106.01 -9.26 9.06
CA GLU B 9 105.88 -9.89 7.75
C GLU B 9 104.43 -10.25 7.40
N PRO B 10 103.67 -10.87 8.32
CA PRO B 10 102.25 -11.11 8.03
C PRO B 10 101.44 -9.83 7.87
N ILE B 11 101.95 -8.69 8.36
CA ILE B 11 101.22 -7.43 8.24
C ILE B 11 101.02 -7.05 6.78
N VAL B 12 102.03 -7.31 5.94
CA VAL B 12 101.91 -7.01 4.51
C VAL B 12 100.80 -7.85 3.90
N ALA B 13 100.75 -9.14 4.25
CA ALA B 13 99.68 -10.01 3.76
C ALA B 13 98.32 -9.53 4.24
N ALA B 14 98.25 -9.07 5.49
CA ALA B 14 96.99 -8.54 6.01
C ALA B 14 96.54 -7.31 5.23
N VAL B 15 97.48 -6.41 4.90
CA VAL B 15 97.14 -5.23 4.12
C VAL B 15 96.65 -5.62 2.73
N LEU B 16 97.34 -6.59 2.10
CA LEU B 16 96.89 -7.06 0.80
C LEU B 16 95.50 -7.67 0.88
N LEU B 17 95.21 -8.41 1.96
CA LEU B 17 93.88 -8.98 2.14
C LEU B 17 92.84 -7.89 2.32
N ILE B 18 93.19 -6.82 3.03
CA ILE B 18 92.29 -5.68 3.17
C ILE B 18 91.99 -5.07 1.81
N VAL B 19 93.03 -4.92 0.98
CA VAL B 19 92.82 -4.37 -0.37
C VAL B 19 91.90 -5.26 -1.18
N VAL B 20 92.11 -6.57 -1.11
CA VAL B 20 91.26 -7.51 -1.84
C VAL B 20 89.82 -7.40 -1.35
N ALA B 21 89.63 -7.30 -0.04
CA ALA B 21 88.28 -7.15 0.51
C ALA B 21 87.63 -5.85 0.03
N VAL B 22 88.41 -4.78 -0.05
CA VAL B 22 87.88 -3.51 -0.55
C VAL B 22 87.42 -3.67 -1.99
N ILE B 23 88.23 -4.33 -2.83
CA ILE B 23 87.85 -4.54 -4.22
C ILE B 23 86.57 -5.36 -4.31
N GLY B 24 86.48 -6.42 -3.52
CA GLY B 24 85.27 -7.23 -3.52
C GLY B 24 84.04 -6.46 -3.09
N ALA B 25 84.20 -5.62 -2.05
CA ALA B 25 83.07 -4.83 -1.58
C ALA B 25 82.62 -3.84 -2.64
N VAL B 26 83.56 -3.22 -3.35
CA VAL B 26 83.20 -2.30 -4.42
C VAL B 26 82.44 -3.04 -5.53
N LEU B 27 82.93 -4.23 -5.91
CA LEU B 27 82.23 -5.00 -6.94
C LEU B 27 80.81 -5.35 -6.49
N VAL B 28 80.66 -5.77 -5.24
CA VAL B 28 79.33 -6.08 -4.71
C VAL B 28 78.46 -4.84 -4.72
N TYR B 29 79.02 -3.68 -4.40
CA TYR B 29 78.23 -2.45 -4.39
C TYR B 29 77.70 -2.10 -5.78
N LEU B 30 78.56 -2.16 -6.79
CA LEU B 30 78.08 -1.88 -8.15
C LEU B 30 77.04 -2.90 -8.59
N TRP B 31 77.28 -4.18 -8.31
CA TRP B 31 76.29 -5.19 -8.70
C TRP B 31 74.96 -4.94 -8.00
N PHE B 32 75.00 -4.60 -6.72
CA PHE B 32 73.78 -4.34 -5.96
C PHE B 32 73.05 -3.13 -6.51
N SER B 33 73.78 -2.05 -6.83
CA SER B 33 73.13 -0.86 -7.37
C SER B 33 72.43 -1.18 -8.68
N GLY B 34 73.14 -1.84 -9.60
CA GLY B 34 72.52 -2.19 -10.87
C GLY B 34 71.30 -3.08 -10.70
N TYR B 35 71.44 -4.11 -9.85
CA TYR B 35 70.36 -5.07 -9.67
C TYR B 35 69.14 -4.44 -9.03
N VAL B 36 69.33 -3.62 -7.99
CA VAL B 36 68.20 -2.98 -7.36
C VAL B 36 67.54 -2.01 -8.33
N THR B 37 68.33 -1.31 -9.14
CA THR B 37 67.76 -0.40 -10.11
C THR B 37 66.84 -1.15 -11.08
N ARG B 38 67.35 -2.22 -11.69
CA ARG B 38 66.54 -2.91 -12.70
C ARG B 38 65.32 -3.57 -12.08
N ALA B 39 65.49 -4.27 -10.96
CA ALA B 39 64.37 -4.96 -10.34
C ALA B 39 63.32 -3.97 -9.86
N THR B 40 63.74 -2.87 -9.24
CA THR B 40 62.81 -1.86 -8.77
C THR B 40 62.05 -1.24 -9.93
N SER B 41 62.74 -0.93 -11.03
CA SER B 41 62.05 -0.37 -12.18
C SER B 41 61.04 -1.35 -12.77
N GLN B 42 61.39 -2.64 -12.86
CA GLN B 42 60.47 -3.64 -13.37
C GLN B 42 59.23 -3.75 -12.47
N ALA B 43 59.45 -3.78 -11.15
CA ALA B 43 58.31 -3.86 -10.23
C ALA B 43 57.43 -2.63 -10.35
N GLU B 44 58.04 -1.45 -10.44
CA GLU B 44 57.26 -0.22 -10.57
C GLU B 44 56.44 -0.21 -11.85
N GLN B 45 57.04 -0.66 -12.96
CA GLN B 45 56.30 -0.67 -14.22
C GLN B 45 55.18 -1.69 -14.22
N LEU B 46 55.39 -2.85 -13.58
CA LEU B 46 54.31 -3.83 -13.48
C LEU B 46 53.27 -3.46 -12.44
N SER B 47 53.56 -2.46 -11.59
CA SER B 47 52.59 -2.01 -10.61
C SER B 47 51.37 -1.37 -11.27
N ALA B 48 51.50 -0.94 -12.52
CA ALA B 48 50.43 -0.22 -13.20
C ALA B 48 49.20 -1.12 -13.36
N ALA B 49 48.03 -0.47 -13.49
CA ALA B 49 46.77 -1.16 -13.63
C ALA B 49 46.15 -0.85 -14.99
N GLU B 50 45.33 -1.78 -15.48
CA GLU B 50 44.74 -1.69 -16.80
C GLU B 50 43.23 -1.82 -16.69
N GLN B 51 42.51 -0.98 -17.42
CA GLN B 51 41.05 -0.95 -17.39
C GLN B 51 40.48 -1.05 -18.80
N LEU B 52 39.45 -1.88 -18.96
CA LEU B 52 38.60 -1.87 -20.14
C LEU B 52 37.16 -2.25 -19.77
N LYS B 53 36.23 -1.83 -20.62
CA LYS B 53 34.85 -2.30 -20.55
C LYS B 53 34.26 -2.20 -21.95
N ILE B 54 33.23 -3.01 -22.20
CA ILE B 54 32.56 -3.06 -23.49
C ILE B 54 31.24 -2.29 -23.38
N GLU B 55 31.04 -1.35 -24.30
CA GLU B 55 29.84 -0.51 -24.26
C GLU B 55 28.61 -1.29 -24.69
N ALA B 56 28.65 -1.86 -25.90
CA ALA B 56 27.50 -2.58 -26.43
C ALA B 56 27.99 -3.58 -27.47
N VAL B 57 27.10 -4.52 -27.80
CA VAL B 57 27.41 -5.58 -28.76
C VAL B 57 26.31 -5.61 -29.80
N SER B 58 26.66 -6.07 -30.99
CA SER B 58 25.71 -6.19 -32.10
C SER B 58 26.00 -7.46 -32.87
N LYS B 59 24.95 -8.04 -33.44
CA LYS B 59 25.04 -9.28 -34.20
C LYS B 59 24.62 -9.03 -35.64
N THR B 60 25.42 -9.52 -36.58
CA THR B 60 25.08 -9.52 -37.99
C THR B 60 25.16 -10.97 -38.49
N GLY B 61 24.00 -11.60 -38.63
CA GLY B 61 23.96 -13.01 -38.99
C GLY B 61 24.59 -13.88 -37.93
N THR B 62 25.75 -14.46 -38.24
CA THR B 62 26.50 -15.27 -37.28
C THR B 62 27.78 -14.58 -36.83
N THR B 63 27.92 -13.28 -37.08
CA THR B 63 29.10 -12.52 -36.71
C THR B 63 28.76 -11.61 -35.54
N VAL B 64 29.64 -11.60 -34.53
CA VAL B 64 29.46 -10.80 -33.33
C VAL B 64 30.45 -9.65 -33.37
N SER B 65 29.94 -8.42 -33.29
CA SER B 65 30.76 -7.22 -33.29
C SER B 65 30.64 -6.54 -31.93
N VAL B 66 31.77 -6.20 -31.34
CA VAL B 66 31.83 -5.68 -29.98
C VAL B 66 32.58 -4.36 -30.01
N ASN B 67 32.08 -3.37 -29.28
CA ASN B 67 32.72 -2.07 -29.14
C ASN B 67 33.39 -1.99 -27.78
N VAL B 68 34.70 -1.70 -27.78
CA VAL B 68 35.50 -1.64 -26.56
C VAL B 68 36.04 -0.22 -26.41
N ARG B 69 35.85 0.36 -25.23
CA ARG B 69 36.30 1.71 -24.94
C ARG B 69 37.48 1.66 -23.97
N ASN B 70 38.51 2.44 -24.28
CA ASN B 70 39.70 2.53 -23.43
C ASN B 70 39.48 3.63 -22.40
N VAL B 71 39.10 3.24 -21.18
CA VAL B 71 38.95 4.21 -20.10
C VAL B 71 40.27 4.47 -19.38
N GLY B 72 41.32 3.73 -19.70
CA GLY B 72 42.62 3.97 -19.11
C GLY B 72 43.37 5.09 -19.80
N GLU B 73 44.60 5.31 -19.33
CA GLU B 73 45.45 6.36 -19.86
C GLU B 73 46.59 5.85 -20.73
N VAL B 74 46.71 4.53 -20.88
CA VAL B 74 47.81 3.94 -21.65
C VAL B 74 47.23 3.19 -22.84
N PRO B 75 47.98 3.05 -23.94
CA PRO B 75 47.47 2.24 -25.07
C PRO B 75 47.29 0.79 -24.66
N VAL B 76 46.28 0.16 -25.25
CA VAL B 76 45.90 -1.22 -24.91
C VAL B 76 45.79 -2.02 -26.20
N LYS B 77 46.27 -3.25 -26.17
CA LYS B 77 46.20 -4.16 -27.30
C LYS B 77 45.27 -5.32 -26.96
N ILE B 78 44.40 -5.68 -27.89
CA ILE B 78 43.46 -6.78 -27.72
C ILE B 78 44.02 -8.01 -28.39
N ALA B 79 44.01 -9.13 -27.67
CA ALA B 79 44.61 -10.38 -28.16
C ALA B 79 43.60 -11.42 -28.60
N SER B 80 42.46 -11.55 -27.91
CA SER B 80 41.50 -12.58 -28.26
C SER B 80 40.12 -12.19 -27.75
N ALA B 81 39.11 -12.85 -28.30
CA ALA B 81 37.72 -12.67 -27.87
C ALA B 81 37.06 -14.04 -27.81
N TYR B 82 36.15 -14.21 -26.85
CA TYR B 82 35.48 -15.49 -26.64
C TYR B 82 33.98 -15.27 -26.44
N VAL B 83 33.22 -16.34 -26.63
CA VAL B 83 31.81 -16.42 -26.28
C VAL B 83 31.66 -17.69 -25.46
N LEU B 84 31.68 -17.57 -24.14
CA LEU B 84 31.62 -18.71 -23.25
C LEU B 84 30.18 -19.03 -22.90
N ASN B 85 29.89 -20.30 -22.67
CA ASN B 85 28.57 -20.70 -22.22
C ASN B 85 28.41 -20.33 -20.75
N ALA B 86 27.17 -20.02 -20.38
CA ALA B 86 26.91 -19.48 -19.05
C ALA B 86 27.17 -20.52 -17.96
N THR B 87 27.91 -20.10 -16.93
CA THR B 87 28.12 -20.83 -15.67
C THR B 87 28.88 -22.15 -15.84
N THR B 88 29.33 -22.47 -17.05
CA THR B 88 30.17 -23.63 -17.27
C THR B 88 31.54 -23.27 -17.81
N LEU B 89 31.76 -22.03 -18.21
CA LEU B 89 33.07 -21.53 -18.63
C LEU B 89 33.65 -22.36 -19.77
N THR B 90 32.80 -22.75 -20.71
CA THR B 90 33.20 -23.52 -21.88
C THR B 90 32.96 -22.70 -23.14
N MET B 91 33.98 -22.58 -23.98
CA MET B 91 33.91 -21.74 -25.16
C MET B 91 33.13 -22.42 -26.28
N ILE B 92 32.38 -21.62 -27.03
CA ILE B 92 31.73 -22.08 -28.24
C ILE B 92 32.50 -21.62 -29.48
N CYS B 93 32.89 -20.35 -29.52
CA CYS B 93 33.74 -19.83 -30.58
C CYS B 93 34.70 -18.82 -29.99
N GLY B 94 35.87 -18.72 -30.58
CA GLY B 94 36.86 -17.75 -30.13
C GLY B 94 38.27 -18.25 -30.38
N GLY B 95 39.21 -17.36 -30.13
CA GLY B 95 40.61 -17.68 -30.30
C GLY B 95 41.42 -16.41 -30.49
N SER B 96 42.70 -16.61 -30.74
CA SER B 96 43.59 -15.47 -31.00
C SER B 96 43.18 -14.77 -32.30
N LEU B 97 43.14 -13.45 -32.25
CA LEU B 97 42.78 -12.68 -33.43
C LEU B 97 43.87 -12.74 -34.48
N THR B 98 43.49 -12.52 -35.74
CA THR B 98 44.46 -12.55 -36.83
C THR B 98 45.54 -11.50 -36.65
N SER B 99 45.15 -10.29 -36.25
CA SER B 99 46.09 -9.22 -35.97
C SER B 99 45.60 -8.50 -34.72
N PRO B 100 46.45 -8.31 -33.72
CA PRO B 100 46.03 -7.58 -32.52
C PRO B 100 45.60 -6.16 -32.88
N GLN B 101 44.56 -5.69 -32.21
CA GLN B 101 43.99 -4.37 -32.45
C GLN B 101 44.34 -3.46 -31.28
N GLN B 102 44.89 -2.29 -31.60
CA GLN B 102 45.30 -1.33 -30.59
C GLN B 102 44.21 -0.29 -30.37
N ILE B 103 43.91 -0.02 -29.10
CA ILE B 103 42.88 0.93 -28.72
C ILE B 103 43.53 2.07 -27.97
N ASP B 104 43.44 3.27 -28.53
CA ASP B 104 44.04 4.44 -27.91
C ASP B 104 43.22 4.90 -26.70
N PRO B 105 43.87 5.48 -25.70
CA PRO B 105 43.12 5.98 -24.54
C PRO B 105 42.11 7.03 -24.95
N GLY B 106 40.93 6.99 -24.31
CA GLY B 106 39.88 7.93 -24.60
C GLY B 106 39.15 7.71 -25.90
N THR B 107 39.40 6.59 -26.57
CA THR B 107 38.77 6.26 -27.85
C THR B 107 38.01 4.95 -27.72
N ILE B 108 37.40 4.52 -28.83
CA ILE B 108 36.67 3.27 -28.90
C ILE B 108 37.07 2.55 -30.18
N GLN B 109 36.95 1.23 -30.14
CA GLN B 109 37.30 0.40 -31.30
C GLN B 109 36.30 -0.74 -31.39
N THR B 110 36.12 -1.26 -32.61
CA THR B 110 35.18 -2.34 -32.87
C THR B 110 35.97 -3.63 -33.09
N ILE B 111 35.55 -4.69 -32.41
CA ILE B 111 36.22 -5.98 -32.43
C ILE B 111 35.21 -7.05 -32.83
N ASN B 112 35.59 -7.90 -33.78
CA ASN B 112 34.76 -9.01 -34.22
C ASN B 112 35.31 -10.31 -33.63
N VAL B 113 34.40 -11.13 -33.12
CA VAL B 113 34.82 -12.41 -32.54
C VAL B 113 35.40 -13.29 -33.64
N PRO B 114 36.59 -13.86 -33.46
CA PRO B 114 37.18 -14.68 -34.52
C PRO B 114 36.35 -15.92 -34.81
N GLY B 115 36.38 -16.33 -36.08
CA GLY B 115 35.63 -17.49 -36.50
C GLY B 115 34.14 -17.21 -36.63
N THR B 116 33.40 -18.29 -36.89
CA THR B 116 31.95 -18.23 -37.02
C THR B 116 31.32 -19.25 -36.10
N CYS B 117 30.40 -18.80 -35.26
CA CYS B 117 29.71 -19.66 -34.31
C CYS B 117 28.21 -19.37 -34.38
N ASN B 118 27.41 -20.43 -34.48
CA ASN B 118 25.97 -20.27 -34.42
C ASN B 118 25.51 -19.98 -32.99
N LEU B 119 24.38 -19.30 -32.89
CA LEU B 119 23.77 -18.99 -31.59
C LEU B 119 22.28 -19.30 -31.64
N ILE B 120 21.67 -19.34 -30.46
CA ILE B 120 20.26 -19.63 -30.29
C ILE B 120 19.57 -18.38 -29.80
N ALA B 121 18.49 -17.99 -30.47
CA ALA B 121 17.75 -16.80 -30.06
C ALA B 121 17.23 -16.95 -28.63
N GLY B 122 17.39 -15.89 -27.84
CA GLY B 122 16.92 -15.91 -26.47
C GLY B 122 17.74 -16.75 -25.53
N ALA B 123 18.99 -17.05 -25.87
CA ALA B 123 19.85 -17.89 -25.05
C ALA B 123 20.85 -17.05 -24.27
N ARG B 124 21.61 -17.71 -23.40
CA ARG B 124 22.54 -17.05 -22.50
C ARG B 124 23.94 -17.06 -23.10
N TYR B 125 24.58 -15.89 -23.15
CA TYR B 125 25.94 -15.79 -23.66
C TYR B 125 26.70 -14.70 -22.92
N ILE B 126 27.98 -14.97 -22.67
CA ILE B 126 28.94 -13.99 -22.19
C ILE B 126 29.93 -13.71 -23.32
N VAL B 127 30.07 -12.44 -23.69
CA VAL B 127 31.07 -12.03 -24.66
C VAL B 127 32.25 -11.43 -23.91
N LYS B 128 33.46 -11.88 -24.23
CA LYS B 128 34.64 -11.60 -23.42
C LYS B 128 35.80 -11.21 -24.31
N VAL B 129 36.55 -10.19 -23.88
CA VAL B 129 37.73 -9.73 -24.59
C VAL B 129 38.89 -9.67 -23.59
N VAL B 130 40.06 -10.11 -24.04
CA VAL B 130 41.25 -10.16 -23.19
C VAL B 130 42.34 -9.30 -23.81
N THR B 131 43.09 -8.61 -22.96
CA THR B 131 44.18 -7.77 -23.42
C THR B 131 45.44 -8.59 -23.68
N ALA B 132 46.41 -7.96 -24.33
CA ALA B 132 47.72 -8.60 -24.48
C ALA B 132 48.39 -8.79 -23.13
N ARG B 133 48.11 -7.91 -22.16
CA ARG B 133 48.63 -8.01 -20.81
C ARG B 133 47.83 -8.97 -19.94
N GLY B 134 46.61 -9.31 -20.33
CA GLY B 134 45.79 -10.27 -19.60
C GLY B 134 44.56 -9.71 -18.93
N THR B 135 44.31 -8.41 -19.03
CA THR B 135 43.13 -7.81 -18.40
C THR B 135 41.86 -8.34 -19.05
N GLU B 136 40.84 -8.58 -18.23
CA GLU B 136 39.60 -9.22 -18.66
C GLU B 136 38.43 -8.26 -18.52
N ALA B 137 37.60 -8.18 -19.56
CA ALA B 137 36.37 -7.39 -19.54
C ALA B 137 35.32 -8.12 -20.36
N ALA B 138 34.06 -8.08 -19.91
CA ALA B 138 33.01 -8.85 -20.53
C ALA B 138 31.65 -8.26 -20.17
N ALA B 139 30.60 -8.86 -20.73
CA ALA B 139 29.21 -8.53 -20.42
C ALA B 139 28.33 -9.52 -21.16
N THR B 140 27.03 -9.49 -20.89
CA THR B 140 26.08 -10.42 -21.48
C THR B 140 25.10 -9.69 -22.39
N PHE B 141 24.48 -10.48 -23.27
CA PHE B 141 23.45 -9.99 -24.17
C PHE B 141 22.52 -11.15 -24.48
N ILE B 142 21.31 -10.81 -24.91
CA ILE B 142 20.30 -11.80 -25.28
C ILE B 142 20.33 -11.96 -26.80
N SER B 143 20.61 -13.16 -27.26
CA SER B 143 20.75 -13.41 -28.68
C SER B 143 19.41 -13.19 -29.39
N PRO B 144 19.37 -12.40 -30.47
CA PRO B 144 18.15 -12.12 -31.22
C PRO B 144 17.64 -13.34 -31.98
N GLU C 9 100.31 -16.19 5.70
CA GLU C 9 99.98 -17.14 6.75
C GLU C 9 98.53 -16.99 7.25
N PRO C 10 98.05 -15.77 7.49
CA PRO C 10 96.62 -15.61 7.77
C PRO C 10 95.72 -16.00 6.61
N ILE C 11 96.27 -16.09 5.40
CA ILE C 11 95.46 -16.44 4.23
C ILE C 11 94.86 -17.82 4.39
N VAL C 12 95.63 -18.76 4.92
CA VAL C 12 95.14 -20.13 5.11
C VAL C 12 93.97 -20.15 6.09
N ALA C 13 94.10 -19.41 7.19
CA ALA C 13 93.02 -19.32 8.16
C ALA C 13 91.79 -18.66 7.54
N ALA C 14 92.00 -17.64 6.72
CA ALA C 14 90.88 -16.99 6.05
C ALA C 14 90.15 -17.95 5.11
N VAL C 15 90.91 -18.76 4.36
CA VAL C 15 90.29 -19.73 3.47
C VAL C 15 89.50 -20.77 4.26
N LEU C 16 90.07 -21.23 5.38
CA LEU C 16 89.37 -22.19 6.23
C LEU C 16 88.09 -21.58 6.79
N LEU C 17 88.14 -20.31 7.18
CA LEU C 17 86.94 -19.63 7.68
C LEU C 17 85.90 -19.51 6.59
N ILE C 18 86.34 -19.24 5.34
CA ILE C 18 85.41 -19.19 4.22
C ILE C 18 84.73 -20.55 4.03
N VAL C 19 85.51 -21.63 4.13
CA VAL C 19 84.94 -22.97 4.00
C VAL C 19 83.92 -23.23 5.10
N VAL C 20 84.24 -22.82 6.34
CA VAL C 20 83.31 -22.99 7.44
C VAL C 20 82.03 -22.21 7.19
N ALA C 21 82.16 -20.98 6.68
CA ALA C 21 80.98 -20.18 6.36
C ALA C 21 80.14 -20.84 5.27
N VAL C 22 80.80 -21.45 4.27
CA VAL C 22 80.07 -22.15 3.22
C VAL C 22 79.27 -23.31 3.82
N ILE C 23 79.90 -24.08 4.70
CA ILE C 23 79.21 -25.21 5.33
C ILE C 23 78.02 -24.71 6.15
N GLY C 24 78.22 -23.63 6.91
CA GLY C 24 77.11 -23.07 7.68
C GLY C 24 75.98 -22.59 6.80
N ALA C 25 76.31 -21.96 5.67
CA ALA C 25 75.29 -21.49 4.76
C ALA C 25 74.50 -22.65 4.16
N VAL C 26 75.19 -23.75 3.84
CA VAL C 26 74.49 -24.92 3.32
C VAL C 26 73.55 -25.48 4.37
N LEU C 27 74.01 -25.57 5.62
CA LEU C 27 73.14 -26.07 6.69
C LEU C 27 71.92 -25.18 6.87
N VAL C 28 72.12 -23.85 6.86
CA VAL C 28 71.02 -22.93 6.99
C VAL C 28 70.05 -23.09 5.82
N TYR C 29 70.57 -23.30 4.61
CA TYR C 29 69.70 -23.47 3.45
C TYR C 29 68.84 -24.72 3.58
N LEU C 30 69.44 -25.84 3.98
CA LEU C 30 68.66 -27.06 4.15
C LEU C 30 67.58 -26.88 5.22
N TRP C 31 67.97 -26.30 6.37
CA TRP C 31 66.99 -26.10 7.44
C TRP C 31 65.86 -25.18 6.97
N PHE C 32 66.21 -24.10 6.26
CA PHE C 32 65.20 -23.17 5.80
C PHE C 32 64.25 -23.81 4.81
N SER C 33 64.78 -24.60 3.88
CA SER C 33 63.93 -25.27 2.90
C SER C 33 62.97 -26.22 3.60
N GLY C 34 63.48 -27.03 4.52
CA GLY C 34 62.60 -27.94 5.25
C GLY C 34 61.52 -27.20 6.02
N TYR C 35 61.91 -26.15 6.74
CA TYR C 35 60.95 -25.44 7.58
C TYR C 35 59.91 -24.71 6.75
N VAL C 36 60.33 -24.05 5.67
CA VAL C 36 59.37 -23.35 4.83
C VAL C 36 58.40 -24.34 4.19
N THR C 37 58.91 -25.49 3.75
CA THR C 37 58.03 -26.51 3.17
C THR C 37 56.98 -26.95 4.19
N ARG C 38 57.43 -27.31 5.40
CA ARG C 38 56.49 -27.82 6.39
C ARG C 38 55.47 -26.76 6.80
N ALA C 39 55.94 -25.56 7.14
CA ALA C 39 55.03 -24.51 7.59
C ALA C 39 54.08 -24.09 6.49
N THR C 40 54.58 -23.97 5.26
CA THR C 40 53.74 -23.59 4.13
C THR C 40 52.67 -24.64 3.87
N SER C 41 53.04 -25.93 3.92
CA SER C 41 52.05 -26.98 3.73
C SER C 41 51.01 -26.97 4.83
N GLN C 42 51.43 -26.76 6.08
CA GLN C 42 50.48 -26.68 7.19
C GLN C 42 49.51 -25.53 7.01
N ALA C 43 50.03 -24.37 6.61
CA ALA C 43 49.16 -23.20 6.38
C ALA C 43 48.18 -23.46 5.25
N GLU C 44 48.66 -24.06 4.16
CA GLU C 44 47.78 -24.33 3.02
C GLU C 44 46.70 -25.33 3.40
N GLN C 45 47.03 -26.35 4.19
CA GLN C 45 46.05 -27.34 4.59
C GLN C 45 45.03 -26.78 5.57
N LEU C 46 45.47 -25.97 6.54
CA LEU C 46 44.52 -25.38 7.48
C LEU C 46 43.74 -24.22 6.87
N SER C 47 44.15 -23.73 5.70
CA SER C 47 43.43 -22.66 5.05
C SER C 47 42.02 -23.08 4.65
N ALA C 48 41.81 -24.37 4.39
CA ALA C 48 40.51 -24.85 3.93
C ALA C 48 39.46 -24.66 5.02
N ALA C 49 38.22 -24.45 4.58
CA ALA C 49 37.08 -24.27 5.47
C ALA C 49 35.97 -25.25 5.08
N GLU C 50 35.18 -25.64 6.08
CA GLU C 50 34.13 -26.63 5.91
C GLU C 50 32.78 -26.04 6.30
N GLN C 51 31.73 -26.59 5.70
CA GLN C 51 30.37 -26.07 5.83
C GLN C 51 29.47 -27.12 6.45
N LEU C 52 28.49 -26.68 7.23
CA LEU C 52 27.43 -27.55 7.71
C LEU C 52 26.08 -26.88 7.57
N LYS C 53 25.04 -27.71 7.51
CA LYS C 53 23.67 -27.24 7.61
C LYS C 53 22.84 -28.39 8.18
N ILE C 54 21.87 -28.06 9.02
CA ILE C 54 20.94 -29.02 9.57
C ILE C 54 19.60 -28.85 8.88
N GLU C 55 19.08 -29.94 8.32
CA GLU C 55 17.89 -29.86 7.49
C GLU C 55 16.64 -29.72 8.33
N ALA C 56 16.44 -30.63 9.29
CA ALA C 56 15.27 -30.58 10.16
C ALA C 56 15.60 -31.29 11.46
N VAL C 57 14.78 -31.02 12.47
CA VAL C 57 14.92 -31.64 13.78
C VAL C 57 13.59 -32.23 14.21
N SER C 58 13.66 -33.21 15.09
CA SER C 58 12.47 -33.90 15.57
C SER C 58 12.64 -34.24 17.05
N LYS C 59 11.53 -34.27 17.76
CA LYS C 59 11.51 -34.55 19.20
C LYS C 59 10.69 -35.80 19.45
N THR C 60 11.27 -36.77 20.15
CA THR C 60 10.57 -37.98 20.57
C THR C 60 10.76 -38.14 22.08
N GLY C 61 9.69 -37.94 22.83
CA GLY C 61 9.77 -37.99 24.28
C GLY C 61 10.66 -36.89 24.83
N THR C 62 11.83 -37.27 25.35
CA THR C 62 12.82 -36.32 25.83
C THR C 62 14.12 -36.36 25.03
N THR C 63 14.10 -36.98 23.85
CA THR C 63 15.27 -37.10 23.00
C THR C 63 15.10 -36.24 21.76
N VAL C 64 16.15 -35.50 21.40
CA VAL C 64 16.15 -34.62 20.25
C VAL C 64 17.03 -35.24 19.18
N SER C 65 16.47 -35.42 17.97
CA SER C 65 17.18 -35.99 16.84
C SER C 65 17.41 -34.90 15.80
N VAL C 66 18.65 -34.78 15.32
CA VAL C 66 19.05 -33.73 14.40
C VAL C 66 19.69 -34.38 13.17
N ASN C 67 19.34 -33.88 12.00
CA ASN C 67 19.89 -34.37 10.73
C ASN C 67 20.90 -33.35 10.21
N VAL C 68 22.13 -33.81 9.95
CA VAL C 68 23.23 -32.95 9.54
C VAL C 68 23.69 -33.38 8.15
N ARG C 69 23.83 -32.41 7.26
CA ARG C 69 24.29 -32.66 5.89
C ARG C 69 25.55 -31.87 5.60
N ASN C 70 26.53 -32.53 4.99
CA ASN C 70 27.74 -31.87 4.50
C ASN C 70 27.47 -31.35 3.10
N VAL C 71 27.36 -30.03 2.96
CA VAL C 71 27.34 -29.42 1.64
C VAL C 71 28.76 -29.17 1.11
N GLY C 72 29.77 -29.46 1.92
CA GLY C 72 31.15 -29.35 1.49
C GLY C 72 31.60 -30.54 0.67
N GLU C 73 32.91 -30.59 0.42
CA GLU C 73 33.49 -31.61 -0.45
C GLU C 73 34.24 -32.70 0.31
N VAL C 74 34.72 -32.41 1.52
CA VAL C 74 35.52 -33.39 2.26
C VAL C 74 34.74 -33.87 3.47
N PRO C 75 34.94 -35.12 3.93
CA PRO C 75 34.17 -35.61 5.07
C PRO C 75 34.47 -34.84 6.34
N VAL C 76 33.46 -34.74 7.21
CA VAL C 76 33.54 -34.02 8.47
C VAL C 76 32.99 -34.92 9.57
N LYS C 77 33.50 -34.75 10.79
CA LYS C 77 33.09 -35.56 11.93
C LYS C 77 32.37 -34.69 12.94
N ILE C 78 31.25 -35.20 13.48
CA ILE C 78 30.48 -34.50 14.49
C ILE C 78 30.99 -34.92 15.87
N ALA C 79 31.23 -33.95 16.74
CA ALA C 79 31.83 -34.21 18.04
C ALA C 79 30.89 -34.01 19.22
N SER C 80 30.01 -33.01 19.18
CA SER C 80 29.15 -32.74 20.32
C SER C 80 27.90 -32.01 19.86
N ALA C 81 26.88 -32.02 20.72
CA ALA C 81 25.62 -31.34 20.46
C ALA C 81 25.13 -30.69 21.74
N TYR C 82 24.59 -29.46 21.61
CA TYR C 82 24.07 -28.71 22.74
C TYR C 82 22.64 -28.28 22.46
N VAL C 83 21.94 -27.88 23.52
CA VAL C 83 20.62 -27.28 23.44
C VAL C 83 20.67 -26.02 24.29
N LEU C 84 20.88 -24.87 23.65
CA LEU C 84 21.10 -23.62 24.36
C LEU C 84 19.80 -22.86 24.60
N ASN C 85 19.73 -22.17 25.72
CA ASN C 85 18.60 -21.30 26.03
C ASN C 85 18.76 -19.97 25.27
N ALA C 86 17.62 -19.32 25.03
CA ALA C 86 17.61 -18.12 24.19
C ALA C 86 18.32 -16.96 24.88
N THR C 87 19.25 -16.34 24.15
CA THR C 87 19.89 -15.06 24.47
C THR C 87 20.70 -15.10 25.77
N THR C 88 20.83 -16.26 26.42
CA THR C 88 21.71 -16.38 27.57
C THR C 88 22.91 -17.27 27.30
N LEU C 89 22.92 -18.03 26.20
CA LEU C 89 24.05 -18.86 25.79
C LEU C 89 24.47 -19.81 26.92
N THR C 90 23.47 -20.38 27.60
CA THR C 90 23.71 -21.33 28.68
C THR C 90 23.13 -22.68 28.28
N MET C 91 23.94 -23.73 28.43
CA MET C 91 23.53 -25.06 28.03
C MET C 91 22.57 -25.68 29.05
N ILE C 92 21.59 -26.41 28.54
CA ILE C 92 20.69 -27.19 29.37
C ILE C 92 21.05 -28.66 29.36
N CYS C 93 21.27 -29.23 28.18
CA CYS C 93 21.72 -30.60 28.05
C CYS C 93 22.69 -30.69 26.88
N GLY C 94 23.65 -31.59 26.99
CA GLY C 94 24.63 -31.79 25.94
C GLY C 94 25.97 -32.19 26.51
N GLY C 95 26.88 -32.49 25.61
CA GLY C 95 28.21 -32.90 26.01
C GLY C 95 28.89 -33.63 24.85
N SER C 96 30.09 -34.14 25.14
CA SER C 96 30.81 -34.93 24.15
C SER C 96 30.06 -36.22 23.86
N LEU C 97 29.94 -36.55 22.57
CA LEU C 97 29.25 -37.77 22.18
C LEU C 97 30.06 -39.00 22.58
N THR C 98 29.36 -40.13 22.72
CA THR C 98 30.02 -41.37 23.11
C THR C 98 31.05 -41.79 22.06
N SER C 99 30.70 -41.69 20.78
CA SER C 99 31.61 -41.99 19.69
C SER C 99 31.38 -40.96 18.58
N PRO C 100 32.42 -40.31 18.09
CA PRO C 100 32.23 -39.34 17.01
C PRO C 100 31.66 -40.02 15.77
N GLN C 101 30.78 -39.29 15.08
CA GLN C 101 30.11 -39.81 13.89
C GLN C 101 30.65 -39.10 12.65
N GLN C 102 31.03 -39.90 11.66
CA GLN C 102 31.52 -39.39 10.39
C GLN C 102 30.39 -39.32 9.38
N ILE C 103 30.24 -38.17 8.74
CA ILE C 103 29.18 -37.92 7.77
C ILE C 103 29.84 -37.70 6.42
N ASP C 104 29.47 -38.51 5.43
CA ASP C 104 30.09 -38.43 4.12
C ASP C 104 29.61 -37.18 3.39
N PRO C 105 30.47 -36.60 2.55
CA PRO C 105 30.05 -35.44 1.76
C PRO C 105 28.89 -35.79 0.84
N GLY C 106 27.95 -34.85 0.72
CA GLY C 106 26.79 -35.07 -0.12
C GLY C 106 25.75 -36.00 0.45
N THR C 107 25.90 -36.43 1.71
CA THR C 107 24.97 -37.32 2.37
C THR C 107 24.41 -36.65 3.61
N ILE C 108 23.61 -37.41 4.37
CA ILE C 108 23.00 -36.91 5.58
C ILE C 108 23.10 -38.00 6.65
N GLN C 109 23.14 -37.57 7.91
CA GLN C 109 23.20 -38.47 9.05
C GLN C 109 22.40 -37.87 10.20
N THR C 110 21.95 -38.74 11.08
CA THR C 110 21.12 -38.35 12.22
C THR C 110 21.96 -38.35 13.49
N ILE C 111 21.90 -37.25 14.24
CA ILE C 111 22.65 -37.08 15.47
C ILE C 111 21.66 -36.84 16.61
N ASN C 112 21.84 -37.58 17.70
CA ASN C 112 20.99 -37.47 18.88
C ASN C 112 21.75 -36.69 19.96
N VAL C 113 21.06 -35.74 20.58
CA VAL C 113 21.69 -34.95 21.65
C VAL C 113 22.08 -35.87 22.80
N PRO C 114 23.31 -35.83 23.27
CA PRO C 114 23.71 -36.72 24.38
C PRO C 114 22.95 -36.42 25.65
N GLY C 115 22.72 -37.46 26.44
CA GLY C 115 21.99 -37.30 27.69
C GLY C 115 20.51 -37.13 27.48
N THR C 116 19.81 -36.83 28.57
CA THR C 116 18.37 -36.61 28.57
C THR C 116 18.07 -35.29 29.25
N CYS C 117 17.30 -34.44 28.57
CA CYS C 117 16.92 -33.14 29.10
C CYS C 117 15.43 -32.94 28.87
N ASN C 118 14.74 -32.42 29.87
CA ASN C 118 13.33 -32.08 29.72
C ASN C 118 13.17 -30.83 28.86
N LEU C 119 12.00 -30.70 28.24
CA LEU C 119 11.68 -29.56 27.40
C LEU C 119 10.32 -29.00 27.81
N ILE C 120 10.10 -27.73 27.47
CA ILE C 120 8.84 -27.06 27.73
C ILE C 120 8.25 -26.64 26.39
N ALA C 121 6.98 -26.97 26.16
CA ALA C 121 6.33 -26.63 24.91
C ALA C 121 6.25 -25.12 24.73
N GLY C 122 6.49 -24.68 23.50
CA GLY C 122 6.42 -23.27 23.19
C GLY C 122 7.59 -22.43 23.66
N ALA C 123 8.69 -23.06 24.06
CA ALA C 123 9.85 -22.34 24.58
C ALA C 123 10.90 -22.17 23.49
N ARG C 124 11.78 -21.19 23.70
CA ARG C 124 12.79 -20.86 22.70
C ARG C 124 14.05 -21.65 22.98
N TYR C 125 14.46 -22.48 22.02
CA TYR C 125 15.57 -23.40 22.20
C TYR C 125 16.47 -23.34 20.97
N ILE C 126 17.78 -23.40 21.21
CA ILE C 126 18.78 -23.41 20.15
C ILE C 126 19.47 -24.77 20.18
N VAL C 127 19.35 -25.52 19.09
CA VAL C 127 20.06 -26.79 18.95
C VAL C 127 21.34 -26.54 18.15
N LYS C 128 22.46 -27.04 18.67
CA LYS C 128 23.77 -26.68 18.16
C LYS C 128 24.62 -27.93 18.01
N VAL C 129 25.36 -28.02 16.89
CA VAL C 129 26.28 -29.12 16.63
C VAL C 129 27.63 -28.53 16.22
N VAL C 130 28.71 -29.14 16.70
CA VAL C 130 30.06 -28.67 16.42
C VAL C 130 30.87 -29.82 15.83
N THR C 131 31.76 -29.47 14.90
CA THR C 131 32.62 -30.46 14.28
C THR C 131 33.81 -30.79 15.17
N ALA C 132 34.55 -31.82 14.78
CA ALA C 132 35.82 -32.12 15.43
C ALA C 132 36.83 -31.00 15.23
N ARG C 133 36.78 -30.32 14.08
CA ARG C 133 37.66 -29.20 13.80
C ARG C 133 37.19 -27.90 14.44
N GLY C 134 35.93 -27.81 14.86
CA GLY C 134 35.42 -26.64 15.54
C GLY C 134 34.37 -25.85 14.79
N THR C 135 34.03 -26.24 13.56
CA THR C 135 33.02 -25.50 12.81
C THR C 135 31.66 -25.63 13.50
N GLU C 136 30.90 -24.53 13.49
CA GLU C 136 29.65 -24.43 14.22
C GLU C 136 28.48 -24.24 13.26
N ALA C 137 27.42 -25.00 13.48
CA ALA C 137 26.16 -24.85 12.77
C ALA C 137 25.02 -25.17 13.72
N ALA C 138 23.90 -24.47 13.57
CA ALA C 138 22.82 -24.57 14.54
C ALA C 138 21.53 -24.08 13.90
N ALA C 139 20.46 -24.10 14.69
CA ALA C 139 19.15 -23.55 14.33
C ALA C 139 18.27 -23.62 15.58
N THR C 140 17.05 -23.11 15.45
CA THR C 140 16.07 -23.14 16.52
C THR C 140 14.81 -23.88 16.07
N PHE C 141 14.04 -24.32 17.06
CA PHE C 141 12.78 -25.00 16.81
C PHE C 141 11.88 -24.79 18.02
N ILE C 142 10.58 -24.97 17.80
CA ILE C 142 9.58 -24.84 18.85
C ILE C 142 9.27 -26.22 19.41
N SER C 143 9.52 -26.40 20.70
CA SER C 143 9.25 -27.70 21.32
C SER C 143 7.74 -27.95 21.34
N PRO C 144 7.31 -29.15 20.94
CA PRO C 144 5.89 -29.53 20.96
C PRO C 144 5.36 -29.72 22.38
N GLU D 9 94.84 -15.74 13.33
CA GLU D 9 94.82 -14.38 13.87
C GLU D 9 93.51 -13.64 13.57
N PRO D 10 92.99 -13.70 12.34
CA PRO D 10 91.65 -13.15 12.09
C PRO D 10 90.55 -13.86 12.86
N ILE D 11 90.81 -15.07 13.37
CA ILE D 11 89.79 -15.83 14.08
C ILE D 11 89.36 -15.09 15.34
N VAL D 12 90.31 -14.46 16.04
CA VAL D 12 89.98 -13.71 17.25
C VAL D 12 89.05 -12.55 16.92
N ALA D 13 89.36 -11.82 15.84
CA ALA D 13 88.50 -10.72 15.41
C ALA D 13 87.13 -11.22 15.02
N ALA D 14 87.07 -12.38 14.35
CA ALA D 14 85.77 -12.95 13.97
C ALA D 14 84.94 -13.30 15.21
N VAL D 15 85.57 -13.88 16.23
CA VAL D 15 84.85 -14.22 17.46
C VAL D 15 84.35 -12.95 18.16
N LEU D 16 85.20 -11.92 18.19
CA LEU D 16 84.77 -10.66 18.79
C LEU D 16 83.61 -10.06 18.01
N LEU D 17 83.64 -10.17 16.68
CA LEU D 17 82.54 -9.66 15.87
C LEU D 17 81.25 -10.45 16.15
N ILE D 18 81.37 -11.77 16.34
CA ILE D 18 80.22 -12.58 16.72
C ILE D 18 79.65 -12.11 18.04
N VAL D 19 80.51 -11.83 19.01
CA VAL D 19 80.04 -11.34 20.31
C VAL D 19 79.31 -10.00 20.16
N VAL D 20 79.88 -9.11 19.35
CA VAL D 20 79.26 -7.80 19.13
C VAL D 20 77.89 -7.97 18.46
N ALA D 21 77.80 -8.88 17.49
CA ALA D 21 76.53 -9.14 16.83
C ALA D 21 75.51 -9.69 17.81
N VAL D 22 75.93 -10.57 18.71
CA VAL D 22 75.01 -11.12 19.71
C VAL D 22 74.50 -10.01 20.61
N ILE D 23 75.39 -9.11 21.05
CA ILE D 23 74.98 -8.00 21.91
C ILE D 23 73.98 -7.11 21.18
N GLY D 24 74.27 -6.80 19.92
CA GLY D 24 73.35 -5.98 19.14
C GLY D 24 72.00 -6.64 18.96
N ALA D 25 71.99 -7.96 18.72
CA ALA D 25 70.73 -8.68 18.57
C ALA D 25 69.93 -8.64 19.87
N VAL D 26 70.58 -8.80 21.01
CA VAL D 26 69.87 -8.72 22.28
C VAL D 26 69.28 -7.33 22.48
N LEU D 27 70.05 -6.28 22.17
CA LEU D 27 69.52 -4.93 22.31
C LEU D 27 68.32 -4.70 21.39
N VAL D 28 68.41 -5.16 20.14
CA VAL D 28 67.30 -5.01 19.21
C VAL D 28 66.08 -5.77 19.71
N TYR D 29 66.28 -6.98 20.25
CA TYR D 29 65.15 -7.74 20.79
C TYR D 29 64.49 -7.02 21.94
N LEU D 30 65.29 -6.44 22.85
CA LEU D 30 64.72 -5.71 23.97
C LEU D 30 63.90 -4.52 23.50
N TRP D 31 64.47 -3.73 22.57
CA TRP D 31 63.74 -2.58 22.06
C TRP D 31 62.46 -3.01 21.35
N PHE D 32 62.54 -4.09 20.57
CA PHE D 32 61.37 -4.58 19.85
C PHE D 32 60.27 -5.01 20.81
N SER D 33 60.64 -5.76 21.85
CA SER D 33 59.65 -6.22 22.81
C SER D 33 58.97 -5.03 23.49
N GLY D 34 59.76 -4.07 23.96
CA GLY D 34 59.17 -2.91 24.61
C GLY D 34 58.25 -2.14 23.69
N TYR D 35 58.69 -1.90 22.46
CA TYR D 35 57.92 -1.08 21.54
C TYR D 35 56.64 -1.79 21.11
N VAL D 36 56.73 -3.08 20.78
CA VAL D 36 55.54 -3.81 20.37
C VAL D 36 54.55 -3.86 21.53
N THR D 37 55.03 -4.07 22.75
CA THR D 37 54.13 -4.13 23.90
C THR D 37 53.39 -2.80 24.06
N ARG D 38 54.12 -1.69 24.12
CA ARG D 38 53.46 -0.42 24.40
C ARG D 38 52.57 0.03 23.24
N ALA D 39 53.06 -0.10 22.01
CA ALA D 39 52.25 0.31 20.86
C ALA D 39 51.00 -0.55 20.71
N THR D 40 51.16 -1.87 20.89
CA THR D 40 50.02 -2.78 20.79
C THR D 40 48.99 -2.48 21.86
N SER D 41 49.44 -2.23 23.10
CA SER D 41 48.49 -1.88 24.15
C SER D 41 47.78 -0.57 23.87
N GLN D 42 48.52 0.42 23.36
CA GLN D 42 47.91 1.72 23.05
C GLN D 42 46.85 1.58 21.97
N ALA D 43 47.16 0.81 20.92
CA ALA D 43 46.19 0.56 19.86
C ALA D 43 44.97 -0.20 20.39
N GLU D 44 45.21 -1.21 21.23
CA GLU D 44 44.12 -2.00 21.78
C GLU D 44 43.20 -1.13 22.63
N GLN D 45 43.77 -0.19 23.39
CA GLN D 45 42.95 0.70 24.19
C GLN D 45 42.18 1.70 23.33
N LEU D 46 42.79 2.17 22.24
CA LEU D 46 42.03 3.04 21.32
C LEU D 46 40.97 2.27 20.55
N SER D 47 41.06 0.94 20.49
CA SER D 47 40.10 0.15 19.73
C SER D 47 38.68 0.29 20.29
N ALA D 48 38.55 0.69 21.55
CA ALA D 48 37.24 0.78 22.17
C ALA D 48 36.38 1.84 21.48
N ALA D 49 35.07 1.61 21.48
CA ALA D 49 34.12 2.50 20.85
C ALA D 49 33.21 3.10 21.91
N GLU D 50 32.69 4.29 21.62
CA GLU D 50 31.90 5.05 22.59
C GLU D 50 30.51 5.35 22.02
N GLN D 51 29.50 5.21 22.88
CA GLN D 51 28.11 5.44 22.52
C GLN D 51 27.50 6.50 23.42
N LEU D 52 26.78 7.44 22.82
CA LEU D 52 25.94 8.37 23.57
C LEU D 52 24.60 8.54 22.87
N LYS D 53 23.61 8.97 23.65
CA LYS D 53 22.30 9.33 23.14
C LYS D 53 21.71 10.37 24.08
N ILE D 54 20.95 11.32 23.51
CA ILE D 54 20.23 12.31 24.28
C ILE D 54 18.76 11.94 24.28
N GLU D 55 18.18 11.83 25.47
CA GLU D 55 16.81 11.34 25.60
C GLU D 55 15.81 12.41 25.18
N ALA D 56 15.90 13.60 25.77
CA ALA D 56 14.98 14.68 25.45
C ALA D 56 15.65 16.01 25.74
N VAL D 57 15.07 17.08 25.20
CA VAL D 57 15.58 18.43 25.38
C VAL D 57 14.44 19.32 25.84
N SER D 58 14.82 20.43 26.48
CA SER D 58 13.86 21.39 26.98
C SER D 58 14.44 22.80 26.84
N LYS D 59 13.57 23.76 26.58
CA LYS D 59 13.96 25.15 26.38
C LYS D 59 13.28 26.00 27.43
N THR D 60 14.08 26.80 28.15
CA THR D 60 13.58 27.73 29.16
C THR D 60 14.10 29.13 28.81
N GLY D 61 13.20 29.98 28.32
CA GLY D 61 13.59 31.30 27.89
C GLY D 61 14.55 31.24 26.71
N THR D 62 15.82 31.59 26.94
CA THR D 62 16.86 31.46 25.94
C THR D 62 17.92 30.44 26.31
N THR D 63 17.63 29.58 27.30
CA THR D 63 18.54 28.54 27.74
C THR D 63 18.03 27.18 27.30
N VAL D 64 18.92 26.37 26.73
CA VAL D 64 18.57 25.03 26.26
C VAL D 64 19.20 24.02 27.20
N SER D 65 18.38 23.11 27.73
CA SER D 65 18.83 22.06 28.63
C SER D 65 18.65 20.72 27.94
N VAL D 66 19.70 19.90 27.97
CA VAL D 66 19.74 18.63 27.26
C VAL D 66 20.07 17.53 28.26
N ASN D 67 19.36 16.41 28.16
CA ASN D 67 19.62 15.23 28.97
C ASN D 67 20.38 14.22 28.14
N VAL D 68 21.51 13.75 28.65
CA VAL D 68 22.41 12.85 27.93
C VAL D 68 22.42 11.51 28.63
N ARG D 69 22.26 10.44 27.86
CA ARG D 69 22.22 9.07 28.38
C ARG D 69 23.42 8.31 27.85
N ASN D 70 24.18 7.69 28.75
CA ASN D 70 25.31 6.84 28.37
C ASN D 70 24.84 5.41 28.31
N VAL D 71 24.63 4.89 27.10
CA VAL D 71 24.33 3.47 26.94
C VAL D 71 25.58 2.62 26.95
N GLY D 72 26.76 3.23 27.00
CA GLY D 72 28.00 2.50 27.12
C GLY D 72 28.29 2.09 28.56
N GLU D 73 29.47 1.51 28.74
CA GLU D 73 29.89 0.96 30.03
C GLU D 73 31.07 1.69 30.64
N VAL D 74 31.58 2.74 30.00
CA VAL D 74 32.75 3.45 30.51
C VAL D 74 32.36 4.89 30.85
N PRO D 75 33.07 5.56 31.76
CA PRO D 75 32.73 6.93 32.11
C PRO D 75 32.88 7.87 30.92
N VAL D 76 32.07 8.92 30.90
CA VAL D 76 31.98 9.83 29.77
C VAL D 76 32.12 11.26 30.28
N LYS D 77 32.86 12.07 29.54
CA LYS D 77 33.00 13.50 29.82
C LYS D 77 32.49 14.30 28.64
N ILE D 78 31.66 15.32 28.92
CA ILE D 78 31.12 16.18 27.90
C ILE D 78 31.98 17.43 27.79
N ALA D 79 32.35 17.81 26.57
CA ALA D 79 33.26 18.92 26.35
C ALA D 79 32.58 20.18 25.83
N SER D 80 31.61 20.05 24.92
CA SER D 80 30.97 21.23 24.35
C SER D 80 29.58 20.87 23.84
N ALA D 81 28.76 21.90 23.67
CA ALA D 81 27.43 21.75 23.11
C ALA D 81 27.19 22.87 22.10
N TYR D 82 26.50 22.54 21.02
CA TYR D 82 26.23 23.49 19.94
C TYR D 82 24.77 23.44 19.55
N VAL D 83 24.34 24.50 18.85
CA VAL D 83 23.01 24.56 18.24
C VAL D 83 23.26 24.85 16.76
N LEU D 84 23.05 23.85 15.91
CA LEU D 84 23.40 23.94 14.51
C LEU D 84 22.19 24.35 13.67
N ASN D 85 22.44 25.21 12.68
CA ASN D 85 21.40 25.60 11.75
C ASN D 85 21.19 24.50 10.71
N ALA D 86 19.97 24.45 10.17
CA ALA D 86 19.60 23.37 9.27
C ALA D 86 20.31 23.50 7.93
N THR D 87 20.87 22.40 7.46
CA THR D 87 21.39 22.21 6.10
C THR D 87 22.58 23.10 5.78
N THR D 88 23.08 23.88 6.74
CA THR D 88 24.26 24.71 6.51
C THR D 88 25.41 24.39 7.44
N LEU D 89 25.20 23.61 8.49
CA LEU D 89 26.26 23.20 9.42
C LEU D 89 26.98 24.40 10.01
N THR D 90 26.24 25.46 10.32
CA THR D 90 26.77 26.66 10.92
C THR D 90 26.22 26.83 12.32
N MET D 91 27.09 27.04 13.28
CA MET D 91 26.68 27.18 14.68
C MET D 91 26.07 28.55 14.92
N ILE D 92 25.05 28.58 15.77
CA ILE D 92 24.46 29.82 16.26
C ILE D 92 25.00 30.20 17.63
N CYS D 93 25.02 29.24 18.55
CA CYS D 93 25.59 29.46 19.87
C CYS D 93 26.25 28.16 20.34
N GLY D 94 27.28 28.30 21.15
CA GLY D 94 27.96 27.15 21.70
C GLY D 94 29.43 27.41 21.89
N GLY D 95 30.10 26.44 22.50
CA GLY D 95 31.51 26.53 22.77
C GLY D 95 31.91 25.54 23.85
N SER D 96 33.19 25.60 24.20
CA SER D 96 33.69 24.75 25.26
C SER D 96 33.03 25.10 26.59
N LEU D 97 32.58 24.09 27.31
CA LEU D 97 31.91 24.30 28.58
C LEU D 97 32.89 24.85 29.62
N THR D 98 32.34 25.56 30.61
CA THR D 98 33.18 26.14 31.66
C THR D 98 33.92 25.06 32.43
N SER D 99 33.25 23.96 32.76
CA SER D 99 33.85 22.83 33.42
C SER D 99 33.27 21.57 32.80
N PRO D 100 34.10 20.62 32.36
CA PRO D 100 33.58 19.39 31.78
C PRO D 100 32.71 18.63 32.78
N GLN D 101 31.64 18.03 32.27
CA GLN D 101 30.69 17.28 33.09
C GLN D 101 30.88 15.80 32.84
N GLN D 102 31.06 15.04 33.92
CA GLN D 102 31.25 13.60 33.83
C GLN D 102 29.93 12.89 34.09
N ILE D 103 29.58 11.97 33.20
CA ILE D 103 28.34 11.20 33.30
C ILE D 103 28.70 9.73 33.46
N ASP D 104 28.23 9.13 34.55
CA ASP D 104 28.53 7.73 34.82
C ASP D 104 27.76 6.81 33.88
N PRO D 105 28.29 5.63 33.60
CA PRO D 105 27.55 4.68 32.75
C PRO D 105 26.23 4.30 33.38
N GLY D 106 25.20 4.19 32.53
CA GLY D 106 23.88 3.84 33.00
C GLY D 106 23.15 4.92 33.76
N THR D 107 23.69 6.13 33.79
CA THR D 107 23.09 7.26 34.48
C THR D 107 22.73 8.35 33.47
N ILE D 108 22.16 9.45 33.97
CA ILE D 108 21.75 10.56 33.13
C ILE D 108 22.26 11.85 33.76
N GLN D 109 22.41 12.88 32.94
CA GLN D 109 22.87 14.18 33.38
C GLN D 109 22.23 15.26 32.52
N THR D 110 22.24 16.48 33.04
CA THR D 110 21.68 17.63 32.35
C THR D 110 22.80 18.53 31.87
N ILE D 111 22.76 18.89 30.59
CA ILE D 111 23.79 19.73 29.97
C ILE D 111 23.12 20.98 29.42
N ASN D 112 23.68 22.13 29.76
CA ASN D 112 23.17 23.42 29.31
C ASN D 112 24.10 23.98 28.23
N VAL D 113 23.52 24.45 27.14
CA VAL D 113 24.32 25.03 26.06
C VAL D 113 25.04 26.27 26.58
N PRO D 114 26.35 26.39 26.40
CA PRO D 114 27.06 27.56 26.93
C PRO D 114 26.61 28.85 26.25
N GLY D 115 26.66 29.93 27.02
CA GLY D 115 26.24 31.22 26.51
C GLY D 115 24.73 31.34 26.39
N THR D 116 24.30 32.41 25.74
CA THR D 116 22.89 32.70 25.52
C THR D 116 22.67 33.02 24.05
N CYS D 117 21.73 32.31 23.43
CA CYS D 117 21.41 32.49 22.02
C CYS D 117 19.90 32.57 21.85
N ASN D 118 19.44 33.53 21.06
CA ASN D 118 18.02 33.64 20.76
C ASN D 118 17.58 32.55 19.79
N LEU D 119 16.29 32.25 19.83
CA LEU D 119 15.69 31.27 18.92
C LEU D 119 14.40 31.84 18.34
N ILE D 120 13.92 31.18 17.30
CA ILE D 120 12.66 31.54 16.64
C ILE D 120 11.71 30.36 16.80
N ALA D 121 10.49 30.65 17.25
CA ALA D 121 9.50 29.60 17.46
C ALA D 121 9.15 28.95 16.12
N GLY D 122 9.02 27.61 16.15
CA GLY D 122 8.66 26.88 14.96
C GLY D 122 9.75 26.81 13.90
N ALA D 123 11.00 27.01 14.26
CA ALA D 123 12.11 27.03 13.32
C ALA D 123 12.90 25.73 13.40
N ARG D 124 13.88 25.61 12.51
CA ARG D 124 14.69 24.41 12.38
C ARG D 124 15.94 24.56 13.25
N TYR D 125 16.21 23.56 14.10
CA TYR D 125 17.37 23.62 14.96
C TYR D 125 17.91 22.22 15.24
N ILE D 126 19.23 22.12 15.34
CA ILE D 126 19.91 20.88 15.69
C ILE D 126 20.72 21.14 16.95
N VAL D 127 20.44 20.38 18.00
CA VAL D 127 21.20 20.45 19.24
C VAL D 127 22.20 19.31 19.28
N LYS D 128 23.45 19.62 19.60
CA LYS D 128 24.56 18.69 19.44
C LYS D 128 25.49 18.76 20.63
N VAL D 129 25.96 17.61 21.09
CA VAL D 129 26.93 17.51 22.19
C VAL D 129 28.10 16.65 21.73
N VAL D 130 29.30 17.04 22.15
CA VAL D 130 30.53 16.34 21.78
C VAL D 130 31.26 15.92 23.04
N THR D 131 31.86 14.73 23.00
CA THR D 131 32.58 14.19 24.14
C THR D 131 34.01 14.70 24.17
N ALA D 132 34.70 14.42 25.28
CA ALA D 132 36.11 14.75 25.39
C ALA D 132 36.94 13.96 24.37
N ARG D 133 36.56 12.72 24.10
CA ARG D 133 37.22 11.91 23.08
C ARG D 133 36.78 12.29 21.67
N GLY D 134 35.69 13.03 21.52
CA GLY D 134 35.23 13.47 20.22
C GLY D 134 33.93 12.85 19.74
N THR D 135 33.39 11.86 20.46
CA THR D 135 32.19 11.18 20.01
C THR D 135 31.03 12.16 19.90
N GLU D 136 30.23 11.98 18.85
CA GLU D 136 29.18 12.94 18.50
C GLU D 136 27.81 12.30 18.64
N ALA D 137 26.91 12.98 19.33
CA ALA D 137 25.51 12.58 19.45
C ALA D 137 24.67 13.84 19.47
N ALA D 138 23.49 13.78 18.84
CA ALA D 138 22.68 14.97 18.66
C ALA D 138 21.24 14.55 18.37
N ALA D 139 20.39 15.56 18.21
CA ALA D 139 18.98 15.38 17.84
C ALA D 139 18.43 16.76 17.50
N THR D 140 17.17 16.79 17.09
CA THR D 140 16.50 18.03 16.72
C THR D 140 15.22 18.20 17.52
N PHE D 141 14.74 19.44 17.55
CA PHE D 141 13.52 19.78 18.28
C PHE D 141 12.90 21.01 17.63
N ILE D 142 11.62 21.22 17.91
CA ILE D 142 10.88 22.38 17.44
C ILE D 142 10.90 23.43 18.55
N SER D 143 11.48 24.58 18.26
CA SER D 143 11.58 25.63 19.27
C SER D 143 10.17 26.16 19.59
N PRO D 144 9.82 26.23 20.88
CA PRO D 144 8.52 26.77 21.30
C PRO D 144 8.42 28.28 21.10
N GLU E 9 91.21 -7.37 10.53
CA GLU E 9 91.23 -7.24 9.07
C GLU E 9 89.84 -7.42 8.44
N PRO E 10 89.06 -8.43 8.84
CA PRO E 10 87.67 -8.50 8.38
C PRO E 10 86.82 -7.34 8.85
N ILE E 11 87.26 -6.60 9.88
CA ILE E 11 86.48 -5.48 10.39
C ILE E 11 86.31 -4.41 9.32
N VAL E 12 87.36 -4.15 8.54
CA VAL E 12 87.27 -3.16 7.47
C VAL E 12 86.24 -3.59 6.44
N ALA E 13 86.26 -4.87 6.07
CA ALA E 13 85.27 -5.37 5.11
C ALA E 13 83.86 -5.27 5.67
N ALA E 14 83.69 -5.55 6.97
CA ALA E 14 82.38 -5.41 7.59
C ALA E 14 81.90 -3.97 7.57
N VAL E 15 82.79 -3.02 7.84
CA VAL E 15 82.42 -1.61 7.80
C VAL E 15 82.02 -1.21 6.38
N LEU E 16 82.78 -1.67 5.38
CA LEU E 16 82.42 -1.38 3.99
C LEU E 16 81.06 -1.97 3.64
N LEU E 17 80.79 -3.19 4.11
CA LEU E 17 79.49 -3.81 3.86
C LEU E 17 78.37 -3.01 4.52
N ILE E 18 78.62 -2.49 5.73
CA ILE E 18 77.64 -1.65 6.39
C ILE E 18 77.37 -0.39 5.57
N VAL E 19 78.43 0.21 5.02
CA VAL E 19 78.26 1.40 4.19
C VAL E 19 77.43 1.07 2.95
N VAL E 20 77.73 -0.08 2.32
CA VAL E 20 76.97 -0.49 1.14
C VAL E 20 75.50 -0.69 1.49
N ALA E 21 75.22 -1.31 2.64
CA ALA E 21 73.85 -1.50 3.08
C ALA E 21 73.16 -0.16 3.32
N VAL E 22 73.87 0.80 3.91
CA VAL E 22 73.29 2.12 4.14
C VAL E 22 72.92 2.78 2.81
N ILE E 23 73.82 2.71 1.83
CA ILE E 23 73.53 3.31 0.53
C ILE E 23 72.34 2.64 -0.12
N GLY E 24 72.28 1.31 -0.05
CA GLY E 24 71.14 0.59 -0.61
C GLY E 24 69.84 0.97 0.08
N ALA E 25 69.86 1.12 1.40
CA ALA E 25 68.67 1.52 2.13
C ALA E 25 68.22 2.92 1.73
N VAL E 26 69.17 3.84 1.53
CA VAL E 26 68.82 5.18 1.08
C VAL E 26 68.16 5.14 -0.29
N LEU E 27 68.73 4.36 -1.21
CA LEU E 27 68.14 4.24 -2.54
C LEU E 27 66.73 3.67 -2.48
N VAL E 28 66.55 2.61 -1.67
CA VAL E 28 65.24 2.00 -1.52
C VAL E 28 64.25 3.00 -0.96
N TYR E 29 64.66 3.77 0.05
CA TYR E 29 63.77 4.77 0.62
C TYR E 29 63.38 5.83 -0.40
N LEU E 30 64.34 6.31 -1.19
CA LEU E 30 64.02 7.31 -2.20
C LEU E 30 63.00 6.79 -3.19
N TRP E 31 63.24 5.59 -3.73
CA TRP E 31 62.29 5.03 -4.68
C TRP E 31 60.94 4.79 -4.03
N PHE E 32 60.95 4.31 -2.77
CA PHE E 32 59.69 4.03 -2.09
C PHE E 32 58.88 5.30 -1.90
N SER E 33 59.52 6.39 -1.50
CA SER E 33 58.81 7.65 -1.33
C SER E 33 58.22 8.11 -2.66
N GLY E 34 59.02 8.10 -3.72
CA GLY E 34 58.51 8.52 -5.02
C GLY E 34 57.34 7.67 -5.48
N TYR E 35 57.48 6.35 -5.37
CA TYR E 35 56.46 5.44 -5.85
C TYR E 35 55.18 5.56 -5.03
N VAL E 36 55.28 5.61 -3.70
CA VAL E 36 54.08 5.71 -2.89
C VAL E 36 53.37 7.03 -3.17
N THR E 37 54.12 8.12 -3.30
CA THR E 37 53.50 9.42 -3.57
C THR E 37 52.74 9.37 -4.90
N ARG E 38 53.41 8.92 -5.96
CA ARG E 38 52.80 8.96 -7.29
C ARG E 38 51.62 8.00 -7.41
N ALA E 39 51.79 6.76 -6.95
CA ALA E 39 50.71 5.79 -7.03
C ALA E 39 49.53 6.20 -6.16
N THR E 40 49.82 6.73 -4.97
CA THR E 40 48.76 7.21 -4.09
C THR E 40 47.99 8.37 -4.72
N SER E 41 48.71 9.30 -5.36
CA SER E 41 48.03 10.41 -6.03
C SER E 41 47.18 9.90 -7.18
N GLN E 42 47.67 8.93 -7.95
CA GLN E 42 46.86 8.35 -9.03
C GLN E 42 45.59 7.72 -8.47
N ALA E 43 45.72 6.96 -7.39
CA ALA E 43 44.55 6.34 -6.78
C ALA E 43 43.55 7.38 -6.29
N GLU E 44 44.05 8.43 -5.63
CA GLU E 44 43.18 9.48 -5.11
C GLU E 44 42.46 10.20 -6.23
N GLN E 45 43.16 10.46 -7.34
CA GLN E 45 42.53 11.16 -8.45
C GLN E 45 41.52 10.29 -9.19
N LEU E 46 41.81 8.99 -9.32
CA LEU E 46 40.86 8.09 -9.99
C LEU E 46 39.68 7.76 -9.09
N SER E 47 39.81 7.95 -7.77
CA SER E 47 38.69 7.69 -6.87
C SER E 47 37.50 8.60 -7.13
N ALA E 48 37.71 9.70 -7.84
CA ALA E 48 36.64 10.66 -8.09
C ALA E 48 35.51 10.02 -8.88
N ALA E 49 34.29 10.50 -8.64
CA ALA E 49 33.09 9.97 -9.27
C ALA E 49 32.49 11.03 -10.18
N GLU E 50 31.79 10.56 -11.21
CA GLU E 50 31.25 11.42 -12.26
C GLU E 50 29.76 11.16 -12.42
N GLN E 51 29.00 12.22 -12.60
CA GLN E 51 27.54 12.16 -12.64
C GLN E 51 27.02 12.78 -13.93
N LEU E 52 26.04 12.12 -14.56
CA LEU E 52 25.26 12.70 -15.65
C LEU E 52 23.84 12.16 -15.63
N LYS E 53 22.94 12.92 -16.25
CA LYS E 53 21.60 12.46 -16.55
C LYS E 53 21.09 13.25 -17.75
N ILE E 54 20.15 12.65 -18.49
CA ILE E 54 19.57 13.27 -19.67
C ILE E 54 18.19 13.81 -19.31
N GLU E 55 17.95 15.09 -19.61
CA GLU E 55 16.69 15.73 -19.23
C GLU E 55 15.55 15.26 -20.11
N ALA E 56 15.68 15.45 -21.43
CA ALA E 56 14.63 15.09 -22.36
C ALA E 56 15.25 14.86 -23.73
N VAL E 57 14.48 14.21 -24.60
CA VAL E 57 14.92 13.90 -25.95
C VAL E 57 13.86 14.37 -26.93
N SER E 58 14.30 14.58 -28.18
CA SER E 58 13.42 15.01 -29.25
C SER E 58 13.85 14.35 -30.55
N LYS E 59 12.89 14.14 -31.45
CA LYS E 59 13.13 13.51 -32.73
C LYS E 59 12.79 14.49 -33.84
N THR E 60 13.70 14.64 -34.81
CA THR E 60 13.47 15.43 -36.01
C THR E 60 13.71 14.51 -37.21
N GLY E 61 12.63 14.04 -37.82
CA GLY E 61 12.74 13.07 -38.89
C GLY E 61 13.34 11.77 -38.42
N THR E 62 14.57 11.49 -38.84
CA THR E 62 15.29 10.29 -38.42
C THR E 62 16.48 10.61 -37.52
N THR E 63 16.55 11.84 -37.00
CA THR E 63 17.64 12.26 -36.13
C THR E 63 17.13 12.40 -34.71
N VAL E 64 17.87 11.85 -33.75
CA VAL E 64 17.51 11.88 -32.34
C VAL E 64 18.43 12.86 -31.64
N SER E 65 17.85 13.84 -30.96
CA SER E 65 18.59 14.86 -30.23
C SER E 65 18.34 14.68 -28.74
N VAL E 66 19.43 14.67 -27.97
CA VAL E 66 19.38 14.41 -26.53
C VAL E 66 20.06 15.56 -25.81
N ASN E 67 19.44 16.05 -24.75
CA ASN E 67 19.98 17.12 -23.91
C ASN E 67 20.58 16.50 -22.66
N VAL E 68 21.88 16.71 -22.46
CA VAL E 68 22.62 16.15 -21.33
C VAL E 68 23.04 17.27 -20.41
N ARG E 69 22.79 17.11 -19.11
CA ARG E 69 23.14 18.11 -18.11
C ARG E 69 24.24 17.58 -17.20
N ASN E 70 25.25 18.41 -16.97
CA ASN E 70 26.36 18.08 -16.07
C ASN E 70 25.95 18.49 -14.66
N VAL E 71 25.48 17.52 -13.86
CA VAL E 71 25.17 17.79 -12.46
C VAL E 71 26.39 17.66 -11.56
N GLY E 72 27.52 17.19 -12.10
CA GLY E 72 28.74 17.11 -11.34
C GLY E 72 29.48 18.44 -11.29
N GLU E 73 30.65 18.40 -10.66
CA GLU E 73 31.48 19.58 -10.50
C GLU E 73 32.69 19.58 -11.42
N VAL E 74 32.85 18.58 -12.27
CA VAL E 74 34.00 18.48 -13.16
C VAL E 74 33.53 18.56 -14.61
N PRO E 75 34.37 19.04 -15.54
CA PRO E 75 33.97 19.03 -16.95
C PRO E 75 33.81 17.61 -17.47
N VAL E 76 32.89 17.44 -18.41
CA VAL E 76 32.53 16.13 -18.95
C VAL E 76 32.64 16.18 -20.47
N LYS E 77 33.16 15.12 -21.05
CA LYS E 77 33.26 14.96 -22.50
C LYS E 77 32.40 13.79 -22.93
N ILE E 78 31.54 14.02 -23.93
CA ILE E 78 30.67 12.99 -24.46
C ILE E 78 31.27 12.44 -25.73
N ALA E 79 31.32 11.11 -25.85
CA ALA E 79 32.01 10.46 -26.95
C ALA E 79 31.12 9.63 -27.86
N SER E 80 30.05 9.04 -27.34
CA SER E 80 29.21 8.17 -28.17
C SER E 80 27.78 8.20 -27.68
N ALA E 81 26.86 7.82 -28.58
CA ALA E 81 25.45 7.69 -28.26
C ALA E 81 24.88 6.48 -29.00
N TYR E 82 23.96 5.77 -28.36
CA TYR E 82 23.38 4.56 -28.91
C TYR E 82 21.87 4.56 -28.74
N VAL E 83 21.22 3.68 -29.50
CA VAL E 83 19.79 3.37 -29.34
C VAL E 83 19.70 1.85 -29.28
N LEU E 84 19.54 1.31 -28.09
CA LEU E 84 19.57 -0.13 -27.88
C LEU E 84 18.18 -0.73 -27.99
N ASN E 85 18.12 -1.97 -28.49
CA ASN E 85 16.85 -2.66 -28.68
C ASN E 85 16.31 -3.14 -27.33
N ALA E 86 15.02 -3.43 -27.30
CA ALA E 86 14.35 -3.80 -26.06
C ALA E 86 14.80 -5.17 -25.58
N THR E 87 15.20 -5.23 -24.31
CA THR E 87 15.43 -6.48 -23.55
C THR E 87 16.52 -7.35 -24.14
N THR E 88 17.21 -6.91 -25.20
CA THR E 88 18.28 -7.68 -25.80
C THR E 88 19.62 -6.97 -25.82
N LEU E 89 19.66 -5.67 -25.49
CA LEU E 89 20.91 -4.91 -25.41
C LEU E 89 21.68 -4.96 -26.74
N THR E 90 20.95 -4.87 -27.85
CA THR E 90 21.55 -4.85 -29.17
C THR E 90 21.31 -3.50 -29.82
N MET E 91 22.38 -2.88 -30.31
CA MET E 91 22.31 -1.55 -30.89
C MET E 91 21.68 -1.59 -32.28
N ILE E 92 20.88 -0.58 -32.58
CA ILE E 92 20.36 -0.37 -33.92
C ILE E 92 21.17 0.67 -34.68
N CYS E 93 21.48 1.80 -34.04
CA CYS E 93 22.33 2.82 -34.63
C CYS E 93 23.18 3.42 -33.52
N GLY E 94 24.35 3.90 -33.91
CA GLY E 94 25.26 4.52 -32.96
C GLY E 94 26.70 4.36 -33.39
N GLY E 95 27.58 5.00 -32.63
CA GLY E 95 28.99 4.93 -32.92
C GLY E 95 29.71 6.13 -32.32
N SER E 96 30.95 6.29 -32.74
CA SER E 96 31.75 7.42 -32.29
C SER E 96 31.17 8.73 -32.82
N LEU E 97 31.12 9.74 -31.97
CA LEU E 97 30.79 11.08 -32.44
C LEU E 97 31.94 11.64 -33.28
N THR E 98 31.60 12.54 -34.21
CA THR E 98 32.61 13.11 -35.08
C THR E 98 33.67 13.86 -34.28
N SER E 99 33.24 14.64 -33.28
CA SER E 99 34.14 15.35 -32.40
C SER E 99 33.56 15.25 -30.99
N PRO E 100 34.37 14.92 -29.99
CA PRO E 100 33.86 14.86 -28.62
C PRO E 100 33.32 16.22 -28.19
N GLN E 101 32.22 16.19 -27.43
CA GLN E 101 31.53 17.38 -26.99
C GLN E 101 31.77 17.58 -25.50
N GLN E 102 32.17 18.79 -25.11
CA GLN E 102 32.47 19.11 -23.72
C GLN E 102 31.28 19.78 -23.07
N ILE E 103 30.90 19.31 -21.89
CA ILE E 103 29.77 19.84 -21.14
C ILE E 103 30.30 20.40 -19.83
N ASP E 104 30.15 21.71 -19.64
CA ASP E 104 30.62 22.37 -18.43
C ASP E 104 29.68 22.06 -17.26
N PRO E 105 30.20 22.06 -16.03
CA PRO E 105 29.33 21.85 -14.86
C PRO E 105 28.26 22.93 -14.78
N GLY E 106 27.06 22.50 -14.40
CA GLY E 106 25.95 23.43 -14.28
C GLY E 106 25.35 23.91 -15.58
N THR E 107 25.76 23.33 -16.71
CA THR E 107 25.28 23.72 -18.02
C THR E 107 24.57 22.55 -18.69
N ILE E 108 24.14 22.76 -19.92
CA ILE E 108 23.46 21.75 -20.71
C ILE E 108 23.99 21.79 -22.13
N GLN E 109 23.93 20.65 -22.82
CA GLN E 109 24.35 20.55 -24.21
C GLN E 109 23.44 19.57 -24.93
N THR E 110 23.42 19.69 -26.25
CA THR E 110 22.61 18.83 -27.11
C THR E 110 23.51 17.86 -27.85
N ILE E 111 23.16 16.59 -27.82
CA ILE E 111 23.92 15.52 -28.47
C ILE E 111 23.01 14.82 -29.48
N ASN E 112 23.51 14.66 -30.69
CA ASN E 112 22.79 13.97 -31.75
C ASN E 112 23.39 12.58 -31.95
N VAL E 113 22.53 11.58 -32.09
CA VAL E 113 23.00 10.21 -32.30
C VAL E 113 23.76 10.15 -33.63
N PRO E 114 24.96 9.59 -33.67
CA PRO E 114 25.70 9.51 -34.93
C PRO E 114 24.98 8.64 -35.95
N GLY E 115 25.13 9.00 -37.22
CA GLY E 115 24.49 8.27 -38.28
C GLY E 115 23.00 8.53 -38.35
N THR E 116 22.33 7.73 -39.17
CA THR E 116 20.89 7.82 -39.38
C THR E 116 20.27 6.44 -39.23
N CYS E 117 19.25 6.34 -38.37
CA CYS E 117 18.56 5.08 -38.12
C CYS E 117 17.07 5.32 -38.12
N ASN E 118 16.33 4.46 -38.84
CA ASN E 118 14.88 4.52 -38.82
C ASN E 118 14.33 3.95 -37.51
N LEU E 119 13.14 4.39 -37.15
CA LEU E 119 12.46 3.92 -35.95
C LEU E 119 11.02 3.59 -36.30
N ILE E 120 10.35 2.89 -35.39
CA ILE E 120 8.95 2.50 -35.54
C ILE E 120 8.15 3.23 -34.48
N ALA E 121 7.08 3.89 -34.90
CA ALA E 121 6.25 4.65 -33.97
C ALA E 121 5.60 3.74 -32.94
N GLY E 122 5.54 4.20 -31.70
CA GLY E 122 4.94 3.44 -30.63
C GLY E 122 5.77 2.29 -30.11
N ALA E 123 7.04 2.22 -30.48
CA ALA E 123 7.93 1.13 -30.08
C ALA E 123 8.83 1.57 -28.94
N ARG E 124 9.56 0.61 -28.39
CA ARG E 124 10.50 0.87 -27.30
C ARG E 124 11.89 1.17 -27.85
N TYR E 125 12.47 2.26 -27.36
CA TYR E 125 13.86 2.60 -27.65
C TYR E 125 14.49 3.26 -26.44
N ILE E 126 15.73 2.88 -26.14
CA ILE E 126 16.51 3.44 -25.06
C ILE E 126 17.72 4.15 -25.66
N VAL E 127 17.87 5.42 -25.34
CA VAL E 127 19.01 6.21 -25.82
C VAL E 127 20.05 6.26 -24.71
N LYS E 128 21.31 6.01 -25.08
CA LYS E 128 22.39 5.83 -24.12
C LYS E 128 23.59 6.65 -24.55
N VAL E 129 24.20 7.36 -23.61
CA VAL E 129 25.38 8.18 -23.86
C VAL E 129 26.46 7.80 -22.84
N VAL E 130 27.70 7.76 -23.30
CA VAL E 130 28.84 7.38 -22.47
C VAL E 130 29.86 8.51 -22.49
N THR E 131 30.51 8.73 -21.34
CA THR E 131 31.50 9.78 -21.21
C THR E 131 32.87 9.30 -21.69
N ALA E 132 33.80 10.24 -21.77
CA ALA E 132 35.18 9.88 -22.06
C ALA E 132 35.76 8.99 -20.97
N ARG E 133 35.46 9.29 -19.71
CA ARG E 133 35.92 8.47 -18.59
C ARG E 133 35.11 7.19 -18.44
N GLY E 134 33.91 7.12 -19.03
CA GLY E 134 33.12 5.90 -19.02
C GLY E 134 31.81 5.97 -18.29
N THR E 135 31.45 7.11 -17.68
CA THR E 135 30.20 7.20 -16.95
C THR E 135 29.02 7.00 -17.91
N GLU E 136 28.00 6.28 -17.43
CA GLU E 136 26.87 5.87 -18.25
C GLU E 136 25.59 6.53 -17.74
N ALA E 137 24.82 7.11 -18.67
CA ALA E 137 23.51 7.66 -18.37
C ALA E 137 22.60 7.44 -19.57
N ALA E 138 21.33 7.14 -19.31
CA ALA E 138 20.40 6.79 -20.39
C ALA E 138 18.96 6.99 -19.91
N ALA E 139 18.03 6.74 -20.81
CA ALA E 139 16.59 6.73 -20.53
C ALA E 139 15.88 6.25 -21.79
N THR E 140 14.57 6.07 -21.68
CA THR E 140 13.73 5.63 -22.80
C THR E 140 12.73 6.70 -23.17
N PHE E 141 12.21 6.57 -24.40
CA PHE E 141 11.20 7.47 -24.93
C PHE E 141 10.33 6.70 -25.90
N ILE E 142 9.14 7.21 -26.14
CA ILE E 142 8.19 6.60 -27.07
C ILE E 142 8.37 7.24 -28.43
N SER E 143 8.73 6.43 -29.42
CA SER E 143 8.97 6.95 -30.76
C SER E 143 7.67 7.47 -31.36
N PRO E 144 7.68 8.71 -31.89
CA PRO E 144 6.49 9.30 -32.52
C PRO E 144 6.20 8.67 -33.88
N GLU F 9 86.31 -11.87 3.49
CA GLU F 9 85.86 -13.17 3.97
C GLU F 9 84.35 -13.20 4.29
N PRO F 10 83.83 -12.18 4.99
CA PRO F 10 82.37 -12.09 5.13
C PRO F 10 81.66 -11.87 3.81
N ILE F 11 82.37 -11.40 2.77
CA ILE F 11 81.72 -11.14 1.48
C ILE F 11 81.18 -12.43 0.88
N VAL F 12 81.96 -13.51 0.94
CA VAL F 12 81.51 -14.79 0.38
C VAL F 12 80.27 -15.28 1.11
N ALA F 13 80.28 -15.19 2.44
CA ALA F 13 79.11 -15.61 3.21
C ALA F 13 77.90 -14.75 2.89
N ALA F 14 78.11 -13.45 2.70
CA ALA F 14 77.01 -12.55 2.33
C ALA F 14 76.42 -12.93 0.97
N VAL F 15 77.28 -13.25 0.01
CA VAL F 15 76.80 -13.64 -1.31
C VAL F 15 76.01 -14.95 -1.22
N LEU F 16 76.52 -15.90 -0.43
CA LEU F 16 75.79 -17.15 -0.25
C LEU F 16 74.43 -16.92 0.42
N LEU F 17 74.40 -16.02 1.40
CA LEU F 17 73.13 -15.69 2.06
C LEU F 17 72.16 -15.05 1.08
N ILE F 18 72.65 -14.19 0.20
CA ILE F 18 71.80 -13.59 -0.83
C ILE F 18 71.23 -14.68 -1.74
N VAL F 19 72.08 -15.63 -2.14
CA VAL F 19 71.61 -16.73 -2.99
C VAL F 19 70.52 -17.53 -2.29
N VAL F 20 70.73 -17.82 -1.00
CA VAL F 20 69.75 -18.58 -0.23
C VAL F 20 68.43 -17.82 -0.16
N ALA F 21 68.51 -16.51 0.10
CA ALA F 21 67.30 -15.69 0.15
C ALA F 21 66.58 -15.68 -1.18
N VAL F 22 67.33 -15.61 -2.29
CA VAL F 22 66.72 -15.63 -3.61
C VAL F 22 65.97 -16.95 -3.83
N ILE F 23 66.61 -18.07 -3.46
CA ILE F 23 65.97 -19.37 -3.65
C ILE F 23 64.71 -19.48 -2.81
N GLY F 24 64.78 -19.00 -1.55
CA GLY F 24 63.60 -19.00 -0.71
C GLY F 24 62.48 -18.16 -1.27
N ALA F 25 62.82 -16.99 -1.83
CA ALA F 25 61.80 -16.13 -2.45
C ALA F 25 61.17 -16.82 -3.64
N VAL F 26 61.96 -17.54 -4.44
CA VAL F 26 61.41 -18.27 -5.57
C VAL F 26 60.44 -19.35 -5.09
N LEU F 27 60.82 -20.08 -4.04
CA LEU F 27 59.93 -21.11 -3.50
C LEU F 27 58.62 -20.48 -3.01
N VAL F 28 58.72 -19.35 -2.30
CA VAL F 28 57.53 -18.67 -1.81
C VAL F 28 56.65 -18.23 -2.98
N TYR F 29 57.27 -17.72 -4.05
CA TYR F 29 56.51 -17.31 -5.23
C TYR F 29 55.76 -18.48 -5.87
N LEU F 30 56.43 -19.60 -6.06
CA LEU F 30 55.76 -20.76 -6.65
C LEU F 30 54.58 -21.20 -5.78
N TRP F 31 54.80 -21.36 -4.48
CA TRP F 31 53.70 -21.78 -3.63
C TRP F 31 52.58 -20.75 -3.62
N PHE F 32 52.92 -19.47 -3.60
CA PHE F 32 51.91 -18.42 -3.55
C PHE F 32 51.06 -18.44 -4.80
N SER F 33 51.68 -18.60 -5.97
CA SER F 33 50.91 -18.67 -7.21
C SER F 33 49.99 -19.88 -7.19
N GLY F 34 50.52 -21.05 -6.81
CA GLY F 34 49.68 -22.24 -6.77
C GLY F 34 48.50 -22.08 -5.82
N TYR F 35 48.76 -21.56 -4.61
CA TYR F 35 47.71 -21.41 -3.63
C TYR F 35 46.67 -20.38 -4.06
N VAL F 36 47.12 -19.23 -4.57
CA VAL F 36 46.16 -18.21 -4.97
C VAL F 36 45.28 -18.74 -6.09
N THR F 37 45.87 -19.43 -7.06
CA THR F 37 45.08 -20.02 -8.13
C THR F 37 44.04 -20.99 -7.57
N ARG F 38 44.49 -21.94 -6.74
CA ARG F 38 43.58 -22.97 -6.25
C ARG F 38 42.45 -22.39 -5.41
N ALA F 39 42.80 -21.59 -4.39
CA ALA F 39 41.80 -21.04 -3.49
C ALA F 39 40.87 -20.09 -4.22
N THR F 40 41.42 -19.25 -5.09
CA THR F 40 40.61 -18.31 -5.85
C THR F 40 39.60 -19.04 -6.74
N SER F 41 40.05 -20.07 -7.46
CA SER F 41 39.13 -20.82 -8.30
C SER F 41 38.07 -21.55 -7.48
N GLN F 42 38.47 -22.10 -6.33
CA GLN F 42 37.51 -22.81 -5.49
C GLN F 42 36.43 -21.85 -4.97
N ALA F 43 36.85 -20.67 -4.52
CA ALA F 43 35.89 -19.66 -4.07
C ALA F 43 34.98 -19.21 -5.22
N GLU F 44 35.56 -18.99 -6.41
CA GLU F 44 34.78 -18.56 -7.55
C GLU F 44 33.73 -19.60 -7.91
N GLN F 45 34.09 -20.89 -7.81
CA GLN F 45 33.12 -21.95 -8.07
C GLN F 45 32.05 -22.02 -6.98
N LEU F 46 32.43 -21.76 -5.72
CA LEU F 46 31.44 -21.71 -4.66
C LEU F 46 30.50 -20.52 -4.78
N SER F 47 30.91 -19.48 -5.49
CA SER F 47 30.11 -18.26 -5.58
C SER F 47 28.75 -18.51 -6.21
N ALA F 48 28.64 -19.49 -7.10
CA ALA F 48 27.40 -19.72 -7.82
C ALA F 48 26.29 -20.16 -6.88
N ALA F 49 25.07 -19.74 -7.20
CA ALA F 49 23.88 -20.13 -6.44
C ALA F 49 22.91 -20.83 -7.37
N GLU F 50 22.06 -21.68 -6.79
CA GLU F 50 21.18 -22.54 -7.55
C GLU F 50 19.72 -22.22 -7.23
N GLN F 51 18.85 -22.44 -8.22
CA GLN F 51 17.44 -22.08 -8.13
C GLN F 51 16.60 -23.34 -8.26
N LEU F 52 15.63 -23.50 -7.36
CA LEU F 52 14.62 -24.53 -7.47
C LEU F 52 13.24 -23.97 -7.19
N LYS F 53 12.24 -24.63 -7.76
CA LYS F 53 10.84 -24.29 -7.54
C LYS F 53 10.00 -25.53 -7.81
N ILE F 54 8.95 -25.70 -7.00
CA ILE F 54 8.04 -26.82 -7.14
C ILE F 54 6.73 -26.32 -7.74
N GLU F 55 6.29 -26.97 -8.82
CA GLU F 55 5.12 -26.51 -9.54
C GLU F 55 3.83 -26.85 -8.79
N ALA F 56 3.65 -28.13 -8.49
CA ALA F 56 2.45 -28.58 -7.80
C ALA F 56 2.75 -29.89 -7.10
N VAL F 57 1.87 -30.27 -6.18
CA VAL F 57 2.01 -31.50 -5.42
C VAL F 57 0.73 -32.31 -5.56
N SER F 58 0.86 -33.62 -5.35
CA SER F 58 -0.27 -34.52 -5.43
C SER F 58 -0.11 -35.61 -4.37
N LYS F 59 -1.25 -36.05 -3.83
CA LYS F 59 -1.29 -37.07 -2.79
C LYS F 59 -2.10 -38.25 -3.28
N THR F 60 -1.53 -39.44 -3.19
CA THR F 60 -2.19 -40.69 -3.57
C THR F 60 -2.14 -41.63 -2.38
N GLY F 61 -3.27 -41.82 -1.71
CA GLY F 61 -3.32 -42.64 -0.52
C GLY F 61 -2.51 -42.05 0.62
N THR F 62 -1.38 -42.69 0.94
CA THR F 62 -0.47 -42.19 1.96
C THR F 62 0.88 -41.80 1.38
N THR F 63 0.98 -41.69 0.06
CA THR F 63 2.22 -41.31 -0.62
C THR F 63 2.09 -39.89 -1.16
N VAL F 64 3.12 -39.08 -0.93
CA VAL F 64 3.15 -37.69 -1.39
C VAL F 64 4.10 -37.63 -2.58
N SER F 65 3.59 -37.13 -3.70
CA SER F 65 4.38 -36.98 -4.92
C SER F 65 4.51 -35.49 -5.24
N VAL F 66 5.72 -35.03 -5.48
CA VAL F 66 6.03 -33.64 -5.74
C VAL F 66 6.76 -33.53 -7.05
N ASN F 67 6.34 -32.60 -7.90
CA ASN F 67 7.02 -32.30 -9.16
C ASN F 67 7.92 -31.09 -8.95
N VAL F 68 9.21 -31.28 -9.19
CA VAL F 68 10.22 -30.25 -8.95
C VAL F 68 10.78 -29.81 -10.30
N ARG F 69 10.79 -28.50 -10.55
CA ARG F 69 11.33 -27.94 -11.77
C ARG F 69 12.63 -27.21 -11.45
N ASN F 70 13.68 -27.53 -12.19
CA ASN F 70 14.96 -26.84 -12.05
C ASN F 70 14.95 -25.66 -13.01
N VAL F 71 14.62 -24.47 -12.50
CA VAL F 71 14.70 -23.26 -13.31
C VAL F 71 16.12 -22.77 -13.44
N GLY F 72 17.09 -23.47 -12.85
CA GLY F 72 18.48 -23.12 -12.99
C GLY F 72 19.04 -23.55 -14.33
N GLU F 73 20.34 -23.34 -14.48
CA GLU F 73 21.04 -23.54 -15.73
C GLU F 73 21.99 -24.74 -15.72
N VAL F 74 22.28 -25.32 -14.55
CA VAL F 74 23.11 -26.51 -14.46
C VAL F 74 22.33 -27.58 -13.72
N PRO F 75 22.60 -28.87 -13.96
CA PRO F 75 21.83 -29.92 -13.29
C PRO F 75 22.03 -29.89 -11.78
N VAL F 76 20.97 -30.21 -11.06
CA VAL F 76 20.96 -30.26 -9.61
C VAL F 76 20.35 -31.58 -9.17
N LYS F 77 20.80 -32.10 -8.04
CA LYS F 77 20.39 -33.40 -7.53
C LYS F 77 19.50 -33.23 -6.30
N ILE F 78 18.39 -33.96 -6.25
CA ILE F 78 17.49 -33.97 -5.11
C ILE F 78 17.93 -35.06 -4.16
N ALA F 79 18.12 -34.72 -2.89
CA ALA F 79 18.68 -35.64 -1.91
C ALA F 79 17.70 -36.06 -0.81
N SER F 80 16.73 -35.23 -0.46
CA SER F 80 15.79 -35.59 0.60
C SER F 80 14.51 -34.81 0.44
N ALA F 81 13.44 -35.34 1.05
CA ALA F 81 12.14 -34.68 1.07
C ALA F 81 11.53 -34.85 2.46
N TYR F 82 10.88 -33.79 2.94
CA TYR F 82 10.28 -33.78 4.26
C TYR F 82 8.87 -33.20 4.21
N VAL F 83 8.11 -33.48 5.25
CA VAL F 83 6.79 -32.90 5.46
C VAL F 83 6.79 -32.34 6.88
N LEU F 84 7.12 -31.06 7.02
CA LEU F 84 7.26 -30.44 8.33
C LEU F 84 5.92 -29.88 8.80
N ASN F 85 5.72 -29.92 10.12
CA ASN F 85 4.56 -29.29 10.71
C ASN F 85 4.80 -27.80 10.88
N ALA F 86 3.75 -27.02 10.62
CA ALA F 86 3.90 -25.56 10.58
C ALA F 86 4.09 -24.99 11.97
N THR F 87 4.93 -23.96 12.06
CA THR F 87 5.20 -23.16 13.26
C THR F 87 5.88 -23.96 14.37
N THR F 88 6.18 -25.24 14.15
CA THR F 88 7.00 -26.00 15.08
C THR F 88 8.24 -26.60 14.43
N LEU F 89 8.33 -26.62 13.10
CA LEU F 89 9.50 -27.13 12.38
C LEU F 89 9.86 -28.54 12.83
N THR F 90 8.86 -29.38 13.03
CA THR F 90 9.05 -30.76 13.44
C THR F 90 8.61 -31.68 12.31
N MET F 91 9.48 -32.63 11.95
CA MET F 91 9.19 -33.52 10.84
C MET F 91 8.23 -34.62 11.25
N ILE F 92 7.34 -34.97 10.33
CA ILE F 92 6.44 -36.11 10.49
C ILE F 92 6.94 -37.32 9.72
N CYS F 93 7.30 -37.13 8.45
CA CYS F 93 7.88 -38.19 7.65
C CYS F 93 8.93 -37.60 6.72
N GLY F 94 9.93 -38.39 6.40
CA GLY F 94 10.99 -37.96 5.51
C GLY F 94 12.30 -38.63 5.87
N GLY F 95 13.29 -38.40 5.03
CA GLY F 95 14.61 -38.97 5.23
C GLY F 95 15.37 -39.03 3.93
N SER F 96 16.44 -39.81 3.96
CA SER F 96 17.27 -40.00 2.78
C SER F 96 16.47 -40.70 1.68
N LEU F 97 16.61 -40.19 0.45
CA LEU F 97 16.05 -40.89 -0.69
C LEU F 97 16.89 -42.14 -0.99
N THR F 98 16.23 -43.14 -1.59
CA THR F 98 16.93 -44.38 -1.91
C THR F 98 18.08 -44.14 -2.89
N SER F 99 17.84 -43.31 -3.90
CA SER F 99 18.88 -42.93 -4.85
C SER F 99 18.64 -41.47 -5.20
N PRO F 100 19.65 -40.61 -5.12
CA PRO F 100 19.47 -39.21 -5.48
C PRO F 100 19.02 -39.07 -6.92
N GLN F 101 18.12 -38.11 -7.16
CA GLN F 101 17.52 -37.89 -8.46
C GLN F 101 18.08 -36.61 -9.07
N GLN F 102 18.54 -36.70 -10.32
CA GLN F 102 19.11 -35.57 -11.02
C GLN F 102 18.04 -34.92 -11.91
N ILE F 103 17.96 -33.60 -11.85
CA ILE F 103 16.98 -32.83 -12.61
C ILE F 103 17.75 -31.94 -13.58
N ASP F 104 17.54 -32.15 -14.88
CA ASP F 104 18.22 -31.38 -15.90
C ASP F 104 17.66 -29.97 -15.96
N PRO F 105 18.49 -29.00 -16.38
CA PRO F 105 17.99 -27.62 -16.51
C PRO F 105 16.85 -27.53 -17.51
N GLY F 106 15.86 -26.72 -17.17
CA GLY F 106 14.72 -26.51 -18.05
C GLY F 106 13.75 -27.67 -18.12
N THR F 107 13.90 -28.67 -17.27
CA THR F 107 13.04 -29.84 -17.27
C THR F 107 12.32 -29.96 -15.93
N ILE F 108 11.55 -31.04 -15.78
CA ILE F 108 10.81 -31.32 -14.57
C ILE F 108 11.02 -32.78 -14.20
N GLN F 109 10.89 -33.07 -12.90
CA GLN F 109 11.02 -34.43 -12.40
C GLN F 109 10.07 -34.60 -11.22
N THR F 110 9.67 -35.83 -10.97
CA THR F 110 8.76 -36.16 -9.89
C THR F 110 9.53 -36.80 -8.74
N ILE F 111 9.29 -36.30 -7.53
CA ILE F 111 9.97 -36.77 -6.33
C ILE F 111 8.92 -37.26 -5.35
N ASN F 112 9.14 -38.45 -4.79
CA ASN F 112 8.23 -39.05 -3.81
C ASN F 112 8.88 -38.96 -2.44
N VAL F 113 8.11 -38.53 -1.45
CA VAL F 113 8.63 -38.43 -0.08
C VAL F 113 8.97 -39.84 0.42
N PRO F 114 10.17 -40.06 0.95
CA PRO F 114 10.53 -41.40 1.42
C PRO F 114 9.65 -41.86 2.58
N GLY F 115 9.42 -43.16 2.66
CA GLY F 115 8.60 -43.73 3.70
C GLY F 115 7.11 -43.48 3.49
N THR F 116 6.35 -43.81 4.52
CA THR F 116 4.90 -43.67 4.51
C THR F 116 4.47 -42.93 5.77
N CYS F 117 3.71 -41.86 5.59
CA CYS F 117 3.22 -41.05 6.71
C CYS F 117 1.74 -40.77 6.51
N ASN F 118 0.96 -40.94 7.58
CA ASN F 118 -0.45 -40.59 7.53
C ASN F 118 -0.62 -39.07 7.58
N LEU F 119 -1.75 -38.61 7.04
CA LEU F 119 -2.10 -37.20 7.04
C LEU F 119 -3.54 -37.04 7.51
N ILE F 120 -3.86 -35.80 7.89
CA ILE F 120 -5.21 -35.44 8.33
C ILE F 120 -5.79 -34.47 7.31
N ALA F 121 -7.00 -34.76 6.84
CA ALA F 121 -7.65 -33.89 5.87
C ALA F 121 -7.91 -32.52 6.47
N GLY F 122 -7.68 -31.47 5.67
CA GLY F 122 -7.88 -30.12 6.14
C GLY F 122 -6.83 -29.62 7.10
N ALA F 123 -5.71 -30.32 7.25
CA ALA F 123 -4.65 -29.92 8.15
C ALA F 123 -3.55 -29.20 7.39
N ARG F 124 -2.63 -28.61 8.15
CA ARG F 124 -1.58 -27.79 7.58
C ARG F 124 -0.33 -28.65 7.35
N TYR F 125 0.24 -28.55 6.15
CA TYR F 125 1.46 -29.29 5.85
C TYR F 125 2.33 -28.49 4.88
N ILE F 126 3.63 -28.50 5.15
CA ILE F 126 4.65 -27.95 4.25
C ILE F 126 5.50 -29.12 3.75
N VAL F 127 5.66 -29.20 2.44
CA VAL F 127 6.52 -30.21 1.83
C VAL F 127 7.82 -29.53 1.42
N LYS F 128 8.95 -30.16 1.78
CA LYS F 128 10.26 -29.52 1.64
C LYS F 128 11.24 -30.48 0.99
N VAL F 129 11.97 -30.00 0.00
CA VAL F 129 12.98 -30.78 -0.71
C VAL F 129 14.29 -30.01 -0.68
N VAL F 130 15.38 -30.73 -0.45
CA VAL F 130 16.71 -30.14 -0.31
C VAL F 130 17.65 -30.75 -1.34
N THR F 131 18.54 -29.93 -1.88
CA THR F 131 19.49 -30.38 -2.87
C THR F 131 20.70 -31.02 -2.21
N ALA F 132 21.54 -31.65 -3.04
CA ALA F 132 22.81 -32.16 -2.54
C ALA F 132 23.72 -31.03 -2.08
N ARG F 133 23.66 -29.87 -2.75
CA ARG F 133 24.45 -28.71 -2.35
C ARG F 133 23.78 -27.89 -1.26
N GLY F 134 22.54 -28.21 -0.89
CA GLY F 134 21.89 -27.58 0.24
C GLY F 134 20.76 -26.63 -0.10
N THR F 135 20.50 -26.35 -1.37
CA THR F 135 19.46 -25.41 -1.73
C THR F 135 18.10 -25.91 -1.26
N GLU F 136 17.26 -25.00 -0.77
CA GLU F 136 15.99 -25.33 -0.15
C GLU F 136 14.84 -24.77 -0.96
N ALA F 137 13.82 -25.61 -1.20
CA ALA F 137 12.60 -25.20 -1.86
C ALA F 137 11.43 -25.94 -1.23
N ALA F 138 10.29 -25.27 -1.08
CA ALA F 138 9.15 -25.85 -0.38
C ALA F 138 7.89 -25.10 -0.77
N ALA F 139 6.76 -25.56 -0.22
CA ALA F 139 5.45 -24.93 -0.36
C ALA F 139 4.49 -25.70 0.54
N THR F 140 3.25 -25.21 0.61
CA THR F 140 2.21 -25.82 1.43
C THR F 140 1.05 -26.25 0.54
N PHE F 141 0.24 -27.16 1.09
CA PHE F 141 -0.95 -27.65 0.40
C PHE F 141 -1.94 -28.16 1.44
N ILE F 142 -3.19 -28.28 1.03
CA ILE F 142 -4.25 -28.81 1.88
C ILE F 142 -4.39 -30.29 1.60
N SER F 143 -4.20 -31.11 2.63
CA SER F 143 -4.32 -32.55 2.47
C SER F 143 -5.78 -32.91 2.21
N PRO F 144 -6.06 -33.73 1.18
CA PRO F 144 -7.43 -34.16 0.87
C PRO F 144 -8.00 -35.10 1.93
N GLU G 9 80.26 -15.35 9.62
CA GLU G 9 80.04 -14.44 10.75
C GLU G 9 78.66 -13.77 10.72
N PRO G 10 78.21 -13.26 9.56
CA PRO G 10 76.82 -12.78 9.49
C PRO G 10 75.79 -13.88 9.69
N ILE G 11 76.17 -15.15 9.55
CA ILE G 11 75.22 -16.24 9.69
C ILE G 11 74.66 -16.28 11.11
N VAL G 12 75.53 -16.11 12.11
CA VAL G 12 75.09 -16.16 13.50
C VAL G 12 74.09 -15.03 13.78
N ALA G 13 74.43 -13.83 13.34
CA ALA G 13 73.54 -12.69 13.55
C ALA G 13 72.21 -12.90 12.82
N ALA G 14 72.25 -13.48 11.62
CA ALA G 14 71.02 -13.79 10.90
C ALA G 14 70.17 -14.78 11.66
N VAL G 15 70.79 -15.80 12.25
CA VAL G 15 70.03 -16.80 13.00
C VAL G 15 69.38 -16.17 14.23
N LEU G 16 70.13 -15.33 14.95
CA LEU G 16 69.53 -14.65 16.10
C LEU G 16 68.41 -13.71 15.67
N LEU G 17 68.57 -13.04 14.53
CA LEU G 17 67.52 -12.18 14.03
C LEU G 17 66.27 -12.98 13.69
N ILE G 18 66.44 -14.16 13.11
CA ILE G 18 65.31 -15.04 12.82
C ILE G 18 64.61 -15.46 14.11
N VAL G 19 65.40 -15.80 15.13
CA VAL G 19 64.82 -16.18 16.43
C VAL G 19 64.02 -15.03 17.01
N VAL G 20 64.58 -13.81 16.95
CA VAL G 20 63.88 -12.64 17.46
C VAL G 20 62.58 -12.42 16.70
N ALA G 21 62.61 -12.56 15.38
CA ALA G 21 61.41 -12.39 14.58
C ALA G 21 60.35 -13.43 14.95
N VAL G 22 60.78 -14.68 15.18
CA VAL G 22 59.83 -15.73 15.57
C VAL G 22 59.18 -15.39 16.91
N ILE G 23 59.99 -14.94 17.88
CA ILE G 23 59.44 -14.58 19.19
C ILE G 23 58.46 -13.42 19.06
N GLY G 24 58.81 -12.42 18.25
CA GLY G 24 57.89 -11.31 18.03
C GLY G 24 56.60 -11.75 17.38
N ALA G 25 56.69 -12.66 16.41
CA ALA G 25 55.49 -13.18 15.77
C ALA G 25 54.62 -13.94 16.77
N VAL G 26 55.24 -14.70 17.67
CA VAL G 26 54.48 -15.41 18.69
C VAL G 26 53.74 -14.42 19.60
N LEU G 27 54.44 -13.36 20.02
CA LEU G 27 53.79 -12.36 20.86
C LEU G 27 52.63 -11.69 20.14
N VAL G 28 52.84 -11.33 18.86
CA VAL G 28 51.78 -10.71 18.08
C VAL G 28 50.59 -11.66 17.95
N TYR G 29 50.86 -12.95 17.73
CA TYR G 29 49.76 -13.92 17.63
C TYR G 29 48.99 -14.01 18.93
N LEU G 30 49.68 -14.05 20.07
CA LEU G 30 49.00 -14.12 21.36
C LEU G 30 48.09 -12.91 21.55
N TRP G 31 48.64 -11.71 21.34
CA TRP G 31 47.82 -10.51 21.51
C TRP G 31 46.65 -10.50 20.54
N PHE G 32 46.89 -10.90 19.28
CA PHE G 32 45.85 -10.84 18.28
C PHE G 32 44.72 -11.78 18.62
N SER G 33 45.04 -13.00 19.08
CA SER G 33 44.01 -13.94 19.49
C SER G 33 43.20 -13.37 20.66
N GLY G 34 43.88 -12.86 21.68
CA GLY G 34 43.16 -12.31 22.82
C GLY G 34 42.25 -11.16 22.42
N TYR G 35 42.78 -10.22 21.64
CA TYR G 35 42.00 -9.06 21.23
C TYR G 35 40.82 -9.44 20.35
N VAL G 36 41.03 -10.33 19.37
CA VAL G 36 39.93 -10.69 18.49
C VAL G 36 38.84 -11.39 19.29
N THR G 37 39.23 -12.26 20.23
CA THR G 37 38.24 -12.92 21.06
C THR G 37 37.42 -11.89 21.85
N ARG G 38 38.12 -10.96 22.53
CA ARG G 38 37.41 -10.02 23.40
C ARG G 38 36.50 -9.10 22.58
N ALA G 39 37.04 -8.47 21.53
CA ALA G 39 36.25 -7.53 20.75
C ALA G 39 35.10 -8.23 20.04
N THR G 40 35.35 -9.44 19.52
CA THR G 40 34.30 -10.20 18.86
C THR G 40 33.18 -10.53 19.84
N SER G 41 33.52 -10.99 21.04
CA SER G 41 32.49 -11.28 22.03
C SER G 41 31.73 -10.02 22.44
N GLN G 42 32.43 -8.91 22.58
CA GLN G 42 31.78 -7.66 22.98
C GLN G 42 30.77 -7.22 21.92
N ALA G 43 31.18 -7.27 20.64
CA ALA G 43 30.27 -6.92 19.56
C ALA G 43 29.09 -7.88 19.50
N GLU G 44 29.34 -9.18 19.65
CA GLU G 44 28.26 -10.16 19.61
C GLU G 44 27.28 -9.93 20.74
N GLN G 45 27.78 -9.53 21.91
CA GLN G 45 26.91 -9.25 23.04
C GLN G 45 26.08 -8.00 22.84
N LEU G 46 26.64 -6.96 22.22
CA LEU G 46 25.81 -5.79 21.92
C LEU G 46 24.89 -6.03 20.72
N SER G 47 25.12 -7.11 19.96
CA SER G 47 24.31 -7.36 18.77
C SER G 47 22.84 -7.61 19.12
N ALA G 48 22.57 -8.13 20.31
CA ALA G 48 21.21 -8.49 20.67
C ALA G 48 20.31 -7.25 20.74
N ALA G 49 19.01 -7.47 20.55
CA ALA G 49 18.03 -6.40 20.54
C ALA G 49 17.13 -6.53 21.75
N GLU G 50 16.55 -5.40 22.16
CA GLU G 50 15.75 -5.30 23.37
C GLU G 50 14.37 -4.73 23.03
N GLN G 51 13.34 -5.38 23.56
CA GLN G 51 11.95 -5.06 23.23
C GLN G 51 11.19 -4.65 24.47
N LEU G 52 10.45 -3.55 24.39
CA LEU G 52 9.50 -3.14 25.41
C LEU G 52 8.19 -2.69 24.77
N LYS G 53 7.12 -2.77 25.56
CA LYS G 53 5.82 -2.29 25.15
C LYS G 53 5.03 -1.92 26.39
N ILE G 54 4.23 -0.86 26.28
CA ILE G 54 3.40 -0.38 27.38
C ILE G 54 1.95 -0.73 27.09
N GLU G 55 1.29 -1.37 28.05
CA GLU G 55 -0.07 -1.85 27.83
C GLU G 55 -1.07 -0.71 27.93
N ALA G 56 -1.11 -0.02 29.06
CA ALA G 56 -2.04 1.08 29.25
C ALA G 56 -1.48 2.03 30.29
N VAL G 57 -2.06 3.23 30.34
CA VAL G 57 -1.64 4.26 31.26
C VAL G 57 -2.85 4.74 32.05
N SER G 58 -2.59 5.31 33.22
CA SER G 58 -3.64 5.82 34.08
C SER G 58 -3.14 7.07 34.79
N LYS G 59 -4.05 8.01 35.01
CA LYS G 59 -3.74 9.28 35.68
C LYS G 59 -4.55 9.38 36.94
N THR G 60 -3.88 9.64 38.07
CA THR G 60 -4.53 9.83 39.37
C THR G 60 -4.10 11.19 39.90
N GLY G 61 -5.03 12.15 39.89
CA GLY G 61 -4.72 13.50 40.30
C GLY G 61 -3.70 14.15 39.37
N THR G 62 -2.49 14.34 39.88
CA THR G 62 -1.40 14.88 39.08
C THR G 62 -0.28 13.86 38.87
N THR G 63 -0.52 12.59 39.16
CA THR G 63 0.46 11.53 39.00
C THR G 63 0.07 10.64 37.83
N VAL G 64 1.03 10.30 36.99
CA VAL G 64 0.83 9.45 35.82
C VAL G 64 1.48 8.11 36.10
N SER G 65 0.70 7.04 35.96
CA SER G 65 1.17 5.67 36.17
C SER G 65 1.11 4.92 34.86
N VAL G 66 2.20 4.22 34.54
CA VAL G 66 2.35 3.51 33.28
C VAL G 66 2.68 2.05 33.57
N ASN G 67 2.02 1.13 32.88
CA ASN G 67 2.30 -0.29 32.98
C ASN G 67 3.17 -0.71 31.82
N VAL G 68 4.36 -1.23 32.10
CA VAL G 68 5.31 -1.63 31.09
C VAL G 68 5.45 -3.15 31.14
N ARG G 69 5.31 -3.80 29.99
CA ARG G 69 5.42 -5.25 29.89
C ARG G 69 6.71 -5.63 29.18
N ASN G 70 7.41 -6.61 29.73
CA ASN G 70 8.64 -7.13 29.14
C ASN G 70 8.27 -8.14 28.06
N VAL G 71 8.04 -7.65 26.85
CA VAL G 71 7.79 -8.56 25.73
C VAL G 71 9.05 -9.25 25.25
N GLY G 72 10.21 -8.80 25.73
CA GLY G 72 11.47 -9.46 25.42
C GLY G 72 11.73 -10.62 26.36
N GLU G 73 12.89 -11.25 26.14
CA GLU G 73 13.32 -12.41 26.90
C GLU G 73 14.55 -12.13 27.77
N VAL G 74 14.99 -10.89 27.86
CA VAL G 74 16.12 -10.52 28.72
C VAL G 74 15.62 -9.53 29.75
N PRO G 75 16.25 -9.45 30.94
CA PRO G 75 15.79 -8.49 31.94
C PRO G 75 15.98 -7.05 31.47
N VAL G 76 15.07 -6.19 31.92
CA VAL G 76 15.06 -4.79 31.53
C VAL G 76 14.95 -3.92 32.78
N LYS G 77 15.66 -2.81 32.79
CA LYS G 77 15.61 -1.84 33.88
C LYS G 77 15.06 -0.52 33.33
N ILE G 78 14.09 0.05 34.04
CA ILE G 78 13.51 1.34 33.67
C ILE G 78 14.23 2.43 34.44
N ALA G 79 14.72 3.44 33.73
CA ALA G 79 15.52 4.50 34.34
C ALA G 79 14.85 5.86 34.37
N SER G 80 14.03 6.20 33.37
CA SER G 80 13.42 7.52 33.32
C SER G 80 12.10 7.45 32.59
N ALA G 81 11.25 8.44 32.86
CA ALA G 81 9.96 8.58 32.19
C ALA G 81 9.72 10.06 31.91
N TYR G 82 9.08 10.35 30.77
CA TYR G 82 8.82 11.71 30.34
C TYR G 82 7.39 11.86 29.86
N VAL G 83 6.95 13.11 29.79
CA VAL G 83 5.65 13.48 29.22
C VAL G 83 5.93 14.58 28.21
N LEU G 84 6.03 14.20 26.94
CA LEU G 84 6.43 15.11 25.88
C LEU G 84 5.23 15.81 25.26
N ASN G 85 5.41 17.08 24.92
CA ASN G 85 4.39 17.84 24.20
C ASN G 85 4.40 17.43 22.73
N ALA G 86 3.23 17.56 22.10
CA ALA G 86 3.05 17.06 20.74
C ALA G 86 3.86 17.88 19.74
N THR G 87 4.61 17.18 18.89
CA THR G 87 5.29 17.70 17.70
C THR G 87 6.33 18.77 18.01
N THR G 88 6.62 19.04 19.28
CA THR G 88 7.71 19.94 19.63
C THR G 88 8.84 19.24 20.36
N LEU G 89 8.62 18.01 20.84
CA LEU G 89 9.66 17.22 21.52
C LEU G 89 10.26 17.98 22.69
N THR G 90 9.42 18.67 23.44
CA THR G 90 9.83 19.39 24.64
C THR G 90 9.14 18.78 25.85
N MET G 91 9.93 18.44 26.87
CA MET G 91 9.38 17.78 28.04
C MET G 91 8.68 18.78 28.96
N ILE G 92 7.61 18.33 29.59
CA ILE G 92 6.92 19.11 30.61
C ILE G 92 7.32 18.64 32.01
N CYS G 93 7.30 17.34 32.25
CA CYS G 93 7.78 16.77 33.50
C CYS G 93 8.50 15.46 33.20
N GLY G 94 9.48 15.15 34.01
CA GLY G 94 10.23 13.92 33.86
C GLY G 94 11.63 14.05 34.39
N GLY G 95 12.34 12.93 34.37
CA GLY G 95 13.69 12.88 34.88
C GLY G 95 14.05 11.45 35.25
N SER G 96 15.25 11.32 35.82
CA SER G 96 15.69 10.02 36.30
C SER G 96 14.83 9.56 37.48
N LEU G 97 14.46 8.29 37.48
CA LEU G 97 13.72 7.73 38.60
C LEU G 97 14.61 7.67 39.84
N THR G 98 13.96 7.65 41.01
CA THR G 98 14.71 7.59 42.26
C THR G 98 15.54 6.32 42.34
N SER G 99 14.96 5.18 41.95
CA SER G 99 15.67 3.92 41.90
C SER G 99 15.18 3.19 40.65
N PRO G 100 16.09 2.68 39.82
CA PRO G 100 15.66 1.95 38.62
C PRO G 100 14.82 0.74 38.99
N GLN G 101 13.81 0.47 38.18
CA GLN G 101 12.88 -0.63 38.40
C GLN G 101 13.17 -1.74 37.39
N GLN G 102 13.31 -2.96 37.89
CA GLN G 102 13.62 -4.11 37.06
C GLN G 102 12.34 -4.83 36.66
N ILE G 103 12.23 -5.14 35.37
CA ILE G 103 11.06 -5.83 34.82
C ILE G 103 11.52 -7.17 34.26
N ASP G 104 11.06 -8.25 34.89
CA ASP G 104 11.44 -9.58 34.45
C ASP G 104 10.75 -9.94 33.14
N PRO G 105 11.41 -10.75 32.30
CA PRO G 105 10.78 -11.13 31.03
C PRO G 105 9.45 -11.86 31.26
N GLY G 106 8.48 -11.56 30.41
CA GLY G 106 7.17 -12.16 30.52
C GLY G 106 6.32 -11.62 31.65
N THR G 107 6.75 -10.56 32.32
CA THR G 107 6.03 -9.98 33.45
C THR G 107 5.64 -8.54 33.13
N ILE G 108 5.04 -7.88 34.12
CA ILE G 108 4.60 -6.49 33.98
C ILE G 108 5.02 -5.74 35.24
N GLN G 109 5.14 -4.42 35.11
CA GLN G 109 5.47 -3.56 36.23
C GLN G 109 4.79 -2.21 36.05
N THR G 110 4.67 -1.48 37.16
CA THR G 110 4.04 -0.16 37.16
C THR G 110 5.11 0.89 37.36
N ILE G 111 5.09 1.93 36.52
CA ILE G 111 6.08 2.99 36.55
C ILE G 111 5.35 4.32 36.73
N ASN G 112 5.84 5.13 37.66
CA ASN G 112 5.29 6.44 37.94
C ASN G 112 6.22 7.51 37.38
N VAL G 113 5.67 8.48 36.68
CA VAL G 113 6.48 9.57 36.13
C VAL G 113 7.09 10.35 37.29
N PRO G 114 8.40 10.61 37.28
CA PRO G 114 9.02 11.33 38.40
C PRO G 114 8.48 12.75 38.53
N GLY G 115 8.41 13.22 39.77
CA GLY G 115 7.92 14.55 40.04
C GLY G 115 6.41 14.67 39.88
N THR G 116 5.95 15.91 39.91
CA THR G 116 4.53 16.24 39.77
C THR G 116 4.37 17.29 38.70
N CYS G 117 3.51 17.02 37.71
CA CYS G 117 3.26 17.93 36.61
C CYS G 117 1.75 18.03 36.37
N ASN G 118 1.26 19.26 36.22
CA ASN G 118 -0.13 19.47 35.89
C ASN G 118 -0.39 19.12 34.42
N LEU G 119 -1.64 18.79 34.13
CA LEU G 119 -2.08 18.46 32.77
C LEU G 119 -3.35 19.22 32.45
N ILE G 120 -3.67 19.29 31.17
CA ILE G 120 -4.87 19.94 30.67
C ILE G 120 -5.78 18.85 30.10
N ALA G 121 -7.05 18.86 30.52
CA ALA G 121 -8.00 17.88 30.02
C ALA G 121 -8.17 18.02 28.52
N GLY G 122 -8.14 16.88 27.82
CA GLY G 122 -8.31 16.88 26.39
C GLY G 122 -7.12 17.39 25.60
N ALA G 123 -5.96 17.52 26.22
CA ALA G 123 -4.77 18.01 25.55
C ALA G 123 -3.90 16.85 25.09
N ARG G 124 -2.89 17.17 24.30
CA ARG G 124 -2.04 16.17 23.67
C ARG G 124 -0.85 15.88 24.57
N TYR G 125 -0.57 14.59 24.78
CA TYR G 125 0.55 14.19 25.61
C TYR G 125 1.16 12.90 25.10
N ILE G 126 2.48 12.82 25.13
CA ILE G 126 3.24 11.61 24.80
C ILE G 126 3.95 11.15 26.06
N VAL G 127 3.63 9.96 26.53
CA VAL G 127 4.32 9.37 27.67
C VAL G 127 5.42 8.44 27.15
N LYS G 128 6.62 8.58 27.69
CA LYS G 128 7.80 7.93 27.13
C LYS G 128 8.65 7.34 28.25
N VAL G 129 9.10 6.11 28.07
CA VAL G 129 9.96 5.42 29.03
C VAL G 129 11.21 4.94 28.31
N VAL G 130 12.36 5.08 28.97
CA VAL G 130 13.65 4.71 28.39
C VAL G 130 14.33 3.69 29.29
N THR G 131 15.00 2.72 28.68
CA THR G 131 15.66 1.66 29.41
C THR G 131 17.05 2.09 29.87
N ALA G 132 17.65 1.26 30.72
CA ALA G 132 19.05 1.45 31.08
C ALA G 132 19.96 1.29 29.88
N ARG G 133 19.65 0.35 29.00
CA ARG G 133 20.42 0.15 27.77
C ARG G 133 20.04 1.13 26.67
N GLY G 134 18.93 1.86 26.83
CA GLY G 134 18.58 2.93 25.91
C GLY G 134 17.38 2.66 25.02
N THR G 135 16.73 1.50 25.14
CA THR G 135 15.58 1.21 24.29
C THR G 135 14.44 2.17 24.63
N GLU G 136 13.72 2.60 23.58
CA GLU G 136 12.68 3.60 23.70
C GLU G 136 11.32 2.99 23.38
N ALA G 137 10.34 3.25 24.24
CA ALA G 137 8.96 2.86 24.02
C ALA G 137 8.06 3.94 24.58
N ALA G 138 6.93 4.18 23.92
CA ALA G 138 6.07 5.29 24.28
C ALA G 138 4.66 5.05 23.73
N ALA G 139 3.76 5.99 24.02
CA ALA G 139 2.41 6.02 23.49
C ALA G 139 1.78 7.34 23.91
N THR G 140 0.53 7.56 23.51
CA THR G 140 -0.21 8.76 23.84
C THR G 140 -1.52 8.39 24.52
N PHE G 141 -2.13 9.39 25.16
CA PHE G 141 -3.39 9.22 25.84
C PHE G 141 -4.10 10.56 25.90
N ILE G 142 -5.41 10.51 26.15
CA ILE G 142 -6.22 11.70 26.32
C ILE G 142 -6.35 11.97 27.82
N SER G 143 -5.80 13.09 28.27
CA SER G 143 -5.85 13.43 29.67
C SER G 143 -7.29 13.76 30.10
N PRO G 144 -7.80 13.12 31.15
CA PRO G 144 -9.15 13.38 31.65
C PRO G 144 -9.26 14.73 32.35
N GLU H 9 76.29 -7.07 11.28
CA GLU H 9 76.32 -6.24 10.08
C GLU H 9 74.94 -6.15 9.40
N PRO H 10 74.24 -7.27 9.22
CA PRO H 10 72.85 -7.17 8.74
C PRO H 10 71.93 -6.44 9.71
N ILE H 11 72.31 -6.34 10.98
CA ILE H 11 71.47 -5.68 11.98
C ILE H 11 71.28 -4.21 11.63
N VAL H 12 72.35 -3.54 11.20
CA VAL H 12 72.26 -2.12 10.86
C VAL H 12 71.30 -1.93 9.68
N ALA H 13 71.43 -2.77 8.66
CA ALA H 13 70.54 -2.69 7.50
C ALA H 13 69.10 -2.96 7.90
N ALA H 14 68.88 -3.91 8.80
CA ALA H 14 67.54 -4.21 9.28
C ALA H 14 66.94 -3.02 10.02
N VAL H 15 67.75 -2.35 10.86
CA VAL H 15 67.26 -1.18 11.58
C VAL H 15 66.91 -0.06 10.61
N LEU H 16 67.76 0.16 9.60
CA LEU H 16 67.47 1.18 8.61
C LEU H 16 66.20 0.85 7.84
N LEU H 17 66.01 -0.42 7.51
CA LEU H 17 64.78 -0.84 6.81
C LEU H 17 63.55 -0.60 7.68
N ILE H 18 63.67 -0.86 8.98
CA ILE H 18 62.57 -0.58 9.91
C ILE H 18 62.25 0.91 9.92
N VAL H 19 63.29 1.75 9.95
CA VAL H 19 63.08 3.19 9.93
C VAL H 19 62.38 3.62 8.64
N VAL H 20 62.81 3.06 7.51
CA VAL H 20 62.19 3.39 6.23
C VAL H 20 60.72 2.98 6.24
N ALA H 21 60.42 1.79 6.76
CA ALA H 21 59.04 1.32 6.82
C ALA H 21 58.20 2.23 7.71
N VAL H 22 58.77 2.69 8.83
CA VAL H 22 58.03 3.59 9.72
C VAL H 22 57.72 4.90 9.01
N ILE H 23 58.69 5.46 8.28
CA ILE H 23 58.45 6.69 7.55
C ILE H 23 57.37 6.48 6.49
N GLY H 24 57.42 5.35 5.78
CA GLY H 24 56.39 5.05 4.81
C GLY H 24 55.02 4.94 5.45
N ALA H 25 54.94 4.31 6.63
CA ALA H 25 53.67 4.21 7.34
C ALA H 25 53.15 5.58 7.73
N VAL H 26 54.04 6.48 8.15
CA VAL H 26 53.62 7.83 8.49
C VAL H 26 53.06 8.54 7.26
N LEU H 27 53.73 8.39 6.11
CA LEU H 27 53.23 9.00 4.88
C LEU H 27 51.85 8.43 4.51
N VAL H 28 51.69 7.13 4.62
CA VAL H 28 50.41 6.50 4.32
C VAL H 28 49.33 7.02 5.27
N TYR H 29 49.67 7.18 6.55
CA TYR H 29 48.72 7.74 7.50
C TYR H 29 48.30 9.16 7.13
N LEU H 30 49.27 10.00 6.76
CA LEU H 30 48.95 11.37 6.38
C LEU H 30 47.99 11.40 5.20
N TRP H 31 48.34 10.67 4.13
CA TRP H 31 47.47 10.67 2.96
C TRP H 31 46.11 10.07 3.29
N PHE H 32 46.08 9.01 4.10
CA PHE H 32 44.82 8.36 4.41
C PHE H 32 43.90 9.30 5.17
N SER H 33 44.43 10.03 6.14
CA SER H 33 43.62 11.01 6.86
C SER H 33 43.08 12.07 5.90
N GLY H 34 43.96 12.61 5.06
CA GLY H 34 43.51 13.63 4.12
C GLY H 34 42.42 13.13 3.18
N TYR H 35 42.63 11.93 2.62
CA TYR H 35 41.67 11.38 1.67
C TYR H 35 40.36 11.03 2.34
N VAL H 36 40.39 10.41 3.52
CA VAL H 36 39.14 10.07 4.17
C VAL H 36 38.37 11.33 4.52
N THR H 37 39.07 12.38 4.94
CA THR H 37 38.40 13.65 5.23
C THR H 37 37.72 14.19 3.98
N ARG H 38 38.47 14.30 2.87
CA ARG H 38 37.91 14.93 1.69
C ARG H 38 36.77 14.11 1.09
N ALA H 39 36.95 12.79 0.99
CA ALA H 39 35.92 11.94 0.41
C ALA H 39 34.68 11.90 1.29
N THR H 40 34.87 11.84 2.62
CA THR H 40 33.75 11.86 3.54
C THR H 40 32.97 13.16 3.44
N SER H 41 33.68 14.29 3.36
CA SER H 41 32.99 15.57 3.22
C SER H 41 32.24 15.66 1.90
N GLN H 42 32.83 15.17 0.82
CA GLN H 42 32.17 15.17 -0.47
C GLN H 42 30.89 14.34 -0.43
N ALA H 43 30.97 13.14 0.14
CA ALA H 43 29.78 12.29 0.24
C ALA H 43 28.72 12.95 1.12
N GLU H 44 29.13 13.54 2.24
CA GLU H 44 28.16 14.12 3.17
C GLU H 44 27.44 15.30 2.54
N GLN H 45 28.15 16.15 1.80
CA GLN H 45 27.47 17.33 1.26
C GLN H 45 26.80 17.05 -0.09
N LEU H 46 27.12 15.94 -0.77
CA LEU H 46 26.22 15.46 -1.82
C LEU H 46 25.02 14.72 -1.24
N SER H 47 25.06 14.33 0.04
CA SER H 47 23.93 13.60 0.61
C SER H 47 22.66 14.44 0.65
N ALA H 48 22.79 15.76 0.77
CA ALA H 48 21.62 16.62 0.91
C ALA H 48 20.77 16.61 -0.36
N ALA H 49 19.46 16.77 -0.19
CA ALA H 49 18.51 16.76 -1.28
C ALA H 49 17.70 18.05 -1.26
N GLU H 50 17.17 18.41 -2.43
CA GLU H 50 16.42 19.64 -2.61
C GLU H 50 14.99 19.32 -3.06
N GLN H 51 14.05 20.15 -2.61
CA GLN H 51 12.64 19.96 -2.89
C GLN H 51 12.10 21.15 -3.66
N LEU H 52 11.39 20.88 -4.75
CA LEU H 52 10.68 21.90 -5.50
C LEU H 52 9.28 21.44 -5.84
N LYS H 53 8.40 22.42 -6.04
CA LYS H 53 7.04 22.18 -6.48
C LYS H 53 6.53 23.43 -7.18
N ILE H 54 5.79 23.24 -8.27
CA ILE H 54 5.20 24.34 -9.02
C ILE H 54 3.72 24.41 -8.65
N GLU H 55 3.28 25.60 -8.22
CA GLU H 55 1.91 25.76 -7.74
C GLU H 55 0.92 25.93 -8.90
N ALA H 56 1.15 26.92 -9.75
CA ALA H 56 0.22 27.17 -10.84
C ALA H 56 0.97 27.78 -12.02
N VAL H 57 0.36 27.70 -13.19
CA VAL H 57 0.93 28.22 -14.42
C VAL H 57 -0.10 29.11 -15.11
N SER H 58 0.39 29.96 -16.00
CA SER H 58 -0.46 30.89 -16.73
C SER H 58 0.06 31.04 -18.14
N LYS H 59 -0.84 31.38 -19.05
CA LYS H 59 -0.50 31.60 -20.46
C LYS H 59 -0.82 33.04 -20.83
N THR H 60 0.13 33.71 -21.47
CA THR H 60 -0.08 35.02 -22.07
C THR H 60 0.32 34.91 -23.54
N GLY H 61 -0.68 34.81 -24.42
CA GLY H 61 -0.41 34.59 -25.82
C GLY H 61 0.21 33.22 -26.05
N THR H 62 1.50 33.21 -26.39
CA THR H 62 2.25 31.97 -26.58
C THR H 62 3.35 31.80 -25.55
N THR H 63 3.30 32.55 -24.45
CA THR H 63 4.32 32.49 -23.40
C THR H 63 3.73 31.82 -22.16
N VAL H 64 4.50 30.92 -21.56
CA VAL H 64 4.07 30.17 -20.37
C VAL H 64 4.89 30.68 -19.19
N SER H 65 4.19 31.08 -18.12
CA SER H 65 4.82 31.55 -16.90
C SER H 65 4.53 30.56 -15.78
N VAL H 66 5.58 30.21 -15.03
CA VAL H 66 5.49 29.20 -13.97
C VAL H 66 6.01 29.80 -12.67
N ASN H 67 5.29 29.56 -11.58
CA ASN H 67 5.70 30.00 -10.25
C ASN H 67 6.29 28.82 -9.48
N VAL H 68 7.53 28.97 -9.02
CA VAL H 68 8.24 27.91 -8.31
C VAL H 68 8.60 28.42 -6.92
N ARG H 69 8.32 27.62 -5.91
CA ARG H 69 8.80 27.86 -4.54
C ARG H 69 9.79 26.78 -4.12
N ASN H 70 10.87 27.21 -3.49
CA ASN H 70 11.86 26.31 -2.89
C ASN H 70 11.37 26.05 -1.47
N VAL H 71 10.78 24.87 -1.24
CA VAL H 71 10.33 24.52 0.10
C VAL H 71 11.43 23.91 0.95
N GLY H 72 12.63 23.75 0.39
CA GLY H 72 13.76 23.29 1.16
C GLY H 72 14.40 24.42 1.96
N GLU H 73 15.54 24.09 2.57
CA GLU H 73 16.26 25.05 3.41
C GLU H 73 17.48 25.64 2.71
N VAL H 74 17.77 25.24 1.48
CA VAL H 74 18.94 25.75 0.76
C VAL H 74 18.47 26.42 -0.52
N PRO H 75 19.18 27.45 -1.00
CA PRO H 75 18.79 28.08 -2.27
C PRO H 75 18.98 27.12 -3.44
N VAL H 76 18.12 27.27 -4.44
CA VAL H 76 18.15 26.45 -5.65
C VAL H 76 18.07 27.37 -6.85
N LYS H 77 18.72 26.95 -7.94
CA LYS H 77 18.77 27.73 -9.17
C LYS H 77 18.02 26.99 -10.28
N ILE H 78 17.18 27.72 -11.01
CA ILE H 78 16.44 27.15 -12.13
C ILE H 78 17.26 27.36 -13.40
N ALA H 79 17.45 26.27 -14.16
CA ALA H 79 18.32 26.31 -15.33
C ALA H 79 17.60 26.05 -16.64
N SER H 80 16.52 25.26 -16.65
CA SER H 80 15.83 24.97 -17.91
C SER H 80 14.37 24.64 -17.62
N ALA H 81 13.54 24.83 -18.64
CA ALA H 81 12.13 24.51 -18.56
C ALA H 81 11.67 23.94 -19.91
N TYR H 82 10.76 22.97 -19.86
CA TYR H 82 10.27 22.30 -21.04
C TYR H 82 8.75 22.20 -20.99
N VAL H 83 8.17 21.88 -22.15
CA VAL H 83 6.75 21.56 -22.27
C VAL H 83 6.69 20.22 -23.01
N LEU H 84 6.56 19.14 -22.25
CA LEU H 84 6.62 17.80 -22.82
C LEU H 84 5.25 17.32 -23.28
N ASN H 85 5.23 16.50 -24.32
CA ASN H 85 4.00 15.86 -24.76
C ASN H 85 3.77 14.58 -23.97
N ALA H 86 2.53 14.36 -23.57
CA ALA H 86 2.22 13.26 -22.68
C ALA H 86 2.35 11.92 -23.39
N THR H 87 2.76 10.90 -22.63
CA THR H 87 2.85 9.50 -23.05
C THR H 87 3.91 9.26 -24.12
N THR H 88 4.64 10.29 -24.53
CA THR H 88 5.74 10.13 -25.47
C THR H 88 7.05 10.73 -24.98
N LEU H 89 7.01 11.59 -23.96
CA LEU H 89 8.21 12.21 -23.39
C LEU H 89 9.03 12.92 -24.48
N THR H 90 8.36 13.61 -25.37
CA THR H 90 9.00 14.37 -26.44
C THR H 90 8.73 15.85 -26.22
N MET H 91 9.79 16.66 -26.26
CA MET H 91 9.67 18.08 -26.01
C MET H 91 9.15 18.81 -27.23
N ILE H 92 8.28 19.79 -27.00
CA ILE H 92 7.81 20.68 -28.05
C ILE H 92 8.61 21.97 -28.07
N CYS H 93 8.81 22.60 -26.91
CA CYS H 93 9.63 23.78 -26.80
C CYS H 93 10.36 23.75 -25.47
N GLY H 94 11.54 24.36 -25.44
CA GLY H 94 12.32 24.43 -24.22
C GLY H 94 13.80 24.53 -24.53
N GLY H 95 14.57 24.68 -23.47
CA GLY H 95 16.01 24.78 -23.59
C GLY H 95 16.59 25.46 -22.36
N SER H 96 17.89 25.72 -22.44
CA SER H 96 18.57 26.43 -21.37
C SER H 96 18.05 27.85 -21.26
N LEU H 97 17.85 28.30 -20.02
CA LEU H 97 17.41 29.67 -19.79
C LEU H 97 18.52 30.66 -20.12
N THR H 98 18.12 31.89 -20.44
CA THR H 98 19.11 32.92 -20.75
C THR H 98 20.03 33.18 -19.57
N SER H 99 19.48 33.26 -18.36
CA SER H 99 20.26 33.43 -17.14
C SER H 99 19.58 32.61 -16.06
N PRO H 100 20.33 31.77 -15.34
CA PRO H 100 19.72 30.99 -14.25
C PRO H 100 19.13 31.90 -13.19
N GLN H 101 17.98 31.49 -12.66
CA GLN H 101 17.27 32.25 -11.64
C GLN H 101 17.40 31.55 -10.30
N GLN H 102 17.78 32.31 -9.27
CA GLN H 102 17.97 31.77 -7.94
C GLN H 102 16.71 31.98 -7.11
N ILE H 103 16.29 30.93 -6.41
CA ILE H 103 15.08 30.94 -5.60
C ILE H 103 15.48 30.70 -4.15
N ASP H 104 15.24 31.71 -3.30
CA ASP H 104 15.55 31.61 -1.90
C ASP H 104 14.54 30.70 -1.18
N PRO H 105 14.98 30.02 -0.11
CA PRO H 105 14.03 29.18 0.64
C PRO H 105 12.88 30.01 1.20
N GLY H 106 11.69 29.43 1.14
CA GLY H 106 10.51 30.12 1.63
C GLY H 106 10.00 31.25 0.77
N THR H 107 10.53 31.40 -0.43
CA THR H 107 10.11 32.45 -1.36
C THR H 107 9.57 31.84 -2.64
N ILE H 108 9.20 32.70 -3.58
CA ILE H 108 8.64 32.29 -4.86
C ILE H 108 9.34 33.07 -5.96
N GLN H 109 9.37 32.49 -7.15
CA GLN H 109 9.93 33.15 -8.33
C GLN H 109 9.10 32.79 -9.55
N THR H 110 9.21 33.61 -10.58
CA THR H 110 8.50 33.40 -11.83
C THR H 110 9.48 32.93 -12.90
N ILE H 111 9.14 31.83 -13.57
CA ILE H 111 9.99 31.23 -14.59
C ILE H 111 9.19 31.14 -15.88
N ASN H 112 9.78 31.59 -16.98
CA ASN H 112 9.16 31.55 -18.29
C ASN H 112 9.88 30.52 -19.15
N VAL H 113 9.10 29.71 -19.87
CA VAL H 113 9.70 28.70 -20.75
C VAL H 113 10.48 29.40 -21.87
N PRO H 114 11.73 29.04 -22.11
CA PRO H 114 12.50 29.72 -23.16
C PRO H 114 11.90 29.48 -24.54
N GLY H 115 12.09 30.47 -25.41
CA GLY H 115 11.58 30.38 -26.76
C GLY H 115 10.07 30.58 -26.82
N THR H 116 9.53 30.39 -28.03
CA THR H 116 8.11 30.52 -28.29
C THR H 116 7.61 29.27 -28.98
N CYS H 117 6.57 28.66 -28.41
CA CYS H 117 5.98 27.44 -28.96
C CYS H 117 4.47 27.61 -28.99
N ASN H 118 3.85 27.23 -30.11
CA ASN H 118 2.41 27.21 -30.17
C ASN H 118 1.84 26.04 -29.38
N LEU H 119 0.59 26.19 -28.94
CA LEU H 119 -0.12 25.15 -28.22
C LEU H 119 -1.53 25.02 -28.79
N ILE H 120 -2.18 23.91 -28.45
CA ILE H 120 -3.53 23.62 -28.89
C ILE H 120 -4.43 23.59 -27.66
N ALA H 121 -5.55 24.32 -27.74
CA ALA H 121 -6.47 24.37 -26.61
C ALA H 121 -7.05 22.99 -26.33
N GLY H 122 -7.16 22.66 -25.05
CA GLY H 122 -7.70 21.36 -24.66
C GLY H 122 -6.77 20.19 -24.85
N ALA H 123 -5.48 20.44 -25.11
CA ALA H 123 -4.52 19.39 -25.33
C ALA H 123 -3.79 19.06 -24.03
N ARG H 124 -3.13 17.91 -24.03
CA ARG H 124 -2.42 17.44 -22.85
C ARG H 124 -0.98 17.92 -22.90
N TYR H 125 -0.55 18.62 -21.84
CA TYR H 125 0.78 19.23 -21.83
C TYR H 125 1.38 19.11 -20.43
N ILE H 126 2.67 18.81 -20.39
CA ILE H 126 3.43 18.70 -19.15
C ILE H 126 4.46 19.82 -19.12
N VAL H 127 4.35 20.70 -18.12
CA VAL H 127 5.35 21.73 -17.89
C VAL H 127 6.34 21.22 -16.84
N LYS H 128 7.63 21.37 -17.14
CA LYS H 128 8.68 20.77 -16.32
C LYS H 128 9.81 21.76 -16.10
N VAL H 129 10.34 21.81 -14.89
CA VAL H 129 11.48 22.65 -14.54
C VAL H 129 12.54 21.78 -13.88
N VAL H 130 13.80 22.04 -14.23
CA VAL H 130 14.93 21.29 -13.69
C VAL H 130 15.89 22.24 -13.00
N THR H 131 16.45 21.80 -11.89
CA THR H 131 17.35 22.62 -11.10
C THR H 131 18.78 22.54 -11.64
N ALA H 132 19.64 23.43 -11.12
CA ALA H 132 21.05 23.37 -11.46
C ALA H 132 21.68 22.07 -10.98
N ARG H 133 21.32 21.61 -9.79
CA ARG H 133 21.84 20.36 -9.26
C ARG H 133 21.13 19.14 -9.85
N GLY H 134 19.97 19.32 -10.48
CA GLY H 134 19.31 18.25 -11.19
C GLY H 134 17.95 17.83 -10.67
N THR H 135 17.46 18.45 -9.59
CA THR H 135 16.15 18.08 -9.08
C THR H 135 15.07 18.43 -10.10
N GLU H 136 14.06 17.58 -10.20
CA GLU H 136 13.00 17.73 -11.19
C GLU H 136 11.65 17.93 -10.51
N ALA H 137 10.88 18.88 -11.01
CA ALA H 137 9.52 19.11 -10.57
C ALA H 137 8.68 19.52 -11.78
N ALA H 138 7.41 19.15 -11.78
CA ALA H 138 6.57 19.34 -12.96
C ALA H 138 5.12 19.33 -12.55
N ALA H 139 4.24 19.46 -13.55
CA ALA H 139 2.79 19.37 -13.38
C ALA H 139 2.18 19.42 -14.79
N THR H 140 0.86 19.30 -14.85
CA THR H 140 0.12 19.38 -16.10
C THR H 140 -0.95 20.46 -16.00
N PHE H 141 -1.37 20.93 -17.17
CA PHE H 141 -2.41 21.95 -17.25
C PHE H 141 -3.11 21.81 -18.60
N ILE H 142 -4.34 22.32 -18.66
CA ILE H 142 -5.13 22.31 -19.88
C ILE H 142 -4.93 23.65 -20.58
N SER H 143 -4.44 23.59 -21.81
CA SER H 143 -4.21 24.80 -22.58
C SER H 143 -5.52 25.52 -22.86
N PRO H 144 -5.62 26.81 -22.56
CA PRO H 144 -6.84 27.60 -22.80
C PRO H 144 -7.13 27.78 -24.29
N GLU I 9 72.19 -7.16 2.87
CA GLU I 9 71.85 -8.51 2.44
C GLU I 9 70.35 -8.82 2.56
N PRO I 10 69.71 -8.48 3.68
CA PRO I 10 68.24 -8.59 3.73
C PRO I 10 67.53 -7.68 2.75
N ILE I 11 68.21 -6.65 2.24
CA ILE I 11 67.58 -5.72 1.31
C ILE I 11 67.20 -6.43 0.02
N VAL I 12 68.05 -7.34 -0.46
CA VAL I 12 67.74 -8.10 -1.67
C VAL I 12 66.49 -8.94 -1.45
N ALA I 13 66.40 -9.61 -0.31
CA ALA I 13 65.22 -10.41 0.00
C ALA I 13 63.98 -9.53 0.09
N ALA I 14 64.12 -8.35 0.67
CA ALA I 14 62.98 -7.43 0.77
C ALA I 14 62.50 -7.00 -0.61
N VAL I 15 63.44 -6.68 -1.51
CA VAL I 15 63.07 -6.29 -2.87
C VAL I 15 62.38 -7.44 -3.60
N LEU I 16 62.91 -8.66 -3.43
CA LEU I 16 62.27 -9.82 -4.04
C LEU I 16 60.86 -10.03 -3.48
N LEU I 17 60.69 -9.83 -2.17
CA LEU I 17 59.37 -9.97 -1.57
C LEU I 17 58.41 -8.93 -2.10
N ILE I 18 58.89 -7.70 -2.30
CA ILE I 18 58.07 -6.66 -2.90
C ILE I 18 57.65 -7.04 -4.31
N VAL I 19 58.58 -7.58 -5.10
CA VAL I 19 58.26 -8.01 -6.46
C VAL I 19 57.20 -9.11 -6.43
N VAL I 20 57.36 -10.08 -5.53
CA VAL I 20 56.39 -11.17 -5.41
C VAL I 20 55.02 -10.62 -5.04
N ALA I 21 54.99 -9.67 -4.12
CA ALA I 21 53.71 -9.05 -3.73
C ALA I 21 53.08 -8.33 -4.90
N VAL I 22 53.89 -7.65 -5.72
CA VAL I 22 53.37 -6.95 -6.88
C VAL I 22 52.73 -7.94 -7.85
N ILE I 23 53.42 -9.05 -8.13
CA ILE I 23 52.89 -10.04 -9.06
C ILE I 23 51.60 -10.65 -8.51
N GLY I 24 51.60 -10.97 -7.21
CA GLY I 24 50.39 -11.51 -6.61
C GLY I 24 49.22 -10.54 -6.68
N ALA I 25 49.48 -9.26 -6.45
CA ALA I 25 48.43 -8.25 -6.55
C ALA I 25 47.91 -8.16 -7.97
N VAL I 26 48.80 -8.26 -8.96
CA VAL I 26 48.36 -8.23 -10.35
C VAL I 26 47.45 -9.42 -10.65
N LEU I 27 47.84 -10.61 -10.20
CA LEU I 27 47.01 -11.79 -10.43
C LEU I 27 45.64 -11.65 -9.75
N VAL I 28 45.64 -11.16 -8.50
CA VAL I 28 44.39 -10.95 -7.78
C VAL I 28 43.51 -9.95 -8.53
N TYR I 29 44.10 -8.88 -9.04
CA TYR I 29 43.34 -7.90 -9.81
C TYR I 29 42.73 -8.52 -11.06
N LEU I 30 43.51 -9.34 -11.78
CA LEU I 30 42.99 -9.98 -12.99
C LEU I 30 41.78 -10.84 -12.66
N TRP I 31 41.93 -11.74 -11.68
CA TRP I 31 40.80 -12.59 -11.32
C TRP I 31 39.63 -11.77 -10.81
N PHE I 32 39.90 -10.73 -10.02
CA PHE I 32 38.83 -9.92 -9.46
C PHE I 32 38.02 -9.27 -10.56
N SER I 33 38.69 -8.70 -11.56
CA SER I 33 37.98 -8.10 -12.67
C SER I 33 37.14 -9.14 -13.40
N GLY I 34 37.73 -10.29 -13.71
CA GLY I 34 36.99 -11.32 -14.42
C GLY I 34 35.76 -11.78 -13.67
N TYR I 35 35.92 -12.07 -12.38
CA TYR I 35 34.82 -12.60 -11.59
C TYR I 35 33.74 -11.56 -11.35
N VAL I 36 34.12 -10.34 -11.00
CA VAL I 36 33.10 -9.32 -10.78
C VAL I 36 32.34 -9.08 -12.07
N THR I 37 33.04 -9.10 -13.21
CA THR I 37 32.37 -8.92 -14.49
C THR I 37 31.34 -10.02 -14.72
N ARG I 38 31.76 -11.29 -14.62
CA ARG I 38 30.86 -12.38 -14.96
C ARG I 38 29.66 -12.44 -14.01
N ALA I 39 29.93 -12.35 -12.70
CA ALA I 39 28.84 -12.48 -11.73
C ALA I 39 27.91 -11.27 -11.78
N THR I 40 28.48 -10.08 -11.88
CA THR I 40 27.68 -8.86 -11.94
C THR I 40 26.79 -8.86 -13.18
N SER I 41 27.32 -9.24 -14.34
CA SER I 41 26.51 -9.24 -15.54
C SER I 41 25.48 -10.38 -15.52
N GLN I 42 25.81 -11.51 -14.88
CA GLN I 42 24.81 -12.56 -14.70
C GLN I 42 23.64 -12.06 -13.87
N ALA I 43 23.94 -11.36 -12.78
CA ALA I 43 22.88 -10.75 -11.98
C ALA I 43 22.09 -9.74 -12.79
N GLU I 44 22.79 -8.93 -13.60
CA GLU I 44 22.14 -7.93 -14.41
C GLU I 44 21.14 -8.55 -15.38
N GLN I 45 21.53 -9.64 -16.03
CA GLN I 45 20.59 -10.26 -16.97
C GLN I 45 19.47 -10.99 -16.25
N LEU I 46 19.78 -11.71 -15.16
CA LEU I 46 18.75 -12.46 -14.47
C LEU I 46 17.75 -11.55 -13.76
N SER I 47 18.11 -10.28 -13.56
CA SER I 47 17.17 -9.32 -13.01
C SER I 47 15.95 -9.12 -13.89
N ALA I 48 16.04 -9.49 -15.17
CA ALA I 48 14.94 -9.27 -16.10
C ALA I 48 13.70 -10.04 -15.68
N ALA I 49 12.54 -9.56 -16.14
CA ALA I 49 11.25 -10.13 -15.77
C ALA I 49 10.56 -10.71 -16.99
N GLU I 50 9.70 -11.69 -16.74
CA GLU I 50 8.99 -12.40 -17.78
C GLU I 50 7.48 -12.31 -17.52
N GLN I 51 6.72 -12.01 -18.58
CA GLN I 51 5.30 -11.73 -18.47
C GLN I 51 4.50 -12.69 -19.32
N LEU I 52 3.46 -13.28 -18.74
CA LEU I 52 2.53 -14.13 -19.46
C LEU I 52 1.10 -13.81 -19.04
N LYS I 53 0.16 -14.11 -19.94
CA LYS I 53 -1.26 -14.03 -19.65
C LYS I 53 -2.00 -14.90 -20.64
N ILE I 54 -3.05 -15.57 -20.16
CA ILE I 54 -3.86 -16.47 -20.99
C ILE I 54 -5.17 -15.77 -21.31
N GLU I 55 -5.53 -15.75 -22.59
CA GLU I 55 -6.70 -15.00 -23.03
C GLU I 55 -7.99 -15.75 -22.74
N ALA I 56 -8.11 -16.96 -23.27
CA ALA I 56 -9.34 -17.74 -23.09
C ALA I 56 -9.01 -19.22 -23.18
N VAL I 57 -9.93 -20.04 -22.66
CA VAL I 57 -9.76 -21.48 -22.64
C VAL I 57 -11.01 -22.13 -23.26
N SER I 58 -10.82 -23.33 -23.79
CA SER I 58 -11.91 -24.07 -24.40
C SER I 58 -11.70 -25.55 -24.16
N LYS I 59 -12.80 -26.28 -24.04
CA LYS I 59 -12.77 -27.72 -23.80
C LYS I 59 -13.45 -28.45 -24.95
N THR I 60 -12.79 -29.46 -25.49
CA THR I 60 -13.36 -30.34 -26.51
C THR I 60 -13.31 -31.77 -25.97
N GLY I 61 -14.47 -32.30 -25.60
CA GLY I 61 -14.52 -33.61 -24.99
C GLY I 61 -13.83 -33.65 -23.65
N THR I 62 -12.68 -34.32 -23.58
CA THR I 62 -11.88 -34.38 -22.36
C THR I 62 -10.54 -33.68 -22.52
N THR I 63 -10.36 -32.88 -23.57
CA THR I 63 -9.14 -32.15 -23.82
C THR I 63 -9.35 -30.67 -23.52
N VAL I 64 -8.38 -30.08 -22.82
CA VAL I 64 -8.42 -28.67 -22.45
C VAL I 64 -7.44 -27.92 -23.34
N SER I 65 -7.93 -26.89 -24.02
CA SER I 65 -7.11 -26.06 -24.90
C SER I 65 -7.04 -24.66 -24.33
N VAL I 66 -5.82 -24.12 -24.24
CA VAL I 66 -5.57 -22.81 -23.65
C VAL I 66 -4.77 -21.97 -24.64
N ASN I 67 -5.16 -20.71 -24.78
CA ASN I 67 -4.43 -19.76 -25.60
C ASN I 67 -3.62 -18.85 -24.68
N VAL I 68 -2.31 -18.77 -24.93
CA VAL I 68 -1.38 -18.02 -24.08
C VAL I 68 -0.89 -16.81 -24.86
N ARG I 69 -0.99 -15.63 -24.27
CA ARG I 69 -0.60 -14.38 -24.90
C ARG I 69 0.73 -13.93 -24.32
N ASN I 70 1.69 -13.65 -25.21
CA ASN I 70 3.02 -13.18 -24.83
C ASN I 70 2.98 -11.65 -24.85
N VAL I 71 2.76 -11.05 -23.67
CA VAL I 71 2.78 -9.58 -23.60
C VAL I 71 4.17 -9.03 -23.36
N GLY I 72 5.16 -9.89 -23.13
CA GLY I 72 6.52 -9.45 -22.92
C GLY I 72 7.26 -9.20 -24.21
N GLU I 73 8.55 -8.89 -24.08
CA GLU I 73 9.41 -8.61 -25.22
C GLU I 73 10.42 -9.72 -25.49
N VAL I 74 10.42 -10.78 -24.69
CA VAL I 74 11.39 -11.86 -24.85
C VAL I 74 10.67 -13.14 -25.25
N PRO I 75 11.32 -14.06 -25.96
CA PRO I 75 10.67 -15.33 -26.30
C PRO I 75 10.38 -16.15 -25.05
N VAL I 76 9.30 -16.92 -25.11
CA VAL I 76 8.82 -17.71 -23.98
C VAL I 76 8.60 -19.14 -24.44
N LYS I 77 8.96 -20.10 -23.59
CA LYS I 77 8.74 -21.52 -23.83
C LYS I 77 7.79 -22.07 -22.78
N ILE I 78 6.77 -22.78 -23.23
CA ILE I 78 5.81 -23.42 -22.34
C ILE I 78 6.21 -24.87 -22.16
N ALA I 79 6.35 -25.30 -20.91
CA ALA I 79 6.86 -26.64 -20.62
C ALA I 79 5.87 -27.53 -19.90
N SER I 80 4.93 -26.99 -19.15
CA SER I 80 3.98 -27.82 -18.41
C SER I 80 2.66 -27.09 -18.25
N ALA I 81 1.60 -27.88 -18.04
CA ALA I 81 0.27 -27.35 -17.80
C ALA I 81 -0.45 -28.27 -16.83
N TYR I 82 -1.28 -27.68 -15.96
CA TYR I 82 -2.00 -28.44 -14.94
C TYR I 82 -3.45 -28.02 -14.89
N VAL I 83 -4.26 -28.85 -14.24
CA VAL I 83 -5.63 -28.54 -13.90
C VAL I 83 -5.75 -28.70 -12.39
N LEU I 84 -5.72 -27.59 -11.67
CA LEU I 84 -5.66 -27.61 -10.21
C LEU I 84 -7.04 -27.61 -9.59
N ASN I 85 -7.19 -28.35 -8.49
CA ASN I 85 -8.43 -28.38 -7.75
C ASN I 85 -8.54 -27.15 -6.86
N ALA I 86 -9.79 -26.73 -6.61
CA ALA I 86 -10.03 -25.50 -5.86
C ALA I 86 -9.65 -25.64 -4.40
N THR I 87 -8.94 -24.65 -3.87
CA THR I 87 -8.67 -24.44 -2.45
C THR I 87 -7.86 -25.56 -1.81
N THR I 88 -7.39 -26.54 -2.59
CA THR I 88 -6.55 -27.60 -2.05
C THR I 88 -5.19 -27.69 -2.72
N LEU I 89 -4.98 -27.01 -3.85
CA LEU I 89 -3.70 -26.99 -4.54
C LEU I 89 -3.19 -28.40 -4.86
N THR I 90 -4.11 -29.26 -5.30
CA THR I 90 -3.79 -30.63 -5.69
C THR I 90 -4.16 -30.82 -7.15
N MET I 91 -3.21 -31.34 -7.94
CA MET I 91 -3.43 -31.53 -9.36
C MET I 91 -4.30 -32.74 -9.63
N ILE I 92 -5.13 -32.64 -10.66
CA ILE I 92 -5.90 -33.77 -11.16
C ILE I 92 -5.22 -34.41 -12.37
N CYS I 93 -4.85 -33.60 -13.35
CA CYS I 93 -4.12 -34.07 -14.52
C CYS I 93 -3.09 -33.02 -14.90
N GLY I 94 -1.98 -33.47 -15.46
CA GLY I 94 -0.94 -32.56 -15.89
C GLY I 94 0.41 -33.25 -15.91
N GLY I 95 1.40 -32.52 -16.41
CA GLY I 95 2.73 -33.05 -16.52
C GLY I 95 3.53 -32.25 -17.54
N SER I 96 4.73 -32.74 -17.81
CA SER I 96 5.57 -32.12 -18.82
C SER I 96 4.99 -32.33 -20.21
N LEU I 97 5.04 -31.27 -21.01
CA LEU I 97 4.61 -31.39 -22.40
C LEU I 97 5.59 -32.27 -23.18
N THR I 98 5.08 -32.89 -24.24
CA THR I 98 5.94 -33.77 -25.05
C THR I 98 7.08 -32.99 -25.66
N SER I 99 6.80 -31.79 -26.17
CA SER I 99 7.83 -30.92 -26.71
C SER I 99 7.48 -29.49 -26.27
N PRO I 100 8.43 -28.75 -25.71
CA PRO I 100 8.14 -27.37 -25.31
C PRO I 100 7.71 -26.53 -26.50
N GLN I 101 6.76 -25.64 -26.28
CA GLN I 101 6.22 -24.77 -27.31
C GLN I 101 6.73 -23.36 -27.09
N GLN I 102 7.29 -22.75 -28.14
CA GLN I 102 7.81 -21.40 -28.07
C GLN I 102 6.76 -20.40 -28.50
N ILE I 103 6.62 -19.33 -27.74
CA ILE I 103 5.65 -18.27 -28.02
C ILE I 103 6.42 -16.97 -28.24
N ASP I 104 6.35 -16.44 -29.45
CA ASP I 104 7.06 -15.22 -29.79
C ASP I 104 6.38 -14.01 -29.14
N PRO I 105 7.15 -12.96 -28.83
CA PRO I 105 6.54 -11.75 -28.27
C PRO I 105 5.50 -11.17 -29.22
N GLY I 106 4.39 -10.70 -28.64
CA GLY I 106 3.32 -10.14 -29.43
C GLY I 106 2.49 -11.14 -30.19
N THR I 107 2.69 -12.44 -29.96
CA THR I 107 1.97 -13.49 -30.65
C THR I 107 1.17 -14.32 -29.64
N ILE I 108 0.50 -15.35 -30.14
CA ILE I 108 -0.31 -16.23 -29.31
C ILE I 108 -0.14 -17.66 -29.81
N GLN I 109 -0.31 -18.61 -28.90
CA GLN I 109 -0.20 -20.03 -29.22
C GLN I 109 -1.27 -20.80 -28.47
N THR I 110 -1.53 -22.02 -28.92
CA THR I 110 -2.50 -22.91 -28.30
C THR I 110 -1.75 -24.00 -27.54
N ILE I 111 -2.14 -24.22 -26.29
CA ILE I 111 -1.49 -25.20 -25.41
C ILE I 111 -2.54 -26.18 -24.94
N ASN I 112 -2.23 -27.47 -25.05
CA ASN I 112 -3.11 -28.54 -24.61
C ASN I 112 -2.55 -29.18 -23.35
N VAL I 113 -3.41 -29.37 -22.35
CA VAL I 113 -2.97 -30.02 -21.12
C VAL I 113 -2.54 -31.45 -21.42
N PRO I 114 -1.36 -31.89 -20.97
CA PRO I 114 -0.90 -33.24 -21.30
C PRO I 114 -1.81 -34.31 -20.70
N GLY I 115 -1.92 -35.43 -21.41
CA GLY I 115 -2.75 -36.52 -20.97
C GLY I 115 -4.22 -36.24 -21.14
N THR I 116 -5.03 -37.13 -20.57
CA THR I 116 -6.48 -37.03 -20.61
C THR I 116 -7.03 -37.18 -19.20
N CYS I 117 -7.84 -36.22 -18.78
CA CYS I 117 -8.45 -36.23 -17.46
C CYS I 117 -9.94 -35.92 -17.58
N ASN I 118 -10.76 -36.72 -16.93
CA ASN I 118 -12.19 -36.43 -16.90
C ASN I 118 -12.47 -35.20 -16.06
N LEU I 119 -13.60 -34.55 -16.34
CA LEU I 119 -13.97 -33.31 -15.68
C LEU I 119 -15.44 -33.35 -15.30
N ILE I 120 -15.81 -32.52 -14.33
CA ILE I 120 -17.18 -32.44 -13.84
C ILE I 120 -17.72 -31.05 -14.17
N ALA I 121 -18.89 -31.02 -14.81
CA ALA I 121 -19.50 -29.75 -15.18
C ALA I 121 -19.90 -28.96 -13.94
N GLY I 122 -19.76 -27.64 -14.03
CA GLY I 122 -20.15 -26.77 -12.94
C GLY I 122 -19.20 -26.76 -11.76
N ALA I 123 -18.01 -27.33 -11.90
CA ALA I 123 -17.05 -27.42 -10.82
C ALA I 123 -16.00 -26.33 -10.93
N ARG I 124 -15.28 -26.11 -9.83
CA ARG I 124 -14.23 -25.10 -9.79
C ARG I 124 -12.90 -25.72 -10.23
N TYR I 125 -12.34 -25.18 -11.30
CA TYR I 125 -11.15 -25.76 -11.92
C TYR I 125 -10.17 -24.65 -12.23
N ILE I 126 -8.89 -24.90 -11.97
CA ILE I 126 -7.83 -23.95 -12.19
C ILE I 126 -6.90 -24.51 -13.25
N VAL I 127 -6.79 -23.83 -14.39
CA VAL I 127 -5.83 -24.19 -15.42
C VAL I 127 -4.60 -23.31 -15.29
N LYS I 128 -3.43 -23.92 -15.33
CA LYS I 128 -2.17 -23.25 -15.00
C LYS I 128 -1.09 -23.64 -16.00
N VAL I 129 -0.31 -22.67 -16.43
CA VAL I 129 0.82 -22.88 -17.33
C VAL I 129 2.06 -22.26 -16.72
N VAL I 130 3.19 -22.95 -16.85
CA VAL I 130 4.45 -22.50 -16.29
C VAL I 130 5.49 -22.43 -17.39
N THR I 131 6.33 -21.39 -17.34
CA THR I 131 7.38 -21.22 -18.33
C THR I 131 8.58 -22.11 -18.02
N ALA I 132 9.50 -22.20 -18.99
CA ALA I 132 10.75 -22.89 -18.74
C ALA I 132 11.58 -22.18 -17.67
N ARG I 133 11.50 -20.85 -17.62
CA ARG I 133 12.22 -20.07 -16.62
C ARG I 133 11.52 -20.06 -15.27
N GLY I 134 10.23 -20.39 -15.22
CA GLY I 134 9.51 -20.50 -13.96
C GLY I 134 8.37 -19.52 -13.77
N THR I 135 8.13 -18.61 -14.71
CA THR I 135 7.02 -17.67 -14.58
C THR I 135 5.69 -18.42 -14.61
N GLU I 136 4.74 -17.97 -13.78
CA GLU I 136 3.47 -18.64 -13.60
C GLU I 136 2.33 -17.76 -14.10
N ALA I 137 1.42 -18.37 -14.86
CA ALA I 137 0.20 -17.71 -15.31
C ALA I 137 -0.92 -18.74 -15.30
N ALA I 138 -2.13 -18.30 -14.95
CA ALA I 138 -3.24 -19.21 -14.77
C ALA I 138 -4.56 -18.44 -14.88
N ALA I 139 -5.66 -19.16 -14.67
CA ALA I 139 -7.01 -18.61 -14.59
C ALA I 139 -7.94 -19.75 -14.19
N THR I 140 -9.21 -19.42 -14.01
CA THR I 140 -10.24 -20.40 -13.70
C THR I 140 -11.34 -20.34 -14.75
N PHE I 141 -12.07 -21.45 -14.86
CA PHE I 141 -13.19 -21.55 -15.78
C PHE I 141 -14.17 -22.58 -15.25
N ILE I 142 -15.42 -22.47 -15.68
CA ILE I 142 -16.48 -23.40 -15.30
C ILE I 142 -16.64 -24.41 -16.42
N SER I 143 -16.38 -25.67 -16.11
CA SER I 143 -16.47 -26.71 -17.12
C SER I 143 -17.92 -26.89 -17.56
N PRO I 144 -18.19 -26.89 -18.87
CA PRO I 144 -19.55 -27.10 -19.40
C PRO I 144 -20.00 -28.55 -19.25
N GLU J 9 66.06 -13.79 5.59
CA GLU J 9 65.74 -13.62 7.00
C GLU J 9 64.36 -13.01 7.24
N PRO J 10 64.00 -11.95 6.51
CA PRO J 10 62.60 -11.49 6.56
C PRO J 10 61.61 -12.51 6.04
N ILE J 11 62.06 -13.49 5.25
CA ILE J 11 61.17 -14.49 4.70
C ILE J 11 60.54 -15.32 5.82
N VAL J 12 61.32 -15.66 6.84
CA VAL J 12 60.80 -16.43 7.97
C VAL J 12 59.72 -15.64 8.69
N ALA J 13 59.99 -14.36 8.94
CA ALA J 13 58.99 -13.53 9.61
C ALA J 13 57.73 -13.41 8.76
N ALA J 14 57.88 -13.29 7.44
CA ALA J 14 56.72 -13.22 6.55
C ALA J 14 55.91 -14.51 6.61
N VAL J 15 56.57 -15.66 6.63
CA VAL J 15 55.86 -16.93 6.68
C VAL J 15 55.11 -17.08 7.99
N LEU J 16 55.75 -16.72 9.11
CA LEU J 16 55.06 -16.77 10.40
C LEU J 16 53.88 -15.80 10.42
N LEU J 17 54.03 -14.62 9.82
CA LEU J 17 52.93 -13.67 9.76
C LEU J 17 51.77 -14.23 8.95
N ILE J 18 52.08 -14.91 7.85
CA ILE J 18 51.03 -15.54 7.03
C ILE J 18 50.31 -16.61 7.84
N VAL J 19 51.05 -17.41 8.59
CA VAL J 19 50.44 -18.46 9.41
C VAL J 19 49.52 -17.84 10.47
N VAL J 20 49.98 -16.76 11.11
CA VAL J 20 49.17 -16.09 12.11
C VAL J 20 47.89 -15.53 11.49
N ALA J 21 48.01 -14.93 10.31
CA ALA J 21 46.84 -14.40 9.62
C ALA J 21 45.86 -15.51 9.26
N VAL J 22 46.37 -16.66 8.84
CA VAL J 22 45.49 -17.78 8.51
C VAL J 22 44.74 -18.27 9.74
N ILE J 23 45.45 -18.38 10.87
CA ILE J 23 44.78 -18.81 12.10
C ILE J 23 43.72 -17.80 12.52
N GLY J 24 44.03 -16.51 12.43
CA GLY J 24 43.05 -15.49 12.73
C GLY J 24 41.84 -15.55 11.83
N ALA J 25 42.06 -15.80 10.54
CA ALA J 25 40.95 -15.94 9.61
C ALA J 25 40.08 -17.15 9.96
N VAL J 26 40.72 -18.24 10.40
CA VAL J 26 39.95 -19.42 10.81
C VAL J 26 39.09 -19.09 12.03
N LEU J 27 39.65 -18.37 13.00
CA LEU J 27 38.87 -17.99 14.17
C LEU J 27 37.70 -17.07 13.77
N VAL J 28 37.95 -16.12 12.87
CA VAL J 28 36.90 -15.24 12.39
C VAL J 28 35.81 -16.05 11.70
N TYR J 29 36.20 -17.03 10.88
CA TYR J 29 35.24 -17.94 10.26
C TYR J 29 34.38 -18.65 11.30
N LEU J 30 35.01 -19.19 12.34
CA LEU J 30 34.27 -19.94 13.35
C LEU J 30 33.23 -19.05 14.02
N TRP J 31 33.66 -17.88 14.51
CA TRP J 31 32.72 -17.01 15.18
C TRP J 31 31.65 -16.50 14.22
N PHE J 32 32.05 -16.18 12.99
CA PHE J 32 31.09 -15.64 12.03
C PHE J 32 30.00 -16.65 11.74
N SER J 33 30.37 -17.90 11.52
CA SER J 33 29.36 -18.93 11.30
C SER J 33 28.44 -19.06 12.51
N GLY J 34 29.02 -19.15 13.70
CA GLY J 34 28.19 -19.30 14.89
C GLY J 34 27.22 -18.14 15.08
N TYR J 35 27.72 -16.91 14.94
CA TYR J 35 26.90 -15.74 15.19
C TYR J 35 25.84 -15.54 14.12
N VAL J 36 26.21 -15.70 12.84
CA VAL J 36 25.20 -15.54 11.80
C VAL J 36 24.13 -16.59 11.98
N THR J 37 24.51 -17.80 12.37
CA THR J 37 23.52 -18.84 12.62
C THR J 37 22.56 -18.44 13.74
N ARG J 38 23.11 -18.05 14.90
CA ARG J 38 22.24 -17.78 16.04
C ARG J 38 21.35 -16.57 15.79
N ALA J 39 21.92 -15.48 15.28
CA ALA J 39 21.12 -14.27 15.05
C ALA J 39 20.10 -14.48 13.95
N THR J 40 20.51 -15.16 12.87
CA THR J 40 19.60 -15.47 11.77
C THR J 40 18.42 -16.30 12.24
N SER J 41 18.69 -17.35 13.02
CA SER J 41 17.59 -18.19 13.49
C SER J 41 16.70 -17.46 14.49
N GLN J 42 17.30 -16.59 15.32
CA GLN J 42 16.51 -15.78 16.24
C GLN J 42 15.55 -14.87 15.47
N ALA J 43 16.06 -14.21 14.43
CA ALA J 43 15.18 -13.38 13.59
C ALA J 43 14.12 -14.21 12.91
N GLU J 44 14.50 -15.39 12.40
CA GLU J 44 13.55 -16.26 11.71
C GLU J 44 12.42 -16.68 12.63
N GLN J 45 12.73 -17.02 13.88
CA GLN J 45 11.69 -17.48 14.78
C GLN J 45 10.85 -16.32 15.33
N LEU J 46 11.46 -15.17 15.60
CA LEU J 46 10.67 -14.02 16.02
C LEU J 46 9.86 -13.43 14.87
N SER J 47 10.13 -13.84 13.63
CA SER J 47 9.32 -13.40 12.51
C SER J 47 7.88 -13.91 12.61
N ALA J 48 7.67 -14.99 13.35
CA ALA J 48 6.34 -15.60 13.43
C ALA J 48 5.34 -14.62 14.05
N ALA J 49 4.09 -14.73 13.62
CA ALA J 49 3.02 -13.85 14.09
C ALA J 49 1.99 -14.67 14.85
N GLU J 50 1.31 -13.98 15.77
CA GLU J 50 0.39 -14.61 16.70
C GLU J 50 -0.97 -13.93 16.63
N GLN J 51 -2.03 -14.73 16.73
CA GLN J 51 -3.40 -14.25 16.55
C GLN J 51 -4.24 -14.55 17.77
N LEU J 52 -5.06 -13.58 18.18
CA LEU J 52 -6.09 -13.79 19.19
C LEU J 52 -7.40 -13.16 18.74
N LYS J 53 -8.50 -13.70 19.24
CA LYS J 53 -9.81 -13.07 19.11
C LYS J 53 -10.68 -13.55 20.26
N ILE J 54 -11.49 -12.65 20.80
CA ILE J 54 -12.41 -12.95 21.88
C ILE J 54 -13.81 -13.09 21.31
N GLU J 55 -14.45 -14.23 21.58
CA GLU J 55 -15.75 -14.52 20.98
C GLU J 55 -16.85 -13.69 21.62
N ALA J 56 -16.99 -13.75 22.93
CA ALA J 56 -18.04 -13.03 23.63
C ALA J 56 -17.63 -12.78 25.06
N VAL J 57 -18.34 -11.86 25.70
CA VAL J 57 -18.08 -11.48 27.09
C VAL J 57 -19.38 -11.56 27.87
N SER J 58 -19.24 -11.69 29.18
CA SER J 58 -20.40 -11.76 30.07
C SER J 58 -20.07 -11.05 31.38
N LYS J 59 -21.10 -10.48 32.00
CA LYS J 59 -20.97 -9.75 33.25
C LYS J 59 -21.79 -10.42 34.32
N THR J 60 -21.16 -10.71 35.47
CA THR J 60 -21.83 -11.28 36.63
C THR J 60 -21.50 -10.39 37.83
N GLY J 61 -22.48 -9.62 38.29
CA GLY J 61 -22.26 -8.72 39.40
C GLY J 61 -21.29 -7.60 39.03
N THR J 62 -20.09 -7.64 39.61
CA THR J 62 -19.03 -6.70 39.26
C THR J 62 -17.83 -7.40 38.63
N THR J 63 -17.98 -8.65 38.22
CA THR J 63 -16.92 -9.41 37.60
C THR J 63 -17.20 -9.60 36.11
N VAL J 64 -16.18 -9.38 35.28
CA VAL J 64 -16.29 -9.50 33.84
C VAL J 64 -15.57 -10.78 33.42
N SER J 65 -16.26 -11.62 32.67
CA SER J 65 -15.71 -12.88 32.17
C SER J 65 -15.60 -12.80 30.65
N VAL J 66 -14.42 -13.13 30.13
CA VAL J 66 -14.12 -13.02 28.69
C VAL J 66 -13.67 -14.38 28.20
N ASN J 67 -14.20 -14.80 27.06
CA ASN J 67 -13.82 -16.06 26.42
C ASN J 67 -12.86 -15.77 25.28
N VAL J 68 -11.69 -16.41 25.30
CA VAL J 68 -10.62 -16.16 24.33
C VAL J 68 -10.41 -17.42 23.53
N ARG J 69 -10.48 -17.30 22.20
CA ARG J 69 -10.22 -18.41 21.29
C ARG J 69 -9.02 -18.09 20.42
N ASN J 70 -8.07 -19.01 20.35
CA ASN J 70 -6.87 -18.83 19.53
C ASN J 70 -7.15 -19.34 18.12
N VAL J 71 -7.33 -18.42 17.17
CA VAL J 71 -7.39 -18.82 15.77
C VAL J 71 -6.02 -19.20 15.24
N GLY J 72 -4.96 -18.97 16.01
CA GLY J 72 -3.64 -19.41 15.65
C GLY J 72 -3.41 -20.87 16.01
N GLU J 73 -2.19 -21.32 15.75
CA GLU J 73 -1.81 -22.71 15.92
C GLU J 73 -0.71 -22.92 16.96
N VAL J 74 -0.30 -21.88 17.68
CA VAL J 74 0.77 -22.00 18.65
C VAL J 74 0.21 -21.81 20.05
N PRO J 75 0.82 -22.38 21.09
CA PRO J 75 0.32 -22.18 22.45
C PRO J 75 0.41 -20.72 22.87
N VAL J 76 -0.57 -20.29 23.66
CA VAL J 76 -0.70 -18.89 24.07
C VAL J 76 -0.91 -18.83 25.57
N LYS J 77 -0.35 -17.81 26.20
CA LYS J 77 -0.55 -17.53 27.62
C LYS J 77 -1.17 -16.14 27.77
N ILE J 78 -2.28 -16.07 28.51
CA ILE J 78 -2.94 -14.80 28.81
C ILE J 78 -2.40 -14.28 30.14
N ALA J 79 -1.96 -13.03 30.16
CA ALA J 79 -1.31 -12.47 31.33
C ALA J 79 -2.03 -11.30 31.97
N SER J 80 -2.83 -10.55 31.21
CA SER J 80 -3.49 -9.37 31.78
C SER J 80 -4.79 -9.10 31.05
N ALA J 81 -5.67 -8.36 31.72
CA ALA J 81 -6.93 -7.91 31.15
C ALA J 81 -7.29 -6.56 31.75
N TYR J 82 -7.90 -5.69 30.94
CA TYR J 82 -8.23 -4.34 31.36
C TYR J 82 -9.66 -3.99 30.93
N VAL J 83 -10.14 -2.88 31.47
CA VAL J 83 -11.40 -2.26 31.06
C VAL J 83 -11.08 -0.79 30.81
N LEU J 84 -10.92 -0.42 29.54
CA LEU J 84 -10.50 0.92 29.18
C LEU J 84 -11.69 1.83 28.94
N ASN J 85 -11.57 3.08 29.38
CA ASN J 85 -12.59 4.08 29.14
C ASN J 85 -12.55 4.53 27.68
N ALA J 86 -13.67 5.07 27.21
CA ALA J 86 -13.82 5.40 25.80
C ALA J 86 -12.89 6.53 25.40
N THR J 87 -12.05 6.27 24.40
CA THR J 87 -11.28 7.26 23.64
C THR J 87 -10.29 8.04 24.50
N THR J 88 -10.16 7.70 25.79
CA THR J 88 -9.14 8.32 26.62
C THR J 88 -8.02 7.37 27.00
N LEU J 89 -8.17 6.07 26.71
CA LEU J 89 -7.12 5.07 26.96
C LEU J 89 -6.66 5.09 28.41
N THR J 90 -7.62 5.25 29.33
CA THR J 90 -7.35 5.20 30.76
C THR J 90 -8.09 4.01 31.35
N MET J 91 -7.36 3.17 32.07
CA MET J 91 -7.95 1.97 32.64
C MET J 91 -8.72 2.28 33.91
N ILE J 92 -9.86 1.61 34.08
CA ILE J 92 -10.63 1.70 35.30
C ILE J 92 -10.27 0.58 36.27
N CYS J 93 -10.15 -0.64 35.77
CA CYS J 93 -9.69 -1.77 36.57
C CYS J 93 -8.87 -2.69 35.69
N GLY J 94 -7.94 -3.40 36.31
CA GLY J 94 -7.11 -4.35 35.59
C GLY J 94 -5.77 -4.52 36.25
N GLY J 95 -5.00 -5.45 35.71
CA GLY J 95 -3.68 -5.75 36.23
C GLY J 95 -3.23 -7.12 35.79
N SER J 96 -2.07 -7.51 36.28
CA SER J 96 -1.56 -8.84 36.00
C SER J 96 -2.40 -9.89 36.70
N LEU J 97 -2.70 -10.97 35.99
CA LEU J 97 -3.44 -12.07 36.59
C LEU J 97 -2.60 -12.78 37.65
N THR J 98 -3.29 -13.41 38.60
CA THR J 98 -2.58 -14.12 39.67
C THR J 98 -1.71 -15.24 39.11
N SER J 99 -2.23 -15.98 38.14
CA SER J 99 -1.49 -17.03 37.47
C SER J 99 -1.84 -16.97 35.99
N PRO J 100 -0.85 -16.84 35.10
CA PRO J 100 -1.15 -16.80 33.67
C PRO J 100 -1.85 -18.07 33.22
N GLN J 101 -2.80 -17.92 32.30
CA GLN J 101 -3.60 -19.02 31.80
C GLN J 101 -3.15 -19.40 30.40
N GLN J 102 -2.87 -20.69 30.20
CA GLN J 102 -2.46 -21.20 28.91
C GLN J 102 -3.68 -21.71 28.16
N ILE J 103 -3.84 -21.24 26.92
CA ILE J 103 -4.98 -21.59 26.08
C ILE J 103 -4.44 -22.36 24.88
N ASP J 104 -4.88 -23.60 24.73
CA ASP J 104 -4.37 -24.46 23.67
C ASP J 104 -4.88 -23.99 22.31
N PRO J 105 -4.10 -24.21 21.25
CA PRO J 105 -4.55 -23.83 19.91
C PRO J 105 -5.83 -24.57 19.54
N GLY J 106 -6.75 -23.84 18.90
CA GLY J 106 -8.01 -24.42 18.49
C GLY J 106 -9.00 -24.65 19.60
N THR J 107 -8.71 -24.18 20.81
CA THR J 107 -9.60 -24.31 21.96
C THR J 107 -9.95 -22.93 22.48
N ILE J 108 -10.78 -22.90 23.52
CA ILE J 108 -11.23 -21.66 24.14
C ILE J 108 -11.11 -21.79 25.65
N GLN J 109 -10.98 -20.65 26.32
CA GLN J 109 -10.88 -20.60 27.77
C GLN J 109 -11.56 -19.33 28.27
N THR J 110 -11.81 -19.30 29.57
CA THR J 110 -12.47 -18.16 30.21
C THR J 110 -11.45 -17.37 31.01
N ILE J 111 -11.44 -16.06 30.81
CA ILE J 111 -10.52 -15.15 31.50
C ILE J 111 -11.35 -14.12 32.25
N ASN J 112 -11.01 -13.90 33.51
CA ASN J 112 -11.69 -12.96 34.37
C ASN J 112 -10.81 -11.74 34.61
N VAL J 113 -11.40 -10.55 34.54
CA VAL J 113 -10.66 -9.32 34.81
C VAL J 113 -10.19 -9.31 36.25
N PRO J 114 -8.91 -9.08 36.52
CA PRO J 114 -8.43 -9.08 37.91
C PRO J 114 -9.05 -7.95 38.72
N GLY J 115 -9.23 -8.20 40.01
CA GLY J 115 -9.80 -7.20 40.89
C GLY J 115 -11.30 -7.04 40.68
N THR J 116 -11.82 -6.00 41.33
CA THR J 116 -13.24 -5.67 41.26
C THR J 116 -13.38 -4.20 40.91
N CYS J 117 -14.17 -3.93 39.86
CA CYS J 117 -14.43 -2.57 39.42
C CYS J 117 -15.92 -2.41 39.17
N ASN J 118 -16.48 -1.29 39.60
CA ASN J 118 -17.89 -1.01 39.35
C ASN J 118 -18.11 -0.64 37.88
N LEU J 119 -19.36 -0.81 37.45
CA LEU J 119 -19.77 -0.49 36.09
C LEU J 119 -21.06 0.32 36.12
N ILE J 120 -21.30 1.04 35.03
CA ILE J 120 -22.53 1.81 34.84
C ILE J 120 -23.27 1.23 33.65
N ALA J 121 -24.57 0.94 33.84
CA ALA J 121 -25.36 0.33 32.79
C ALA J 121 -25.46 1.24 31.58
N GLY J 122 -25.36 0.64 30.38
CA GLY J 122 -25.47 1.39 29.16
C GLY J 122 -24.31 2.31 28.85
N ALA J 123 -23.15 2.07 29.45
CA ALA J 123 -21.99 2.93 29.28
C ALA J 123 -21.04 2.34 28.23
N ARG J 124 -20.11 3.17 27.79
CA ARG J 124 -19.17 2.81 26.73
C ARG J 124 -17.85 2.34 27.33
N TYR J 125 -17.61 1.03 27.24
CA TYR J 125 -16.42 0.41 27.83
C TYR J 125 -15.72 -0.47 26.79
N ILE J 126 -14.40 -0.57 26.92
CA ILE J 126 -13.57 -1.43 26.08
C ILE J 126 -12.92 -2.47 26.98
N VAL J 127 -13.13 -3.75 26.68
CA VAL J 127 -12.45 -4.84 27.39
C VAL J 127 -11.28 -5.32 26.53
N LYS J 128 -10.13 -5.51 27.16
CA LYS J 128 -8.88 -5.75 26.44
C LYS J 128 -8.08 -6.84 27.14
N VAL J 129 -7.49 -7.75 26.35
CA VAL J 129 -6.63 -8.80 26.85
C VAL J 129 -5.34 -8.81 26.04
N VAL J 130 -4.22 -9.06 26.72
CA VAL J 130 -2.90 -9.04 26.10
C VAL J 130 -2.21 -10.37 26.36
N THR J 131 -1.44 -10.83 25.38
CA THR J 131 -0.73 -12.10 25.48
C THR J 131 0.55 -11.94 26.27
N ALA J 132 1.21 -13.08 26.54
CA ALA J 132 2.53 -13.04 27.14
C ALA J 132 3.55 -12.40 26.21
N ARG J 133 3.40 -12.58 24.90
CA ARG J 133 4.30 -12.00 23.92
C ARG J 133 3.96 -10.56 23.57
N GLY J 134 2.80 -10.05 23.99
CA GLY J 134 2.41 -8.68 23.72
C GLY J 134 1.33 -8.51 22.67
N THR J 135 0.86 -9.59 22.05
CA THR J 135 -0.20 -9.47 21.06
C THR J 135 -1.48 -8.97 21.71
N GLU J 136 -2.20 -8.11 21.01
CA GLU J 136 -3.37 -7.43 21.56
C GLU J 136 -4.64 -7.88 20.82
N ALA J 137 -5.67 -8.19 21.59
CA ALA J 137 -7.00 -8.47 21.06
C ALA J 137 -8.03 -7.98 22.06
N ALA J 138 -9.14 -7.46 21.56
CA ALA J 138 -10.12 -6.82 22.42
C ALA J 138 -11.46 -6.76 21.70
N ALA J 139 -12.45 -6.17 22.36
CA ALA J 139 -13.79 -5.92 21.82
C ALA J 139 -14.51 -5.02 22.82
N THR J 140 -15.72 -4.63 22.46
CA THR J 140 -16.54 -3.76 23.30
C THR J 140 -17.93 -4.38 23.49
N PHE J 141 -18.62 -3.88 24.52
CA PHE J 141 -19.93 -4.41 24.88
C PHE J 141 -20.71 -3.34 25.62
N ILE J 142 -22.02 -3.55 25.72
CA ILE J 142 -22.91 -2.68 26.48
C ILE J 142 -23.05 -3.27 27.88
N SER J 143 -22.62 -2.51 28.88
CA SER J 143 -22.74 -2.97 30.26
C SER J 143 -24.22 -3.01 30.67
N PRO J 144 -24.70 -4.13 31.20
CA PRO J 144 -26.10 -4.27 31.65
C PRO J 144 -26.36 -3.47 32.93
N GLU K 9 61.42 -7.57 10.99
CA GLU K 9 61.43 -6.24 10.40
C GLU K 9 60.09 -5.88 9.72
N PRO K 10 59.52 -6.80 8.93
CA PRO K 10 58.14 -6.57 8.47
C PRO K 10 57.13 -6.53 9.60
N ILE K 11 57.46 -7.09 10.76
CA ILE K 11 56.54 -7.08 11.90
C ILE K 11 56.27 -5.64 12.36
N VAL K 12 57.32 -4.81 12.40
CA VAL K 12 57.15 -3.43 12.82
C VAL K 12 56.24 -2.69 11.85
N ALA K 13 56.46 -2.88 10.54
CA ALA K 13 55.61 -2.25 9.54
C ALA K 13 54.17 -2.74 9.67
N ALA K 14 53.98 -4.02 9.97
CA ALA K 14 52.64 -4.55 10.17
C ALA K 14 51.97 -3.91 11.36
N VAL K 15 52.71 -3.73 12.46
CA VAL K 15 52.13 -3.10 13.65
C VAL K 15 51.74 -1.65 13.37
N LEU K 16 52.60 -0.92 12.67
CA LEU K 16 52.25 0.46 12.30
C LEU K 16 51.04 0.49 11.39
N LEU K 17 50.95 -0.46 10.45
CA LEU K 17 49.79 -0.52 9.57
C LEU K 17 48.51 -0.80 10.35
N ILE K 18 48.59 -1.69 11.34
CA ILE K 18 47.44 -1.98 12.19
C ILE K 18 47.02 -0.73 12.95
N VAL K 19 47.98 0.00 13.49
CA VAL K 19 47.67 1.23 14.23
C VAL K 19 46.99 2.24 13.32
N VAL K 20 47.51 2.41 12.10
CA VAL K 20 46.92 3.33 11.14
C VAL K 20 45.50 2.91 10.81
N ALA K 21 45.28 1.61 10.59
CA ALA K 21 43.94 1.12 10.28
C ALA K 21 42.98 1.37 11.43
N VAL K 22 43.44 1.17 12.67
CA VAL K 22 42.58 1.41 13.83
C VAL K 22 42.20 2.89 13.92
N ILE K 23 43.17 3.78 13.70
CA ILE K 23 42.87 5.21 13.75
C ILE K 23 41.88 5.58 12.66
N GLY K 24 42.08 5.04 11.45
CA GLY K 24 41.13 5.30 10.38
C GLY K 24 39.74 4.81 10.70
N ALA K 25 39.65 3.63 11.34
CA ALA K 25 38.36 3.10 11.75
C ALA K 25 37.69 4.01 12.77
N VAL K 26 38.47 4.55 13.71
CA VAL K 26 37.92 5.49 14.69
C VAL K 26 37.39 6.73 14.00
N LEU K 27 38.13 7.27 13.03
CA LEU K 27 37.65 8.44 12.30
C LEU K 27 36.36 8.13 11.54
N VAL K 28 36.31 6.96 10.89
CA VAL K 28 35.12 6.55 10.17
C VAL K 28 33.93 6.43 11.12
N TYR K 29 34.16 5.85 12.30
CA TYR K 29 33.10 5.78 13.32
C TYR K 29 32.63 7.17 13.73
N LEU K 30 33.56 8.09 13.95
CA LEU K 30 33.17 9.43 14.38
C LEU K 30 32.26 10.09 13.34
N TRP K 31 32.71 10.10 12.08
CA TRP K 31 31.88 10.72 11.05
C TRP K 31 30.58 9.97 10.85
N PHE K 32 30.61 8.64 10.94
CA PHE K 32 29.40 7.85 10.73
C PHE K 32 28.36 8.17 11.78
N SER K 33 28.78 8.28 13.06
CA SER K 33 27.84 8.67 14.10
C SER K 33 27.28 10.06 13.83
N GLY K 34 28.15 11.01 13.49
CA GLY K 34 27.66 12.36 13.21
C GLY K 34 26.66 12.39 12.07
N TYR K 35 26.98 11.70 10.97
CA TYR K 35 26.11 11.69 9.80
C TYR K 35 24.80 10.98 10.07
N VAL K 36 24.84 9.79 10.67
CA VAL K 36 23.59 9.08 10.92
C VAL K 36 22.71 9.91 11.84
N THR K 37 23.31 10.56 12.84
CA THR K 37 22.53 11.42 13.73
C THR K 37 21.86 12.55 12.95
N ARG K 38 22.65 13.35 12.22
CA ARG K 38 22.07 14.52 11.59
C ARG K 38 21.04 14.14 10.53
N ALA K 39 21.39 13.21 9.63
CA ALA K 39 20.48 12.86 8.54
C ALA K 39 19.24 12.17 9.06
N THR K 40 19.40 11.23 10.00
CA THR K 40 18.27 10.51 10.54
C THR K 40 17.32 11.44 11.27
N SER K 41 17.85 12.36 12.08
CA SER K 41 16.98 13.27 12.80
C SER K 41 16.32 14.28 11.86
N GLN K 42 17.02 14.69 10.80
CA GLN K 42 16.40 15.55 9.79
C GLN K 42 15.23 14.85 9.11
N ALA K 43 15.41 13.57 8.77
CA ALA K 43 14.31 12.80 8.21
C ALA K 43 13.15 12.70 9.20
N GLU K 44 13.46 12.45 10.48
CA GLU K 44 12.43 12.33 11.49
C GLU K 44 11.65 13.64 11.62
N GLN K 45 12.34 14.77 11.57
CA GLN K 45 11.68 16.06 11.73
C GLN K 45 10.86 16.44 10.51
N LEU K 46 11.35 16.14 9.30
CA LEU K 46 10.58 16.43 8.09
C LEU K 46 9.45 15.43 7.88
N SER K 47 9.44 14.32 8.62
CA SER K 47 8.34 13.37 8.52
C SER K 47 7.01 13.97 8.94
N ALA K 48 7.04 15.03 9.74
CA ALA K 48 5.80 15.60 10.28
C ALA K 48 4.93 16.16 9.16
N ALA K 49 3.63 16.23 9.45
CA ALA K 49 2.63 16.67 8.48
C ALA K 49 1.93 17.92 9.00
N GLU K 50 1.37 18.69 8.07
CA GLU K 50 0.78 19.98 8.37
C GLU K 50 -0.64 20.06 7.81
N GLN K 51 -1.56 20.62 8.60
CA GLN K 51 -2.97 20.66 8.26
C GLN K 51 -3.45 22.11 8.17
N LEU K 52 -4.21 22.41 7.12
CA LEU K 52 -4.93 23.67 7.00
C LEU K 52 -6.34 23.43 6.46
N LYS K 53 -7.21 24.38 6.74
CA LYS K 53 -8.55 24.41 6.17
C LYS K 53 -9.03 25.86 6.16
N ILE K 54 -9.73 26.23 5.09
CA ILE K 54 -10.34 27.55 4.98
C ILE K 54 -11.82 27.41 5.30
N GLU K 55 -12.29 28.22 6.25
CA GLU K 55 -13.66 28.09 6.74
C GLU K 55 -14.66 28.64 5.74
N ALA K 56 -14.52 29.92 5.40
CA ALA K 56 -15.45 30.57 4.48
C ALA K 56 -14.73 31.73 3.81
N VAL K 57 -15.33 32.21 2.72
CA VAL K 57 -14.78 33.30 1.94
C VAL K 57 -15.82 34.41 1.82
N SER K 58 -15.34 35.62 1.57
CA SER K 58 -16.20 36.78 1.39
C SER K 58 -15.59 37.69 0.33
N LYS K 59 -16.46 38.33 -0.44
CA LYS K 59 -16.04 39.21 -1.52
C LYS K 59 -16.52 40.62 -1.24
N THR K 60 -15.60 41.58 -1.27
CA THR K 60 -15.92 42.99 -1.09
C THR K 60 -15.40 43.75 -2.30
N GLY K 61 -16.31 44.18 -3.17
CA GLY K 61 -15.93 44.84 -4.41
C GLY K 61 -15.17 43.90 -5.32
N THR K 62 -13.87 44.13 -5.48
CA THR K 62 -13.00 43.26 -6.26
C THR K 62 -11.94 42.58 -5.42
N THR K 63 -12.08 42.62 -4.10
CA THR K 63 -11.13 42.01 -3.17
C THR K 63 -11.76 40.78 -2.54
N VAL K 64 -10.99 39.69 -2.49
CA VAL K 64 -11.44 38.42 -1.92
C VAL K 64 -10.75 38.23 -0.58
N SER K 65 -11.54 38.00 0.47
CA SER K 65 -11.05 37.75 1.81
C SER K 65 -11.37 36.32 2.20
N VAL K 66 -10.35 35.61 2.69
CA VAL K 66 -10.48 34.20 3.04
C VAL K 66 -10.02 34.01 4.47
N ASN K 67 -10.79 33.26 5.25
CA ASN K 67 -10.44 32.94 6.63
C ASN K 67 -9.80 31.56 6.68
N VAL K 68 -8.59 31.49 7.19
CA VAL K 68 -7.81 30.24 7.26
C VAL K 68 -7.67 29.85 8.72
N ARG K 69 -8.04 28.62 9.04
CA ARG K 69 -7.95 28.09 10.39
C ARG K 69 -6.85 27.04 10.47
N ASN K 70 -5.98 27.17 11.48
CA ASN K 70 -4.94 26.19 11.74
C ASN K 70 -5.55 25.09 12.61
N VAL K 71 -6.02 24.03 11.97
CA VAL K 71 -6.50 22.86 12.72
C VAL K 71 -5.36 21.98 13.19
N GLY K 72 -4.13 22.26 12.75
CA GLY K 72 -2.98 21.55 13.23
C GLY K 72 -2.47 22.10 14.55
N GLU K 73 -1.37 21.52 15.01
CA GLU K 73 -0.74 21.88 16.27
C GLU K 73 0.62 22.54 16.12
N VAL K 74 1.01 22.90 14.89
CA VAL K 74 2.28 23.57 14.65
C VAL K 74 2.01 24.92 14.02
N PRO K 75 2.88 25.92 14.18
CA PRO K 75 2.65 27.22 13.55
C PRO K 75 2.67 27.13 12.04
N VAL K 76 1.89 28.00 11.40
CA VAL K 76 1.72 28.00 9.95
C VAL K 76 1.95 29.42 9.45
N LYS K 77 2.62 29.54 8.30
CA LYS K 77 2.82 30.81 7.62
C LYS K 77 2.18 30.75 6.24
N ILE K 78 1.39 31.76 5.90
CA ILE K 78 0.70 31.83 4.62
C ILE K 78 1.53 32.68 3.66
N ALA K 79 1.75 32.18 2.46
CA ALA K 79 2.63 32.83 1.49
C ALA K 79 1.92 33.40 0.27
N SER K 80 0.87 32.76 -0.23
CA SER K 80 0.22 33.24 -1.44
C SER K 80 -1.22 32.78 -1.47
N ALA K 81 -2.02 33.49 -2.28
CA ALA K 81 -3.40 33.12 -2.56
C ALA K 81 -3.67 33.33 -4.03
N TYR K 82 -4.50 32.45 -4.60
CA TYR K 82 -4.84 32.48 -6.02
C TYR K 82 -6.34 32.34 -6.20
N VAL K 83 -6.80 32.65 -7.41
CA VAL K 83 -8.17 32.41 -7.84
C VAL K 83 -8.06 31.64 -9.14
N LEU K 84 -8.20 30.32 -9.07
CA LEU K 84 -7.97 29.45 -10.22
C LEU K 84 -9.22 29.31 -11.06
N ASN K 85 -9.02 29.27 -12.38
CA ASN K 85 -10.11 28.99 -13.30
C ASN K 85 -10.43 27.50 -13.29
N ALA K 86 -11.69 27.18 -13.61
CA ALA K 86 -12.16 25.81 -13.50
C ALA K 86 -11.48 24.91 -14.54
N THR K 87 -10.91 23.81 -14.06
CA THR K 87 -10.45 22.67 -14.86
C THR K 87 -9.37 23.03 -15.87
N THR K 88 -8.87 24.25 -15.87
CA THR K 88 -7.74 24.62 -16.71
C THR K 88 -6.48 24.93 -15.92
N LEU K 89 -6.59 25.07 -14.59
CA LEU K 89 -5.45 25.28 -13.71
C LEU K 89 -4.62 26.48 -14.13
N THR K 90 -5.31 27.54 -14.56
CA THR K 90 -4.68 28.80 -14.94
C THR K 90 -5.18 29.89 -14.02
N MET K 91 -4.25 30.62 -13.40
CA MET K 91 -4.61 31.64 -12.44
C MET K 91 -5.10 32.90 -13.14
N ILE K 92 -6.06 33.58 -12.52
CA ILE K 92 -6.51 34.88 -12.98
C ILE K 92 -5.83 36.02 -12.22
N CYS K 93 -5.77 35.90 -10.89
CA CYS K 93 -5.04 36.86 -10.07
C CYS K 93 -4.36 36.10 -8.95
N GLY K 94 -3.24 36.63 -8.49
CA GLY K 94 -2.53 36.01 -7.38
C GLY K 94 -1.05 36.32 -7.44
N GLY K 95 -0.36 35.88 -6.41
CA GLY K 95 1.07 36.11 -6.30
C GLY K 95 1.50 36.04 -4.85
N SER K 96 2.79 36.31 -4.65
CA SER K 96 3.32 36.34 -3.29
C SER K 96 2.72 37.49 -2.51
N LEU K 97 2.37 37.23 -1.26
CA LEU K 97 1.85 38.27 -0.39
C LEU K 97 2.96 39.26 -0.04
N THR K 98 2.55 40.47 0.34
CA THR K 98 3.52 41.50 0.70
C THR K 98 4.36 41.08 1.90
N SER K 99 3.72 40.48 2.91
CA SER K 99 4.41 39.96 4.07
C SER K 99 3.70 38.69 4.50
N PRO K 100 4.43 37.60 4.73
CA PRO K 100 3.79 36.36 5.18
C PRO K 100 3.08 36.56 6.51
N GLN K 101 1.93 35.90 6.65
CA GLN K 101 1.12 35.99 7.86
C GLN K 101 1.20 34.67 8.62
N GLN K 102 1.44 34.76 9.92
CA GLN K 102 1.58 33.59 10.78
C GLN K 102 0.25 33.29 11.45
N ILE K 103 -0.14 32.01 11.41
CA ILE K 103 -1.40 31.55 12.00
C ILE K 103 -1.07 30.58 13.11
N ASP K 104 -1.46 30.92 14.33
CA ASP K 104 -1.19 30.08 15.49
C ASP K 104 -2.13 28.88 15.49
N PRO K 105 -1.70 27.75 16.08
CA PRO K 105 -2.59 26.59 16.18
C PRO K 105 -3.85 26.92 16.97
N GLY K 106 -4.98 26.39 16.51
CA GLY K 106 -6.24 26.62 17.17
C GLY K 106 -6.82 28.00 16.99
N THR K 107 -6.25 28.81 16.10
CA THR K 107 -6.71 30.18 15.88
C THR K 107 -7.17 30.34 14.43
N ILE K 108 -7.53 31.57 14.08
CA ILE K 108 -7.98 31.89 12.73
C ILE K 108 -7.35 33.22 12.31
N GLN K 109 -7.22 33.40 10.99
CA GLN K 109 -6.68 34.63 10.43
C GLN K 109 -7.39 34.93 9.13
N THR K 110 -7.31 36.18 8.70
CA THR K 110 -7.91 36.64 7.45
C THR K 110 -6.81 36.93 6.44
N ILE K 111 -6.97 36.40 5.24
CA ILE K 111 -5.98 36.54 4.17
C ILE K 111 -6.67 37.16 2.95
N ASN K 112 -6.04 38.17 2.38
CA ASN K 112 -6.54 38.86 1.20
C ASN K 112 -5.73 38.44 -0.02
N VAL K 113 -6.43 38.11 -1.11
CA VAL K 113 -5.73 37.75 -2.34
C VAL K 113 -4.95 38.95 -2.85
N PRO K 114 -3.65 38.80 -3.15
CA PRO K 114 -2.88 39.95 -3.62
C PRO K 114 -3.38 40.47 -4.95
N GLY K 115 -3.23 41.78 -5.14
CA GLY K 115 -3.66 42.41 -6.36
C GLY K 115 -5.17 42.55 -6.44
N THR K 116 -5.62 42.98 -7.62
CA THR K 116 -7.04 43.17 -7.88
C THR K 116 -7.41 42.43 -9.16
N CYS K 117 -8.43 41.59 -9.08
CA CYS K 117 -8.91 40.83 -10.23
C CYS K 117 -10.42 40.92 -10.29
N ASN K 118 -10.95 41.23 -11.47
CA ASN K 118 -12.39 41.26 -11.67
C ASN K 118 -12.95 39.84 -11.69
N LEU K 119 -14.24 39.74 -11.38
CA LEU K 119 -14.94 38.46 -11.37
C LEU K 119 -16.28 38.61 -12.06
N ILE K 120 -16.85 37.47 -12.47
CA ILE K 120 -18.15 37.41 -13.11
C ILE K 120 -19.11 36.70 -12.17
N ALA K 121 -20.27 37.32 -11.92
CA ALA K 121 -21.24 36.74 -11.01
C ALA K 121 -21.74 35.41 -11.54
N GLY K 122 -21.87 34.44 -10.64
CA GLY K 122 -22.33 33.12 -11.01
C GLY K 122 -21.34 32.27 -11.77
N ALA K 123 -20.08 32.68 -11.83
CA ALA K 123 -19.05 31.94 -12.54
C ALA K 123 -18.25 31.10 -11.55
N ARG K 124 -17.46 30.18 -12.10
CA ARG K 124 -16.74 29.20 -11.29
C ARG K 124 -15.35 29.70 -10.97
N TYR K 125 -14.96 29.62 -9.69
CA TYR K 125 -13.62 30.03 -9.28
C TYR K 125 -13.16 29.17 -8.12
N ILE K 126 -11.86 28.88 -8.10
CA ILE K 126 -11.24 28.10 -7.03
C ILE K 126 -10.26 29.03 -6.30
N VAL K 127 -10.51 29.26 -5.02
CA VAL K 127 -9.59 30.03 -4.19
C VAL K 127 -8.66 29.07 -3.47
N LYS K 128 -7.37 29.40 -3.45
CA LYS K 128 -6.34 28.48 -2.98
C LYS K 128 -5.32 29.24 -2.14
N VAL K 129 -4.90 28.63 -1.04
CA VAL K 129 -3.88 29.21 -0.17
C VAL K 129 -2.75 28.20 0.01
N VAL K 130 -1.52 28.68 0.04
CA VAL K 130 -0.33 27.84 0.12
C VAL K 130 0.52 28.29 1.29
N THR K 131 1.09 27.32 2.01
CA THR K 131 1.93 27.62 3.15
C THR K 131 3.37 27.90 2.70
N ALA K 132 4.16 28.38 3.65
CA ALA K 132 5.59 28.52 3.41
C ALA K 132 6.25 27.16 3.19
N ARG K 133 5.78 26.12 3.89
CA ARG K 133 6.31 24.78 3.72
C ARG K 133 5.74 24.05 2.52
N GLY K 134 4.67 24.57 1.91
CA GLY K 134 4.10 23.99 0.71
C GLY K 134 2.76 23.31 0.88
N THR K 135 2.21 23.27 2.10
CA THR K 135 0.91 22.63 2.30
C THR K 135 -0.17 23.40 1.55
N GLU K 136 -1.11 22.67 0.95
CA GLU K 136 -2.10 23.23 0.05
C GLU K 136 -3.50 23.05 0.63
N ALA K 137 -4.29 24.11 0.57
CA ALA K 137 -5.70 24.09 0.95
C ALA K 137 -6.47 25.00 0.01
N ALA K 138 -7.73 24.67 -0.25
CA ALA K 138 -8.51 25.42 -1.23
C ALA K 138 -9.99 25.18 -0.99
N ALA K 139 -10.81 25.81 -1.82
CA ALA K 139 -12.26 25.62 -1.86
C ALA K 139 -12.79 26.41 -3.05
N THR K 140 -14.09 26.33 -3.28
CA THR K 140 -14.76 27.07 -4.34
C THR K 140 -15.90 27.88 -3.76
N PHE K 141 -16.36 28.85 -4.55
CA PHE K 141 -17.46 29.72 -4.13
C PHE K 141 -18.16 30.26 -5.36
N ILE K 142 -19.38 30.76 -5.15
CA ILE K 142 -20.16 31.40 -6.20
C ILE K 142 -19.97 32.91 -6.08
N SER K 143 -19.39 33.50 -7.11
CA SER K 143 -19.15 34.94 -7.09
C SER K 143 -20.48 35.69 -7.13
N PRO K 144 -20.69 36.65 -6.21
CA PRO K 144 -21.92 37.44 -6.18
C PRO K 144 -22.03 38.40 -7.35
N GLU L 9 52.09 -10.44 1.79
CA GLU L 9 51.66 -11.13 3.00
C GLU L 9 50.21 -10.80 3.40
N PRO L 10 49.83 -9.52 3.37
CA PRO L 10 48.39 -9.21 3.55
C PRO L 10 47.52 -9.78 2.45
N ILE L 11 48.09 -10.12 1.29
CA ILE L 11 47.31 -10.67 0.19
C ILE L 11 46.69 -12.00 0.59
N VAL L 12 47.44 -12.84 1.30
CA VAL L 12 46.90 -14.13 1.74
C VAL L 12 45.73 -13.92 2.69
N ALA L 13 45.89 -12.98 3.64
CA ALA L 13 44.80 -12.68 4.57
C ALA L 13 43.59 -12.16 3.83
N ALA L 14 43.80 -11.33 2.81
CA ALA L 14 42.69 -10.83 2.00
C ALA L 14 41.97 -11.96 1.28
N VAL L 15 42.73 -12.91 0.73
CA VAL L 15 42.11 -14.04 0.04
C VAL L 15 41.28 -14.88 1.00
N LEU L 16 41.83 -15.16 2.18
CA LEU L 16 41.06 -15.90 3.19
C LEU L 16 39.80 -15.13 3.60
N LEU L 17 39.91 -13.81 3.74
CA LEU L 17 38.75 -13.02 4.12
C LEU L 17 37.69 -13.06 3.03
N ILE L 18 38.10 -12.99 1.77
CA ILE L 18 37.16 -13.09 0.66
C ILE L 18 36.46 -14.45 0.67
N VAL L 19 37.23 -15.52 0.91
CA VAL L 19 36.63 -16.85 0.97
C VAL L 19 35.60 -16.91 2.10
N VAL L 20 35.95 -16.38 3.26
CA VAL L 20 35.04 -16.40 4.40
C VAL L 20 33.76 -15.61 4.08
N ALA L 21 33.91 -14.45 3.45
CA ALA L 21 32.75 -13.66 3.08
C ALA L 21 31.86 -14.42 2.09
N VAL L 22 32.47 -15.12 1.14
CA VAL L 22 31.69 -15.90 0.18
C VAL L 22 30.91 -17.00 0.89
N ILE L 23 31.56 -17.69 1.83
CA ILE L 23 30.86 -18.75 2.56
C ILE L 23 29.70 -18.17 3.38
N GLY L 24 29.94 -17.03 4.03
CA GLY L 24 28.87 -16.39 4.78
C GLY L 24 27.70 -15.98 3.89
N ALA L 25 28.01 -15.46 2.70
CA ALA L 25 26.96 -15.11 1.76
C ALA L 25 26.17 -16.34 1.33
N VAL L 26 26.85 -17.46 1.12
CA VAL L 26 26.16 -18.69 0.74
C VAL L 26 25.22 -19.14 1.86
N LEU L 27 25.69 -19.09 3.11
CA LEU L 27 24.84 -19.49 4.23
C LEU L 27 23.63 -18.57 4.37
N VAL L 28 23.85 -17.25 4.22
CA VAL L 28 22.76 -16.29 4.28
C VAL L 28 21.75 -16.58 3.17
N TYR L 29 22.24 -16.90 1.96
CA TYR L 29 21.35 -17.24 0.86
C TYR L 29 20.52 -18.47 1.18
N LEU L 30 21.15 -19.50 1.74
CA LEU L 30 20.43 -20.73 2.06
C LEU L 30 19.31 -20.45 3.05
N TRP L 31 19.62 -19.77 4.15
CA TRP L 31 18.59 -19.45 5.12
C TRP L 31 17.52 -18.56 4.52
N PHE L 32 17.93 -17.58 3.70
CA PHE L 32 16.98 -16.65 3.12
C PHE L 32 15.98 -17.38 2.24
N SER L 33 16.46 -18.30 1.40
CA SER L 33 15.55 -19.09 0.58
C SER L 33 14.59 -19.89 1.45
N GLY L 34 15.12 -20.58 2.45
CA GLY L 34 14.25 -21.38 3.32
C GLY L 34 13.19 -20.55 4.00
N TYR L 35 13.59 -19.42 4.58
CA TYR L 35 12.67 -18.59 5.33
C TYR L 35 11.63 -17.93 4.43
N VAL L 36 12.07 -17.34 3.30
CA VAL L 36 11.11 -16.71 2.42
C VAL L 36 10.11 -17.73 1.95
N THR L 37 10.56 -18.94 1.62
CA THR L 37 9.65 -19.98 1.19
C THR L 37 8.62 -20.30 2.26
N ARG L 38 9.09 -20.63 3.48
CA ARG L 38 8.15 -21.09 4.50
C ARG L 38 7.18 -19.97 4.92
N ALA L 39 7.71 -18.78 5.21
CA ALA L 39 6.84 -17.69 5.67
C ALA L 39 5.90 -17.24 4.56
N THR L 40 6.40 -17.14 3.33
CA THR L 40 5.57 -16.73 2.21
C THR L 40 4.42 -17.70 1.99
N SER L 41 4.72 -19.00 1.96
CA SER L 41 3.66 -19.98 1.74
C SER L 41 2.68 -20.03 2.92
N GLN L 42 3.20 -19.86 4.15
CA GLN L 42 2.33 -19.88 5.31
C GLN L 42 1.33 -18.73 5.28
N ALA L 43 1.82 -17.52 4.95
CA ALA L 43 0.91 -16.39 4.76
C ALA L 43 -0.04 -16.63 3.60
N GLU L 44 0.47 -17.19 2.51
CA GLU L 44 -0.38 -17.50 1.35
C GLU L 44 -1.53 -18.41 1.73
N GLN L 45 -1.28 -19.40 2.58
CA GLN L 45 -2.36 -20.33 2.92
C GLN L 45 -3.27 -19.75 4.00
N LEU L 46 -2.75 -18.88 4.87
CA LEU L 46 -3.65 -18.17 5.78
C LEU L 46 -4.56 -17.22 5.05
N SER L 47 -4.14 -16.71 3.88
CA SER L 47 -4.93 -15.71 3.17
C SER L 47 -6.28 -16.26 2.70
N ALA L 48 -6.42 -17.59 2.63
CA ALA L 48 -7.66 -18.18 2.15
C ALA L 48 -8.81 -17.84 3.07
N ALA L 49 -10.01 -17.84 2.50
CA ALA L 49 -11.21 -17.39 3.20
C ALA L 49 -12.17 -18.56 3.39
N GLU L 50 -12.95 -18.48 4.47
CA GLU L 50 -13.88 -19.52 4.86
C GLU L 50 -15.25 -18.91 5.10
N GLN L 51 -16.28 -19.51 4.51
CA GLN L 51 -17.62 -18.96 4.53
C GLN L 51 -18.61 -19.97 5.07
N LEU L 52 -19.50 -19.52 5.96
CA LEU L 52 -20.57 -20.33 6.49
C LEU L 52 -21.87 -19.54 6.54
N LYS L 53 -22.98 -20.26 6.60
CA LYS L 53 -24.29 -19.67 6.78
C LYS L 53 -25.20 -20.71 7.42
N ILE L 54 -26.09 -20.26 8.29
CA ILE L 54 -27.03 -21.14 8.99
C ILE L 54 -28.39 -21.01 8.32
N GLU L 55 -28.99 -22.15 7.99
CA GLU L 55 -30.25 -22.14 7.24
C GLU L 55 -31.43 -21.80 8.13
N ALA L 56 -31.67 -22.59 9.17
CA ALA L 56 -32.82 -22.38 10.03
C ALA L 56 -32.52 -22.94 11.41
N VAL L 57 -33.34 -22.53 12.38
CA VAL L 57 -33.19 -22.95 13.76
C VAL L 57 -34.51 -23.51 14.25
N SER L 58 -34.42 -24.30 15.32
CA SER L 58 -35.60 -24.88 15.95
C SER L 58 -35.37 -24.98 17.45
N LYS L 59 -36.44 -24.78 18.21
CA LYS L 59 -36.39 -24.83 19.67
C LYS L 59 -37.26 -25.98 20.16
N THR L 60 -36.67 -26.88 20.94
CA THR L 60 -37.39 -28.00 21.55
C THR L 60 -37.20 -27.92 23.05
N GLY L 61 -38.25 -27.54 23.76
CA GLY L 61 -38.16 -27.35 25.20
C GLY L 61 -37.21 -26.21 25.55
N THR L 62 -36.05 -26.56 26.11
CA THR L 62 -35.01 -25.58 26.43
C THR L 62 -33.75 -25.79 25.61
N THR L 63 -33.81 -26.59 24.56
CA THR L 63 -32.66 -26.88 23.71
C THR L 63 -32.85 -26.20 22.35
N VAL L 64 -31.79 -25.56 21.86
CA VAL L 64 -31.81 -24.86 20.58
C VAL L 64 -30.96 -25.66 19.60
N SER L 65 -31.54 -25.98 18.45
CA SER L 65 -30.87 -26.74 17.40
C SER L 65 -30.71 -25.84 16.18
N VAL L 66 -29.51 -25.84 15.60
CA VAL L 66 -29.17 -24.98 14.46
C VAL L 66 -28.60 -25.85 13.35
N ASN L 67 -29.05 -25.59 12.12
CA ASN L 67 -28.54 -26.28 10.94
C ASN L 67 -27.54 -25.37 10.24
N VAL L 68 -26.30 -25.86 10.08
CA VAL L 68 -25.21 -25.07 9.52
C VAL L 68 -24.81 -25.69 8.19
N ARG L 69 -24.73 -24.86 7.16
CA ARG L 69 -24.37 -25.31 5.82
C ARG L 69 -23.02 -24.70 5.42
N ASN L 70 -22.14 -25.53 4.88
CA ASN L 70 -20.84 -25.09 4.39
C ASN L 70 -21.00 -24.71 2.92
N VAL L 71 -21.01 -23.40 2.65
CA VAL L 71 -21.03 -22.93 1.25
C VAL L 71 -19.63 -22.87 0.65
N GLY L 72 -18.59 -23.07 1.45
CA GLY L 72 -17.23 -23.03 0.96
C GLY L 72 -16.79 -24.36 0.37
N GLU L 73 -15.51 -24.42 0.04
CA GLU L 73 -14.91 -25.61 -0.56
C GLU L 73 -13.99 -26.36 0.39
N VAL L 74 -13.82 -25.87 1.61
CA VAL L 74 -12.89 -26.49 2.57
C VAL L 74 -13.69 -27.05 3.75
N PRO L 75 -13.18 -28.09 4.42
CA PRO L 75 -13.90 -28.62 5.58
C PRO L 75 -13.95 -27.60 6.71
N VAL L 76 -15.02 -27.69 7.51
CA VAL L 76 -15.26 -26.76 8.61
C VAL L 76 -15.48 -27.55 9.89
N LYS L 77 -14.96 -27.04 11.00
CA LYS L 77 -15.19 -27.60 12.32
C LYS L 77 -15.89 -26.57 13.18
N ILE L 78 -17.02 -26.96 13.79
CA ILE L 78 -17.77 -26.09 14.68
C ILE L 78 -17.30 -26.33 16.10
N ALA L 79 -16.97 -25.25 16.80
CA ALA L 79 -16.39 -25.35 18.14
C ALA L 79 -17.29 -24.84 19.24
N SER L 80 -18.14 -23.85 18.98
CA SER L 80 -18.99 -23.31 20.03
C SER L 80 -20.23 -22.68 19.42
N ALA L 81 -21.26 -22.52 20.25
CA ALA L 81 -22.49 -21.85 19.88
C ALA L 81 -22.96 -20.99 21.04
N TYR L 82 -23.58 -19.86 20.73
CA TYR L 82 -24.01 -18.91 21.75
C TYR L 82 -25.43 -18.44 21.48
N VAL L 83 -26.03 -17.87 22.51
CA VAL L 83 -27.34 -17.20 22.41
C VAL L 83 -27.14 -15.82 23.05
N LEU L 84 -26.95 -14.80 22.22
CA LEU L 84 -26.61 -13.48 22.69
C LEU L 84 -27.84 -12.63 22.93
N ASN L 85 -27.77 -11.77 23.95
CA ASN L 85 -28.84 -10.82 24.24
C ASN L 85 -28.76 -9.65 23.27
N ALA L 86 -29.91 -9.00 23.05
CA ALA L 86 -30.01 -7.95 22.05
C ALA L 86 -29.17 -6.74 22.42
N THR L 87 -28.32 -6.31 21.50
CA THR L 87 -27.60 -5.03 21.52
C THR L 87 -26.68 -4.85 22.73
N THR L 88 -26.51 -5.89 23.55
CA THR L 88 -25.56 -5.82 24.65
C THR L 88 -24.41 -6.80 24.49
N LEU L 89 -24.48 -7.72 23.53
CA LEU L 89 -23.40 -8.68 23.26
C LEU L 89 -23.01 -9.46 24.52
N THR L 90 -24.01 -9.84 25.31
CA THR L 90 -23.81 -10.60 26.53
C THR L 90 -24.49 -11.95 26.38
N MET L 91 -23.75 -13.01 26.66
CA MET L 91 -24.25 -14.36 26.48
C MET L 91 -25.23 -14.73 27.60
N ILE L 92 -26.26 -15.47 27.23
CA ILE L 92 -27.15 -16.10 28.20
C ILE L 92 -26.75 -17.55 28.46
N CYS L 93 -26.49 -18.30 27.39
CA CYS L 93 -25.99 -19.66 27.49
C CYS L 93 -25.05 -19.92 26.33
N GLY L 94 -24.10 -20.81 26.54
CA GLY L 94 -23.15 -21.17 25.52
C GLY L 94 -21.84 -21.63 26.12
N GLY L 95 -20.96 -22.12 25.25
CA GLY L 95 -19.68 -22.60 25.68
C GLY L 95 -19.12 -23.59 24.67
N SER L 96 -18.07 -24.29 25.10
CA SER L 96 -17.44 -25.29 24.26
C SER L 96 -18.39 -26.46 24.02
N LEU L 97 -18.39 -26.96 22.79
CA LEU L 97 -19.10 -28.21 22.52
C LEU L 97 -18.33 -29.39 23.11
N THR L 98 -19.05 -30.45 23.42
CA THR L 98 -18.42 -31.64 24.01
C THR L 98 -17.37 -32.22 23.07
N SER L 99 -17.69 -32.30 21.77
CA SER L 99 -16.75 -32.76 20.77
C SER L 99 -17.01 -31.94 19.51
N PRO L 100 -15.96 -31.36 18.91
CA PRO L 100 -16.17 -30.58 17.69
C PRO L 100 -16.74 -31.45 16.57
N GLN L 101 -17.63 -30.85 15.79
CA GLN L 101 -18.32 -31.54 14.70
C GLN L 101 -17.83 -30.97 13.37
N GLN L 102 -17.46 -31.87 12.45
CA GLN L 102 -16.91 -31.48 11.16
C GLN L 102 -18.02 -31.42 10.11
N ILE L 103 -18.00 -30.35 9.31
CA ILE L 103 -19.01 -30.13 8.28
C ILE L 103 -18.31 -30.17 6.92
N ASP L 104 -18.66 -31.16 6.11
CA ASP L 104 -18.10 -31.30 4.78
C ASP L 104 -18.69 -30.25 3.84
N PRO L 105 -17.90 -29.76 2.89
CA PRO L 105 -18.43 -28.80 1.91
C PRO L 105 -19.60 -29.39 1.14
N GLY L 106 -20.61 -28.56 0.89
CA GLY L 106 -21.80 -29.00 0.19
C GLY L 106 -22.77 -29.81 1.02
N THR L 107 -22.53 -29.94 2.32
CA THR L 107 -23.40 -30.69 3.21
C THR L 107 -23.95 -29.77 4.29
N ILE L 108 -24.71 -30.35 5.21
CA ILE L 108 -25.30 -29.63 6.33
C ILE L 108 -25.15 -30.48 7.58
N GLN L 109 -25.22 -29.83 8.74
CA GLN L 109 -25.07 -30.50 10.02
C GLN L 109 -25.96 -29.82 11.05
N THR L 110 -26.19 -30.52 12.15
CA THR L 110 -27.03 -30.03 13.25
C THR L 110 -26.14 -29.68 14.43
N ILE L 111 -26.34 -28.48 14.97
CA ILE L 111 -25.56 -27.99 16.10
C ILE L 111 -26.52 -27.69 17.24
N ASN L 112 -26.20 -28.17 18.43
CA ASN L 112 -26.97 -27.91 19.64
C ASN L 112 -26.21 -26.96 20.54
N VAL L 113 -26.91 -25.96 21.06
CA VAL L 113 -26.28 -25.02 22.00
C VAL L 113 -25.90 -25.77 23.27
N PRO L 114 -24.65 -25.72 23.72
CA PRO L 114 -24.26 -26.46 24.92
C PRO L 114 -25.00 -25.96 26.16
N GLY L 115 -25.23 -26.88 27.09
CA GLY L 115 -25.92 -26.54 28.31
C GLY L 115 -27.42 -26.36 28.10
N THR L 116 -28.07 -25.90 29.16
CA THR L 116 -29.51 -25.65 29.15
C THR L 116 -29.77 -24.22 29.59
N CYS L 117 -30.51 -23.48 28.77
CA CYS L 117 -30.84 -22.09 29.06
C CYS L 117 -32.31 -21.85 28.77
N ASN L 118 -33.00 -21.19 29.69
CA ASN L 118 -34.38 -20.82 29.47
C ASN L 118 -34.49 -19.64 28.50
N LEU L 119 -35.64 -19.53 27.84
CA LEU L 119 -35.92 -18.42 26.94
C LEU L 119 -37.29 -17.86 27.26
N ILE L 120 -37.55 -16.65 26.76
CA ILE L 120 -38.83 -15.97 26.93
C ILE L 120 -39.49 -15.85 25.57
N ALA L 121 -40.75 -16.27 25.48
CA ALA L 121 -41.48 -16.17 24.23
C ALA L 121 -41.61 -14.72 23.80
N GLY L 122 -41.41 -14.48 22.51
CA GLY L 122 -41.50 -13.13 21.97
C GLY L 122 -40.33 -12.23 22.31
N ALA L 123 -39.23 -12.78 22.81
CA ALA L 123 -38.05 -12.02 23.17
C ALA L 123 -37.02 -12.13 22.05
N ARG L 124 -36.01 -11.26 22.13
CA ARG L 124 -34.97 -11.20 21.10
C ARG L 124 -33.81 -12.10 21.50
N TYR L 125 -33.33 -12.90 20.56
CA TYR L 125 -32.16 -13.74 20.79
C TYR L 125 -31.32 -13.82 19.53
N ILE L 126 -30.01 -13.77 19.71
CA ILE L 126 -29.05 -13.89 18.61
C ILE L 126 -28.34 -15.23 18.77
N VAL L 127 -28.55 -16.12 17.81
CA VAL L 127 -27.86 -17.41 17.79
C VAL L 127 -26.60 -17.26 16.94
N LYS L 128 -25.48 -17.75 17.47
CA LYS L 128 -24.18 -17.51 16.86
C LYS L 128 -23.33 -18.76 16.97
N VAL L 129 -22.65 -19.11 15.87
CA VAL L 129 -21.74 -20.25 15.83
C VAL L 129 -20.40 -19.78 15.31
N VAL L 130 -19.33 -20.29 15.91
CA VAL L 130 -17.96 -19.91 15.55
C VAL L 130 -17.21 -21.16 15.09
N THR L 131 -16.41 -20.99 14.04
CA THR L 131 -15.66 -22.10 13.47
C THR L 131 -14.37 -22.36 14.25
N ALA L 132 -13.70 -23.45 13.91
CA ALA L 132 -12.41 -23.75 14.50
C ALA L 132 -11.38 -22.68 14.15
N ARG L 133 -11.38 -22.21 12.91
CA ARG L 133 -10.46 -21.16 12.48
C ARG L 133 -10.92 -19.77 12.84
N GLY L 134 -12.14 -19.62 13.35
CA GLY L 134 -12.61 -18.34 13.85
C GLY L 134 -13.68 -17.66 13.03
N THR L 135 -14.11 -18.25 11.91
CA THR L 135 -15.14 -17.62 11.11
C THR L 135 -16.46 -17.55 11.87
N GLU L 136 -17.18 -16.45 11.69
CA GLU L 136 -18.40 -16.16 12.43
C GLU L 136 -19.60 -16.15 11.49
N ALA L 137 -20.66 -16.85 11.88
CA ALA L 137 -21.94 -16.83 11.18
C ALA L 137 -23.04 -16.93 12.21
N ALA L 138 -24.14 -16.20 11.97
CA ALA L 138 -25.17 -16.08 12.99
C ALA L 138 -26.50 -15.73 12.33
N ALA L 139 -27.52 -15.55 13.16
CA ALA L 139 -28.85 -15.09 12.78
C ALA L 139 -29.65 -14.88 14.06
N THR L 140 -30.88 -14.41 13.90
CA THR L 140 -31.78 -14.18 15.03
C THR L 140 -33.10 -14.90 14.78
N PHE L 141 -33.81 -15.18 15.88
CA PHE L 141 -35.09 -15.84 15.82
C PHE L 141 -35.91 -15.45 17.05
N ILE L 142 -37.22 -15.62 16.93
CA ILE L 142 -38.13 -15.36 18.03
C ILE L 142 -38.51 -16.69 18.67
N SER L 143 -38.19 -16.84 19.95
CA SER L 143 -38.51 -18.07 20.65
C SER L 143 -40.03 -18.22 20.78
N PRO L 144 -40.56 -19.42 20.52
CA PRO L 144 -42.00 -19.70 20.64
C PRO L 144 -42.51 -19.61 22.08
N GLU M 9 46.72 -8.53 9.11
CA GLU M 9 46.65 -7.11 9.42
C GLU M 9 45.33 -6.46 8.96
N PRO M 10 44.87 -6.75 7.74
CA PRO M 10 43.51 -6.32 7.38
C PRO M 10 42.43 -6.96 8.23
N ILE M 11 42.73 -8.07 8.90
CA ILE M 11 41.74 -8.73 9.75
C ILE M 11 41.33 -7.81 10.90
N VAL M 12 42.30 -7.12 11.51
CA VAL M 12 42.00 -6.21 12.61
C VAL M 12 41.11 -5.07 12.13
N ALA M 13 41.46 -4.49 10.97
CA ALA M 13 40.64 -3.42 10.41
C ALA M 13 39.23 -3.91 10.11
N ALA M 14 39.11 -5.14 9.60
CA ALA M 14 37.79 -5.70 9.33
C ALA M 14 36.99 -5.87 10.62
N VAL M 15 37.64 -6.30 11.70
CA VAL M 15 36.95 -6.46 12.97
C VAL M 15 36.47 -5.10 13.49
N LEU M 16 37.31 -4.08 13.41
CA LEU M 16 36.87 -2.74 13.79
C LEU M 16 35.71 -2.27 12.93
N LEU M 17 35.76 -2.54 11.62
CA LEU M 17 34.67 -2.14 10.74
C LEU M 17 33.37 -2.85 11.12
N ILE M 18 33.45 -4.13 11.45
CA ILE M 18 32.26 -4.88 11.88
C ILE M 18 31.70 -4.27 13.17
N VAL M 19 32.59 -3.94 14.12
CA VAL M 19 32.12 -3.34 15.36
C VAL M 19 31.42 -2.01 15.09
N VAL M 20 32.01 -1.18 14.22
CA VAL M 20 31.41 0.11 13.89
C VAL M 20 30.05 -0.10 13.24
N ALA M 21 29.94 -1.07 12.33
CA ALA M 21 28.66 -1.34 11.69
C ALA M 21 27.62 -1.79 12.70
N VAL M 22 28.01 -2.62 13.67
CA VAL M 22 27.08 -3.07 14.70
C VAL M 22 26.60 -1.89 15.53
N ILE M 23 27.51 -0.99 15.91
CA ILE M 23 27.12 0.16 16.71
C ILE M 23 26.16 1.04 15.93
N GLY M 24 26.45 1.27 14.65
CA GLY M 24 25.55 2.06 13.82
C GLY M 24 24.18 1.43 13.69
N ALA M 25 24.13 0.09 13.54
CA ALA M 25 22.85 -0.59 13.47
C ALA M 25 22.07 -0.44 14.77
N VAL M 26 22.77 -0.49 15.90
CA VAL M 26 22.10 -0.28 17.19
C VAL M 26 21.51 1.12 17.27
N LEU M 27 22.27 2.13 16.83
CA LEU M 27 21.75 3.49 16.86
C LEU M 27 20.53 3.64 15.94
N VAL M 28 20.59 3.02 14.75
CA VAL M 28 19.45 3.05 13.85
C VAL M 28 18.25 2.38 14.51
N TYR M 29 18.46 1.27 15.21
CA TYR M 29 17.37 0.62 15.93
C TYR M 29 16.75 1.54 16.97
N LEU M 30 17.59 2.23 17.76
CA LEU M 30 17.05 3.13 18.78
C LEU M 30 16.19 4.21 18.16
N TRP M 31 16.73 4.90 17.14
CA TRP M 31 15.94 5.95 16.51
C TRP M 31 14.68 5.40 15.87
N PHE M 32 14.77 4.24 15.23
CA PHE M 32 13.63 3.68 14.52
C PHE M 32 12.52 3.34 15.51
N SER M 33 12.87 2.73 16.64
CA SER M 33 11.85 2.46 17.66
C SER M 33 11.20 3.76 18.12
N GLY M 34 12.01 4.77 18.44
CA GLY M 34 11.44 6.02 18.91
C GLY M 34 10.51 6.66 17.89
N TYR M 35 10.95 6.73 16.63
CA TYR M 35 10.17 7.41 15.61
C TYR M 35 8.91 6.64 15.25
N VAL M 36 9.02 5.32 15.04
CA VAL M 36 7.82 4.55 14.72
C VAL M 36 6.83 4.68 15.86
N THR M 37 7.30 4.66 17.10
CA THR M 37 6.40 4.80 18.23
C THR M 37 5.68 6.13 18.21
N ARG M 38 6.42 7.23 18.12
CA ARG M 38 5.77 8.54 18.21
C ARG M 38 4.86 8.80 17.02
N ALA M 39 5.34 8.57 15.80
CA ALA M 39 4.53 8.84 14.62
C ALA M 39 3.31 7.92 14.57
N THR M 40 3.49 6.64 14.90
CA THR M 40 2.39 5.69 14.90
C THR M 40 1.32 6.08 15.91
N SER M 41 1.74 6.46 17.12
CA SER M 41 0.77 6.85 18.13
C SER M 41 0.07 8.15 17.77
N GLN M 42 0.79 9.08 17.13
CA GLN M 42 0.17 10.31 16.64
C GLN M 42 -0.90 10.00 15.61
N ALA M 43 -0.60 9.09 14.68
CA ALA M 43 -1.60 8.69 13.69
C ALA M 43 -2.79 8.02 14.36
N GLU M 44 -2.53 7.16 15.34
CA GLU M 44 -3.62 6.47 16.03
C GLU M 44 -4.52 7.46 16.78
N GLN M 45 -3.91 8.47 17.39
CA GLN M 45 -4.71 9.44 18.15
C GLN M 45 -5.48 10.38 17.23
N LEU M 46 -4.89 10.80 16.10
CA LEU M 46 -5.61 11.64 15.16
C LEU M 46 -6.63 10.86 14.34
N SER M 47 -6.56 9.53 14.37
CA SER M 47 -7.60 8.73 13.71
C SER M 47 -8.96 8.93 14.35
N ALA M 48 -9.01 9.41 15.58
CA ALA M 48 -10.27 9.61 16.27
C ALA M 48 -11.14 10.61 15.53
N ALA M 49 -12.45 10.46 15.67
CA ALA M 49 -13.42 11.29 14.95
C ALA M 49 -14.22 12.12 15.94
N GLU M 50 -14.68 13.27 15.46
CA GLU M 50 -15.43 14.22 16.27
C GLU M 50 -16.79 14.49 15.63
N GLN M 51 -17.83 14.45 16.46
CA GLN M 51 -19.20 14.61 15.99
C GLN M 51 -19.91 15.66 16.82
N LEU M 52 -20.57 16.60 16.14
CA LEU M 52 -21.40 17.61 16.79
C LEU M 52 -22.72 17.76 16.04
N LYS M 53 -23.72 18.29 16.75
CA LYS M 53 -25.01 18.59 16.14
C LYS M 53 -25.65 19.72 16.95
N ILE M 54 -26.33 20.60 16.24
CA ILE M 54 -26.98 21.76 16.85
C ILE M 54 -28.48 21.51 16.92
N GLU M 55 -29.06 21.75 18.09
CA GLU M 55 -30.48 21.42 18.29
C GLU M 55 -31.38 22.45 17.63
N ALA M 56 -31.29 23.71 18.05
CA ALA M 56 -32.16 24.75 17.53
C ALA M 56 -31.49 26.10 17.70
N VAL M 57 -32.03 27.09 16.99
CA VAL M 57 -31.50 28.45 17.02
C VAL M 57 -32.62 29.40 17.38
N SER M 58 -32.24 30.57 17.90
CA SER M 58 -33.19 31.60 18.30
C SER M 58 -32.60 32.96 17.97
N LYS M 59 -33.47 33.88 17.57
CA LYS M 59 -33.07 35.23 17.17
C LYS M 59 -33.72 36.24 18.11
N THR M 60 -32.91 37.11 18.69
CA THR M 60 -33.38 38.18 19.56
C THR M 60 -32.82 39.50 19.02
N GLY M 61 -33.69 40.32 18.45
CA GLY M 61 -33.26 41.56 17.83
C GLY M 61 -32.38 41.30 16.62
N THR M 62 -31.08 41.60 16.75
CA THR M 62 -30.11 41.32 15.69
C THR M 62 -29.05 40.33 16.14
N THR M 63 -29.27 39.63 17.25
CA THR M 63 -28.33 38.65 17.78
C THR M 63 -28.88 37.25 17.58
N VAL M 64 -28.02 36.35 17.10
CA VAL M 64 -28.39 34.96 16.83
C VAL M 64 -27.77 34.09 17.92
N SER M 65 -28.61 33.29 18.58
CA SER M 65 -28.16 32.37 19.61
C SER M 65 -28.37 30.95 19.14
N VAL M 66 -27.33 30.13 19.26
CA VAL M 66 -27.34 28.75 18.78
C VAL M 66 -26.99 27.84 19.95
N ASN M 67 -27.76 26.78 20.12
CA ASN M 67 -27.51 25.77 21.15
C ASN M 67 -26.83 24.57 20.51
N VAL M 68 -25.63 24.25 20.99
CA VAL M 68 -24.81 23.18 20.43
C VAL M 68 -24.72 22.06 21.46
N ARG M 69 -25.04 20.84 21.04
CA ARG M 69 -25.00 19.68 21.91
C ARG M 69 -23.84 18.77 21.51
N ASN M 70 -23.08 18.32 22.50
CA ASN M 70 -21.96 17.43 22.29
C ASN M 70 -22.48 15.99 22.24
N VAL M 71 -22.71 15.47 21.03
CA VAL M 71 -23.07 14.07 20.89
C VAL M 71 -21.86 13.16 21.01
N GLY M 72 -20.66 13.73 21.06
CA GLY M 72 -19.46 12.94 21.21
C GLY M 72 -19.14 12.62 22.65
N GLU M 73 -17.99 11.98 22.83
CA GLU M 73 -17.51 11.54 24.14
C GLU M 73 -16.25 12.26 24.60
N VAL M 74 -15.74 13.21 23.81
CA VAL M 74 -14.55 13.97 24.18
C VAL M 74 -14.92 15.45 24.21
N PRO M 75 -14.21 16.28 25.00
CA PRO M 75 -14.56 17.70 25.07
C PRO M 75 -14.34 18.40 23.74
N VAL M 76 -15.15 19.42 23.49
CA VAL M 76 -15.12 20.18 22.24
C VAL M 76 -15.06 21.66 22.59
N LYS M 77 -14.27 22.41 21.82
CA LYS M 77 -14.17 23.86 21.96
C LYS M 77 -14.75 24.52 20.72
N ILE M 78 -15.66 25.46 20.92
CA ILE M 78 -16.26 26.21 19.83
C ILE M 78 -15.50 27.52 19.67
N ALA M 79 -15.06 27.81 18.45
CA ALA M 79 -14.23 28.96 18.19
C ALA M 79 -14.85 30.01 17.27
N SER M 80 -15.74 29.62 16.37
CA SER M 80 -16.32 30.60 15.44
C SER M 80 -17.72 30.16 15.04
N ALA M 81 -18.52 31.13 14.62
CA ALA M 81 -19.86 30.89 14.11
C ALA M 81 -20.11 31.85 12.95
N TYR M 82 -20.85 31.38 11.95
CA TYR M 82 -21.11 32.15 10.74
C TYR M 82 -22.58 32.11 10.38
N VAL M 83 -22.96 33.00 9.46
CA VAL M 83 -24.29 33.03 8.86
C VAL M 83 -24.07 33.13 7.36
N LEU M 84 -24.17 32.01 6.65
CA LEU M 84 -23.86 31.96 5.23
C LEU M 84 -25.07 32.31 4.38
N ASN M 85 -24.82 32.99 3.27
CA ASN M 85 -25.84 33.25 2.27
C ASN M 85 -26.11 31.97 1.48
N ALA M 86 -27.32 31.87 0.93
CA ALA M 86 -27.74 30.63 0.28
C ALA M 86 -26.95 30.38 -1.00
N THR M 87 -26.37 29.18 -1.10
CA THR M 87 -25.80 28.61 -2.32
C THR M 87 -24.63 29.41 -2.89
N THR M 88 -24.18 30.45 -2.20
CA THR M 88 -23.02 31.20 -2.64
C THR M 88 -21.84 31.12 -1.68
N LEU M 89 -22.04 30.57 -0.48
CA LEU M 89 -20.97 30.38 0.50
C LEU M 89 -20.24 31.69 0.80
N THR M 90 -21.00 32.78 0.90
CA THR M 90 -20.47 34.09 1.27
C THR M 90 -21.04 34.49 2.62
N MET M 91 -20.16 34.80 3.56
CA MET M 91 -20.59 35.14 4.91
C MET M 91 -21.15 36.56 4.97
N ILE M 92 -22.17 36.74 5.78
CA ILE M 92 -22.71 38.06 6.09
C ILE M 92 -22.16 38.58 7.40
N CYS M 93 -22.17 37.76 8.44
CA CYS M 93 -21.56 38.11 9.72
C CYS M 93 -20.93 36.86 10.30
N GLY M 94 -19.88 37.05 11.07
CA GLY M 94 -19.20 35.95 11.72
C GLY M 94 -17.73 36.26 11.95
N GLY M 95 -17.09 35.35 12.66
CA GLY M 95 -15.69 35.51 12.99
C GLY M 95 -15.34 34.69 14.22
N SER M 96 -14.10 34.87 14.67
CA SER M 96 -13.66 34.19 15.88
C SER M 96 -14.38 34.77 17.09
N LEU M 97 -14.77 33.88 18.00
CA LEU M 97 -15.37 34.33 19.25
C LEU M 97 -14.32 35.00 20.13
N THR M 98 -14.79 35.86 21.04
CA THR M 98 -13.88 36.55 21.94
C THR M 98 -13.13 35.57 22.83
N SER M 99 -13.83 34.56 23.34
CA SER M 99 -13.21 33.52 24.14
C SER M 99 -13.83 32.19 23.73
N PRO M 100 -13.01 31.18 23.44
CA PRO M 100 -13.57 29.87 23.08
C PRO M 100 -14.40 29.29 24.22
N GLN M 101 -15.48 28.62 23.85
CA GLN M 101 -16.39 28.01 24.81
C GLN M 101 -16.27 26.49 24.73
N GLN M 102 -16.07 25.86 25.88
CA GLN M 102 -15.89 24.42 25.97
C GLN M 102 -17.24 23.74 26.22
N ILE M 103 -17.51 22.67 25.49
CA ILE M 103 -18.75 21.92 25.59
C ILE M 103 -18.40 20.51 26.04
N ASP M 104 -18.86 20.13 27.23
CA ASP M 104 -18.58 18.81 27.78
C ASP M 104 -19.47 17.76 27.09
N PRO M 105 -19.00 16.52 27.01
CA PRO M 105 -19.82 15.46 26.41
C PRO M 105 -21.13 15.29 27.16
N GLY M 106 -22.20 15.06 26.40
CA GLY M 106 -23.51 14.86 26.98
C GLY M 106 -24.18 16.11 27.51
N THR M 107 -23.62 17.28 27.25
CA THR M 107 -24.18 18.55 27.70
C THR M 107 -24.51 19.42 26.49
N ILE M 108 -24.98 20.63 26.77
CA ILE M 108 -25.31 21.60 25.74
C ILE M 108 -24.80 22.96 26.18
N GLN M 109 -24.59 23.85 25.20
CA GLN M 109 -24.11 25.19 25.47
C GLN M 109 -24.74 26.15 24.47
N THR M 110 -24.72 27.43 24.82
CA THR M 110 -25.28 28.49 23.98
C THR M 110 -24.15 29.30 23.36
N ILE M 111 -24.23 29.50 22.05
CA ILE M 111 -23.20 30.23 21.30
C ILE M 111 -23.87 31.38 20.56
N ASN M 112 -23.30 32.57 20.66
CA ASN M 112 -23.80 33.76 19.99
C ASN M 112 -22.86 34.12 18.85
N VAL M 113 -23.44 34.44 17.70
CA VAL M 113 -22.61 34.83 16.54
C VAL M 113 -21.89 36.12 16.86
N PRO M 114 -20.58 36.21 16.64
CA PRO M 114 -19.86 37.44 16.96
C PRO M 114 -20.32 38.60 16.09
N GLY M 115 -20.25 39.80 16.66
CA GLY M 115 -20.68 40.99 15.94
C GLY M 115 -22.19 41.08 15.83
N THR M 116 -22.63 42.03 15.01
CA THR M 116 -24.04 42.28 14.78
C THR M 116 -24.29 42.33 13.28
N CYS M 117 -25.28 41.55 12.82
CA CYS M 117 -25.64 41.51 11.41
C CYS M 117 -27.15 41.58 11.27
N ASN M 118 -27.62 42.47 10.40
CA ASN M 118 -29.04 42.56 10.12
C ASN M 118 -29.50 41.37 9.29
N LEU M 119 -30.79 41.08 9.37
CA LEU M 119 -31.39 39.97 8.65
C LEU M 119 -32.69 40.42 8.02
N ILE M 120 -33.16 39.65 7.03
CA ILE M 120 -34.40 39.92 6.32
C ILE M 120 -35.37 38.79 6.62
N ALA M 121 -36.58 39.15 7.04
CA ALA M 121 -37.58 38.14 7.37
C ALA M 121 -37.96 37.32 6.15
N GLY M 122 -38.11 36.01 6.36
CA GLY M 122 -38.48 35.12 5.28
C GLY M 122 -37.38 34.80 4.30
N ALA M 123 -36.14 35.17 4.61
CA ALA M 123 -35.01 34.91 3.73
C ALA M 123 -34.24 33.67 4.19
N ARG M 124 -33.37 33.18 3.31
CA ARG M 124 -32.61 31.96 3.57
C ARG M 124 -31.27 32.31 4.21
N TYR M 125 -30.93 31.60 5.27
CA TYR M 125 -29.64 31.78 5.93
C TYR M 125 -29.16 30.45 6.47
N ILE M 126 -27.86 30.23 6.40
CA ILE M 126 -27.23 29.01 6.91
C ILE M 126 -26.41 29.39 8.14
N VAL M 127 -26.77 28.83 9.29
CA VAL M 127 -26.02 29.03 10.52
C VAL M 127 -25.02 27.89 10.67
N LYS M 128 -23.78 28.23 11.01
CA LYS M 128 -22.68 27.29 10.97
C LYS M 128 -21.76 27.52 12.16
N VAL M 129 -21.33 26.44 12.79
CA VAL M 129 -20.37 26.49 13.89
C VAL M 129 -19.22 25.55 13.58
N VAL M 130 -17.99 25.98 13.87
CA VAL M 130 -16.80 25.20 13.61
C VAL M 130 -16.05 25.00 14.92
N THR M 131 -15.55 23.78 15.11
CA THR M 131 -14.82 23.44 16.32
C THR M 131 -13.38 23.93 16.23
N ALA M 132 -12.68 23.87 17.37
CA ALA M 132 -11.26 24.21 17.39
C ALA M 132 -10.45 23.22 16.56
N ARG M 133 -10.83 21.95 16.59
CA ARG M 133 -10.16 20.93 15.78
C ARG M 133 -10.59 20.97 14.33
N GLY M 134 -11.71 21.61 14.01
CA GLY M 134 -12.15 21.79 12.64
C GLY M 134 -13.44 21.09 12.27
N THR M 135 -14.06 20.36 13.19
CA THR M 135 -15.32 19.69 12.87
C THR M 135 -16.41 20.71 12.57
N GLU M 136 -17.23 20.41 11.57
CA GLU M 136 -18.24 21.33 11.06
C GLU M 136 -19.64 20.80 11.33
N ALA M 137 -20.51 21.68 11.83
CA ALA M 137 -21.92 21.39 12.01
C ALA M 137 -22.71 22.64 11.68
N ALA M 138 -23.89 22.47 11.10
CA ALA M 138 -24.64 23.61 10.60
C ALA M 138 -26.13 23.27 10.57
N ALA M 139 -26.92 24.23 10.10
CA ALA M 139 -28.36 24.08 9.89
C ALA M 139 -28.85 25.36 9.24
N THR M 140 -30.13 25.38 8.88
CA THR M 140 -30.77 26.56 8.31
C THR M 140 -32.02 26.90 9.11
N PHE M 141 -32.45 28.15 8.96
CA PHE M 141 -33.63 28.63 9.66
C PHE M 141 -34.22 29.79 8.87
N ILE M 142 -35.50 30.06 9.14
CA ILE M 142 -36.21 31.18 8.54
C ILE M 142 -36.18 32.33 9.53
N SER M 143 -35.53 33.43 9.15
CA SER M 143 -35.44 34.57 10.05
C SER M 143 -36.81 35.20 10.25
N PRO M 144 -37.20 35.48 11.50
CA PRO M 144 -38.48 36.13 11.81
C PRO M 144 -38.54 37.57 11.34
N GLU N 9 43.10 -0.80 4.89
CA GLU N 9 43.01 -1.06 3.45
C GLU N 9 41.58 -1.41 3.00
N PRO N 10 40.87 -2.29 3.72
CA PRO N 10 39.44 -2.44 3.45
C PRO N 10 38.65 -1.19 3.72
N ILE N 11 39.17 -0.27 4.54
CA ILE N 11 38.46 0.96 4.86
C ILE N 11 38.31 1.83 3.61
N VAL N 12 39.33 1.85 2.76
CA VAL N 12 39.26 2.63 1.52
C VAL N 12 38.16 2.08 0.62
N ALA N 13 38.11 0.75 0.47
CA ALA N 13 37.07 0.14 -0.34
C ALA N 13 35.69 0.42 0.25
N ALA N 14 35.58 0.40 1.58
CA ALA N 14 34.31 0.71 2.21
C ALA N 14 33.88 2.14 1.94
N VAL N 15 34.83 3.09 1.98
CA VAL N 15 34.50 4.48 1.71
C VAL N 15 34.05 4.66 0.26
N LEU N 16 34.76 4.03 -0.68
CA LEU N 16 34.32 4.08 -2.07
C LEU N 16 32.93 3.48 -2.24
N LEU N 17 32.66 2.36 -1.56
CA LEU N 17 31.35 1.73 -1.67
C LEU N 17 30.26 2.64 -1.13
N ILE N 18 30.53 3.32 -0.01
CA ILE N 18 29.57 4.27 0.55
C ILE N 18 29.31 5.40 -0.42
N VAL N 19 30.36 5.93 -1.05
CA VAL N 19 30.19 7.01 -2.01
C VAL N 19 29.34 6.53 -3.19
N VAL N 20 29.62 5.34 -3.69
CA VAL N 20 28.85 4.80 -4.81
C VAL N 20 27.39 4.63 -4.43
N ALA N 21 27.14 4.12 -3.22
CA ALA N 21 25.77 3.96 -2.76
C ALA N 21 25.05 5.31 -2.67
N VAL N 22 25.75 6.35 -2.20
CA VAL N 22 25.15 7.67 -2.13
C VAL N 22 24.81 8.19 -3.52
N ILE N 23 25.71 7.99 -4.48
CA ILE N 23 25.43 8.45 -5.85
C ILE N 23 24.22 7.72 -6.42
N GLY N 24 24.15 6.41 -6.21
CA GLY N 24 23.00 5.65 -6.66
C GLY N 24 21.71 6.10 -6.02
N ALA N 25 21.76 6.41 -4.72
CA ALA N 25 20.58 6.93 -4.03
C ALA N 25 20.14 8.26 -4.62
N VAL N 26 21.10 9.13 -4.96
CA VAL N 26 20.75 10.41 -5.58
C VAL N 26 20.07 10.19 -6.93
N LEU N 27 20.61 9.28 -7.74
CA LEU N 27 19.99 8.99 -9.03
C LEU N 27 18.57 8.44 -8.86
N VAL N 28 18.39 7.51 -7.92
CA VAL N 28 17.07 6.95 -7.65
C VAL N 28 16.12 8.05 -7.18
N TYR N 29 16.60 8.97 -6.35
CA TYR N 29 15.76 10.07 -5.90
C TYR N 29 15.32 10.96 -7.06
N LEU N 30 16.25 11.27 -7.97
CA LEU N 30 15.90 12.10 -9.12
C LEU N 30 14.80 11.43 -9.95
N TRP N 31 15.01 10.16 -10.29
CA TRP N 31 13.99 9.45 -11.07
C TRP N 31 12.68 9.37 -10.30
N PHE N 32 12.77 9.15 -8.99
CA PHE N 32 11.57 8.97 -8.17
C PHE N 32 10.74 10.25 -8.18
N SER N 33 11.38 11.40 -8.02
CA SER N 33 10.66 12.66 -8.08
C SER N 33 10.02 12.85 -9.45
N GLY N 34 10.79 12.61 -10.52
CA GLY N 34 10.23 12.80 -11.86
C GLY N 34 9.06 11.89 -12.14
N TYR N 35 9.20 10.60 -11.81
CA TYR N 35 8.13 9.63 -12.02
C TYR N 35 6.89 9.97 -11.21
N VAL N 36 7.04 10.18 -9.90
CA VAL N 36 5.87 10.48 -9.09
C VAL N 36 5.16 11.71 -9.64
N THR N 37 5.92 12.76 -9.94
CA THR N 37 5.31 14.00 -10.42
C THR N 37 4.52 13.76 -11.71
N ARG N 38 5.19 13.29 -12.76
CA ARG N 38 4.51 13.23 -14.06
C ARG N 38 3.42 12.17 -14.09
N ALA N 39 3.69 10.98 -13.56
CA ALA N 39 2.67 9.93 -13.56
C ALA N 39 1.47 10.33 -12.73
N THR N 40 1.70 10.89 -11.54
CA THR N 40 0.61 11.34 -10.69
C THR N 40 -0.22 12.42 -11.36
N SER N 41 0.43 13.39 -11.99
CA SER N 41 -0.31 14.46 -12.65
C SER N 41 -1.07 13.95 -13.87
N GLN N 42 -0.51 12.98 -14.59
CA GLN N 42 -1.22 12.37 -15.71
C GLN N 42 -2.47 11.65 -15.22
N ALA N 43 -2.37 10.90 -14.13
CA ALA N 43 -3.55 10.27 -13.54
C ALA N 43 -4.56 11.32 -13.08
N GLU N 44 -4.08 12.37 -12.43
CA GLU N 44 -4.97 13.42 -11.93
C GLU N 44 -5.75 14.07 -13.06
N GLN N 45 -5.10 14.30 -14.21
CA GLN N 45 -5.81 14.92 -15.30
C GLN N 45 -6.74 13.93 -16.01
N LEU N 46 -6.38 12.63 -16.01
CA LEU N 46 -7.35 11.64 -16.46
C LEU N 46 -8.57 11.56 -15.55
N SER N 47 -8.43 11.98 -14.29
CA SER N 47 -9.56 11.95 -13.37
C SER N 47 -10.70 12.87 -13.82
N ALA N 48 -10.37 13.94 -14.55
CA ALA N 48 -11.39 14.87 -15.00
C ALA N 48 -12.36 14.20 -15.96
N ALA N 49 -13.62 14.64 -15.91
CA ALA N 49 -14.68 14.03 -16.71
C ALA N 49 -15.45 15.12 -17.46
N GLU N 50 -16.07 14.70 -18.56
CA GLU N 50 -16.89 15.57 -19.39
C GLU N 50 -18.32 15.04 -19.42
N GLN N 51 -19.28 15.97 -19.42
CA GLN N 51 -20.69 15.64 -19.42
C GLN N 51 -21.36 16.22 -20.66
N LEU N 52 -22.17 15.40 -21.34
CA LEU N 52 -22.87 15.81 -22.54
C LEU N 52 -24.35 15.45 -22.42
N LYS N 53 -25.16 16.15 -23.20
CA LYS N 53 -26.59 15.87 -23.30
C LYS N 53 -27.09 16.39 -24.64
N ILE N 54 -27.99 15.64 -25.25
CA ILE N 54 -28.58 15.99 -26.53
C ILE N 54 -29.95 16.61 -26.29
N GLU N 55 -30.16 17.81 -26.83
CA GLU N 55 -31.38 18.55 -26.55
C GLU N 55 -32.57 17.95 -27.32
N ALA N 56 -32.46 17.90 -28.64
CA ALA N 56 -33.55 17.39 -29.45
C ALA N 56 -32.99 16.87 -30.77
N VAL N 57 -33.80 16.08 -31.47
CA VAL N 57 -33.42 15.50 -32.74
C VAL N 57 -34.45 15.89 -33.79
N SER N 58 -34.02 15.85 -35.05
CA SER N 58 -34.90 16.16 -36.17
C SER N 58 -34.53 15.27 -37.34
N LYS N 59 -35.55 14.86 -38.10
CA LYS N 59 -35.38 13.99 -39.25
C LYS N 59 -35.85 14.72 -40.50
N THR N 60 -34.98 14.79 -41.50
CA THR N 60 -35.29 15.40 -42.79
C THR N 60 -34.99 14.37 -43.88
N GLY N 61 -36.05 13.81 -44.47
CA GLY N 61 -35.88 12.76 -45.45
C GLY N 61 -35.31 11.50 -44.83
N THR N 62 -34.05 11.19 -45.16
CA THR N 62 -33.35 10.05 -44.58
C THR N 62 -32.14 10.46 -43.76
N THR N 63 -32.03 11.75 -43.43
CA THR N 63 -30.92 12.27 -42.64
C THR N 63 -31.40 12.67 -41.25
N VAL N 64 -30.64 12.27 -40.23
CA VAL N 64 -30.97 12.57 -38.84
C VAL N 64 -30.01 13.63 -38.35
N SER N 65 -30.55 14.73 -37.82
CA SER N 65 -29.76 15.83 -37.28
C SER N 65 -30.01 15.92 -35.78
N VAL N 66 -28.93 15.98 -35.01
CA VAL N 66 -28.99 16.00 -33.55
C VAL N 66 -28.25 17.23 -33.05
N ASN N 67 -28.86 17.96 -32.13
CA ASN N 67 -28.24 19.12 -31.49
C ASN N 67 -27.69 18.69 -30.14
N VAL N 68 -26.38 18.90 -29.95
CA VAL N 68 -25.68 18.47 -28.74
C VAL N 68 -25.25 19.71 -27.97
N ARG N 69 -25.55 19.74 -26.68
CA ARG N 69 -25.16 20.84 -25.80
C ARG N 69 -24.05 20.38 -24.86
N ASN N 70 -23.00 21.18 -24.78
CA ASN N 70 -21.89 20.91 -23.86
C ASN N 70 -22.22 21.53 -22.52
N VAL N 71 -22.77 20.72 -21.61
CA VAL N 71 -23.05 21.20 -20.26
C VAL N 71 -21.80 21.26 -19.40
N GLY N 72 -20.68 20.74 -19.89
CA GLY N 72 -19.42 20.82 -19.18
C GLY N 72 -18.73 22.15 -19.38
N GLU N 73 -17.54 22.25 -18.80
CA GLU N 73 -16.73 23.46 -18.87
C GLU N 73 -15.48 23.29 -19.71
N VAL N 74 -15.23 22.11 -20.27
CA VAL N 74 -14.05 21.86 -21.09
C VAL N 74 -14.51 21.60 -22.53
N PRO N 75 -13.71 21.94 -23.53
CA PRO N 75 -14.11 21.69 -24.91
C PRO N 75 -14.26 20.21 -25.19
N VAL N 76 -15.22 19.87 -26.05
CA VAL N 76 -15.55 18.49 -26.38
C VAL N 76 -15.59 18.34 -27.89
N LYS N 77 -15.11 17.20 -28.39
CA LYS N 77 -15.12 16.89 -29.81
C LYS N 77 -16.04 15.70 -30.07
N ILE N 78 -16.94 15.86 -31.04
CA ILE N 78 -17.84 14.79 -31.46
C ILE N 78 -17.20 14.04 -32.62
N ALA N 79 -17.13 12.72 -32.50
CA ALA N 79 -16.44 11.91 -33.50
C ALA N 79 -17.35 10.95 -34.25
N SER N 80 -18.41 10.43 -33.63
CA SER N 80 -19.27 9.48 -34.31
C SER N 80 -20.69 9.58 -33.76
N ALA N 81 -21.65 9.12 -34.56
CA ALA N 81 -23.05 9.05 -34.18
C ALA N 81 -23.65 7.78 -34.76
N TYR N 82 -24.58 7.18 -34.01
CA TYR N 82 -25.19 5.92 -34.40
C TYR N 82 -26.70 5.98 -34.22
N VAL N 83 -27.37 4.97 -34.75
CA VAL N 83 -28.79 4.74 -34.54
C VAL N 83 -28.93 3.28 -34.12
N LEU N 84 -29.07 3.04 -32.82
CA LEU N 84 -29.12 1.68 -32.29
C LEU N 84 -30.54 1.14 -32.33
N ASN N 85 -30.65 -0.16 -32.64
CA ASN N 85 -31.94 -0.84 -32.59
C ASN N 85 -32.30 -1.14 -31.14
N ALA N 86 -33.60 -1.16 -30.87
CA ALA N 86 -34.09 -1.32 -29.50
C ALA N 86 -33.80 -2.72 -28.97
N THR N 87 -33.28 -2.79 -27.74
CA THR N 87 -33.15 -3.99 -26.93
C THR N 87 -32.21 -5.03 -27.53
N THR N 88 -31.54 -4.73 -28.65
CA THR N 88 -30.58 -5.66 -29.23
C THR N 88 -29.18 -5.09 -29.35
N LEU N 89 -28.99 -3.78 -29.18
CA LEU N 89 -27.68 -3.14 -29.24
C LEU N 89 -26.97 -3.45 -30.55
N THR N 90 -27.71 -3.38 -31.65
CA THR N 90 -27.16 -3.59 -32.98
C THR N 90 -27.35 -2.32 -33.80
N MET N 91 -26.27 -1.84 -34.42
CA MET N 91 -26.32 -0.61 -35.18
C MET N 91 -26.99 -0.81 -36.54
N ILE N 92 -27.73 0.19 -36.98
CA ILE N 92 -28.30 0.21 -38.31
C ILE N 92 -27.46 1.07 -39.26
N CYS N 93 -27.14 2.29 -38.84
CA CYS N 93 -26.28 3.17 -39.62
C CYS N 93 -25.41 3.96 -38.66
N GLY N 94 -24.23 4.33 -39.14
CA GLY N 94 -23.32 5.13 -38.33
C GLY N 94 -21.88 4.82 -38.70
N GLY N 95 -20.99 5.60 -38.11
CA GLY N 95 -19.57 5.45 -38.35
C GLY N 95 -18.84 6.73 -37.97
N SER N 96 -17.54 6.72 -38.27
CA SER N 96 -16.72 7.89 -38.03
C SER N 96 -17.16 9.05 -38.92
N LEU N 97 -17.26 10.24 -38.32
CA LEU N 97 -17.61 11.42 -39.07
C LEU N 97 -16.46 11.84 -39.98
N THR N 98 -16.78 12.56 -41.05
CA THR N 98 -15.76 13.00 -41.98
C THR N 98 -14.75 13.91 -41.31
N SER N 99 -15.22 14.84 -40.47
CA SER N 99 -14.36 15.73 -39.71
C SER N 99 -14.95 15.87 -38.32
N PRO N 100 -14.16 15.66 -37.27
CA PRO N 100 -14.67 15.86 -35.91
C PRO N 100 -15.12 17.30 -35.70
N GLN N 101 -16.20 17.46 -34.94
CA GLN N 101 -16.77 18.77 -34.65
C GLN N 101 -16.49 19.11 -33.20
N GLN N 102 -15.97 20.32 -32.98
CA GLN N 102 -15.67 20.80 -31.63
C GLN N 102 -16.84 21.63 -31.11
N ILE N 103 -17.21 21.37 -29.87
CA ILE N 103 -18.34 22.05 -29.23
C ILE N 103 -17.81 22.92 -28.10
N ASP N 104 -18.00 24.22 -28.22
CA ASP N 104 -17.65 25.18 -27.19
C ASP N 104 -18.57 25.01 -26.00
N PRO N 105 -18.03 24.93 -24.78
CA PRO N 105 -18.90 24.87 -23.60
C PRO N 105 -19.80 26.10 -23.50
N GLY N 106 -21.03 25.87 -23.07
CA GLY N 106 -22.05 26.91 -23.06
C GLY N 106 -22.70 27.16 -24.40
N THR N 107 -22.34 26.41 -25.44
CA THR N 107 -22.94 26.52 -26.76
C THR N 107 -23.50 25.16 -27.18
N ILE N 108 -24.02 25.11 -28.40
CA ILE N 108 -24.53 23.88 -28.99
C ILE N 108 -24.04 23.77 -30.41
N GLN N 109 -24.07 22.55 -30.95
CA GLN N 109 -23.67 22.28 -32.32
C GLN N 109 -24.63 21.27 -32.93
N THR N 110 -24.65 21.20 -34.26
CA THR N 110 -25.51 20.29 -34.99
C THR N 110 -24.68 19.15 -35.55
N ILE N 111 -25.14 17.92 -35.34
CA ILE N 111 -24.43 16.72 -35.77
C ILE N 111 -25.37 15.89 -36.63
N ASN N 112 -24.88 15.44 -37.78
CA ASN N 112 -25.63 14.60 -38.69
C ASN N 112 -25.06 13.18 -38.65
N VAL N 113 -25.94 12.19 -38.59
CA VAL N 113 -25.49 10.79 -38.61
C VAL N 113 -24.80 10.51 -39.94
N PRO N 114 -23.60 9.93 -39.95
CA PRO N 114 -22.92 9.67 -41.22
C PRO N 114 -23.68 8.67 -42.08
N GLY N 115 -23.57 8.85 -43.38
CA GLY N 115 -24.23 7.96 -44.32
C GLY N 115 -25.74 8.20 -44.37
N THR N 116 -26.41 7.28 -45.06
CA THR N 116 -27.85 7.34 -45.24
C THR N 116 -28.46 6.01 -44.80
N CYS N 117 -29.44 6.07 -43.90
CA CYS N 117 -30.12 4.89 -43.41
C CYS N 117 -31.62 5.13 -43.40
N ASN N 118 -32.38 4.19 -43.95
CA ASN N 118 -33.83 4.29 -43.94
C ASN N 118 -34.38 4.06 -42.53
N LEU N 119 -35.59 4.55 -42.30
CA LEU N 119 -36.26 4.39 -41.03
C LEU N 119 -37.72 4.03 -41.27
N ILE N 120 -38.34 3.44 -40.24
CA ILE N 120 -39.74 3.02 -40.29
C ILE N 120 -40.51 3.87 -39.29
N ALA N 121 -41.61 4.46 -39.76
CA ALA N 121 -42.43 5.29 -38.89
C ALA N 121 -43.01 4.48 -37.74
N GLY N 122 -43.01 5.06 -36.55
CA GLY N 122 -43.53 4.39 -35.38
C GLY N 122 -42.65 3.30 -34.82
N ALA N 123 -41.40 3.21 -35.27
CA ALA N 123 -40.48 2.19 -34.80
C ALA N 123 -39.53 2.78 -33.76
N ARG N 124 -38.89 1.89 -33.00
CA ARG N 124 -38.02 2.29 -31.90
C ARG N 124 -36.59 2.45 -32.40
N TYR N 125 -35.98 3.59 -32.05
CA TYR N 125 -34.58 3.84 -32.39
C TYR N 125 -33.94 4.65 -31.27
N ILE N 126 -32.68 4.33 -30.97
CA ILE N 126 -31.88 5.04 -29.99
C ILE N 126 -30.77 5.77 -30.72
N VAL N 127 -30.72 7.10 -30.58
CA VAL N 127 -29.67 7.91 -31.17
C VAL N 127 -28.57 8.10 -30.14
N LYS N 128 -27.31 8.01 -30.59
CA LYS N 128 -26.17 8.03 -29.68
C LYS N 128 -25.05 8.85 -30.30
N VAL N 129 -24.40 9.66 -29.47
CA VAL N 129 -23.22 10.42 -29.87
C VAL N 129 -22.10 10.14 -28.88
N VAL N 130 -20.89 9.97 -29.40
CA VAL N 130 -19.73 9.60 -28.59
C VAL N 130 -18.66 10.67 -28.75
N THR N 131 -18.01 11.00 -27.64
CA THR N 131 -16.95 12.00 -27.65
C THR N 131 -15.63 11.37 -28.09
N ALA N 132 -14.66 12.23 -28.38
CA ALA N 132 -13.33 11.75 -28.74
C ALA N 132 -12.65 11.05 -27.56
N ARG N 133 -12.93 11.50 -26.34
CA ARG N 133 -12.36 10.89 -25.14
C ARG N 133 -13.08 9.61 -24.74
N GLY N 134 -14.32 9.41 -25.18
CA GLY N 134 -15.07 8.21 -24.87
C GLY N 134 -16.35 8.42 -24.09
N THR N 135 -16.69 9.66 -23.73
CA THR N 135 -17.94 9.91 -23.04
C THR N 135 -19.13 9.63 -23.95
N GLU N 136 -20.17 9.02 -23.38
CA GLU N 136 -21.34 8.61 -24.13
C GLU N 136 -22.58 9.35 -23.63
N ALA N 137 -23.36 9.88 -24.56
CA ALA N 137 -24.64 10.50 -24.26
C ALA N 137 -25.63 10.08 -25.34
N ALA N 138 -26.86 9.78 -24.93
CA ALA N 138 -27.84 9.23 -25.86
C ALA N 138 -29.24 9.50 -25.34
N ALA N 139 -30.22 9.29 -26.21
CA ALA N 139 -31.64 9.42 -25.90
C ALA N 139 -32.42 8.72 -27.00
N THR N 140 -33.74 8.76 -26.90
CA THR N 140 -34.62 8.04 -27.80
C THR N 140 -35.56 9.00 -28.53
N PHE N 141 -36.09 8.52 -29.65
CA PHE N 141 -37.05 9.29 -30.44
C PHE N 141 -37.93 8.32 -31.21
N ILE N 142 -39.09 8.83 -31.64
CA ILE N 142 -40.01 8.07 -32.48
C ILE N 142 -39.93 8.63 -33.90
N SER N 143 -39.49 7.81 -34.83
CA SER N 143 -39.34 8.26 -36.20
C SER N 143 -40.70 8.59 -36.81
N PRO N 144 -40.82 9.72 -37.52
CA PRO N 144 -42.07 10.14 -38.16
C PRO N 144 -42.45 9.23 -39.33
N GLU O 9 38.06 -6.10 -0.94
CA GLU O 9 37.66 -7.36 -0.32
C GLU O 9 36.19 -7.37 0.11
N PRO O 10 35.69 -6.29 0.75
CA PRO O 10 34.24 -6.21 0.96
C PRO O 10 33.45 -6.10 -0.32
N ILE O 11 34.09 -5.74 -1.43
CA ILE O 11 33.39 -5.62 -2.70
C ILE O 11 32.85 -6.97 -3.15
N VAL O 12 33.63 -8.04 -2.95
CA VAL O 12 33.17 -9.38 -3.31
C VAL O 12 31.94 -9.74 -2.49
N ALA O 13 31.98 -9.48 -1.18
CA ALA O 13 30.83 -9.76 -0.34
C ALA O 13 29.61 -8.96 -0.79
N ALA O 14 29.81 -7.70 -1.17
CA ALA O 14 28.72 -6.88 -1.67
C ALA O 14 28.12 -7.47 -2.94
N VAL O 15 28.97 -7.96 -3.84
CA VAL O 15 28.48 -8.55 -5.09
C VAL O 15 27.67 -9.81 -4.80
N LEU O 16 28.17 -10.67 -3.91
CA LEU O 16 27.39 -11.85 -3.53
C LEU O 16 26.07 -11.46 -2.90
N LEU O 17 26.07 -10.44 -2.05
CA LEU O 17 24.83 -10.01 -1.40
C LEU O 17 23.83 -9.49 -2.43
N ILE O 18 24.32 -8.74 -3.42
CA ILE O 18 23.44 -8.24 -4.48
C ILE O 18 22.85 -9.41 -5.26
N VAL O 19 23.67 -10.42 -5.58
CA VAL O 19 23.17 -11.58 -6.30
C VAL O 19 22.09 -12.29 -5.48
N VAL O 20 22.33 -12.45 -4.18
CA VAL O 20 21.35 -13.11 -3.31
C VAL O 20 20.05 -12.32 -3.27
N ALA O 21 20.15 -11.00 -3.17
CA ALA O 21 18.95 -10.16 -3.15
C ALA O 21 18.18 -10.29 -4.47
N VAL O 22 18.89 -10.34 -5.59
CA VAL O 22 18.23 -10.52 -6.88
C VAL O 22 17.51 -11.86 -6.94
N ILE O 23 18.15 -12.92 -6.44
CA ILE O 23 17.50 -14.24 -6.42
C ILE O 23 16.24 -14.19 -5.58
N GLY O 24 16.31 -13.57 -4.40
CA GLY O 24 15.13 -13.44 -3.56
C GLY O 24 14.02 -12.67 -4.25
N ALA O 25 14.38 -11.60 -4.98
CA ALA O 25 13.39 -10.83 -5.72
C ALA O 25 12.72 -11.69 -6.78
N VAL O 26 13.50 -12.54 -7.47
CA VAL O 26 12.91 -13.41 -8.48
C VAL O 26 11.96 -14.41 -7.85
N LEU O 27 12.33 -14.97 -6.70
CA LEU O 27 11.44 -15.91 -6.01
C LEU O 27 10.15 -15.22 -5.58
N VAL O 28 10.26 -14.00 -5.05
CA VAL O 28 9.09 -13.22 -4.70
C VAL O 28 8.22 -12.96 -5.93
N TYR O 29 8.86 -12.66 -7.06
CA TYR O 29 8.14 -12.51 -8.32
C TYR O 29 7.31 -13.74 -8.65
N LEU O 30 7.93 -14.92 -8.60
CA LEU O 30 7.22 -16.14 -8.97
C LEU O 30 6.03 -16.38 -8.04
N TRP O 31 6.28 -16.31 -6.72
CA TRP O 31 5.19 -16.56 -5.79
C TRP O 31 4.09 -15.52 -5.93
N PHE O 32 4.46 -14.25 -6.09
CA PHE O 32 3.47 -13.20 -6.17
C PHE O 32 2.61 -13.35 -7.41
N SER O 33 3.22 -13.71 -8.54
CA SER O 33 2.43 -13.96 -9.75
C SER O 33 1.45 -15.10 -9.52
N GLY O 34 1.93 -16.21 -8.95
CA GLY O 34 1.03 -17.33 -8.72
C GLY O 34 -0.13 -16.98 -7.81
N TYR O 35 0.18 -16.31 -6.69
CA TYR O 35 -0.86 -15.91 -5.74
C TYR O 35 -1.84 -14.93 -6.33
N VAL O 36 -1.34 -13.87 -6.98
CA VAL O 36 -2.25 -12.86 -7.49
C VAL O 36 -3.17 -13.47 -8.53
N THR O 37 -2.62 -14.32 -9.41
CA THR O 37 -3.46 -14.95 -10.42
C THR O 37 -4.53 -15.82 -9.78
N ARG O 38 -4.12 -16.74 -8.90
CA ARG O 38 -5.07 -17.70 -8.34
C ARG O 38 -6.13 -17.01 -7.51
N ALA O 39 -5.72 -16.17 -6.54
CA ALA O 39 -6.67 -15.52 -5.66
C ALA O 39 -7.56 -14.56 -6.42
N THR O 40 -6.99 -13.81 -7.37
CA THR O 40 -7.77 -12.88 -8.18
C THR O 40 -8.85 -13.62 -8.97
N SER O 41 -8.48 -14.71 -9.64
CA SER O 41 -9.47 -15.43 -10.43
C SER O 41 -10.51 -16.11 -9.55
N GLN O 42 -10.10 -16.59 -8.38
CA GLN O 42 -11.05 -17.16 -7.43
C GLN O 42 -12.07 -16.12 -6.99
N ALA O 43 -11.60 -14.91 -6.66
CA ALA O 43 -12.52 -13.84 -6.30
C ALA O 43 -13.43 -13.47 -7.47
N GLU O 44 -12.87 -13.44 -8.68
CA GLU O 44 -13.66 -13.11 -9.86
C GLU O 44 -14.77 -14.12 -10.08
N GLN O 45 -14.48 -15.41 -9.87
CA GLN O 45 -15.50 -16.41 -10.09
C GLN O 45 -16.53 -16.46 -8.96
N LEU O 46 -16.12 -16.17 -7.72
CA LEU O 46 -17.12 -16.00 -6.66
C LEU O 46 -17.96 -14.75 -6.85
N SER O 47 -17.50 -13.78 -7.65
CA SER O 47 -18.32 -12.62 -7.93
C SER O 47 -19.59 -12.99 -8.67
N ALA O 48 -19.59 -14.11 -9.38
CA ALA O 48 -20.78 -14.55 -10.10
C ALA O 48 -21.91 -14.88 -9.13
N ALA O 49 -23.14 -14.68 -9.60
CA ALA O 49 -24.32 -14.83 -8.76
C ALA O 49 -25.24 -15.90 -9.33
N GLU O 50 -26.03 -16.49 -8.44
CA GLU O 50 -26.96 -17.55 -8.77
C GLU O 50 -28.35 -17.16 -8.31
N GLN O 51 -29.33 -17.32 -9.20
CA GLN O 51 -30.69 -16.88 -8.94
C GLN O 51 -31.67 -18.02 -9.21
N LEU O 52 -32.66 -18.17 -8.34
CA LEU O 52 -33.72 -19.17 -8.48
C LEU O 52 -35.07 -18.55 -8.18
N LYS O 53 -36.12 -19.23 -8.63
CA LYS O 53 -37.49 -18.87 -8.31
C LYS O 53 -38.35 -20.12 -8.38
N ILE O 54 -39.31 -20.21 -7.46
CA ILE O 54 -40.23 -21.34 -7.39
C ILE O 54 -41.55 -20.93 -8.02
N GLU O 55 -42.02 -21.73 -8.98
CA GLU O 55 -43.23 -21.37 -9.72
C GLU O 55 -44.49 -21.61 -8.91
N ALA O 56 -44.70 -22.84 -8.47
CA ALA O 56 -45.91 -23.18 -7.73
C ALA O 56 -45.64 -24.39 -6.84
N VAL O 57 -46.52 -24.58 -5.87
CA VAL O 57 -46.41 -25.69 -4.92
C VAL O 57 -47.71 -26.46 -4.92
N SER O 58 -47.63 -27.72 -4.49
CA SER O 58 -48.79 -28.59 -4.40
C SER O 58 -48.65 -29.50 -3.20
N LYS O 59 -49.78 -29.80 -2.57
CA LYS O 59 -49.82 -30.63 -1.38
C LYS O 59 -50.69 -31.85 -1.66
N THR O 60 -50.11 -33.05 -1.46
CA THR O 60 -50.82 -34.31 -1.65
C THR O 60 -50.69 -35.12 -0.36
N GLY O 61 -51.80 -35.26 0.36
CA GLY O 61 -51.77 -35.93 1.64
C GLY O 61 -50.97 -35.17 2.67
N THR O 62 -49.79 -35.68 3.02
CA THR O 62 -48.88 -35.00 3.93
C THR O 62 -47.53 -34.69 3.26
N THR O 63 -47.44 -34.80 1.95
CA THR O 63 -46.23 -34.52 1.20
C THR O 63 -46.39 -33.25 0.39
N VAL O 64 -45.37 -32.39 0.44
CA VAL O 64 -45.36 -31.12 -0.26
C VAL O 64 -44.40 -31.23 -1.43
N SER O 65 -44.90 -30.93 -2.63
CA SER O 65 -44.09 -30.96 -3.85
C SER O 65 -43.96 -29.54 -4.38
N VAL O 66 -42.74 -29.15 -4.74
CA VAL O 66 -42.42 -27.81 -5.19
C VAL O 66 -41.72 -27.90 -6.53
N ASN O 67 -42.12 -27.04 -7.46
CA ASN O 67 -41.47 -26.93 -8.77
C ASN O 67 -40.56 -25.72 -8.76
N VAL O 68 -39.28 -25.93 -9.10
CA VAL O 68 -38.26 -24.89 -9.06
C VAL O 68 -37.86 -24.56 -10.49
N ARG O 69 -37.81 -23.27 -10.81
CA ARG O 69 -37.44 -22.80 -12.12
C ARG O 69 -36.04 -22.20 -12.08
N ASN O 70 -35.16 -22.69 -12.94
CA ASN O 70 -33.78 -22.21 -13.00
C ASN O 70 -33.74 -21.08 -14.01
N VAL O 71 -33.87 -19.84 -13.53
CA VAL O 71 -33.79 -18.68 -14.42
C VAL O 71 -32.37 -18.24 -14.69
N GLY O 72 -31.38 -18.86 -14.04
CA GLY O 72 -29.99 -18.53 -14.28
C GLY O 72 -29.41 -19.28 -15.46
N GLU O 73 -28.11 -19.06 -15.68
CA GLU O 73 -27.39 -19.68 -16.79
C GLU O 73 -26.45 -20.79 -16.34
N VAL O 74 -26.41 -21.10 -15.06
CA VAL O 74 -25.50 -22.12 -14.53
C VAL O 74 -26.30 -23.27 -13.94
N PRO O 75 -25.77 -24.48 -13.90
CA PRO O 75 -26.50 -25.58 -13.25
C PRO O 75 -26.69 -25.32 -11.77
N VAL O 76 -27.81 -25.83 -11.24
CA VAL O 76 -28.19 -25.61 -9.85
C VAL O 76 -28.42 -26.96 -9.18
N LYS O 77 -27.95 -27.07 -7.94
CA LYS O 77 -28.19 -28.26 -7.13
C LYS O 77 -29.04 -27.88 -5.92
N ILE O 78 -30.10 -28.63 -5.69
CA ILE O 78 -30.97 -28.42 -4.54
C ILE O 78 -30.63 -29.46 -3.47
N ALA O 79 -30.37 -28.98 -2.25
CA ALA O 79 -29.92 -29.85 -1.18
C ALA O 79 -30.88 -29.97 -0.01
N SER O 80 -31.69 -28.95 0.26
CA SER O 80 -32.59 -29.00 1.41
C SER O 80 -33.83 -28.16 1.13
N ALA O 81 -34.89 -28.50 1.86
CA ALA O 81 -36.15 -27.77 1.79
C ALA O 81 -36.82 -27.79 3.15
N TYR O 82 -37.49 -26.71 3.51
CA TYR O 82 -38.13 -26.57 4.81
C TYR O 82 -39.55 -26.06 4.65
N VAL O 83 -40.28 -26.10 5.76
CA VAL O 83 -41.60 -25.49 5.87
C VAL O 83 -41.56 -24.62 7.13
N LEU O 84 -41.31 -23.32 6.95
CA LEU O 84 -41.09 -22.40 8.05
C LEU O 84 -42.40 -21.85 8.57
N ASN O 85 -42.49 -21.67 9.88
CA ASN O 85 -43.65 -21.05 10.49
C ASN O 85 -43.57 -19.53 10.34
N ALA O 86 -44.73 -18.90 10.23
CA ALA O 86 -44.78 -17.47 9.95
C ALA O 86 -44.32 -16.66 11.16
N THR O 87 -43.49 -15.65 10.89
CA THR O 87 -43.10 -14.60 11.84
C THR O 87 -42.30 -15.12 13.03
N THR O 88 -41.94 -16.40 13.05
CA THR O 88 -41.11 -16.94 14.12
C THR O 88 -39.84 -17.60 13.64
N LEU O 89 -39.71 -17.88 12.34
CA LEU O 89 -38.50 -18.46 11.75
C LEU O 89 -38.12 -19.77 12.44
N THR O 90 -39.12 -20.59 12.73
CA THR O 90 -38.92 -21.91 13.33
C THR O 90 -39.43 -22.97 12.38
N MET O 91 -38.61 -23.98 12.11
CA MET O 91 -38.98 -25.03 11.17
C MET O 91 -39.90 -26.05 11.83
N ILE O 92 -40.85 -26.56 11.05
CA ILE O 92 -41.70 -27.66 11.48
C ILE O 92 -41.21 -28.99 10.94
N CYS O 93 -40.92 -29.05 9.64
CA CYS O 93 -40.35 -30.23 9.02
C CYS O 93 -39.33 -29.80 7.99
N GLY O 94 -38.34 -30.66 7.77
CA GLY O 94 -37.30 -30.38 6.79
C GLY O 94 -36.01 -31.08 7.16
N GLY O 95 -35.06 -31.01 6.25
CA GLY O 95 -33.78 -31.64 6.44
C GLY O 95 -33.09 -31.88 5.11
N SER O 96 -32.02 -32.67 5.17
CA SER O 96 -31.27 -33.01 3.98
C SER O 96 -32.11 -33.87 3.04
N LEU O 97 -32.03 -33.58 1.75
CA LEU O 97 -32.60 -34.48 0.76
C LEU O 97 -31.78 -35.75 0.66
N THR O 98 -32.44 -36.84 0.30
CA THR O 98 -31.75 -38.13 0.21
C THR O 98 -30.62 -38.07 -0.83
N SER O 99 -30.89 -37.45 -1.97
CA SER O 99 -29.88 -37.24 -2.99
C SER O 99 -30.11 -35.85 -3.57
N PRO O 100 -29.05 -35.04 -3.73
CA PRO O 100 -29.22 -33.72 -4.32
C PRO O 100 -29.76 -33.81 -5.74
N GLN O 101 -30.62 -32.86 -6.10
CA GLN O 101 -31.25 -32.81 -7.41
C GLN O 101 -30.61 -31.71 -8.23
N GLN O 102 -30.21 -32.04 -9.45
CA GLN O 102 -29.58 -31.09 -10.36
C GLN O 102 -30.64 -30.47 -11.27
N ILE O 103 -30.61 -29.14 -11.38
CA ILE O 103 -31.56 -28.40 -12.20
C ILE O 103 -30.78 -27.65 -13.27
N ASP O 104 -31.00 -28.03 -14.52
CA ASP O 104 -30.31 -27.41 -15.64
C ASP O 104 -30.90 -26.03 -15.95
N PRO O 105 -30.11 -25.12 -16.51
CA PRO O 105 -30.65 -23.82 -16.90
C PRO O 105 -31.79 -23.96 -17.90
N GLY O 106 -32.81 -23.13 -17.72
CA GLY O 106 -33.97 -23.17 -18.60
C GLY O 106 -34.88 -24.35 -18.43
N THR O 107 -34.68 -25.16 -17.38
CA THR O 107 -35.47 -26.35 -17.13
C THR O 107 -36.20 -26.22 -15.80
N ILE O 108 -36.95 -27.26 -15.45
CA ILE O 108 -37.72 -27.29 -14.21
C ILE O 108 -37.52 -28.66 -13.57
N GLN O 109 -37.72 -28.71 -12.25
CA GLN O 109 -37.59 -29.94 -11.48
C GLN O 109 -38.59 -29.93 -10.35
N THR O 110 -38.93 -31.12 -9.87
CA THR O 110 -39.87 -31.29 -8.77
C THR O 110 -39.11 -31.68 -7.52
N ILE O 111 -39.40 -30.99 -6.42
CA ILE O 111 -38.71 -31.21 -5.14
C ILE O 111 -39.75 -31.54 -4.09
N ASN O 112 -39.49 -32.58 -3.31
CA ASN O 112 -40.36 -33.00 -2.22
C ASN O 112 -39.69 -32.70 -0.89
N VAL O 113 -40.45 -32.12 0.03
CA VAL O 113 -39.91 -31.81 1.36
C VAL O 113 -39.54 -33.12 2.06
N PRO O 114 -38.33 -33.24 2.62
CA PRO O 114 -37.95 -34.50 3.27
C PRO O 114 -38.83 -34.80 4.48
N GLY O 115 -39.05 -36.08 4.73
CA GLY O 115 -39.86 -36.51 5.85
C GLY O 115 -41.33 -36.26 5.63
N THR O 116 -42.08 -36.43 6.72
CA THR O 116 -43.52 -36.22 6.74
C THR O 116 -43.89 -35.29 7.88
N CYS O 117 -44.60 -34.21 7.56
CA CYS O 117 -45.06 -33.25 8.54
C CYS O 117 -46.50 -32.86 8.26
N ASN O 118 -47.31 -32.81 9.31
CA ASN O 118 -48.71 -32.43 9.16
C ASN O 118 -48.85 -30.93 8.92
N LEU O 119 -50.03 -30.54 8.45
CA LEU O 119 -50.36 -29.14 8.19
C LEU O 119 -51.77 -28.85 8.68
N ILE O 120 -52.06 -27.57 8.87
CA ILE O 120 -53.37 -27.09 9.28
C ILE O 120 -53.94 -26.25 8.17
N ALA O 121 -55.17 -26.55 7.75
CA ALA O 121 -55.80 -25.84 6.65
C ALA O 121 -56.01 -24.37 7.00
N GLY O 122 -55.78 -23.51 6.02
CA GLY O 122 -55.98 -22.09 6.20
C GLY O 122 -54.94 -21.39 7.05
N ALA O 123 -53.79 -22.02 7.29
CA ALA O 123 -52.74 -21.46 8.11
C ALA O 123 -51.61 -20.94 7.24
N ARG O 124 -50.73 -20.15 7.86
CA ARG O 124 -49.60 -19.56 7.16
C ARG O 124 -48.41 -20.52 7.20
N TYR O 125 -47.81 -20.76 6.03
CA TYR O 125 -46.60 -21.55 5.93
C TYR O 125 -45.74 -20.98 4.81
N ILE O 126 -44.42 -20.99 5.02
CA ILE O 126 -43.45 -20.53 4.03
C ILE O 126 -42.64 -21.73 3.58
N VAL O 127 -42.64 -21.98 2.27
CA VAL O 127 -41.83 -23.03 1.68
C VAL O 127 -40.51 -22.42 1.24
N LYS O 128 -39.41 -23.12 1.51
CA LYS O 128 -38.08 -22.57 1.30
C LYS O 128 -37.17 -23.65 0.70
N VAL O 129 -36.38 -23.26 -0.28
CA VAL O 129 -35.40 -24.15 -0.91
C VAL O 129 -34.05 -23.46 -0.92
N VAL O 130 -33.00 -24.22 -0.61
CA VAL O 130 -31.65 -23.70 -0.55
C VAL O 130 -30.76 -24.50 -1.49
N THR O 131 -29.88 -23.80 -2.20
CA THR O 131 -28.98 -24.44 -3.14
C THR O 131 -27.74 -24.97 -2.43
N ALA O 132 -26.95 -25.74 -3.16
CA ALA O 132 -25.67 -26.21 -2.64
C ALA O 132 -24.71 -25.04 -2.41
N ARG O 133 -24.79 -24.01 -3.25
CA ARG O 133 -23.94 -22.84 -3.11
C ARG O 133 -24.45 -21.84 -2.08
N GLY O 134 -25.70 -21.97 -1.63
CA GLY O 134 -26.25 -21.12 -0.60
C GLY O 134 -27.36 -20.19 -1.04
N THR O 135 -27.75 -20.20 -2.31
CA THR O 135 -28.83 -19.33 -2.77
C THR O 135 -30.14 -19.73 -2.10
N GLU O 136 -30.91 -18.72 -1.71
CA GLU O 136 -32.18 -18.92 -1.00
C GLU O 136 -33.33 -18.38 -1.82
N ALA O 137 -34.38 -19.20 -1.98
CA ALA O 137 -35.60 -18.80 -2.64
C ALA O 137 -36.78 -19.37 -1.86
N ALA O 138 -37.83 -18.56 -1.73
CA ALA O 138 -38.96 -18.95 -0.88
C ALA O 138 -40.21 -18.21 -1.34
N ALA O 139 -41.35 -18.67 -0.85
CA ALA O 139 -42.65 -18.07 -1.14
C ALA O 139 -43.64 -18.63 -0.12
N THR O 140 -44.88 -18.16 -0.20
CA THR O 140 -45.92 -18.51 0.75
C THR O 140 -47.08 -19.21 0.03
N PHE O 141 -47.83 -20.00 0.79
CA PHE O 141 -48.99 -20.70 0.26
C PHE O 141 -49.97 -20.98 1.40
N ILE O 142 -51.20 -21.25 1.03
CA ILE O 142 -52.26 -21.59 1.98
C ILE O 142 -52.53 -23.08 1.89
N SER O 143 -52.31 -23.79 2.99
CA SER O 143 -52.55 -25.22 3.01
C SER O 143 -54.04 -25.50 2.90
N PRO O 144 -54.45 -26.43 2.02
CA PRO O 144 -55.87 -26.79 1.84
C PRO O 144 -56.43 -27.55 3.03
N GLU P 9 32.11 -8.54 5.80
CA GLU P 9 31.93 -7.46 6.77
C GLU P 9 30.58 -6.72 6.58
N PRO P 10 30.21 -6.39 5.34
CA PRO P 10 28.84 -5.91 5.12
C PRO P 10 27.78 -6.94 5.43
N ILE P 11 28.14 -8.23 5.47
CA ILE P 11 27.18 -9.28 5.78
C ILE P 11 26.66 -9.12 7.20
N VAL P 12 27.55 -8.80 8.14
CA VAL P 12 27.13 -8.61 9.53
C VAL P 12 26.16 -7.44 9.63
N ALA P 13 26.48 -6.33 8.97
CA ALA P 13 25.59 -5.17 8.99
C ALA P 13 24.25 -5.51 8.37
N ALA P 14 24.26 -6.30 7.28
CA ALA P 14 23.01 -6.71 6.67
C ALA P 14 22.17 -7.56 7.61
N VAL P 15 22.82 -8.47 8.34
CA VAL P 15 22.08 -9.33 9.29
C VAL P 15 21.47 -8.47 10.39
N LEU P 16 22.24 -7.53 10.93
CA LEU P 16 21.70 -6.64 11.96
C LEU P 16 20.53 -5.82 11.42
N LEU P 17 20.64 -5.33 10.18
CA LEU P 17 19.57 -4.54 9.61
C LEU P 17 18.31 -5.37 9.40
N ILE P 18 18.48 -6.63 8.98
CA ILE P 18 17.34 -7.53 8.84
C ILE P 18 16.68 -7.78 10.19
N VAL P 19 17.48 -7.98 11.23
CA VAL P 19 16.92 -8.18 12.57
C VAL P 19 16.13 -6.95 13.00
N VAL P 20 16.70 -5.76 12.78
CA VAL P 20 16.01 -4.52 13.15
C VAL P 20 14.70 -4.39 12.39
N ALA P 21 14.71 -4.71 11.10
CA ALA P 21 13.47 -4.64 10.32
C ALA P 21 12.42 -5.61 10.85
N VAL P 22 12.84 -6.81 11.25
CA VAL P 22 11.90 -7.78 11.80
C VAL P 22 11.30 -7.26 13.09
N ILE P 23 12.12 -6.68 13.96
CA ILE P 23 11.61 -6.14 15.22
C ILE P 23 10.62 -5.01 14.95
N GLY P 24 10.96 -4.12 14.02
CA GLY P 24 10.04 -3.04 13.66
C GLY P 24 8.73 -3.57 13.12
N ALA P 25 8.79 -4.61 12.29
CA ALA P 25 7.57 -5.21 11.75
C ALA P 25 6.72 -5.80 12.87
N VAL P 26 7.36 -6.42 13.86
CA VAL P 26 6.61 -6.97 15.00
C VAL P 26 5.91 -5.85 15.76
N LEU P 27 6.61 -4.74 16.00
CA LEU P 27 5.98 -3.61 16.69
C LEU P 27 4.82 -3.04 15.89
N VAL P 28 4.99 -2.92 14.57
CA VAL P 28 3.91 -2.44 13.71
C VAL P 28 2.73 -3.38 13.79
N TYR P 29 2.98 -4.70 13.80
CA TYR P 29 1.89 -5.67 13.94
C TYR P 29 1.15 -5.49 15.25
N LEU P 30 1.88 -5.30 16.36
CA LEU P 30 1.21 -5.13 17.64
C LEU P 30 0.30 -3.90 17.63
N TRP P 31 0.85 -2.75 17.18
CA TRP P 31 0.03 -1.55 17.17
C TRP P 31 -1.14 -1.69 16.21
N PHE P 32 -0.91 -2.31 15.05
CA PHE P 32 -1.96 -2.44 14.05
C PHE P 32 -3.10 -3.30 14.57
N SER P 33 -2.78 -4.41 15.22
CA SER P 33 -3.83 -5.23 15.83
C SER P 33 -4.62 -4.43 16.85
N GLY P 34 -3.91 -3.72 17.74
CA GLY P 34 -4.61 -2.94 18.75
C GLY P 34 -5.52 -1.88 18.16
N TYR P 35 -4.98 -1.09 17.23
CA TYR P 35 -5.74 0.02 16.66
C TYR P 35 -6.91 -0.48 15.83
N VAL P 36 -6.70 -1.50 14.99
CA VAL P 36 -7.80 -2.07 14.24
C VAL P 36 -8.89 -2.55 15.19
N THR P 37 -8.50 -3.22 16.28
CA THR P 37 -9.49 -3.73 17.21
C THR P 37 -10.33 -2.60 17.80
N ARG P 38 -9.68 -1.59 18.39
CA ARG P 38 -10.44 -0.53 19.05
C ARG P 38 -11.26 0.27 18.05
N ALA P 39 -10.66 0.71 16.94
CA ALA P 39 -11.41 1.54 15.99
C ALA P 39 -12.56 0.76 15.38
N THR P 40 -12.33 -0.50 15.00
CA THR P 40 -13.37 -1.33 14.41
C THR P 40 -14.52 -1.54 15.37
N SER P 41 -14.22 -1.89 16.64
CA SER P 41 -15.30 -2.14 17.58
C SER P 41 -16.04 -0.86 17.95
N GLN P 42 -15.32 0.28 18.00
CA GLN P 42 -15.99 1.56 18.24
C GLN P 42 -16.95 1.88 17.10
N ALA P 43 -16.53 1.65 15.86
CA ALA P 43 -17.42 1.87 14.73
C ALA P 43 -18.63 0.93 14.81
N GLU P 44 -18.39 -0.33 15.17
CA GLU P 44 -19.48 -1.29 15.28
C GLU P 44 -20.49 -0.87 16.34
N GLN P 45 -20.01 -0.40 17.49
CA GLN P 45 -20.91 -0.05 18.58
C GLN P 45 -21.64 1.27 18.33
N LEU P 46 -20.98 2.24 17.68
CA LEU P 46 -21.67 3.46 17.30
C LEU P 46 -22.59 3.26 16.10
N SER P 47 -22.44 2.14 15.38
CA SER P 47 -23.36 1.84 14.30
C SER P 47 -24.79 1.62 14.81
N ALA P 48 -24.94 1.25 16.07
CA ALA P 48 -26.26 1.01 16.63
C ALA P 48 -27.11 2.27 16.56
N ALA P 49 -28.41 2.08 16.37
CA ALA P 49 -29.33 3.19 16.19
C ALA P 49 -30.36 3.19 17.32
N GLU P 50 -30.89 4.38 17.59
CA GLU P 50 -31.84 4.60 18.68
C GLU P 50 -33.13 5.21 18.13
N GLN P 51 -34.25 4.71 18.62
CA GLN P 51 -35.57 5.13 18.15
C GLN P 51 -36.42 5.56 19.34
N LEU P 52 -37.14 6.67 19.17
CA LEU P 52 -38.03 7.20 20.20
C LEU P 52 -39.37 7.57 19.58
N LYS P 53 -40.40 7.61 20.42
CA LYS P 53 -41.72 8.06 20.03
C LYS P 53 -42.43 8.61 21.25
N ILE P 54 -43.15 9.71 21.05
CA ILE P 54 -43.89 10.36 22.13
C ILE P 54 -45.37 10.01 21.99
N GLU P 55 -45.95 9.52 23.08
CA GLU P 55 -47.34 9.05 23.04
C GLU P 55 -48.31 10.22 23.01
N ALA P 56 -48.31 11.03 24.07
CA ALA P 56 -49.28 12.10 24.18
C ALA P 56 -48.69 13.23 25.02
N VAL P 57 -49.30 14.41 24.89
CA VAL P 57 -48.86 15.61 25.60
C VAL P 57 -50.06 16.20 26.33
N SER P 58 -49.77 16.96 27.38
CA SER P 58 -50.79 17.60 28.19
C SER P 58 -50.29 18.95 28.66
N LYS P 59 -51.21 19.90 28.80
CA LYS P 59 -50.89 21.25 29.23
C LYS P 59 -51.67 21.56 30.51
N THR P 60 -50.95 21.96 31.55
CA THR P 60 -51.54 22.36 32.82
C THR P 60 -51.05 23.77 33.14
N GLY P 61 -51.94 24.76 32.99
CA GLY P 61 -51.55 26.14 33.16
C GLY P 61 -50.59 26.58 32.08
N THR P 62 -49.32 26.78 32.46
CA THR P 62 -48.27 27.12 31.52
C THR P 62 -47.18 26.05 31.45
N THR P 63 -47.45 24.86 31.96
CA THR P 63 -46.49 23.77 31.97
C THR P 63 -46.89 22.72 30.93
N VAL P 64 -45.90 22.26 30.17
CA VAL P 64 -46.11 21.25 29.13
C VAL P 64 -45.47 19.95 29.61
N SER P 65 -46.28 18.90 29.69
CA SER P 65 -45.83 17.58 30.12
C SER P 65 -45.94 16.61 28.96
N VAL P 66 -44.87 15.86 28.70
CA VAL P 66 -44.80 14.94 27.58
C VAL P 66 -44.41 13.56 28.11
N ASN P 67 -45.10 12.53 27.64
CA ASN P 67 -44.79 11.15 27.99
C ASN P 67 -44.05 10.50 26.84
N VAL P 68 -42.87 9.95 27.12
CA VAL P 68 -41.99 9.39 26.11
C VAL P 68 -41.86 7.90 26.36
N ARG P 69 -42.07 7.10 25.32
CA ARG P 69 -41.91 5.65 25.37
C ARG P 69 -40.77 5.23 24.46
N ASN P 70 -39.81 4.49 25.01
CA ASN P 70 -38.71 3.95 24.21
C ASN P 70 -39.18 2.65 23.59
N VAL P 71 -39.53 2.70 22.31
CA VAL P 71 -39.79 1.46 21.57
C VAL P 71 -38.52 0.69 21.32
N GLY P 72 -37.36 1.27 21.65
CA GLY P 72 -36.10 0.58 21.53
C GLY P 72 -35.81 -0.32 22.72
N GLU P 73 -34.62 -0.89 22.69
CA GLU P 73 -34.17 -1.89 23.67
C GLU P 73 -32.96 -1.46 24.47
N VAL P 74 -32.49 -0.22 24.31
CA VAL P 74 -31.30 0.25 25.00
C VAL P 74 -31.70 1.30 26.04
N PRO P 75 -30.94 1.48 27.11
CA PRO P 75 -31.25 2.55 28.06
C PRO P 75 -31.13 3.93 27.41
N VAL P 76 -31.98 4.83 27.85
CA VAL P 76 -32.11 6.16 27.24
C VAL P 76 -32.13 7.22 28.33
N LYS P 77 -31.46 8.34 28.06
CA LYS P 77 -31.51 9.52 28.92
C LYS P 77 -32.08 10.69 28.12
N ILE P 78 -33.08 11.35 28.69
CA ILE P 78 -33.68 12.54 28.08
C ILE P 78 -32.96 13.77 28.62
N ALA P 79 -32.54 14.65 27.73
CA ALA P 79 -31.69 15.78 28.12
C ALA P 79 -32.35 17.14 27.95
N SER P 80 -33.21 17.34 26.94
CA SER P 80 -33.78 18.65 26.70
C SER P 80 -35.13 18.52 26.03
N ALA P 81 -35.94 19.58 26.14
CA ALA P 81 -37.23 19.66 25.50
C ALA P 81 -37.46 21.09 25.03
N TYR P 82 -38.16 21.22 23.89
CA TYR P 82 -38.43 22.52 23.30
C TYR P 82 -39.90 22.63 22.90
N VAL P 83 -40.30 23.84 22.55
CA VAL P 83 -41.60 24.12 21.94
C VAL P 83 -41.30 25.00 20.73
N LEU P 84 -41.23 24.38 19.55
CA LEU P 84 -40.80 25.08 18.34
C LEU P 84 -41.98 25.74 17.64
N ASN P 85 -41.75 26.94 17.12
CA ASN P 85 -42.75 27.62 16.31
C ASN P 85 -42.82 26.98 14.93
N ALA P 86 -44.00 27.06 14.32
CA ALA P 86 -44.24 26.36 13.07
C ALA P 86 -43.44 26.98 11.93
N THR P 87 -42.72 26.13 11.20
CA THR P 87 -42.09 26.43 9.92
C THR P 87 -41.03 27.53 9.98
N THR P 88 -40.68 28.01 11.18
CA THR P 88 -39.62 28.99 11.31
C THR P 88 -38.42 28.47 12.08
N LEU P 89 -38.53 27.31 12.74
CA LEU P 89 -37.42 26.69 13.47
C LEU P 89 -36.83 27.65 14.50
N THR P 90 -37.70 28.36 15.21
CA THR P 90 -37.30 29.28 16.27
C THR P 90 -37.95 28.84 17.57
N MET P 91 -37.13 28.68 18.61
CA MET P 91 -37.63 28.22 19.90
C MET P 91 -38.29 29.36 20.67
N ILE P 92 -39.38 29.02 21.36
CA ILE P 92 -40.03 29.95 22.27
C ILE P 92 -39.60 29.72 23.71
N CYS P 93 -39.62 28.47 24.15
CA CYS P 93 -39.13 28.09 25.47
C CYS P 93 -38.45 26.75 25.37
N GLY P 94 -37.47 26.53 26.23
CA GLY P 94 -36.75 25.27 26.27
C GLY P 94 -35.34 25.47 26.78
N GLY P 95 -34.70 24.35 27.06
CA GLY P 95 -33.35 24.36 27.59
C GLY P 95 -33.03 23.03 28.25
N SER P 96 -31.90 23.03 28.95
CA SER P 96 -31.47 21.85 29.67
C SER P 96 -32.44 21.53 30.80
N LEU P 97 -32.70 20.24 31.00
CA LEU P 97 -33.42 19.80 32.18
C LEU P 97 -32.51 19.93 33.41
N THR P 98 -33.13 20.13 34.57
CA THR P 98 -32.35 20.28 35.80
C THR P 98 -31.50 19.03 36.07
N SER P 99 -32.08 17.84 35.85
CA SER P 99 -31.35 16.59 35.96
C SER P 99 -31.87 15.69 34.85
N PRO P 100 -30.98 15.06 34.08
CA PRO P 100 -31.44 14.17 33.01
C PRO P 100 -32.25 13.02 33.58
N GLN P 101 -33.29 12.62 32.84
CA GLN P 101 -34.20 11.57 33.26
C GLN P 101 -33.93 10.32 32.42
N GLN P 102 -33.72 9.20 33.12
CA GLN P 102 -33.47 7.92 32.47
C GLN P 102 -34.78 7.18 32.29
N ILE P 103 -35.05 6.75 31.06
CA ILE P 103 -36.27 6.03 30.73
C ILE P 103 -35.87 4.64 30.25
N ASP P 104 -36.34 3.62 30.97
CA ASP P 104 -35.97 2.24 30.67
C ASP P 104 -36.71 1.75 29.43
N PRO P 105 -36.11 0.80 28.69
CA PRO P 105 -36.79 0.25 27.51
C PRO P 105 -38.11 -0.40 27.89
N GLY P 106 -39.12 -0.20 27.03
CA GLY P 106 -40.42 -0.76 27.28
C GLY P 106 -41.25 -0.06 28.33
N THR P 107 -40.78 1.07 28.85
CA THR P 107 -41.47 1.83 29.87
C THR P 107 -41.73 3.25 29.37
N ILE P 108 -42.35 4.07 30.23
CA ILE P 108 -42.61 5.46 29.91
C ILE P 108 -42.24 6.32 31.12
N GLN P 109 -42.06 7.62 30.87
CA GLN P 109 -41.79 8.58 31.92
C GLN P 109 -42.37 9.93 31.50
N THR P 110 -42.49 10.82 32.47
CA THR P 110 -43.06 12.14 32.26
C THR P 110 -41.93 13.16 32.20
N ILE P 111 -41.95 14.01 31.19
CA ILE P 111 -40.95 15.05 30.98
C ILE P 111 -41.64 16.39 30.90
N ASN P 112 -41.15 17.36 31.65
CA ASN P 112 -41.70 18.72 31.66
C ASN P 112 -40.74 19.66 30.97
N VAL P 113 -41.28 20.53 30.12
CA VAL P 113 -40.45 21.51 29.42
C VAL P 113 -39.83 22.46 30.46
N PRO P 114 -38.52 22.69 30.42
CA PRO P 114 -37.91 23.58 31.42
C PRO P 114 -38.43 25.01 31.29
N GLY P 115 -38.49 25.68 32.44
CA GLY P 115 -38.96 27.05 32.47
C GLY P 115 -40.47 27.16 32.29
N THR P 116 -40.91 28.40 32.07
CA THR P 116 -42.31 28.70 31.88
C THR P 116 -42.48 29.54 30.62
N CYS P 117 -43.36 29.10 29.72
CA CYS P 117 -43.63 29.79 28.48
C CYS P 117 -45.14 29.84 28.23
N ASN P 118 -45.64 31.02 27.90
CA ASN P 118 -47.05 31.15 27.57
C ASN P 118 -47.34 30.56 26.18
N LEU P 119 -48.62 30.29 25.95
CA LEU P 119 -49.09 29.76 24.68
C LEU P 119 -50.39 30.44 24.28
N ILE P 120 -50.73 30.33 22.99
CA ILE P 120 -51.95 30.89 22.44
C ILE P 120 -52.83 29.73 21.99
N ALA P 121 -54.08 29.74 22.43
CA ALA P 121 -55.00 28.65 22.09
C ALA P 121 -55.25 28.61 20.59
N GLY P 122 -55.32 27.39 20.06
CA GLY P 122 -55.60 27.19 18.64
C GLY P 122 -54.43 27.48 17.72
N ALA P 123 -53.22 27.63 18.25
CA ALA P 123 -52.04 27.93 17.45
C ALA P 123 -51.20 26.67 17.28
N ARG P 124 -50.27 26.75 16.32
CA ARG P 124 -49.39 25.63 16.01
C ARG P 124 -48.14 25.68 16.87
N TYR P 125 -47.81 24.55 17.49
CA TYR P 125 -46.58 24.41 18.25
C TYR P 125 -46.07 22.99 18.10
N ILE P 126 -44.76 22.84 17.96
CA ILE P 126 -44.10 21.55 17.83
C ILE P 126 -43.32 21.29 19.11
N VAL P 127 -43.64 20.19 19.77
CA VAL P 127 -42.92 19.76 20.96
C VAL P 127 -41.85 18.78 20.55
N LYS P 128 -40.63 18.97 21.07
CA LYS P 128 -39.47 18.22 20.62
C LYS P 128 -38.64 17.80 21.82
N VAL P 129 -38.25 16.53 21.84
CA VAL P 129 -37.41 15.97 22.90
C VAL P 129 -36.19 15.32 22.26
N VAL P 130 -35.02 15.58 22.84
CA VAL P 130 -33.75 15.08 22.32
C VAL P 130 -33.09 14.22 23.38
N THR P 131 -32.47 13.13 22.94
CA THR P 131 -31.74 12.24 23.83
C THR P 131 -30.35 12.79 24.10
N ALA P 132 -29.69 12.20 25.11
CA ALA P 132 -28.30 12.56 25.39
C ALA P 132 -27.39 12.20 24.22
N ARG P 133 -27.68 11.12 23.52
CA ARG P 133 -26.91 10.71 22.36
C ARG P 133 -27.20 11.54 21.12
N GLY P 134 -28.34 12.24 21.08
CA GLY P 134 -28.69 13.09 19.97
C GLY P 134 -29.89 12.64 19.16
N THR P 135 -30.56 11.54 19.53
CA THR P 135 -31.75 11.12 18.81
C THR P 135 -32.85 12.16 18.96
N GLU P 136 -33.55 12.42 17.86
CA GLU P 136 -34.59 13.45 17.82
C GLU P 136 -35.94 12.82 17.56
N ALA P 137 -36.92 13.15 18.40
CA ALA P 137 -38.30 12.73 18.22
C ALA P 137 -39.21 13.90 18.57
N ALA P 138 -40.25 14.10 17.76
CA ALA P 138 -41.12 15.26 17.94
C ALA P 138 -42.47 14.98 17.31
N ALA P 139 -43.43 15.86 17.58
CA ALA P 139 -44.78 15.80 17.04
C ALA P 139 -45.42 17.15 17.27
N THR P 140 -46.67 17.29 16.83
CA THR P 140 -47.40 18.53 16.90
C THR P 140 -48.63 18.38 17.79
N PHE P 141 -49.10 19.51 18.32
CA PHE P 141 -50.30 19.54 19.15
C PHE P 141 -50.92 20.93 19.05
N ILE P 142 -52.20 21.00 19.41
CA ILE P 142 -52.94 22.26 19.43
C ILE P 142 -53.14 22.67 20.88
N SER P 143 -52.61 23.84 21.23
CA SER P 143 -52.73 24.32 22.60
C SER P 143 -54.19 24.61 22.93
N PRO P 144 -54.67 24.22 24.11
CA PRO P 144 -56.06 24.46 24.54
C PRO P 144 -56.33 25.94 24.81
N GLU Q 9 28.32 -0.07 6.05
CA GLU Q 9 28.30 0.55 4.72
C GLU Q 9 26.92 0.48 4.07
N PRO Q 10 26.23 -0.67 4.13
CA PRO Q 10 24.82 -0.69 3.70
C PRO Q 10 23.94 0.18 4.57
N ILE Q 11 24.37 0.51 5.79
CA ILE Q 11 23.57 1.35 6.67
C ILE Q 11 23.39 2.74 6.06
N VAL Q 12 24.45 3.28 5.46
CA VAL Q 12 24.36 4.60 4.84
C VAL Q 12 23.36 4.57 3.69
N ALA Q 13 23.43 3.52 2.85
CA ALA Q 13 22.49 3.41 1.75
C ALA Q 13 21.06 3.28 2.26
N ALA Q 14 20.86 2.53 3.36
CA ALA Q 14 19.54 2.41 3.94
C ALA Q 14 19.03 3.76 4.44
N VAL Q 15 19.89 4.54 5.07
CA VAL Q 15 19.48 5.85 5.57
C VAL Q 15 19.09 6.78 4.42
N LEU Q 16 19.90 6.78 3.35
CA LEU Q 16 19.55 7.59 2.18
C LEU Q 16 18.24 7.13 1.56
N LEU Q 17 18.02 5.81 1.49
CA LEU Q 17 16.77 5.31 0.94
C LEU Q 17 15.58 5.73 1.79
N ILE Q 18 15.73 5.71 3.12
CA ILE Q 18 14.67 6.17 4.01
C ILE Q 18 14.40 7.65 3.77
N VAL Q 19 15.45 8.45 3.63
CA VAL Q 19 15.26 9.89 3.38
C VAL Q 19 14.51 10.10 2.07
N VAL Q 20 14.90 9.38 1.01
CA VAL Q 20 14.23 9.51 -0.28
C VAL Q 20 12.77 9.11 -0.18
N ALA Q 21 12.49 8.03 0.55
CA ALA Q 21 11.11 7.61 0.74
C ALA Q 21 10.31 8.67 1.48
N VAL Q 22 10.91 9.31 2.48
CA VAL Q 22 10.22 10.37 3.22
C VAL Q 22 9.90 11.54 2.30
N ILE Q 23 10.86 11.94 1.46
CA ILE Q 23 10.61 13.05 0.53
C ILE Q 23 9.49 12.69 -0.43
N GLY Q 24 9.52 11.47 -0.97
CA GLY Q 24 8.45 11.04 -1.86
C GLY Q 24 7.09 11.04 -1.18
N ALA Q 25 7.06 10.60 0.09
CA ALA Q 25 5.80 10.61 0.83
C ALA Q 25 5.29 12.04 1.03
N VAL Q 26 6.20 12.98 1.30
CA VAL Q 26 5.78 14.37 1.44
C VAL Q 26 5.20 14.89 0.12
N LEU Q 27 5.84 14.57 -1.00
CA LEU Q 27 5.31 15.00 -2.29
C LEU Q 27 3.93 14.39 -2.55
N VAL Q 28 3.76 13.11 -2.24
CA VAL Q 28 2.48 12.45 -2.41
C VAL Q 28 1.41 13.10 -1.54
N TYR Q 29 1.77 13.41 -0.29
CA TYR Q 29 0.82 14.09 0.59
C TYR Q 29 0.41 15.45 0.03
N LEU Q 30 1.37 16.22 -0.49
CA LEU Q 30 1.05 17.53 -1.04
C LEU Q 30 0.06 17.39 -2.19
N TRP Q 31 0.38 16.51 -3.15
CA TRP Q 31 -0.52 16.33 -4.28
C TRP Q 31 -1.88 15.82 -3.83
N PHE Q 32 -1.89 14.89 -2.86
CA PHE Q 32 -3.14 14.31 -2.42
C PHE Q 32 -4.03 15.34 -1.76
N SER Q 33 -3.46 16.20 -0.91
CA SER Q 33 -4.26 17.26 -0.31
C SER Q 33 -4.84 18.18 -1.38
N GLY Q 34 -3.99 18.62 -2.31
CA GLY Q 34 -4.49 19.49 -3.37
C GLY Q 34 -5.62 18.84 -4.18
N TYR Q 35 -5.40 17.59 -4.58
CA TYR Q 35 -6.40 16.87 -5.37
C TYR Q 35 -7.69 16.66 -4.60
N VAL Q 36 -7.61 16.14 -3.37
CA VAL Q 36 -8.84 15.85 -2.64
C VAL Q 36 -9.63 17.13 -2.44
N THR Q 37 -8.95 18.22 -2.07
CA THR Q 37 -9.65 19.47 -1.85
C THR Q 37 -10.33 19.95 -3.12
N ARG Q 38 -9.58 20.08 -4.22
CA ARG Q 38 -10.14 20.74 -5.41
C ARG Q 38 -11.17 19.85 -6.11
N ALA Q 39 -10.89 18.56 -6.26
CA ALA Q 39 -11.86 17.66 -6.85
C ALA Q 39 -13.12 17.55 -6.01
N THR Q 40 -12.95 17.44 -4.68
CA THR Q 40 -14.09 17.36 -3.78
C THR Q 40 -14.95 18.60 -3.86
N SER Q 41 -14.33 19.78 -3.88
CA SER Q 41 -15.09 21.03 -3.95
C SER Q 41 -15.80 21.18 -5.28
N GLN Q 42 -15.16 20.77 -6.38
CA GLN Q 42 -15.82 20.82 -7.68
C GLN Q 42 -17.04 19.90 -7.70
N ALA Q 43 -16.90 18.70 -7.14
CA ALA Q 43 -18.03 17.79 -7.06
C ALA Q 43 -19.15 18.36 -6.18
N GLU Q 44 -18.78 18.93 -5.03
CA GLU Q 44 -19.77 19.51 -4.13
C GLU Q 44 -20.53 20.64 -4.81
N GLN Q 45 -19.84 21.47 -5.59
CA GLN Q 45 -20.50 22.58 -6.23
C GLN Q 45 -21.35 22.15 -7.41
N LEU Q 46 -20.97 21.08 -8.11
CA LEU Q 46 -21.87 20.56 -9.13
C LEU Q 46 -23.08 19.86 -8.52
N SER Q 47 -22.98 19.44 -7.25
CA SER Q 47 -24.13 18.83 -6.60
C SER Q 47 -25.31 19.79 -6.47
N ALA Q 48 -25.06 21.10 -6.59
CA ALA Q 48 -26.12 22.08 -6.48
C ALA Q 48 -27.19 21.86 -7.54
N ALA Q 49 -28.40 22.35 -7.25
CA ALA Q 49 -29.55 22.09 -8.09
C ALA Q 49 -30.05 23.40 -8.70
N GLU Q 50 -30.66 23.27 -9.89
CA GLU Q 50 -31.18 24.39 -10.65
C GLU Q 50 -32.63 24.11 -11.03
N GLN Q 51 -33.50 25.07 -10.74
CA GLN Q 51 -34.94 24.90 -10.95
C GLN Q 51 -35.51 26.09 -11.70
N LEU Q 52 -36.30 25.82 -12.73
CA LEU Q 52 -37.02 26.84 -13.48
C LEU Q 52 -38.50 26.50 -13.55
N LYS Q 53 -39.29 27.50 -13.93
CA LYS Q 53 -40.71 27.33 -14.19
C LYS Q 53 -41.16 28.42 -15.13
N ILE Q 54 -42.05 28.07 -16.05
CA ILE Q 54 -42.57 29.00 -17.05
C ILE Q 54 -44.01 29.33 -16.71
N GLU Q 55 -44.31 30.63 -16.64
CA GLU Q 55 -45.63 31.07 -16.21
C GLU Q 55 -46.66 30.90 -17.31
N ALA Q 56 -46.44 31.56 -18.45
CA ALA Q 56 -47.41 31.51 -19.54
C ALA Q 56 -46.68 31.82 -20.85
N VAL Q 57 -47.36 31.50 -21.96
CA VAL Q 57 -46.83 31.71 -23.29
C VAL Q 57 -47.83 32.53 -24.10
N SER Q 58 -47.33 33.18 -25.14
CA SER Q 58 -48.16 34.01 -25.99
C SER Q 58 -47.72 33.85 -27.44
N LYS Q 59 -48.69 33.97 -28.35
CA LYS Q 59 -48.45 33.88 -29.78
C LYS Q 59 -48.87 35.19 -30.43
N THR Q 60 -47.95 35.82 -31.15
CA THR Q 60 -48.23 37.03 -31.92
C THR Q 60 -47.81 36.77 -33.36
N GLY Q 61 -48.80 36.57 -34.23
CA GLY Q 61 -48.51 36.22 -35.62
C GLY Q 61 -47.86 34.86 -35.73
N THR Q 62 -46.58 34.82 -36.08
CA THR Q 62 -45.82 33.58 -36.17
C THR Q 62 -44.69 33.53 -35.14
N THR Q 63 -44.70 34.41 -34.15
CA THR Q 63 -43.67 34.46 -33.12
C THR Q 63 -44.24 33.97 -31.80
N VAL Q 64 -43.48 33.12 -31.12
CA VAL Q 64 -43.88 32.54 -29.83
C VAL Q 64 -43.05 33.21 -28.74
N SER Q 65 -43.73 33.78 -27.75
CA SER Q 65 -43.09 34.45 -26.63
C SER Q 65 -43.41 33.69 -25.35
N VAL Q 66 -42.37 33.43 -24.56
CA VAL Q 66 -42.49 32.66 -23.32
C VAL Q 66 -41.94 33.48 -22.17
N ASN Q 67 -42.67 33.51 -21.07
CA ASN Q 67 -42.22 34.19 -19.85
C ASN Q 67 -41.68 33.14 -18.89
N VAL Q 68 -40.42 33.28 -18.49
CA VAL Q 68 -39.74 32.33 -17.63
C VAL Q 68 -39.47 33.01 -16.29
N ARG Q 69 -39.87 32.35 -15.21
CA ARG Q 69 -39.65 32.85 -13.85
C ARG Q 69 -38.60 32.00 -13.17
N ASN Q 70 -37.65 32.67 -12.52
CA ASN Q 70 -36.57 32.00 -11.79
C ASN Q 70 -37.05 31.68 -10.38
N VAL Q 71 -37.54 30.45 -10.19
CA VAL Q 71 -37.91 30.02 -8.84
C VAL Q 71 -36.70 29.67 -8.01
N GLY Q 72 -35.51 29.64 -8.60
CA GLY Q 72 -34.29 29.37 -7.87
C GLY Q 72 -33.71 30.62 -7.23
N GLU Q 73 -32.52 30.45 -6.67
CA GLU Q 73 -31.81 31.52 -5.96
C GLU Q 73 -30.51 31.92 -6.63
N VAL Q 74 -30.16 31.32 -7.76
CA VAL Q 74 -28.90 31.62 -8.43
C VAL Q 74 -29.20 32.18 -9.83
N PRO Q 75 -28.30 32.99 -10.40
CA PRO Q 75 -28.53 33.48 -11.76
C PRO Q 75 -28.58 32.33 -12.76
N VAL Q 76 -29.44 32.49 -13.77
CA VAL Q 76 -29.69 31.46 -14.77
C VAL Q 76 -29.66 32.12 -16.14
N LYS Q 77 -29.05 31.43 -17.11
CA LYS Q 77 -28.96 31.92 -18.48
C LYS Q 77 -29.79 31.03 -19.39
N ILE Q 78 -30.65 31.64 -20.20
CA ILE Q 78 -31.47 30.92 -21.18
C ILE Q 78 -30.76 30.98 -22.52
N ALA Q 79 -30.58 29.81 -23.13
CA ALA Q 79 -29.79 29.70 -24.36
C ALA Q 79 -30.59 29.28 -25.57
N SER Q 80 -31.66 28.50 -25.42
CA SER Q 80 -32.40 28.01 -26.57
C SER Q 80 -33.85 27.73 -26.20
N ALA Q 81 -34.70 27.71 -27.21
CA ALA Q 81 -36.11 27.38 -27.07
C ALA Q 81 -36.57 26.61 -28.29
N TYR Q 82 -37.45 25.63 -28.07
CA TYR Q 82 -37.92 24.76 -29.13
C TYR Q 82 -39.44 24.64 -29.10
N VAL Q 83 -39.99 24.04 -30.15
CA VAL Q 83 -41.40 23.70 -30.24
C VAL Q 83 -41.47 22.26 -30.71
N LEU Q 84 -41.76 21.34 -29.80
CA LEU Q 84 -41.71 19.91 -30.09
C LEU Q 84 -43.08 19.41 -30.56
N ASN Q 85 -43.06 18.46 -31.49
CA ASN Q 85 -44.28 17.80 -31.94
C ASN Q 85 -44.67 16.71 -30.96
N ALA Q 86 -45.96 16.40 -30.91
CA ALA Q 86 -46.48 15.47 -29.93
C ALA Q 86 -46.02 14.04 -30.21
N THR Q 87 -45.59 13.35 -29.15
CA THR Q 87 -45.33 11.91 -29.11
C THR Q 87 -44.21 11.47 -30.04
N THR Q 88 -43.54 12.40 -30.73
CA THR Q 88 -42.44 12.05 -31.61
C THR Q 88 -41.13 12.73 -31.26
N LEU Q 89 -41.15 13.73 -30.38
CA LEU Q 89 -39.93 14.43 -29.94
C LEU Q 89 -39.15 14.98 -31.13
N THR Q 90 -39.86 15.54 -32.11
CA THR Q 90 -39.25 16.14 -33.28
C THR Q 90 -39.53 17.63 -33.28
N MET Q 91 -38.48 18.43 -33.44
CA MET Q 91 -38.61 19.87 -33.40
C MET Q 91 -39.17 20.40 -34.72
N ILE Q 92 -40.01 21.42 -34.63
CA ILE Q 92 -40.49 22.15 -35.79
C ILE Q 92 -39.68 23.42 -36.03
N CYS Q 93 -39.46 24.19 -34.98
CA CYS Q 93 -38.61 25.38 -35.06
C CYS Q 93 -37.81 25.50 -33.77
N GLY Q 94 -36.65 26.10 -33.86
CA GLY Q 94 -35.81 26.32 -32.69
C GLY Q 94 -34.35 26.36 -33.06
N GLY Q 95 -33.55 26.73 -32.07
CA GLY Q 95 -32.11 26.81 -32.27
C GLY Q 95 -31.49 27.71 -31.24
N SER Q 96 -30.21 28.02 -31.45
CA SER Q 96 -29.50 28.93 -30.57
C SER Q 96 -30.10 30.33 -30.65
N LEU Q 97 -30.27 30.96 -29.49
CA LEU Q 97 -30.67 32.35 -29.46
C LEU Q 97 -29.52 33.23 -29.92
N THR Q 98 -29.87 34.43 -30.42
CA THR Q 98 -28.85 35.35 -30.92
C THR Q 98 -27.88 35.74 -29.81
N SER Q 99 -28.40 36.01 -28.60
CA SER Q 99 -27.57 36.33 -27.45
C SER Q 99 -28.21 35.64 -26.25
N PRO Q 100 -27.44 34.91 -25.46
CA PRO Q 100 -28.00 34.29 -24.25
C PRO Q 100 -28.55 35.35 -23.30
N GLN Q 101 -29.67 35.03 -22.68
CA GLN Q 101 -30.39 35.95 -21.81
C GLN Q 101 -30.27 35.49 -20.36
N GLN Q 102 -29.91 36.42 -19.48
CA GLN Q 102 -29.76 36.13 -18.07
C GLN Q 102 -31.05 36.44 -17.32
N ILE Q 103 -31.43 35.54 -16.40
CA ILE Q 103 -32.61 35.71 -15.58
C ILE Q 103 -32.17 35.75 -14.12
N ASP Q 104 -32.43 36.87 -13.45
CA ASP Q 104 -32.02 37.04 -12.07
C ASP Q 104 -32.98 36.27 -11.15
N PRO Q 105 -32.49 35.83 -9.99
CA PRO Q 105 -33.36 35.11 -9.04
C PRO Q 105 -34.53 35.98 -8.59
N GLY Q 106 -35.69 35.35 -8.48
CA GLY Q 106 -36.88 36.06 -8.03
C GLY Q 106 -37.48 37.01 -9.03
N THR Q 107 -37.02 36.98 -10.28
CA THR Q 107 -37.50 37.89 -11.32
C THR Q 107 -38.11 37.08 -12.46
N ILE Q 108 -38.50 37.79 -13.51
CA ILE Q 108 -39.09 37.19 -14.70
C ILE Q 108 -38.44 37.82 -15.93
N GLN Q 109 -38.47 37.09 -17.04
CA GLN Q 109 -37.92 37.58 -18.29
C GLN Q 109 -38.72 36.95 -19.43
N THR Q 110 -38.79 37.65 -20.55
CA THR Q 110 -39.53 37.20 -21.73
C THR Q 110 -38.55 36.68 -22.77
N ILE Q 111 -38.83 35.47 -23.28
CA ILE Q 111 -37.96 34.81 -24.25
C ILE Q 111 -38.79 34.49 -25.49
N ASN Q 112 -38.25 34.80 -26.66
CA ASN Q 112 -38.90 34.54 -27.94
C ASN Q 112 -38.21 33.36 -28.61
N VAL Q 113 -39.01 32.42 -29.12
CA VAL Q 113 -38.44 31.27 -29.82
C VAL Q 113 -37.68 31.76 -31.05
N PRO Q 114 -36.43 31.32 -31.27
CA PRO Q 114 -35.67 31.81 -32.41
C PRO Q 114 -36.31 31.40 -33.73
N GLY Q 115 -36.13 32.25 -34.74
CA GLY Q 115 -36.65 31.97 -36.06
C GLY Q 115 -38.16 32.19 -36.15
N THR Q 116 -38.69 31.76 -37.29
CA THR Q 116 -40.12 31.88 -37.57
C THR Q 116 -40.64 30.52 -37.99
N CYS Q 117 -41.68 30.05 -37.30
CA CYS Q 117 -42.31 28.77 -37.59
C CYS Q 117 -43.82 28.93 -37.58
N ASN Q 118 -44.48 28.42 -38.61
CA ASN Q 118 -45.94 28.46 -38.67
C ASN Q 118 -46.54 27.46 -37.68
N LEU Q 119 -47.79 27.72 -37.31
CA LEU Q 119 -48.54 26.84 -36.42
C LEU Q 119 -49.95 26.66 -36.96
N ILE Q 120 -50.60 25.60 -36.48
CA ILE Q 120 -51.96 25.26 -36.88
C ILE Q 120 -52.87 25.46 -35.68
N ALA Q 121 -53.97 26.18 -35.89
CA ALA Q 121 -54.92 26.43 -34.80
C ALA Q 121 -55.50 25.13 -34.27
N GLY Q 122 -55.56 25.00 -32.95
CA GLY Q 122 -56.09 23.81 -32.34
C GLY Q 122 -55.18 22.61 -32.38
N ALA Q 123 -53.90 22.79 -32.71
CA ALA Q 123 -52.96 21.69 -32.82
C ALA Q 123 -52.14 21.56 -31.54
N ARG Q 124 -51.48 20.41 -31.42
CA ARG Q 124 -50.78 20.04 -30.19
C ARG Q 124 -49.29 20.38 -30.32
N TYR Q 125 -48.76 21.12 -29.35
CA TYR Q 125 -47.35 21.51 -29.36
C TYR Q 125 -46.81 21.57 -27.94
N ILE Q 126 -45.51 21.33 -27.82
CA ILE Q 126 -44.78 21.44 -26.55
C ILE Q 126 -43.74 22.54 -26.69
N VAL Q 127 -43.77 23.51 -25.79
CA VAL Q 127 -42.75 24.56 -25.74
C VAL Q 127 -41.73 24.20 -24.67
N LYS Q 128 -40.46 24.38 -25.00
CA LYS Q 128 -39.37 23.92 -24.15
C LYS Q 128 -38.27 24.96 -24.10
N VAL Q 129 -37.71 25.17 -22.91
CA VAL Q 129 -36.59 26.08 -22.70
C VAL Q 129 -35.48 25.32 -21.97
N VAL Q 130 -34.24 25.54 -22.37
CA VAL Q 130 -33.08 24.88 -21.78
C VAL Q 130 -32.10 25.93 -21.28
N THR Q 131 -31.52 25.69 -20.11
CA THR Q 131 -30.55 26.59 -19.53
C THR Q 131 -29.15 26.33 -20.10
N ALA Q 132 -28.22 27.21 -19.72
CA ALA Q 132 -26.83 27.00 -20.09
C ALA Q 132 -26.25 25.75 -19.42
N ARG Q 133 -26.63 25.49 -18.18
CA ARG Q 133 -26.14 24.33 -17.45
C ARG Q 133 -26.82 23.04 -17.87
N GLY Q 134 -27.98 23.12 -18.53
CA GLY Q 134 -28.69 21.94 -18.99
C GLY Q 134 -30.02 21.69 -18.32
N THR Q 135 -30.47 22.56 -17.41
CA THR Q 135 -31.75 22.37 -16.76
C THR Q 135 -32.89 22.45 -17.78
N GLU Q 136 -33.87 21.56 -17.64
CA GLU Q 136 -34.97 21.45 -18.58
C GLU Q 136 -36.28 21.84 -17.91
N ALA Q 137 -37.03 22.73 -18.54
CA ALA Q 137 -38.37 23.11 -18.08
C ALA Q 137 -39.24 23.32 -19.30
N ALA Q 138 -40.49 22.86 -19.21
CA ALA Q 138 -41.38 22.88 -20.38
C ALA Q 138 -42.82 22.83 -19.90
N ALA Q 139 -43.73 23.11 -20.83
CA ALA Q 139 -45.17 23.05 -20.61
C ALA Q 139 -45.83 23.04 -21.99
N THR Q 140 -47.16 23.01 -21.99
CA THR Q 140 -47.95 22.85 -23.20
C THR Q 140 -48.90 24.02 -23.40
N PHE Q 141 -49.32 24.20 -24.65
CA PHE Q 141 -50.30 25.22 -25.00
C PHE Q 141 -51.06 24.78 -26.25
N ILE Q 142 -52.23 25.37 -26.44
CA ILE Q 142 -53.04 25.14 -27.62
C ILE Q 142 -52.90 26.36 -28.52
N SER Q 143 -52.45 26.13 -29.76
CA SER Q 143 -52.26 27.23 -30.70
C SER Q 143 -53.61 27.85 -31.06
N PRO Q 144 -53.72 29.19 -31.06
CA PRO Q 144 -54.96 29.89 -31.42
C PRO Q 144 -55.29 29.77 -32.90
N GLU R 9 23.96 -1.48 -1.96
CA GLU R 9 23.59 -2.88 -2.18
C GLU R 9 22.09 -3.13 -1.97
N PRO R 10 21.49 -2.59 -0.90
CA PRO R 10 20.02 -2.64 -0.80
C PRO R 10 19.32 -1.86 -1.91
N ILE R 11 20.02 -0.95 -2.58
CA ILE R 11 19.41 -0.17 -3.65
C ILE R 11 18.97 -1.08 -4.80
N VAL R 12 19.81 -2.07 -5.14
CA VAL R 12 19.44 -3.01 -6.20
C VAL R 12 18.19 -3.80 -5.81
N ALA R 13 18.13 -4.26 -4.55
CA ALA R 13 16.96 -4.98 -4.08
C ALA R 13 15.72 -4.10 -4.14
N ALA R 14 15.87 -2.82 -3.78
CA ALA R 14 14.74 -1.89 -3.86
C ALA R 14 14.28 -1.71 -5.30
N VAL R 15 15.22 -1.62 -6.24
CA VAL R 15 14.86 -1.47 -7.64
C VAL R 15 14.10 -2.70 -8.14
N LEU R 16 14.58 -3.89 -7.78
CA LEU R 16 13.86 -5.11 -8.15
C LEU R 16 12.47 -5.13 -7.53
N LEU R 17 12.34 -4.71 -6.26
CA LEU R 17 11.03 -4.70 -5.62
C LEU R 17 10.08 -3.73 -6.32
N ILE R 18 10.59 -2.56 -6.73
CA ILE R 18 9.78 -1.59 -7.45
C ILE R 18 9.32 -2.18 -8.78
N VAL R 19 10.23 -2.84 -9.50
CA VAL R 19 9.87 -3.45 -10.78
C VAL R 19 8.79 -4.51 -10.57
N VAL R 20 8.95 -5.35 -9.55
CA VAL R 20 7.97 -6.40 -9.27
C VAL R 20 6.62 -5.78 -8.95
N ALA R 21 6.60 -4.72 -8.14
CA ALA R 21 5.35 -4.06 -7.80
C ALA R 21 4.68 -3.48 -9.04
N VAL R 22 5.47 -2.89 -9.95
CA VAL R 22 4.90 -2.32 -11.16
C VAL R 22 4.27 -3.41 -12.01
N ILE R 23 4.97 -4.55 -12.18
CA ILE R 23 4.42 -5.63 -12.99
C ILE R 23 3.15 -6.18 -12.35
N GLY R 24 3.15 -6.34 -11.02
CA GLY R 24 1.94 -6.78 -10.34
C GLY R 24 0.78 -5.82 -10.53
N ALA R 25 1.06 -4.52 -10.47
CA ALA R 25 0.02 -3.53 -10.72
C ALA R 25 -0.52 -3.63 -12.14
N VAL R 26 0.35 -3.90 -13.11
CA VAL R 26 -0.10 -4.06 -14.49
C VAL R 26 -1.02 -5.26 -14.62
N LEU R 27 -0.65 -6.38 -13.99
CA LEU R 27 -1.51 -7.57 -14.04
C LEU R 27 -2.85 -7.30 -13.37
N VAL R 28 -2.83 -6.61 -12.22
CA VAL R 28 -4.08 -6.26 -11.54
C VAL R 28 -4.94 -5.38 -12.43
N TYR R 29 -4.33 -4.43 -13.12
CA TYR R 29 -5.09 -3.55 -14.01
C TYR R 29 -5.73 -4.35 -15.15
N LEU R 30 -4.98 -5.29 -15.73
CA LEU R 30 -5.54 -6.10 -16.81
C LEU R 30 -6.76 -6.88 -16.33
N TRP R 31 -6.62 -7.59 -15.20
CA TRP R 31 -7.75 -8.36 -14.69
C TRP R 31 -8.91 -7.45 -14.32
N PHE R 32 -8.60 -6.29 -13.72
CA PHE R 32 -9.66 -5.37 -13.31
C PHE R 32 -10.45 -4.88 -14.50
N SER R 33 -9.76 -4.52 -15.58
CA SER R 33 -10.46 -4.08 -16.79
C SER R 33 -11.35 -5.20 -17.32
N GLY R 34 -10.81 -6.41 -17.44
CA GLY R 34 -11.63 -7.51 -17.95
C GLY R 34 -12.86 -7.76 -17.10
N TYR R 35 -12.67 -7.81 -15.78
CA TYR R 35 -13.77 -8.12 -14.88
C TYR R 35 -14.81 -7.01 -14.84
N VAL R 36 -14.37 -5.74 -14.83
CA VAL R 36 -15.34 -4.66 -14.78
C VAL R 36 -16.15 -4.62 -16.06
N THR R 37 -15.51 -4.85 -17.21
CA THR R 37 -16.27 -4.92 -18.45
C THR R 37 -17.31 -6.03 -18.40
N ARG R 38 -16.88 -7.24 -18.00
CA ARG R 38 -17.79 -8.38 -18.01
C ARG R 38 -18.96 -8.16 -17.05
N ALA R 39 -18.66 -7.67 -15.84
CA ALA R 39 -19.72 -7.47 -14.85
C ALA R 39 -20.65 -6.34 -15.23
N THR R 40 -20.12 -5.22 -15.70
CA THR R 40 -20.95 -4.09 -16.10
C THR R 40 -21.86 -4.48 -17.26
N SER R 41 -21.31 -5.18 -18.26
CA SER R 41 -22.13 -5.59 -19.39
C SER R 41 -23.20 -6.58 -18.97
N GLN R 42 -22.87 -7.54 -18.09
CA GLN R 42 -23.87 -8.49 -17.63
C GLN R 42 -24.99 -7.78 -16.87
N ALA R 43 -24.63 -6.83 -15.99
CA ALA R 43 -25.65 -6.10 -15.25
C ALA R 43 -26.53 -5.28 -16.18
N GLU R 44 -25.91 -4.59 -17.14
CA GLU R 44 -26.68 -3.74 -18.05
C GLU R 44 -27.63 -4.57 -18.90
N GLN R 45 -27.18 -5.76 -19.33
CA GLN R 45 -28.03 -6.57 -20.19
C GLN R 45 -29.14 -7.27 -19.41
N LEU R 46 -28.87 -7.68 -18.16
CA LEU R 46 -29.93 -8.25 -17.34
C LEU R 46 -30.86 -7.19 -16.78
N SER R 47 -30.49 -5.90 -16.87
CA SER R 47 -31.41 -4.85 -16.46
C SER R 47 -32.67 -4.84 -17.32
N ALA R 48 -32.59 -5.35 -18.54
CA ALA R 48 -33.74 -5.40 -19.43
C ALA R 48 -34.82 -6.31 -18.86
N ALA R 49 -36.08 -5.95 -19.10
CA ALA R 49 -37.23 -6.68 -18.60
C ALA R 49 -38.15 -7.05 -19.76
N GLU R 50 -38.95 -8.10 -19.53
CA GLU R 50 -39.88 -8.60 -20.52
C GLU R 50 -41.30 -8.57 -19.96
N GLN R 51 -42.25 -8.25 -20.84
CA GLN R 51 -43.66 -8.17 -20.46
C GLN R 51 -44.49 -9.05 -21.37
N LEU R 52 -45.45 -9.76 -20.79
CA LEU R 52 -46.35 -10.62 -21.53
C LEU R 52 -47.80 -10.31 -21.15
N LYS R 53 -48.71 -10.69 -22.04
CA LYS R 53 -50.13 -10.51 -21.80
C LYS R 53 -50.89 -11.57 -22.59
N ILE R 54 -51.94 -12.11 -21.97
CA ILE R 54 -52.77 -13.15 -22.58
C ILE R 54 -54.05 -12.50 -23.07
N GLU R 55 -54.37 -12.72 -24.34
CA GLU R 55 -55.56 -12.10 -24.93
C GLU R 55 -56.84 -12.76 -24.41
N ALA R 56 -56.99 -14.06 -24.67
CA ALA R 56 -58.19 -14.78 -24.26
C ALA R 56 -57.87 -16.26 -24.14
N VAL R 57 -58.77 -16.98 -23.49
CA VAL R 57 -58.62 -18.42 -23.27
C VAL R 57 -59.86 -19.12 -23.79
N SER R 58 -59.69 -20.39 -24.14
CA SER R 58 -60.78 -21.21 -24.63
C SER R 58 -60.56 -22.65 -24.18
N LYS R 59 -61.66 -23.34 -23.91
CA LYS R 59 -61.63 -24.73 -23.44
C LYS R 59 -62.37 -25.61 -24.42
N THR R 60 -61.72 -26.69 -24.87
CA THR R 60 -62.32 -27.69 -25.74
C THR R 60 -62.30 -29.02 -25.00
N GLY R 61 -63.44 -29.44 -24.49
CA GLY R 61 -63.51 -30.63 -23.67
C GLY R 61 -62.77 -30.44 -22.36
N THR R 62 -61.63 -31.11 -22.22
CA THR R 62 -60.79 -30.99 -21.02
C THR R 62 -59.44 -30.36 -21.33
N THR R 63 -59.28 -29.74 -22.49
CA THR R 63 -58.04 -29.09 -22.89
C THR R 63 -58.22 -27.57 -22.86
N VAL R 64 -57.24 -26.88 -22.28
CA VAL R 64 -57.27 -25.42 -22.16
C VAL R 64 -56.28 -24.84 -23.17
N SER R 65 -56.75 -23.92 -23.99
CA SER R 65 -55.94 -23.25 -24.98
C SER R 65 -55.83 -21.77 -24.64
N VAL R 66 -54.61 -21.26 -24.64
CA VAL R 66 -54.32 -19.88 -24.23
C VAL R 66 -53.57 -19.19 -25.36
N ASN R 67 -54.01 -17.98 -25.71
CA ASN R 67 -53.35 -17.17 -26.73
C ASN R 67 -52.51 -16.10 -26.04
N VAL R 68 -51.21 -16.09 -26.33
CA VAL R 68 -50.27 -15.17 -25.69
C VAL R 68 -49.73 -14.22 -26.75
N ARG R 69 -49.78 -12.92 -26.47
CA ARG R 69 -49.22 -11.90 -27.34
C ARG R 69 -48.02 -11.27 -26.66
N ASN R 70 -46.90 -11.24 -27.36
CA ASN R 70 -45.64 -10.72 -26.83
C ASN R 70 -45.53 -9.26 -27.25
N VAL R 71 -45.85 -8.34 -26.34
CA VAL R 71 -45.72 -6.92 -26.63
C VAL R 71 -44.31 -6.40 -26.44
N GLY R 72 -43.35 -7.29 -26.13
CA GLY R 72 -41.97 -6.88 -25.98
C GLY R 72 -41.28 -6.70 -27.33
N GLU R 73 -39.96 -6.53 -27.26
CA GLU R 73 -39.15 -6.28 -28.44
C GLU R 73 -38.19 -7.40 -28.77
N VAL R 74 -38.01 -8.38 -27.88
CA VAL R 74 -37.08 -9.49 -28.13
C VAL R 74 -37.84 -10.79 -27.96
N PRO R 75 -37.43 -11.88 -28.63
CA PRO R 75 -38.19 -13.13 -28.52
C PRO R 75 -38.16 -13.70 -27.11
N VAL R 76 -39.27 -14.32 -26.73
CA VAL R 76 -39.43 -14.94 -25.41
C VAL R 76 -40.02 -16.33 -25.62
N LYS R 77 -39.56 -17.28 -24.81
CA LYS R 77 -39.97 -18.67 -24.92
C LYS R 77 -40.86 -19.05 -23.75
N ILE R 78 -41.97 -19.73 -24.04
CA ILE R 78 -42.90 -20.21 -23.02
C ILE R 78 -42.43 -21.58 -22.55
N ALA R 79 -42.35 -21.76 -21.24
CA ALA R 79 -41.83 -22.99 -20.65
C ALA R 79 -42.86 -23.84 -19.96
N SER R 80 -43.84 -23.25 -19.28
CA SER R 80 -44.83 -24.04 -18.55
C SER R 80 -46.12 -23.24 -18.40
N ALA R 81 -47.21 -23.98 -18.17
CA ALA R 81 -48.52 -23.39 -17.94
C ALA R 81 -49.23 -24.16 -16.83
N TYR R 82 -49.97 -23.43 -16.00
CA TYR R 82 -50.69 -24.03 -14.88
C TYR R 82 -52.13 -23.56 -14.87
N VAL R 83 -52.95 -24.24 -14.06
CA VAL R 83 -54.32 -23.84 -13.78
C VAL R 83 -54.43 -23.78 -12.26
N LEU R 84 -54.35 -22.58 -11.71
CA LEU R 84 -54.23 -22.40 -10.26
C LEU R 84 -55.60 -22.25 -9.61
N ASN R 85 -55.74 -22.84 -8.42
CA ASN R 85 -56.97 -22.70 -7.66
C ASN R 85 -57.00 -21.36 -6.93
N ALA R 86 -58.21 -20.85 -6.72
CA ALA R 86 -58.38 -19.52 -6.15
C ALA R 86 -57.99 -19.50 -4.67
N THR R 87 -57.22 -18.47 -4.29
CA THR R 87 -56.92 -18.09 -2.91
C THR R 87 -56.13 -19.15 -2.14
N THR R 88 -55.69 -20.23 -2.80
CA THR R 88 -54.90 -21.25 -2.13
C THR R 88 -53.53 -21.47 -2.76
N LEU R 89 -53.29 -20.95 -3.96
CA LEU R 89 -51.98 -21.06 -4.63
C LEU R 89 -51.56 -22.51 -4.80
N THR R 90 -52.52 -23.37 -5.11
CA THR R 90 -52.27 -24.80 -5.31
C THR R 90 -52.63 -25.17 -6.74
N MET R 91 -51.71 -25.86 -7.42
CA MET R 91 -51.92 -26.25 -8.80
C MET R 91 -52.81 -27.47 -8.89
N ILE R 92 -53.64 -27.51 -9.95
CA ILE R 92 -54.44 -28.69 -10.25
C ILE R 92 -53.84 -29.48 -11.40
N CYS R 93 -53.51 -28.82 -12.49
CA CYS R 93 -52.85 -29.46 -13.63
C CYS R 93 -51.82 -28.51 -14.20
N GLY R 94 -50.77 -29.06 -14.75
CA GLY R 94 -49.72 -28.26 -15.35
C GLY R 94 -48.36 -28.91 -15.18
N GLY R 95 -47.38 -28.31 -15.83
CA GLY R 95 -46.03 -28.81 -15.79
C GLY R 95 -45.23 -28.27 -16.96
N SER R 96 -44.03 -28.82 -17.12
CA SER R 96 -43.18 -28.44 -18.23
C SER R 96 -43.81 -28.87 -19.54
N LEU R 97 -43.79 -27.97 -20.52
CA LEU R 97 -44.31 -28.31 -21.85
C LEU R 97 -43.38 -29.31 -22.54
N THR R 98 -43.95 -30.07 -23.48
CA THR R 98 -43.17 -31.06 -24.20
C THR R 98 -42.03 -30.41 -24.98
N SER R 99 -42.32 -29.29 -25.65
CA SER R 99 -41.31 -28.54 -26.37
C SER R 99 -41.61 -27.06 -26.17
N PRO R 100 -40.62 -26.25 -25.79
CA PRO R 100 -40.87 -24.81 -25.64
C PRO R 100 -41.27 -24.18 -26.96
N GLN R 101 -42.18 -23.22 -26.88
CA GLN R 101 -42.66 -22.48 -28.05
C GLN R 101 -42.08 -21.07 -28.02
N GLN R 102 -41.51 -20.66 -29.14
CA GLN R 102 -40.93 -19.33 -29.27
C GLN R 102 -41.99 -18.38 -29.83
N ILE R 103 -42.11 -17.21 -29.22
CA ILE R 103 -43.09 -16.21 -29.61
C ILE R 103 -42.35 -15.00 -30.15
N ASP R 104 -42.55 -14.70 -31.42
CA ASP R 104 -42.00 -13.52 -32.07
C ASP R 104 -42.71 -12.27 -31.52
N PRO R 105 -41.95 -11.23 -31.15
CA PRO R 105 -42.59 -9.97 -30.76
C PRO R 105 -43.44 -9.41 -31.88
N GLY R 106 -44.57 -8.83 -31.51
CA GLY R 106 -45.55 -8.37 -32.47
C GLY R 106 -46.43 -9.44 -33.07
N THR R 107 -46.34 -10.67 -32.58
CA THR R 107 -47.14 -11.78 -33.05
C THR R 107 -47.90 -12.41 -31.88
N ILE R 108 -48.60 -13.50 -32.16
CA ILE R 108 -49.37 -14.25 -31.17
C ILE R 108 -49.06 -15.72 -31.33
N GLN R 109 -49.36 -16.49 -30.27
CA GLN R 109 -49.14 -17.92 -30.27
C GLN R 109 -50.19 -18.58 -29.37
N THR R 110 -50.50 -19.83 -29.67
CA THR R 110 -51.47 -20.60 -28.91
C THR R 110 -50.74 -21.66 -28.09
N ILE R 111 -51.04 -21.73 -26.79
CA ILE R 111 -50.39 -22.64 -25.86
C ILE R 111 -51.46 -23.50 -25.19
N ASN R 112 -51.23 -24.79 -25.13
CA ASN R 112 -52.12 -25.74 -24.49
C ASN R 112 -51.51 -26.21 -23.18
N VAL R 113 -52.31 -26.22 -22.12
CA VAL R 113 -51.82 -26.68 -20.82
C VAL R 113 -51.42 -28.15 -20.92
N PRO R 114 -50.24 -28.53 -20.43
CA PRO R 114 -49.83 -29.94 -20.52
C PRO R 114 -50.75 -30.84 -19.71
N GLY R 115 -50.92 -32.06 -20.20
CA GLY R 115 -51.76 -33.04 -19.53
C GLY R 115 -53.25 -32.74 -19.72
N THR R 116 -54.05 -33.47 -18.94
CA THR R 116 -55.50 -33.35 -18.97
C THR R 116 -56.02 -33.19 -17.55
N CYS R 117 -56.82 -32.16 -17.32
CA CYS R 117 -57.39 -31.89 -16.01
C CYS R 117 -58.86 -31.52 -16.17
N ASN R 118 -59.71 -32.14 -15.35
CA ASN R 118 -61.12 -31.82 -15.34
C ASN R 118 -61.36 -30.47 -14.66
N LEU R 119 -62.50 -29.86 -14.96
CA LEU R 119 -62.88 -28.58 -14.39
C LEU R 119 -64.35 -28.61 -14.00
N ILE R 120 -64.74 -27.66 -13.16
CA ILE R 120 -66.11 -27.51 -12.70
C ILE R 120 -66.64 -26.19 -13.23
N ALA R 121 -67.80 -26.24 -13.88
CA ALA R 121 -68.38 -25.04 -14.48
C ALA R 121 -68.74 -24.02 -13.41
N GLY R 122 -68.51 -22.75 -13.72
CA GLY R 122 -68.84 -21.68 -12.79
C GLY R 122 -67.88 -21.51 -11.64
N ALA R 123 -66.73 -22.17 -11.67
CA ALA R 123 -65.75 -22.08 -10.59
C ALA R 123 -64.60 -21.18 -11.00
N ARG R 124 -63.82 -20.77 -10.00
CA ARG R 124 -62.68 -19.88 -10.21
C ARG R 124 -61.42 -20.68 -10.52
N TYR R 125 -60.74 -20.30 -11.60
CA TYR R 125 -59.47 -20.90 -11.97
C TYR R 125 -58.57 -19.81 -12.54
N ILE R 126 -57.30 -19.84 -12.17
CA ILE R 126 -56.31 -18.88 -12.63
C ILE R 126 -55.39 -19.57 -13.62
N VAL R 127 -55.34 -19.04 -14.83
CA VAL R 127 -54.42 -19.54 -15.86
C VAL R 127 -53.13 -18.76 -15.78
N LYS R 128 -52.01 -19.47 -15.80
CA LYS R 128 -50.71 -18.87 -15.56
C LYS R 128 -49.69 -19.42 -16.55
N VAL R 129 -48.92 -18.53 -17.17
CA VAL R 129 -47.87 -18.91 -18.11
C VAL R 129 -46.57 -18.29 -17.64
N VAL R 130 -45.50 -19.08 -17.66
CA VAL R 130 -44.19 -18.65 -17.20
C VAL R 130 -43.19 -18.79 -18.33
N THR R 131 -42.33 -17.79 -18.47
CA THR R 131 -41.32 -17.79 -19.52
C THR R 131 -40.08 -18.57 -19.08
N ALA R 132 -39.19 -18.82 -20.04
CA ALA R 132 -37.93 -19.47 -19.72
C ALA R 132 -37.07 -18.59 -18.83
N ARG R 133 -37.10 -17.28 -19.04
CA ARG R 133 -36.34 -16.34 -18.22
C ARG R 133 -36.99 -16.08 -16.87
N GLY R 134 -38.28 -16.39 -16.71
CA GLY R 134 -38.95 -16.25 -15.44
C GLY R 134 -40.08 -15.24 -15.40
N THR R 135 -40.36 -14.55 -16.51
CA THR R 135 -41.45 -13.60 -16.52
C THR R 135 -42.78 -14.31 -16.33
N GLU R 136 -43.67 -13.71 -15.55
CA GLU R 136 -44.97 -14.29 -15.21
C GLU R 136 -46.09 -13.40 -15.71
N ALA R 137 -47.08 -14.00 -16.37
CA ALA R 137 -48.30 -13.32 -16.76
C ALA R 137 -49.47 -14.27 -16.53
N ALA R 138 -50.57 -13.73 -16.03
CA ALA R 138 -51.70 -14.58 -15.64
C ALA R 138 -52.98 -13.76 -15.66
N ALA R 139 -54.10 -14.45 -15.56
CA ALA R 139 -55.43 -13.85 -15.49
C ALA R 139 -56.40 -14.93 -15.03
N THR R 140 -57.68 -14.58 -14.97
CA THR R 140 -58.72 -15.47 -14.50
C THR R 140 -59.77 -15.67 -15.59
N PHE R 141 -60.55 -16.75 -15.43
CA PHE R 141 -61.61 -17.07 -16.37
C PHE R 141 -62.66 -17.90 -15.66
N ILE R 142 -63.85 -17.96 -16.26
CA ILE R 142 -64.95 -18.77 -15.75
C ILE R 142 -65.09 -20.00 -16.62
N SER R 143 -65.03 -21.18 -16.01
CA SER R 143 -65.15 -22.41 -16.77
C SER R 143 -66.59 -22.60 -17.23
N PRO R 144 -66.82 -22.87 -18.52
CA PRO R 144 -68.16 -23.11 -19.06
C PRO R 144 -68.73 -24.46 -18.62
N GLU S 9 17.87 -7.36 1.60
CA GLU S 9 17.60 -7.04 3.00
C GLU S 9 16.23 -6.37 3.21
N PRO S 10 15.87 -5.38 2.37
CA PRO S 10 14.49 -4.89 2.43
C PRO S 10 13.46 -5.93 2.04
N ILE S 11 13.87 -7.00 1.36
CA ILE S 11 12.94 -8.04 0.95
C ILE S 11 12.33 -8.72 2.17
N VAL S 12 13.13 -8.94 3.21
CA VAL S 12 12.61 -9.53 4.44
C VAL S 12 11.56 -8.62 5.07
N ALA S 13 11.85 -7.32 5.11
CA ALA S 13 10.87 -6.37 5.64
C ALA S 13 9.59 -6.38 4.83
N ALA S 14 9.71 -6.48 3.50
CA ALA S 14 8.53 -6.55 2.66
C ALA S 14 7.72 -7.81 2.94
N VAL S 15 8.40 -8.94 3.15
CA VAL S 15 7.70 -10.19 3.45
C VAL S 15 6.96 -10.08 4.78
N LEU S 16 7.61 -9.52 5.79
CA LEU S 16 6.93 -9.32 7.07
C LEU S 16 5.74 -8.38 6.92
N LEU S 17 5.88 -7.31 6.13
CA LEU S 17 4.77 -6.40 5.91
C LEU S 17 3.61 -7.10 5.22
N ILE S 18 3.91 -7.95 4.24
CA ILE S 18 2.86 -8.70 3.56
C ILE S 18 2.15 -9.64 4.55
N VAL S 19 2.92 -10.31 5.40
CA VAL S 19 2.31 -11.21 6.39
C VAL S 19 1.39 -10.43 7.32
N VAL S 20 1.87 -9.28 7.80
CA VAL S 20 1.05 -8.46 8.71
C VAL S 20 -0.22 -7.99 8.03
N ALA S 21 -0.11 -7.57 6.77
CA ALA S 21 -1.29 -7.13 6.02
C ALA S 21 -2.28 -8.26 5.86
N VAL S 22 -1.80 -9.47 5.59
CA VAL S 22 -2.70 -10.62 5.45
C VAL S 22 -3.42 -10.89 6.77
N ILE S 23 -2.69 -10.84 7.88
CA ILE S 23 -3.31 -11.09 9.17
C ILE S 23 -4.37 -10.04 9.46
N GLY S 24 -4.06 -8.77 9.20
CA GLY S 24 -5.03 -7.72 9.40
C GLY S 24 -6.26 -7.89 8.54
N ALA S 25 -6.07 -8.29 7.28
CA ALA S 25 -7.20 -8.53 6.39
C ALA S 25 -8.07 -9.67 6.92
N VAL S 26 -7.44 -10.71 7.47
CA VAL S 26 -8.22 -11.81 8.04
C VAL S 26 -9.06 -11.33 9.21
N LEU S 27 -8.45 -10.52 10.10
CA LEU S 27 -9.20 -9.99 11.24
C LEU S 27 -10.37 -9.11 10.78
N VAL S 28 -10.12 -8.26 9.79
CA VAL S 28 -11.18 -7.41 9.25
C VAL S 28 -12.29 -8.26 8.66
N TYR S 29 -11.93 -9.35 7.97
CA TYR S 29 -12.95 -10.22 7.40
C TYR S 29 -13.81 -10.85 8.48
N LEU S 30 -13.19 -11.33 9.57
CA LEU S 30 -13.96 -11.92 10.66
C LEU S 30 -14.94 -10.91 11.24
N TRP S 31 -14.43 -9.71 11.58
CA TRP S 31 -15.33 -8.71 12.15
C TRP S 31 -16.43 -8.32 11.17
N PHE S 32 -16.09 -8.20 9.89
CA PHE S 32 -17.07 -7.81 8.89
C PHE S 32 -18.17 -8.84 8.78
N SER S 33 -17.82 -10.12 8.77
CA SER S 33 -18.84 -11.16 8.75
C SER S 33 -19.75 -11.04 9.95
N GLY S 34 -19.18 -10.93 11.15
CA GLY S 34 -20.00 -10.82 12.34
C GLY S 34 -20.93 -9.62 12.31
N TYR S 35 -20.40 -8.46 11.91
CA TYR S 35 -21.18 -7.23 11.93
C TYR S 35 -22.27 -7.24 10.87
N VAL S 36 -21.94 -7.65 9.64
CA VAL S 36 -22.97 -7.66 8.60
C VAL S 36 -24.06 -8.66 8.98
N THR S 37 -23.68 -9.78 9.60
CA THR S 37 -24.68 -10.76 10.02
C THR S 37 -25.62 -10.16 11.05
N ARG S 38 -25.07 -9.58 12.12
CA ARG S 38 -25.93 -9.04 13.18
C ARG S 38 -26.81 -7.91 12.66
N ALA S 39 -26.21 -6.99 11.88
CA ALA S 39 -26.98 -5.85 11.39
C ALA S 39 -28.07 -6.29 10.42
N THR S 40 -27.75 -7.19 9.48
CA THR S 40 -28.73 -7.65 8.53
C THR S 40 -29.88 -8.37 9.21
N SER S 41 -29.57 -9.24 10.18
CA SER S 41 -30.63 -9.96 10.87
C SER S 41 -31.49 -9.03 11.71
N GLN S 42 -30.87 -8.05 12.39
CA GLN S 42 -31.63 -7.10 13.18
C GLN S 42 -32.56 -6.28 12.29
N ALA S 43 -32.07 -5.81 11.15
CA ALA S 43 -32.90 -5.06 10.22
C ALA S 43 -34.04 -5.92 9.68
N GLU S 44 -33.74 -7.17 9.33
CA GLU S 44 -34.76 -8.06 8.80
C GLU S 44 -35.86 -8.31 9.82
N GLN S 45 -35.49 -8.47 11.09
CA GLN S 45 -36.52 -8.72 12.10
C GLN S 45 -37.31 -7.45 12.42
N LEU S 46 -36.65 -6.29 12.50
CA LEU S 46 -37.38 -5.05 12.75
C LEU S 46 -38.22 -4.63 11.56
N SER S 47 -38.01 -5.24 10.39
CA SER S 47 -38.92 -5.00 9.28
C SER S 47 -40.33 -5.50 9.58
N ALA S 48 -40.44 -6.53 10.43
CA ALA S 48 -41.74 -7.07 10.79
C ALA S 48 -42.56 -6.05 11.59
N ALA S 49 -43.87 -6.13 11.45
CA ALA S 49 -44.78 -5.18 12.08
C ALA S 49 -45.92 -5.94 12.78
N GLU S 50 -46.57 -5.25 13.71
CA GLU S 50 -47.69 -5.78 14.46
C GLU S 50 -48.95 -4.98 14.12
N GLN S 51 -50.09 -5.68 14.11
CA GLN S 51 -51.38 -5.07 13.80
C GLN S 51 -52.35 -5.32 14.93
N LEU S 52 -53.09 -4.28 15.31
CA LEU S 52 -54.10 -4.38 16.36
C LEU S 52 -55.43 -3.84 15.86
N LYS S 53 -56.50 -4.26 16.53
CA LYS S 53 -57.83 -3.75 16.27
C LYS S 53 -58.66 -3.89 17.54
N ILE S 54 -59.48 -2.88 17.81
CA ILE S 54 -60.34 -2.86 19.00
C ILE S 54 -61.77 -3.11 18.56
N GLU S 55 -62.42 -4.11 19.17
CA GLU S 55 -63.77 -4.48 18.77
C GLU S 55 -64.79 -3.45 19.24
N ALA S 56 -64.89 -3.27 20.57
CA ALA S 56 -65.87 -2.34 21.12
C ALA S 56 -65.40 -1.91 22.50
N VAL S 57 -66.01 -0.84 23.00
CA VAL S 57 -65.69 -0.29 24.31
C VAL S 57 -66.97 -0.21 25.14
N SER S 58 -66.79 -0.19 26.46
CA SER S 58 -67.91 -0.10 27.38
C SER S 58 -67.51 0.76 28.56
N LYS S 59 -68.49 1.48 29.11
CA LYS S 59 -68.28 2.38 30.23
C LYS S 59 -69.14 1.93 31.41
N THR S 60 -68.52 1.73 32.56
CA THR S 60 -69.21 1.38 33.79
C THR S 60 -68.86 2.41 34.85
N GLY S 61 -69.82 3.26 35.19
CA GLY S 61 -69.56 4.34 36.12
C GLY S 61 -68.57 5.35 35.57
N THR S 62 -67.36 5.36 36.11
CA THR S 62 -66.30 6.22 35.62
C THR S 62 -65.10 5.43 35.09
N THR S 63 -65.26 4.12 34.87
CA THR S 63 -64.20 3.27 34.36
C THR S 63 -64.51 2.87 32.92
N VAL S 64 -63.49 2.94 32.07
CA VAL S 64 -63.63 2.62 30.65
C VAL S 64 -62.92 1.29 30.40
N SER S 65 -63.63 0.35 29.78
CA SER S 65 -63.09 -0.96 29.46
C SER S 65 -63.01 -1.10 27.94
N VAL S 66 -61.88 -1.61 27.46
CA VAL S 66 -61.60 -1.74 26.03
C VAL S 66 -61.25 -3.19 25.74
N ASN S 67 -61.82 -3.73 24.67
CA ASN S 67 -61.52 -5.08 24.21
C ASN S 67 -60.63 -5.00 22.98
N VAL S 68 -59.48 -5.67 23.04
CA VAL S 68 -58.47 -5.62 21.99
C VAL S 68 -58.28 -7.03 21.45
N ARG S 69 -58.32 -7.15 20.12
CA ARG S 69 -58.09 -8.42 19.44
C ARG S 69 -56.79 -8.35 18.66
N ASN S 70 -55.97 -9.39 18.78
CA ASN S 70 -54.67 -9.46 18.10
C ASN S 70 -54.88 -10.15 16.75
N VAL S 71 -54.87 -9.35 15.68
CA VAL S 71 -54.96 -9.91 14.33
C VAL S 71 -53.62 -10.43 13.83
N GLY S 72 -52.52 -10.02 14.47
CA GLY S 72 -51.20 -10.45 14.07
C GLY S 72 -50.90 -11.86 14.50
N GLU S 73 -49.70 -12.33 14.12
CA GLU S 73 -49.25 -13.68 14.41
C GLU S 73 -48.22 -13.74 15.53
N VAL S 74 -47.89 -12.61 16.15
CA VAL S 74 -46.88 -12.58 17.21
C VAL S 74 -47.54 -12.08 18.49
N PRO S 75 -47.03 -12.45 19.67
CA PRO S 75 -47.61 -11.93 20.91
C PRO S 75 -47.43 -10.42 21.02
N VAL S 76 -48.42 -9.77 21.62
CA VAL S 76 -48.44 -8.31 21.76
C VAL S 76 -48.73 -7.98 23.22
N LYS S 77 -48.05 -6.96 23.73
CA LYS S 77 -48.23 -6.50 25.10
C LYS S 77 -48.84 -5.11 25.10
N ILE S 78 -49.90 -4.93 25.88
CA ILE S 78 -50.54 -3.64 26.04
C ILE S 78 -50.01 -2.99 27.31
N ALA S 79 -49.46 -1.78 27.17
CA ALA S 79 -48.80 -1.11 28.27
C ALA S 79 -49.45 0.20 28.71
N SER S 80 -50.19 0.88 27.83
CA SER S 80 -50.77 2.15 28.18
C SER S 80 -52.07 2.36 27.43
N ALA S 81 -52.94 3.19 28.00
CA ALA S 81 -54.21 3.55 27.39
C ALA S 81 -54.54 4.98 27.77
N TYR S 82 -55.13 5.72 26.82
CA TYR S 82 -55.45 7.13 27.00
C TYR S 82 -56.88 7.42 26.55
N VAL S 83 -57.34 8.63 26.88
CA VAL S 83 -58.63 9.16 26.44
C VAL S 83 -58.34 10.57 25.93
N LEU S 84 -58.27 10.74 24.62
CA LEU S 84 -57.88 12.01 24.02
C LEU S 84 -59.08 12.91 23.79
N ASN S 85 -58.86 14.21 23.92
CA ASN S 85 -59.87 15.21 23.58
C ASN S 85 -59.82 15.51 22.08
N ALA S 86 -60.97 15.91 21.53
CA ALA S 86 -61.09 16.11 20.10
C ALA S 86 -60.26 17.29 19.61
N THR S 87 -59.58 17.11 18.50
CA THR S 87 -58.91 18.15 17.71
C THR S 87 -57.80 18.87 18.48
N THR S 88 -57.48 18.46 19.69
CA THR S 88 -56.43 19.08 20.46
C THR S 88 -55.32 18.13 20.87
N LEU S 89 -55.51 16.82 20.75
CA LEU S 89 -54.50 15.82 21.09
C LEU S 89 -54.01 16.00 22.53
N THR S 90 -54.92 16.25 23.45
CA THR S 90 -54.61 16.40 24.86
C THR S 90 -55.31 15.31 25.65
N MET S 91 -54.55 14.63 26.51
CA MET S 91 -55.10 13.53 27.29
C MET S 91 -55.84 14.06 28.51
N ILE S 92 -56.95 13.40 28.85
CA ILE S 92 -57.70 13.69 30.06
C ILE S 92 -57.32 12.73 31.18
N CYS S 93 -57.28 11.43 30.89
CA CYS S 93 -56.86 10.43 31.86
C CYS S 93 -56.08 9.35 31.13
N GLY S 94 -55.17 8.71 31.86
CA GLY S 94 -54.40 7.62 31.30
C GLY S 94 -53.01 7.58 31.89
N GLY S 95 -52.27 6.55 31.50
CA GLY S 95 -50.93 6.36 31.98
C GLY S 95 -50.50 4.93 31.77
N SER S 96 -49.30 4.63 32.28
CA SER S 96 -48.80 3.26 32.23
C SER S 96 -49.66 2.35 33.09
N LEU S 97 -49.98 1.17 32.57
CA LEU S 97 -50.72 0.19 33.35
C LEU S 97 -49.87 -0.34 34.49
N THR S 98 -50.54 -0.77 35.57
CA THR S 98 -49.82 -1.29 36.72
C THR S 98 -49.01 -2.53 36.36
N SER S 99 -49.57 -3.41 35.53
CA SER S 99 -48.86 -4.58 35.05
C SER S 99 -49.21 -4.73 33.57
N PRO S 100 -48.20 -4.87 32.70
CA PRO S 100 -48.49 -5.06 31.28
C PRO S 100 -49.31 -6.33 31.05
N GLN S 101 -50.22 -6.25 30.09
CA GLN S 101 -51.10 -7.36 29.74
C GLN S 101 -50.70 -7.93 28.39
N GLN S 102 -50.54 -9.25 28.34
CA GLN S 102 -50.13 -9.93 27.12
C GLN S 102 -51.35 -10.43 26.36
N ILE S 103 -51.37 -10.19 25.05
CA ILE S 103 -52.45 -10.62 24.18
C ILE S 103 -51.89 -11.59 23.15
N ASP S 104 -52.34 -12.83 23.20
CA ASP S 104 -51.87 -13.85 22.30
C ASP S 104 -52.51 -13.69 20.91
N PRO S 105 -51.83 -14.13 19.86
CA PRO S 105 -52.41 -14.03 18.52
C PRO S 105 -53.73 -14.80 18.42
N GLY S 106 -54.68 -14.21 17.70
CA GLY S 106 -55.97 -14.84 17.51
C GLY S 106 -56.86 -14.85 18.72
N THR S 107 -56.53 -14.09 19.76
CA THR S 107 -57.29 -14.06 21.00
C THR S 107 -57.83 -12.66 21.25
N ILE S 108 -58.51 -12.50 22.38
CA ILE S 108 -59.08 -11.23 22.79
C ILE S 108 -58.75 -11.00 24.26
N GLN S 109 -58.67 -9.73 24.65
CA GLN S 109 -58.38 -9.36 26.02
C GLN S 109 -59.10 -8.05 26.34
N THR S 110 -59.39 -7.84 27.62
CA THR S 110 -60.06 -6.65 28.10
C THR S 110 -59.07 -5.79 28.86
N ILE S 111 -59.02 -4.50 28.52
CA ILE S 111 -58.08 -3.55 29.11
C ILE S 111 -58.88 -2.40 29.72
N ASN S 112 -58.55 -2.03 30.95
CA ASN S 112 -59.19 -0.94 31.67
C ASN S 112 -58.24 0.26 31.70
N VAL S 113 -58.78 1.43 31.37
CA VAL S 113 -57.96 2.65 31.40
C VAL S 113 -57.49 2.90 32.82
N PRO S 114 -56.20 3.16 33.04
CA PRO S 114 -55.71 3.38 34.41
C PRO S 114 -56.34 4.62 35.04
N GLY S 115 -56.52 4.56 36.35
CA GLY S 115 -57.08 5.67 37.09
C GLY S 115 -58.57 5.84 36.87
N THR S 116 -59.07 7.00 37.32
CA THR S 116 -60.48 7.35 37.22
C THR S 116 -60.61 8.73 36.60
N CYS S 117 -61.41 8.85 35.55
CA CYS S 117 -61.64 10.11 34.87
C CYS S 117 -63.13 10.26 34.58
N ASN S 118 -63.68 11.43 34.91
CA ASN S 118 -65.08 11.70 34.60
C ASN S 118 -65.26 11.97 33.11
N LEU S 119 -66.49 11.80 32.65
CA LEU S 119 -66.84 12.04 31.25
C LEU S 119 -68.17 12.76 31.18
N ILE S 120 -68.42 13.40 30.04
CA ILE S 120 -69.66 14.12 29.78
C ILE S 120 -70.41 13.38 28.68
N ALA S 121 -71.69 13.08 28.94
CA ALA S 121 -72.50 12.34 27.98
C ALA S 121 -72.66 13.12 26.68
N GLY S 122 -72.58 12.40 25.55
CA GLY S 122 -72.75 13.02 24.25
C GLY S 122 -71.55 13.79 23.76
N ALA S 123 -70.40 13.67 24.40
CA ALA S 123 -69.19 14.37 24.01
C ALA S 123 -68.27 13.44 23.24
N ARG S 124 -67.30 14.04 22.54
CA ARG S 124 -66.34 13.30 21.73
C ARG S 124 -65.13 12.93 22.58
N TYR S 125 -64.75 11.65 22.53
CA TYR S 125 -63.53 11.18 23.18
C TYR S 125 -62.91 10.10 22.32
N ILE S 126 -61.58 10.10 22.25
CA ILE S 126 -60.81 9.14 21.48
C ILE S 126 -60.11 8.20 22.46
N VAL S 127 -60.44 6.92 22.38
CA VAL S 127 -59.77 5.91 23.19
C VAL S 127 -58.59 5.36 22.39
N LYS S 128 -57.44 5.21 23.04
CA LYS S 128 -56.19 4.89 22.37
C LYS S 128 -55.41 3.88 23.19
N VAL S 129 -54.88 2.85 22.53
CA VAL S 129 -54.05 1.84 23.17
C VAL S 129 -52.75 1.72 22.37
N VAL S 130 -51.63 1.62 23.09
CA VAL S 130 -50.32 1.53 22.48
C VAL S 130 -49.62 0.28 22.98
N THR S 131 -48.91 -0.40 22.09
CA THR S 131 -48.20 -1.61 22.44
C THR S 131 -46.85 -1.28 23.08
N ALA S 132 -46.20 -2.30 23.61
CA ALA S 132 -44.85 -2.13 24.15
C ALA S 132 -43.86 -1.75 23.05
N ARG S 133 -44.02 -2.29 21.85
CA ARG S 133 -43.15 -1.97 20.73
C ARG S 133 -43.58 -0.71 19.99
N GLY S 134 -44.75 -0.14 20.32
CA GLY S 134 -45.13 1.15 19.80
C GLY S 134 -46.26 1.17 18.80
N THR S 135 -46.84 0.02 18.46
CA THR S 135 -47.95 0.00 17.52
C THR S 135 -49.15 0.75 18.11
N GLU S 136 -49.81 1.52 17.27
CA GLU S 136 -50.88 2.43 17.70
C GLU S 136 -52.20 2.00 17.07
N ALA S 137 -53.23 1.90 17.91
CA ALA S 137 -54.59 1.63 17.47
C ALA S 137 -55.55 2.44 18.32
N ALA S 138 -56.56 3.03 17.69
CA ALA S 138 -57.47 3.92 18.40
C ALA S 138 -58.78 4.00 17.63
N ALA S 139 -59.80 4.53 18.30
CA ALA S 139 -61.13 4.73 17.72
C ALA S 139 -61.87 5.71 18.62
N THR S 140 -63.12 6.02 18.25
CA THR S 140 -63.94 6.99 18.95
C THR S 140 -65.21 6.32 19.46
N PHE S 141 -65.83 6.96 20.46
CA PHE S 141 -67.06 6.45 21.05
C PHE S 141 -67.84 7.61 21.63
N ILE S 142 -69.13 7.39 21.85
CA ILE S 142 -70.02 8.37 22.46
C ILE S 142 -70.22 7.98 23.93
N SER S 143 -69.81 8.86 24.83
CA SER S 143 -69.99 8.59 26.25
C SER S 143 -71.47 8.59 26.60
N PRO S 144 -71.95 7.56 27.32
CA PRO S 144 -73.36 7.46 27.72
C PRO S 144 -73.74 8.50 28.77
N GLU T 9 13.40 -0.72 6.25
CA GLU T 9 13.45 0.51 5.47
C GLU T 9 12.11 0.84 4.79
N PRO T 10 11.45 -0.15 4.17
CA PRO T 10 10.08 0.10 3.69
C PRO T 10 9.10 0.37 4.81
N ILE T 11 9.44 0.00 6.05
CA ILE T 11 8.54 0.24 7.17
C ILE T 11 8.31 1.73 7.38
N VAL T 12 9.35 2.53 7.24
CA VAL T 12 9.21 3.98 7.40
C VAL T 12 8.28 4.54 6.33
N ALA T 13 8.45 4.09 5.08
CA ALA T 13 7.58 4.54 4.01
C ALA T 13 6.13 4.13 4.27
N ALA T 14 5.93 2.91 4.78
CA ALA T 14 4.58 2.47 5.12
C ALA T 14 3.97 3.34 6.21
N VAL T 15 4.78 3.71 7.21
CA VAL T 15 4.27 4.57 8.28
C VAL T 15 3.87 5.94 7.74
N LEU T 16 4.71 6.52 6.87
CA LEU T 16 4.34 7.78 6.25
C LEU T 16 3.06 7.65 5.42
N LEU T 17 2.93 6.55 4.68
CA LEU T 17 1.73 6.35 3.87
C LEU T 17 0.49 6.24 4.76
N ILE T 18 0.60 5.52 5.87
CA ILE T 18 -0.52 5.40 6.80
C ILE T 18 -0.89 6.77 7.37
N VAL T 19 0.11 7.57 7.74
CA VAL T 19 -0.16 8.90 8.28
C VAL T 19 -0.88 9.75 7.25
N VAL T 20 -0.39 9.72 5.99
CA VAL T 20 -1.01 10.52 4.93
C VAL T 20 -2.45 10.08 4.70
N ALA T 21 -2.68 8.76 4.70
CA ALA T 21 -4.04 8.26 4.52
C ALA T 21 -4.96 8.71 5.65
N VAL T 22 -4.45 8.69 6.88
CA VAL T 22 -5.26 9.14 8.02
C VAL T 22 -5.61 10.62 7.87
N ILE T 23 -4.63 11.45 7.49
CA ILE T 23 -4.90 12.87 7.34
C ILE T 23 -5.94 13.10 6.23
N GLY T 24 -5.79 12.41 5.11
CA GLY T 24 -6.76 12.54 4.04
C GLY T 24 -8.15 12.11 4.45
N ALA T 25 -8.25 11.01 5.20
CA ALA T 25 -9.54 10.56 5.70
C ALA T 25 -10.15 11.60 6.63
N VAL T 26 -9.32 12.25 7.45
CA VAL T 26 -9.84 13.31 8.32
C VAL T 26 -10.41 14.46 7.49
N LEU T 27 -9.69 14.89 6.46
CA LEU T 27 -10.20 15.98 5.62
C LEU T 27 -11.51 15.58 4.94
N VAL T 28 -11.58 14.34 4.45
CA VAL T 28 -12.81 13.84 3.86
C VAL T 28 -13.95 13.86 4.87
N TYR T 29 -13.66 13.50 6.12
CA TYR T 29 -14.70 13.51 7.14
C TYR T 29 -15.23 14.92 7.40
N LEU T 30 -14.33 15.90 7.50
CA LEU T 30 -14.79 17.29 7.68
C LEU T 30 -15.65 17.74 6.51
N TRP T 31 -15.19 17.51 5.27
CA TRP T 31 -15.97 17.95 4.13
C TRP T 31 -17.32 17.24 4.09
N PHE T 32 -17.32 15.94 4.36
CA PHE T 32 -18.54 15.17 4.29
C PHE T 32 -19.54 15.65 5.33
N SER T 33 -19.09 15.90 6.56
CA SER T 33 -19.99 16.42 7.58
C SER T 33 -20.60 17.75 7.14
N GLY T 34 -19.77 18.69 6.70
CA GLY T 34 -20.30 19.98 6.29
C GLY T 34 -21.29 19.88 5.14
N TYR T 35 -20.91 19.15 4.09
CA TYR T 35 -21.76 19.04 2.91
C TYR T 35 -23.06 18.32 3.21
N VAL T 36 -22.97 17.17 3.89
CA VAL T 36 -24.19 16.43 4.22
C VAL T 36 -25.11 17.28 5.07
N THR T 37 -24.56 17.97 6.06
CA THR T 37 -25.40 18.77 6.95
C THR T 37 -26.13 19.87 6.19
N ARG T 38 -25.39 20.68 5.43
CA ARG T 38 -26.04 21.82 4.78
C ARG T 38 -26.95 21.36 3.64
N ALA T 39 -26.57 20.32 2.90
CA ALA T 39 -27.45 19.81 1.86
C ALA T 39 -28.74 19.25 2.44
N THR T 40 -28.64 18.49 3.53
CA THR T 40 -29.83 17.94 4.17
C THR T 40 -30.73 19.05 4.70
N SER T 41 -30.14 20.06 5.34
CA SER T 41 -30.93 21.16 5.84
C SER T 41 -31.60 21.94 4.72
N GLN T 42 -30.89 22.16 3.61
CA GLN T 42 -31.48 22.83 2.45
C GLN T 42 -32.65 22.03 1.90
N ALA T 43 -32.49 20.71 1.78
CA ALA T 43 -33.58 19.88 1.29
C ALA T 43 -34.78 19.93 2.24
N GLU T 44 -34.53 19.85 3.55
CA GLU T 44 -35.61 19.89 4.52
C GLU T 44 -36.36 21.21 4.47
N GLN T 45 -35.63 22.32 4.31
CA GLN T 45 -36.27 23.62 4.26
C GLN T 45 -37.02 23.83 2.95
N LEU T 46 -36.52 23.28 1.85
CA LEU T 46 -37.25 23.35 0.58
C LEU T 46 -38.45 22.42 0.56
N SER T 47 -38.50 21.43 1.46
CA SER T 47 -39.68 20.59 1.56
C SER T 47 -40.91 21.39 1.94
N ALA T 48 -40.74 22.47 2.70
CA ALA T 48 -41.86 23.31 3.08
C ALA T 48 -42.48 23.96 1.85
N ALA T 49 -43.80 24.13 1.89
CA ALA T 49 -44.55 24.67 0.76
C ALA T 49 -45.47 25.78 1.23
N GLU T 50 -45.87 26.63 0.29
CA GLU T 50 -46.80 27.73 0.53
C GLU T 50 -48.11 27.46 -0.18
N GLN T 51 -49.20 27.86 0.45
CA GLN T 51 -50.53 27.72 -0.12
C GLN T 51 -51.22 29.07 -0.13
N LEU T 52 -51.92 29.38 -1.22
CA LEU T 52 -52.62 30.65 -1.38
C LEU T 52 -54.04 30.40 -1.86
N LYS T 53 -54.90 31.39 -1.62
CA LYS T 53 -56.28 31.35 -2.08
C LYS T 53 -56.75 32.78 -2.30
N ILE T 54 -57.54 32.98 -3.35
CA ILE T 54 -58.06 34.29 -3.72
C ILE T 54 -59.55 34.32 -3.39
N GLU T 55 -59.94 35.34 -2.63
CA GLU T 55 -61.32 35.43 -2.15
C GLU T 55 -62.27 35.83 -3.28
N ALA T 56 -62.09 37.03 -3.82
CA ALA T 56 -62.98 37.56 -4.85
C ALA T 56 -62.24 38.57 -5.69
N VAL T 57 -62.84 38.89 -6.85
CA VAL T 57 -62.25 39.83 -7.79
C VAL T 57 -63.27 40.94 -8.08
N SER T 58 -62.75 42.07 -8.54
CA SER T 58 -63.58 43.21 -8.87
C SER T 58 -62.98 43.91 -10.08
N LYS T 59 -63.86 44.48 -10.91
CA LYS T 59 -63.47 45.16 -12.14
C LYS T 59 -63.93 46.61 -12.06
N THR T 60 -63.01 47.54 -12.29
CA THR T 60 -63.31 48.97 -12.34
C THR T 60 -62.79 49.52 -13.65
N GLY T 61 -63.69 49.82 -14.57
CA GLY T 61 -63.30 50.28 -15.89
C GLY T 61 -62.58 49.19 -16.67
N THR T 62 -61.27 49.37 -16.85
CA THR T 62 -60.44 48.37 -17.51
C THR T 62 -59.38 47.79 -16.58
N THR T 63 -59.51 48.01 -15.28
CA THR T 63 -58.56 47.53 -14.29
C THR T 63 -59.17 46.38 -13.50
N VAL T 64 -58.39 45.32 -13.31
CA VAL T 64 -58.81 44.14 -12.57
C VAL T 64 -58.09 44.13 -11.24
N SER T 65 -58.85 44.05 -10.15
CA SER T 65 -58.31 44.03 -8.80
C SER T 65 -58.61 42.67 -8.17
N VAL T 66 -57.59 42.08 -7.54
CA VAL T 66 -57.69 40.75 -6.95
C VAL T 66 -57.30 40.84 -5.49
N ASN T 67 -58.11 40.24 -4.62
CA ASN T 67 -57.81 40.17 -3.19
C ASN T 67 -57.25 38.79 -2.88
N VAL T 68 -56.02 38.74 -2.38
CA VAL T 68 -55.32 37.49 -2.09
C VAL T 68 -55.19 37.34 -0.59
N ARG T 69 -55.61 36.19 -0.07
CA ARG T 69 -55.49 35.88 1.35
C ARG T 69 -54.46 34.78 1.54
N ASN T 70 -53.49 35.04 2.40
CA ASN T 70 -52.44 34.07 2.71
C ASN T 70 -52.94 33.18 3.84
N VAL T 71 -53.57 32.06 3.47
CA VAL T 71 -54.02 31.10 4.49
C VAL T 71 -52.85 30.33 5.09
N GLY T 72 -51.64 30.50 4.54
CA GLY T 72 -50.47 29.87 5.10
C GLY T 72 -49.93 30.62 6.30
N GLU T 73 -48.83 30.09 6.83
CA GLU T 73 -48.21 30.62 8.05
C GLU T 73 -46.90 31.34 7.79
N VAL T 74 -46.46 31.44 6.53
CA VAL T 74 -45.18 32.08 6.22
C VAL T 74 -45.44 33.27 5.30
N PRO T 75 -44.59 34.31 5.34
CA PRO T 75 -44.79 35.45 4.43
C PRO T 75 -44.65 35.02 2.97
N VAL T 76 -45.47 35.64 2.13
CA VAL T 76 -45.52 35.34 0.70
C VAL T 76 -45.49 36.65 -0.07
N LYS T 77 -44.77 36.67 -1.18
CA LYS T 77 -44.66 37.84 -2.04
C LYS T 77 -45.36 37.57 -3.37
N ILE T 78 -46.23 38.49 -3.77
CA ILE T 78 -46.92 38.41 -5.05
C ILE T 78 -46.10 39.18 -6.09
N ALA T 79 -45.81 38.54 -7.21
CA ALA T 79 -44.92 39.12 -8.21
C ALA T 79 -45.57 39.36 -9.57
N SER T 80 -46.60 38.61 -9.94
CA SER T 80 -47.21 38.77 -11.25
C SER T 80 -48.67 38.37 -11.21
N ALA T 81 -49.43 38.89 -12.16
CA ALA T 81 -50.84 38.56 -12.33
C ALA T 81 -51.17 38.54 -13.81
N TYR T 82 -52.05 37.62 -14.21
CA TYR T 82 -52.41 37.46 -15.61
C TYR T 82 -53.92 37.34 -15.77
N VAL T 83 -54.36 37.36 -17.02
CA VAL T 83 -55.74 37.09 -17.40
C VAL T 83 -55.68 36.09 -18.56
N LEU T 84 -56.00 34.83 -18.28
CA LEU T 84 -55.86 33.77 -19.26
C LEU T 84 -57.15 33.56 -20.05
N ASN T 85 -57.00 33.26 -21.34
CA ASN T 85 -58.13 32.93 -22.19
C ASN T 85 -58.52 31.46 -22.00
N ALA T 86 -59.79 31.17 -22.27
CA ALA T 86 -60.31 29.83 -22.02
C ALA T 86 -59.71 28.80 -22.97
N THR T 87 -59.29 27.66 -22.42
CA THR T 87 -58.92 26.44 -23.12
C THR T 87 -57.73 26.62 -24.06
N THR T 88 -57.10 27.79 -24.09
CA THR T 88 -55.95 28.02 -24.95
C THR T 88 -54.68 28.38 -24.20
N LEU T 89 -54.77 28.71 -22.91
CA LEU T 89 -53.61 29.05 -22.09
C LEU T 89 -52.79 30.18 -22.72
N THR T 90 -53.49 31.18 -23.24
CA THR T 90 -52.85 32.35 -23.84
C THR T 90 -53.22 33.59 -23.03
N MET T 91 -52.21 34.32 -22.58
CA MET T 91 -52.42 35.51 -21.78
C MET T 91 -52.87 36.68 -22.65
N ILE T 92 -53.79 37.48 -22.12
CA ILE T 92 -54.23 38.69 -22.78
C ILE T 92 -53.53 39.93 -22.23
N CYS T 93 -53.49 40.06 -20.91
CA CYS T 93 -52.77 41.15 -20.26
C CYS T 93 -52.13 40.63 -19.00
N GLY T 94 -51.00 41.22 -18.64
CA GLY T 94 -50.31 40.84 -17.42
C GLY T 94 -48.81 40.97 -17.57
N GLY T 95 -48.12 40.76 -16.47
CA GLY T 95 -46.68 40.85 -16.45
C GLY T 95 -46.19 41.02 -15.02
N SER T 96 -44.89 41.27 -14.90
CA SER T 96 -44.30 41.53 -13.60
C SER T 96 -44.83 42.84 -13.03
N LEU T 97 -45.15 42.84 -11.75
CA LEU T 97 -45.61 44.06 -11.09
C LEU T 97 -44.47 45.05 -10.96
N THR T 98 -44.83 46.33 -10.83
CA THR T 98 -43.81 47.37 -10.67
C THR T 98 -42.99 47.16 -9.40
N SER T 99 -43.65 46.79 -8.31
CA SER T 99 -42.98 46.49 -7.06
C SER T 99 -43.69 45.30 -6.43
N PRO T 100 -42.97 44.24 -6.07
CA PRO T 100 -43.61 43.11 -5.40
C PRO T 100 -44.24 43.53 -4.08
N GLN T 101 -45.38 42.93 -3.77
CA GLN T 101 -46.13 43.23 -2.55
C GLN T 101 -46.09 42.02 -1.63
N GLN T 102 -45.78 42.25 -0.36
CA GLN T 102 -45.69 41.19 0.62
C GLN T 102 -47.02 41.03 1.34
N ILE T 103 -47.43 39.78 1.53
CA ILE T 103 -48.67 39.44 2.22
C ILE T 103 -48.32 38.68 3.48
N ASP T 104 -48.68 39.24 4.63
CA ASP T 104 -48.38 38.60 5.91
C ASP T 104 -49.32 37.42 6.15
N PRO T 105 -48.86 36.42 6.90
CA PRO T 105 -49.73 35.27 7.19
C PRO T 105 -51.00 35.69 7.91
N GLY T 106 -52.11 35.06 7.52
CA GLY T 106 -53.39 35.37 8.15
C GLY T 106 -53.99 36.70 7.77
N THR T 107 -53.46 37.38 6.76
CA THR T 107 -53.91 38.70 6.36
C THR T 107 -54.44 38.65 4.93
N ILE T 108 -54.82 39.81 4.43
CA ILE T 108 -55.35 39.96 3.08
C ILE T 108 -54.69 41.17 2.43
N GLN T 109 -54.60 41.14 1.10
CA GLN T 109 -54.01 42.22 0.34
C GLN T 109 -54.69 42.29 -1.03
N THR T 110 -54.63 43.48 -1.63
CA THR T 110 -55.25 43.72 -2.93
C THR T 110 -54.16 43.79 -4.00
N ILE T 111 -54.39 43.10 -5.11
CA ILE T 111 -53.45 43.04 -6.22
C ILE T 111 -54.14 43.55 -7.47
N ASN T 112 -53.48 44.44 -8.20
CA ASN T 112 -53.99 44.99 -9.44
C ASN T 112 -53.20 44.41 -10.61
N VAL T 113 -53.91 43.94 -11.63
CA VAL T 113 -53.24 43.37 -12.80
C VAL T 113 -52.43 44.46 -13.50
N PRO T 114 -51.15 44.24 -13.80
CA PRO T 114 -50.36 45.28 -14.48
C PRO T 114 -50.88 45.55 -15.88
N GLY T 115 -50.70 46.80 -16.31
CA GLY T 115 -51.14 47.21 -17.62
C GLY T 115 -52.64 47.42 -17.69
N THR T 116 -53.11 47.66 -18.92
CA THR T 116 -54.51 47.89 -19.19
C THR T 116 -54.96 46.96 -20.31
N CYS T 117 -56.03 46.20 -20.07
CA CYS T 117 -56.57 45.27 -21.05
C CYS T 117 -58.09 45.40 -21.08
N ASN T 118 -58.64 45.53 -22.27
CA ASN T 118 -60.09 45.53 -22.41
C ASN T 118 -60.66 44.13 -22.17
N LEU T 119 -61.94 44.08 -21.81
CA LEU T 119 -62.61 42.84 -21.52
C LEU T 119 -63.97 42.82 -22.21
N ILE T 120 -64.51 41.62 -22.38
CA ILE T 120 -65.81 41.42 -23.01
C ILE T 120 -66.76 40.85 -21.96
N ALA T 121 -67.91 41.49 -21.80
CA ALA T 121 -68.88 41.05 -20.81
C ALA T 121 -69.42 39.66 -21.16
N GLY T 122 -69.61 38.84 -20.13
CA GLY T 122 -70.13 37.51 -20.33
C GLY T 122 -69.17 36.49 -20.88
N ALA T 123 -67.87 36.81 -20.91
CA ALA T 123 -66.86 35.91 -21.45
C ALA T 123 -66.12 35.20 -20.32
N ARG T 124 -65.46 34.11 -20.67
CA ARG T 124 -64.67 33.33 -19.72
C ARG T 124 -63.27 33.93 -19.64
N TYR T 125 -62.85 34.27 -18.42
CA TYR T 125 -61.52 34.82 -18.18
C TYR T 125 -60.98 34.26 -16.89
N ILE T 126 -59.70 33.86 -16.91
CA ILE T 126 -59.06 33.22 -15.77
C ILE T 126 -58.01 34.17 -15.22
N VAL T 127 -58.14 34.52 -13.95
CA VAL T 127 -57.15 35.36 -13.27
C VAL T 127 -56.18 34.45 -12.53
N LYS T 128 -54.89 34.78 -12.61
CA LYS T 128 -53.84 33.92 -12.08
C LYS T 128 -52.79 34.76 -11.39
N VAL T 129 -52.39 34.36 -10.20
CA VAL T 129 -51.35 35.04 -9.43
C VAL T 129 -50.27 34.03 -9.07
N VAL T 130 -49.02 34.42 -9.24
CA VAL T 130 -47.87 33.56 -8.97
C VAL T 130 -47.00 34.21 -7.90
N THR T 131 -46.51 33.39 -6.99
CA THR T 131 -45.67 33.88 -5.91
C THR T 131 -44.24 34.07 -6.37
N ALA T 132 -43.42 34.66 -5.50
CA ALA T 132 -42.00 34.81 -5.80
C ALA T 132 -41.31 33.45 -5.88
N ARG T 133 -41.75 32.49 -5.08
CA ARG T 133 -41.18 31.15 -5.10
C ARG T 133 -41.81 30.25 -6.15
N GLY T 134 -42.98 30.60 -6.67
CA GLY T 134 -43.58 29.88 -7.77
C GLY T 134 -44.91 29.21 -7.47
N THR T 135 -45.48 29.40 -6.28
CA THR T 135 -46.78 28.81 -5.99
C THR T 135 -47.86 29.44 -6.87
N GLU T 136 -48.79 28.61 -7.35
CA GLU T 136 -49.81 29.02 -8.29
C GLU T 136 -51.19 28.91 -7.66
N ALA T 137 -51.96 29.99 -7.74
CA ALA T 137 -53.35 30.01 -7.33
C ALA T 137 -54.14 30.83 -8.33
N ALA T 138 -55.34 30.35 -8.67
CA ALA T 138 -56.11 31.00 -9.73
C ALA T 138 -57.59 30.64 -9.55
N ALA T 139 -58.44 31.32 -10.31
CA ALA T 139 -59.88 31.09 -10.33
C ALA T 139 -60.44 31.79 -11.56
N THR T 140 -61.75 31.68 -11.75
CA THR T 140 -62.43 32.23 -12.92
C THR T 140 -63.49 33.24 -12.48
N PHE T 141 -63.85 34.12 -13.40
CA PHE T 141 -64.88 35.12 -13.14
C PHE T 141 -65.53 35.52 -14.46
N ILE T 142 -66.74 36.06 -14.37
CA ILE T 142 -67.48 36.56 -15.51
C ILE T 142 -67.32 38.08 -15.57
N SER T 143 -66.78 38.57 -16.67
CA SER T 143 -66.61 40.01 -16.82
C SER T 143 -67.97 40.70 -16.88
N PRO T 144 -68.18 41.76 -16.10
CA PRO T 144 -69.44 42.52 -16.10
C PRO T 144 -69.64 43.32 -17.39
#